data_8EAP
#
_entry.id   8EAP
#
_cell.length_a   1.00
_cell.length_b   1.00
_cell.length_c   1.00
_cell.angle_alpha   90.00
_cell.angle_beta   90.00
_cell.angle_gamma   90.00
#
_symmetry.space_group_name_H-M   'P 1'
#
loop_
_entity.id
_entity.type
_entity.pdbx_description
1 polymer 'Tail needle protein gp26'
2 polymer 'Packaged DNA stabilization protein gp10'
#
loop_
_entity_poly.entity_id
_entity_poly.type
_entity_poly.pdbx_seq_one_letter_code
_entity_poly.pdbx_strand_id
1 'polypeptide(L)' DPSLNNPVVIQATRLDASILPRNVFSKSYLLYVIAQGTDVGAIAGKANEAGQGAYDAQVKND B,A,C
2 'polypeptide(L)'
;PIQQLPMMKGMGKDFKNADYIDYLPVNMLATPKEILNSSGYLRSFPGITKRYDMNGVSRGVEYNTAQNAVYRVCGGKLYK
GESEVGDVAGSGRVSMAHGRTSQAVGVNGQLVEYRYDGTVKTVSNWPADSGFTQYELGSVRDITRLRGRYAWSKDGTDSW
FITDLEDESHPDRYSAQYRAESQPDGIIGIGTWRDFIVCFGSSTIEYFSLTGATTAGAALYVAQPSLMVQKSIAGTYCKT
PFADSYAFISHPATGAPSVYIIGSGQASPIATASIEKIIRSYTAEEMATGVMETLRFDSHELLIIHLPRHVLVYDASSSQ
NGPQWCVLKTGLYDDVYRGVDFMYEGNQITCGDKSEAVVGQLQFDISSQYDKQQEHLLFTPLFKADNARCFDLEVESSTG
VAQYADRLFLSATTDGINYGREQMIEQNEPFVYDKRVLWKRVGRIRRLIGFKLRVITKSPVTLSGCQIRLE
;
G,H,I,E,D,F
#
# COMPACT_ATOMS: atom_id res chain seq x y z
N ASP A 1 -0.41 -27.75 37.69
CA ASP A 1 -1.62 -28.57 37.67
C ASP A 1 -2.90 -27.73 37.43
N PRO A 2 -3.16 -26.68 38.23
CA PRO A 2 -4.38 -25.91 38.00
C PRO A 2 -4.27 -24.89 36.89
N SER A 3 -3.06 -24.54 36.46
CA SER A 3 -2.90 -23.65 35.32
C SER A 3 -3.39 -24.27 34.02
N LEU A 4 -3.40 -25.61 33.94
CA LEU A 4 -3.92 -26.30 32.77
C LEU A 4 -5.43 -26.22 32.67
N ASN A 5 -6.11 -25.74 33.71
CA ASN A 5 -7.57 -25.67 33.69
C ASN A 5 -8.06 -24.55 32.79
N ASN A 6 -7.69 -23.32 33.09
CA ASN A 6 -8.28 -22.16 32.44
C ASN A 6 -7.84 -22.06 30.98
N PRO A 7 -8.78 -21.95 30.05
CA PRO A 7 -8.40 -21.76 28.64
C PRO A 7 -7.84 -20.36 28.42
N VAL A 8 -7.00 -20.25 27.40
CA VAL A 8 -6.43 -18.97 27.02
C VAL A 8 -7.37 -18.27 26.04
N VAL A 9 -7.64 -16.98 26.29
CA VAL A 9 -8.53 -16.24 25.42
C VAL A 9 -7.87 -15.99 24.07
N ILE A 10 -8.70 -15.67 23.09
CA ILE A 10 -8.24 -15.55 21.70
C ILE A 10 -8.67 -14.19 21.17
N GLN A 11 -8.08 -13.76 20.06
CA GLN A 11 -8.46 -12.51 19.41
C GLN A 11 -9.75 -12.68 18.64
N ALA A 12 -10.06 -11.72 17.76
CA ALA A 12 -11.19 -11.86 16.87
C ALA A 12 -11.04 -13.14 16.03
N THR A 13 -12.18 -13.70 15.63
CA THR A 13 -12.20 -15.06 15.10
C THR A 13 -11.50 -15.17 13.75
N ARG A 14 -11.64 -14.14 12.90
CA ARG A 14 -11.17 -14.27 11.52
C ARG A 14 -11.03 -12.90 10.89
N LEU A 15 -10.41 -12.89 9.71
CA LEU A 15 -10.27 -11.68 8.90
C LEU A 15 -11.35 -11.71 7.83
N ASP A 16 -12.39 -10.91 7.99
CA ASP A 16 -13.56 -11.08 7.14
C ASP A 16 -13.49 -10.23 5.88
N ALA A 17 -12.35 -10.28 5.18
CA ALA A 17 -12.17 -9.77 3.82
C ALA A 17 -12.78 -8.39 3.59
N SER A 18 -12.89 -7.59 4.64
CA SER A 18 -13.39 -6.23 4.53
C SER A 18 -12.51 -5.23 5.27
N ILE A 19 -11.66 -5.70 6.17
CA ILE A 19 -10.62 -4.87 6.78
C ILE A 19 -9.29 -5.02 6.08
N LEU A 20 -9.14 -6.00 5.20
CA LEU A 20 -7.90 -6.22 4.47
C LEU A 20 -7.67 -5.14 3.43
N PRO A 21 -6.44 -4.69 3.23
CA PRO A 21 -6.16 -3.82 2.08
C PRO A 21 -6.19 -4.62 0.79
N ARG A 22 -7.39 -4.97 0.33
CA ARG A 22 -7.57 -5.94 -0.74
C ARG A 22 -7.06 -5.45 -2.08
N ASN A 23 -6.74 -4.17 -2.21
CA ASN A 23 -6.12 -3.64 -3.42
C ASN A 23 -4.60 -3.64 -3.35
N VAL A 24 -4.03 -4.16 -2.27
CA VAL A 24 -2.58 -4.19 -2.08
C VAL A 24 -2.06 -5.62 -2.09
N PHE A 25 -2.63 -6.49 -1.27
CA PHE A 25 -2.17 -7.87 -1.20
C PHE A 25 -2.47 -8.60 -2.49
N SER A 26 -1.59 -9.54 -2.84
CA SER A 26 -1.81 -10.42 -3.97
C SER A 26 -2.84 -11.48 -3.61
N LYS A 27 -3.25 -12.27 -4.61
CA LYS A 27 -4.28 -13.29 -4.37
C LYS A 27 -3.79 -14.34 -3.38
N SER A 28 -2.54 -14.78 -3.53
CA SER A 28 -2.00 -15.80 -2.63
C SER A 28 -1.95 -15.29 -1.19
N TYR A 29 -1.43 -14.07 -0.99
CA TYR A 29 -1.39 -13.51 0.35
C TYR A 29 -2.78 -13.21 0.89
N LEU A 30 -3.69 -12.80 0.02
CA LEU A 30 -5.08 -12.59 0.44
C LEU A 30 -5.70 -13.89 0.94
N LEU A 31 -5.43 -15.01 0.29
CA LEU A 31 -5.88 -16.29 0.84
C LEU A 31 -5.11 -16.65 2.10
N TYR A 32 -3.83 -16.31 2.16
CA TYR A 32 -2.98 -16.70 3.27
C TYR A 32 -3.43 -16.07 4.58
N VAL A 33 -3.90 -14.82 4.53
CA VAL A 33 -4.26 -14.15 5.78
C VAL A 33 -5.48 -14.81 6.43
N ILE A 34 -6.52 -15.10 5.65
CA ILE A 34 -7.66 -15.83 6.20
C ILE A 34 -7.27 -17.24 6.60
N ALA A 35 -6.40 -17.89 5.81
CA ALA A 35 -5.92 -19.21 6.21
C ALA A 35 -5.20 -19.16 7.55
N GLN A 36 -4.41 -18.12 7.78
CA GLN A 36 -3.71 -17.96 9.04
C GLN A 36 -4.68 -17.71 10.19
N GLY A 37 -5.71 -16.90 9.96
CA GLY A 37 -6.70 -16.71 11.01
C GLY A 37 -7.41 -18.00 11.38
N THR A 38 -7.87 -18.75 10.38
CA THR A 38 -8.55 -20.01 10.64
C THR A 38 -7.63 -21.01 11.32
N ASP A 39 -6.36 -21.07 10.89
CA ASP A 39 -5.42 -21.99 11.51
C ASP A 39 -5.06 -21.57 12.93
N VAL A 40 -5.01 -20.26 13.21
CA VAL A 40 -4.80 -19.82 14.58
C VAL A 40 -5.96 -20.27 15.45
N GLY A 41 -7.19 -20.14 14.95
CA GLY A 41 -8.33 -20.67 15.69
C GLY A 41 -8.22 -22.16 15.94
N ALA A 42 -7.83 -22.92 14.90
CA ALA A 42 -7.72 -24.36 15.03
C ALA A 42 -6.62 -24.75 16.03
N ILE A 43 -5.47 -24.08 15.97
CA ILE A 43 -4.38 -24.38 16.90
C ILE A 43 -4.78 -24.01 18.32
N ALA A 44 -5.51 -22.92 18.49
CA ALA A 44 -6.03 -22.59 19.82
C ALA A 44 -6.94 -23.70 20.34
N GLY A 45 -7.86 -24.18 19.48
CA GLY A 45 -8.72 -25.27 19.90
C GLY A 45 -7.95 -26.51 20.30
N LYS A 46 -6.96 -26.89 19.48
CA LYS A 46 -6.16 -28.07 19.78
C LYS A 46 -5.35 -27.91 21.05
N ALA A 47 -4.75 -26.73 21.26
CA ALA A 47 -3.96 -26.50 22.45
C ALA A 47 -4.82 -26.55 23.71
N ASN A 48 -6.02 -25.96 23.64
CA ASN A 48 -6.91 -26.03 24.79
C ASN A 48 -7.41 -27.45 25.05
N GLU A 49 -7.71 -28.21 24.00
CA GLU A 49 -8.11 -29.61 24.20
C GLU A 49 -6.97 -30.42 24.80
N ALA A 50 -5.74 -30.20 24.34
CA ALA A 50 -4.60 -30.90 24.90
C ALA A 50 -4.34 -30.50 26.34
N GLY A 51 -4.54 -29.23 26.68
CA GLY A 51 -4.42 -28.82 28.07
C GLY A 51 -5.46 -29.47 28.96
N GLN A 52 -6.71 -29.55 28.46
CA GLN A 52 -7.75 -30.24 29.21
C GLN A 52 -7.41 -31.71 29.43
N GLY A 53 -6.94 -32.37 28.37
CA GLY A 53 -6.55 -33.77 28.50
C GLY A 53 -5.40 -33.97 29.46
N ALA A 54 -4.39 -33.09 29.40
CA ALA A 54 -3.26 -33.18 30.32
C ALA A 54 -3.70 -32.97 31.75
N TYR A 55 -4.59 -32.00 31.99
CA TYR A 55 -5.10 -31.79 33.35
C TYR A 55 -5.86 -33.01 33.85
N ASP A 56 -6.70 -33.59 32.99
CA ASP A 56 -7.47 -34.77 33.40
C ASP A 56 -6.54 -35.93 33.72
N ALA A 57 -5.53 -36.16 32.88
CA ALA A 57 -4.57 -37.23 33.15
C ALA A 57 -3.81 -36.94 34.43
N GLN A 58 -3.44 -35.68 34.68
CA GLN A 58 -2.69 -35.34 35.88
C GLN A 58 -3.51 -35.60 37.14
N VAL A 59 -4.77 -35.18 37.15
CA VAL A 59 -5.57 -35.35 38.35
C VAL A 59 -5.91 -36.83 38.56
N LYS A 60 -6.19 -37.56 37.48
CA LYS A 60 -6.43 -38.99 37.63
C LYS A 60 -5.18 -39.71 38.13
N ASN A 61 -4.00 -39.31 37.65
CA ASN A 61 -2.76 -39.90 38.14
C ASN A 61 -2.52 -39.56 39.60
N ASP B 1 8.27 -38.81 24.58
CA ASP B 1 8.35 -38.40 25.98
C ASP B 1 9.38 -37.29 26.22
N PRO B 2 10.65 -37.46 25.76
CA PRO B 2 11.63 -36.38 25.97
C PRO B 2 11.36 -35.17 25.10
N SER B 3 10.65 -35.38 23.99
CA SER B 3 10.30 -34.25 23.12
C SER B 3 9.36 -33.29 23.80
N LEU B 4 8.55 -33.76 24.75
CA LEU B 4 7.64 -32.90 25.49
C LEU B 4 8.35 -31.96 26.45
N ASN B 5 9.65 -32.16 26.67
CA ASN B 5 10.39 -31.31 27.60
C ASN B 5 10.67 -29.93 27.01
N ASN B 6 11.41 -29.90 25.91
CA ASN B 6 11.88 -28.62 25.37
C ASN B 6 10.74 -27.80 24.77
N PRO B 7 10.56 -26.56 25.18
CA PRO B 7 9.58 -25.69 24.52
C PRO B 7 10.09 -25.24 23.16
N VAL B 8 9.14 -24.91 22.29
CA VAL B 8 9.44 -24.42 20.95
C VAL B 8 9.69 -22.92 21.03
N VAL B 9 10.76 -22.47 20.36
CA VAL B 9 11.09 -21.05 20.40
C VAL B 9 10.05 -20.23 19.64
N ILE B 10 9.98 -18.95 19.97
CA ILE B 10 8.95 -18.05 19.46
C ILE B 10 9.66 -16.90 18.74
N GLN B 11 8.91 -16.23 17.87
CA GLN B 11 9.42 -15.07 17.15
C GLN B 11 9.43 -13.87 18.11
N ALA B 12 9.59 -12.68 17.54
CA ALA B 12 9.42 -11.46 18.32
C ALA B 12 8.06 -11.45 18.99
N THR B 13 8.05 -11.08 20.27
CA THR B 13 6.87 -11.31 21.10
C THR B 13 5.69 -10.45 20.65
N ARG B 14 5.96 -9.24 20.16
CA ARG B 14 4.89 -8.32 19.80
C ARG B 14 5.24 -7.53 18.55
N LEU B 15 4.21 -6.99 17.92
CA LEU B 15 4.35 -6.02 16.84
C LEU B 15 4.27 -4.62 17.44
N ASP B 16 5.20 -3.75 17.04
CA ASP B 16 5.35 -2.46 17.70
C ASP B 16 4.31 -1.44 17.28
N ALA B 17 3.53 -1.73 16.24
CA ALA B 17 2.49 -0.82 15.72
C ALA B 17 3.09 0.47 15.19
N SER B 18 4.41 0.59 15.20
CA SER B 18 5.13 1.65 14.52
C SER B 18 5.84 1.15 13.26
N ILE B 19 5.95 -0.17 13.10
CA ILE B 19 6.47 -0.76 11.87
C ILE B 19 5.37 -1.17 10.92
N LEU B 20 4.12 -1.17 11.37
CA LEU B 20 3.00 -1.49 10.50
C LEU B 20 2.77 -0.37 9.49
N PRO B 21 2.30 -0.71 8.29
CA PRO B 21 1.96 0.34 7.30
C PRO B 21 0.64 1.04 7.68
N ARG B 22 0.74 2.00 8.58
CA ARG B 22 -0.44 2.67 9.12
C ARG B 22 -1.21 3.46 8.08
N ASN B 23 -0.57 3.83 6.97
CA ASN B 23 -1.29 4.52 5.90
C ASN B 23 -2.03 3.56 4.99
N VAL B 24 -1.81 2.26 5.12
CA VAL B 24 -2.42 1.26 4.26
C VAL B 24 -3.49 0.46 5.00
N PHE B 25 -3.10 -0.21 6.08
CA PHE B 25 -4.05 -1.01 6.83
C PHE B 25 -5.14 -0.15 7.44
N SER B 26 -6.37 -0.67 7.43
CA SER B 26 -7.44 -0.04 8.18
C SER B 26 -7.18 -0.21 9.68
N LYS B 27 -7.73 0.70 10.47
CA LYS B 27 -7.42 0.69 11.90
C LYS B 27 -8.02 -0.54 12.59
N SER B 28 -9.15 -1.04 12.09
CA SER B 28 -9.65 -2.32 12.56
C SER B 28 -8.66 -3.43 12.23
N TYR B 29 -8.10 -3.41 11.01
CA TYR B 29 -7.09 -4.38 10.65
C TYR B 29 -5.85 -4.23 11.52
N LEU B 30 -5.48 -2.99 11.84
CA LEU B 30 -4.36 -2.76 12.76
C LEU B 30 -4.61 -3.42 14.11
N LEU B 31 -5.78 -3.15 14.69
CA LEU B 31 -6.13 -3.79 15.96
C LEU B 31 -6.09 -5.30 15.84
N TYR B 32 -6.56 -5.84 14.71
CA TYR B 32 -6.50 -7.27 14.51
C TYR B 32 -5.06 -7.78 14.47
N VAL B 33 -4.16 -7.01 13.86
CA VAL B 33 -2.78 -7.48 13.71
C VAL B 33 -2.08 -7.54 15.07
N ILE B 34 -2.21 -6.47 15.87
CA ILE B 34 -1.63 -6.52 17.22
C ILE B 34 -2.30 -7.60 18.06
N ALA B 35 -3.63 -7.74 17.94
CA ALA B 35 -4.31 -8.80 18.67
C ALA B 35 -3.80 -10.17 18.26
N GLN B 36 -3.49 -10.36 16.98
CA GLN B 36 -2.97 -11.63 16.50
C GLN B 36 -1.58 -11.89 17.07
N GLY B 37 -0.73 -10.86 17.13
CA GLY B 37 0.57 -11.04 17.76
C GLY B 37 0.45 -11.47 19.22
N THR B 38 -0.40 -10.77 19.96
CA THR B 38 -0.60 -11.12 21.37
C THR B 38 -1.18 -12.51 21.52
N ASP B 39 -2.12 -12.88 20.64
CA ASP B 39 -2.75 -14.19 20.73
C ASP B 39 -1.79 -15.31 20.35
N VAL B 40 -0.89 -15.07 19.39
CA VAL B 40 0.14 -16.06 19.09
C VAL B 40 1.06 -16.25 20.30
N GLY B 41 1.43 -15.15 20.95
CA GLY B 41 2.22 -15.28 22.18
C GLY B 41 1.50 -16.10 23.24
N ALA B 42 0.21 -15.81 23.46
CA ALA B 42 -0.56 -16.52 24.47
C ALA B 42 -0.72 -17.99 24.12
N ILE B 43 -0.97 -18.30 22.84
CA ILE B 43 -1.13 -19.68 22.41
C ILE B 43 0.18 -20.44 22.57
N ALA B 44 1.31 -19.79 22.26
CA ALA B 44 2.60 -20.41 22.49
C ALA B 44 2.80 -20.73 23.96
N GLY B 45 2.47 -19.78 24.84
CA GLY B 45 2.59 -20.03 26.27
C GLY B 45 1.73 -21.19 26.73
N LYS B 46 0.47 -21.22 26.28
CA LYS B 46 -0.45 -22.28 26.69
C LYS B 46 0.01 -23.64 26.16
N ALA B 47 0.48 -23.68 24.91
CA ALA B 47 0.95 -24.95 24.35
C ALA B 47 2.18 -25.46 25.09
N ASN B 48 3.10 -24.56 25.45
CA ASN B 48 4.25 -24.98 26.22
C ASN B 48 3.86 -25.48 27.61
N GLU B 49 2.92 -24.78 28.26
CA GLU B 49 2.47 -25.24 29.57
C GLU B 49 1.77 -26.59 29.49
N ALA B 50 0.95 -26.80 28.45
CA ALA B 50 0.29 -28.08 28.26
C ALA B 50 1.29 -29.20 27.97
N GLY B 51 2.33 -28.90 27.18
CA GLY B 51 3.37 -29.88 26.95
C GLY B 51 4.11 -30.24 28.23
N GLN B 52 4.41 -29.25 29.06
CA GLN B 52 5.04 -29.52 30.35
C GLN B 52 4.15 -30.40 31.22
N GLY B 53 2.86 -30.08 31.28
CA GLY B 53 1.94 -30.89 32.06
C GLY B 53 1.82 -32.31 31.55
N ALA B 54 1.78 -32.47 30.23
CA ALA B 54 1.72 -33.80 29.63
C ALA B 54 2.97 -34.60 29.95
N TYR B 55 4.14 -33.97 29.87
CA TYR B 55 5.38 -34.66 30.22
C TYR B 55 5.38 -35.08 31.68
N ASP B 56 4.95 -34.18 32.57
CA ASP B 56 4.92 -34.52 33.99
C ASP B 56 3.98 -35.67 34.28
N ALA B 57 2.79 -35.64 33.66
CA ALA B 57 1.86 -36.75 33.83
C ALA B 57 2.44 -38.04 33.27
N GLN B 58 3.11 -37.97 32.12
CA GLN B 58 3.68 -39.17 31.52
C GLN B 58 4.75 -39.78 32.41
N VAL B 59 5.66 -38.96 32.95
CA VAL B 59 6.74 -39.51 33.78
C VAL B 59 6.20 -40.01 35.10
N LYS B 60 5.24 -39.30 35.69
CA LYS B 60 4.65 -39.77 36.94
C LYS B 60 3.92 -41.09 36.73
N ASN B 61 3.21 -41.23 35.60
CA ASN B 61 2.53 -42.48 35.31
C ASN B 61 3.51 -43.60 34.99
N ASP B 62 4.65 -43.27 34.40
CA ASP B 62 5.68 -44.29 34.17
C ASP B 62 6.24 -44.79 35.49
N ASP C 1 -10.93 -37.77 25.16
CA ASP C 1 -9.84 -38.71 24.96
C ASP C 1 -9.60 -39.07 23.48
N PRO C 2 -10.65 -39.45 22.72
CA PRO C 2 -10.42 -39.75 21.31
C PRO C 2 -10.16 -38.51 20.47
N SER C 3 -10.63 -37.35 20.96
CA SER C 3 -10.39 -36.10 20.26
C SER C 3 -8.90 -35.74 20.26
N LEU C 4 -8.16 -36.19 21.27
CA LEU C 4 -6.73 -35.93 21.34
C LEU C 4 -5.94 -36.72 20.30
N ASN C 5 -6.58 -37.67 19.61
CA ASN C 5 -5.88 -38.48 18.62
C ASN C 5 -5.55 -37.67 17.37
N ASN C 6 -6.57 -37.18 16.68
CA ASN C 6 -6.36 -36.53 15.39
C ASN C 6 -5.71 -35.17 15.54
N PRO C 7 -4.58 -34.92 14.90
CA PRO C 7 -4.01 -33.57 14.89
C PRO C 7 -4.82 -32.62 14.03
N VAL C 8 -4.79 -31.35 14.38
CA VAL C 8 -5.47 -30.33 13.60
C VAL C 8 -4.61 -29.97 12.39
N VAL C 9 -5.28 -29.71 11.26
CA VAL C 9 -4.55 -29.46 10.03
C VAL C 9 -3.89 -28.09 10.07
N ILE C 10 -2.99 -27.86 9.11
CA ILE C 10 -2.20 -26.64 9.03
C ILE C 10 -2.55 -25.92 7.73
N GLN C 11 -2.32 -24.61 7.72
CA GLN C 11 -2.46 -23.82 6.51
C GLN C 11 -1.24 -24.01 5.63
N ALA C 12 -1.07 -23.13 4.64
CA ALA C 12 0.18 -23.11 3.89
C ALA C 12 1.36 -22.96 4.85
N THR C 13 2.41 -23.74 4.61
CA THR C 13 3.45 -23.94 5.61
C THR C 13 4.21 -22.64 5.90
N ARG C 14 4.34 -21.77 4.90
CA ARG C 14 5.19 -20.60 5.07
C ARG C 14 4.81 -19.52 4.07
N LEU C 15 5.21 -18.29 4.38
CA LEU C 15 5.13 -17.17 3.46
C LEU C 15 6.37 -17.17 2.57
N ASP C 16 6.18 -16.93 1.27
CA ASP C 16 7.26 -17.05 0.32
C ASP C 16 8.15 -15.81 0.25
N ALA C 17 7.71 -14.68 0.81
CA ALA C 17 8.43 -13.41 0.73
C ALA C 17 8.50 -12.88 -0.69
N SER C 18 7.93 -13.63 -1.64
CA SER C 18 7.74 -13.16 -3.00
C SER C 18 6.28 -12.89 -3.32
N ILE C 19 5.36 -13.37 -2.48
CA ILE C 19 3.94 -13.03 -2.59
C ILE C 19 3.57 -11.86 -1.69
N LEU C 20 4.40 -11.53 -0.71
CA LEU C 20 4.16 -10.38 0.13
C LEU C 20 4.38 -9.09 -0.65
N PRO C 21 3.72 -8.01 -0.26
CA PRO C 21 4.14 -6.70 -0.77
C PRO C 21 5.52 -6.35 -0.26
N ARG C 22 6.29 -5.68 -1.11
CA ARG C 22 7.64 -5.29 -0.72
C ARG C 22 7.91 -3.80 -0.86
N ASN C 23 7.01 -3.03 -1.47
CA ASN C 23 7.10 -1.58 -1.44
C ASN C 23 6.29 -0.99 -0.28
N VAL C 24 5.58 -1.82 0.47
CA VAL C 24 4.72 -1.36 1.56
C VAL C 24 5.35 -1.73 2.90
N PHE C 25 5.56 -3.01 3.13
CA PHE C 25 6.09 -3.48 4.40
C PHE C 25 7.52 -3.01 4.58
N SER C 26 7.85 -2.61 5.81
CA SER C 26 9.22 -2.30 6.16
C SER C 26 10.03 -3.58 6.35
N LYS C 27 11.33 -3.42 6.56
CA LYS C 27 12.19 -4.59 6.74
C LYS C 27 11.81 -5.38 7.98
N SER C 28 11.53 -4.68 9.08
CA SER C 28 11.17 -5.37 10.32
C SER C 28 9.86 -6.13 10.17
N TYR C 29 8.85 -5.52 9.55
CA TYR C 29 7.59 -6.23 9.37
C TYR C 29 7.72 -7.35 8.36
N LEU C 30 8.56 -7.16 7.33
CA LEU C 30 8.82 -8.23 6.37
C LEU C 30 9.47 -9.43 7.06
N LEU C 31 10.37 -9.19 8.01
CA LEU C 31 10.91 -10.29 8.79
C LEU C 31 9.87 -10.88 9.72
N TYR C 32 9.02 -10.03 10.30
CA TYR C 32 8.06 -10.49 11.29
C TYR C 32 7.02 -11.42 10.68
N VAL C 33 6.54 -11.12 9.47
CA VAL C 33 5.51 -11.97 8.87
C VAL C 33 6.06 -13.37 8.57
N ILE C 34 7.30 -13.43 8.08
CA ILE C 34 7.93 -14.72 7.82
C ILE C 34 8.14 -15.48 9.12
N ALA C 35 8.66 -14.79 10.14
CA ALA C 35 8.84 -15.43 11.43
C ALA C 35 7.52 -15.87 12.02
N GLN C 36 6.43 -15.16 11.73
CA GLN C 36 5.12 -15.53 12.22
C GLN C 36 4.62 -16.80 11.54
N GLY C 37 4.84 -16.92 10.24
CA GLY C 37 4.51 -18.16 9.56
C GLY C 37 5.28 -19.34 10.12
N THR C 38 6.59 -19.16 10.29
CA THR C 38 7.43 -20.22 10.86
C THR C 38 6.98 -20.58 12.27
N ASP C 39 6.65 -19.57 13.07
CA ASP C 39 6.24 -19.82 14.45
C ASP C 39 4.86 -20.48 14.51
N VAL C 40 3.96 -20.14 13.58
CA VAL C 40 2.68 -20.84 13.51
C VAL C 40 2.90 -22.32 13.20
N GLY C 41 3.80 -22.60 12.26
CA GLY C 41 4.13 -24.00 11.99
C GLY C 41 4.70 -24.71 13.20
N ALA C 42 5.64 -24.05 13.90
CA ALA C 42 6.26 -24.66 15.07
C ALA C 42 5.24 -24.87 16.19
N ILE C 43 4.33 -23.91 16.39
CA ILE C 43 3.33 -24.03 17.43
C ILE C 43 2.34 -25.14 17.09
N ALA C 44 1.98 -25.28 15.82
CA ALA C 44 1.16 -26.41 15.41
C ALA C 44 1.85 -27.73 15.73
N GLY C 45 3.14 -27.83 15.40
CA GLY C 45 3.87 -29.05 15.70
C GLY C 45 3.91 -29.36 17.19
N LYS C 46 4.19 -28.34 18.00
CA LYS C 46 4.28 -28.53 19.44
C LYS C 46 2.92 -28.90 20.03
N ALA C 47 1.85 -28.26 19.56
CA ALA C 47 0.52 -28.59 20.06
C ALA C 47 0.13 -30.02 19.69
N ASN C 48 0.45 -30.44 18.47
CA ASN C 48 0.17 -31.82 18.09
C ASN C 48 0.98 -32.82 18.92
N GLU C 49 2.26 -32.51 19.17
CA GLU C 49 3.07 -33.41 20.00
C GLU C 49 2.52 -33.47 21.43
N ALA C 50 2.11 -32.33 21.99
CA ALA C 50 1.54 -32.33 23.33
C ALA C 50 0.22 -33.08 23.38
N GLY C 51 -0.61 -32.96 22.33
CA GLY C 51 -1.83 -33.75 22.29
C GLY C 51 -1.56 -35.23 22.22
N GLN C 52 -0.56 -35.63 21.43
CA GLN C 52 -0.18 -37.04 21.38
C GLN C 52 0.29 -37.54 22.74
N GLY C 53 1.12 -36.73 23.42
CA GLY C 53 1.58 -37.12 24.75
C GLY C 53 0.45 -37.21 25.76
N ALA C 54 -0.48 -36.26 25.70
CA ALA C 54 -1.63 -36.31 26.60
C ALA C 54 -2.49 -37.54 26.33
N TYR C 55 -2.70 -37.88 25.06
CA TYR C 55 -3.45 -39.09 24.74
C TYR C 55 -2.76 -40.33 25.28
N ASP C 56 -1.44 -40.42 25.08
CA ASP C 56 -0.71 -41.59 25.56
C ASP C 56 -0.79 -41.70 27.08
N ALA C 57 -0.60 -40.58 27.79
CA ALA C 57 -0.71 -40.61 29.24
C ALA C 57 -2.12 -41.00 29.68
N GLN C 58 -3.14 -40.48 28.99
CA GLN C 58 -4.52 -40.79 29.35
C GLN C 58 -4.82 -42.27 29.17
N VAL C 59 -4.41 -42.85 28.05
CA VAL C 59 -4.72 -44.26 27.81
C VAL C 59 -3.92 -45.16 28.75
N LYS C 60 -2.66 -44.82 29.01
CA LYS C 60 -1.88 -45.60 29.95
C LYS C 60 -2.47 -45.53 31.35
N ASN C 61 -2.93 -44.34 31.75
CA ASN C 61 -3.58 -44.20 33.05
C ASN C 61 -4.89 -44.98 33.11
N ASP C 62 -5.67 -44.98 32.02
CA ASP C 62 -6.90 -45.76 32.00
C ASP C 62 -6.62 -47.25 32.17
N PRO D 1 -19.73 34.36 -24.73
CA PRO D 1 -19.39 33.38 -23.72
C PRO D 1 -20.57 32.50 -23.31
N ILE D 2 -20.45 31.20 -23.51
CA ILE D 2 -21.47 30.24 -23.13
C ILE D 2 -20.99 29.49 -21.90
N GLN D 3 -21.71 29.63 -20.79
CA GLN D 3 -21.34 29.03 -19.52
C GLN D 3 -22.35 27.97 -19.16
N GLN D 4 -21.87 26.77 -18.86
CA GLN D 4 -22.75 25.69 -18.44
C GLN D 4 -23.07 25.82 -16.95
N LEU D 5 -24.35 25.64 -16.61
CA LEU D 5 -24.78 25.72 -15.23
C LEU D 5 -25.14 24.34 -14.71
N PRO D 6 -24.44 23.82 -13.71
CA PRO D 6 -24.82 22.53 -13.14
C PRO D 6 -26.17 22.62 -12.44
N MET D 7 -26.88 21.50 -12.45
CA MET D 7 -28.18 21.42 -11.79
C MET D 7 -28.22 20.33 -10.71
N MET D 8 -27.11 19.64 -10.47
CA MET D 8 -27.10 18.58 -9.47
C MET D 8 -27.37 19.14 -8.07
N LYS D 9 -26.78 20.29 -7.75
CA LYS D 9 -26.94 20.90 -6.44
C LYS D 9 -27.05 22.40 -6.60
N GLY D 10 -27.94 23.01 -5.81
CA GLY D 10 -28.16 24.44 -5.91
C GLY D 10 -27.83 25.20 -4.64
N MET D 11 -27.11 26.31 -4.78
CA MET D 11 -26.78 27.16 -3.64
C MET D 11 -28.01 27.96 -3.22
N GLY D 12 -27.96 28.48 -2.00
CA GLY D 12 -29.05 29.30 -1.51
C GLY D 12 -28.79 29.74 -0.09
N LYS D 13 -29.72 30.54 0.43
CA LYS D 13 -29.64 31.04 1.79
C LYS D 13 -30.88 30.62 2.56
N ASP D 14 -30.69 30.27 3.83
CA ASP D 14 -31.82 29.93 4.70
C ASP D 14 -32.34 31.21 5.36
N PHE D 15 -33.59 31.55 5.06
CA PHE D 15 -34.13 32.82 5.52
C PHE D 15 -34.24 32.88 7.04
N LYS D 16 -34.32 31.74 7.71
CA LYS D 16 -34.41 31.74 9.17
C LYS D 16 -33.06 32.02 9.81
N ASN D 17 -31.97 31.62 9.16
CA ASN D 17 -30.64 31.73 9.75
C ASN D 17 -29.63 32.48 8.90
N ALA D 18 -29.98 32.87 7.67
CA ALA D 18 -29.08 33.52 6.73
C ALA D 18 -27.84 32.68 6.43
N ASP D 19 -27.91 31.37 6.64
CA ASP D 19 -26.79 30.51 6.34
C ASP D 19 -26.89 29.96 4.92
N TYR D 20 -25.74 29.67 4.33
CA TYR D 20 -25.70 29.16 2.96
C TYR D 20 -26.07 27.68 2.96
N ILE D 21 -27.34 27.37 2.73
CA ILE D 21 -27.80 26.00 2.62
C ILE D 21 -27.74 25.59 1.16
N ASP D 22 -27.74 24.29 0.92
CA ASP D 22 -27.61 23.73 -0.42
C ASP D 22 -28.97 23.22 -0.86
N TYR D 23 -29.58 23.91 -1.82
CA TYR D 23 -30.87 23.49 -2.34
C TYR D 23 -30.74 22.17 -3.08
N LEU D 24 -31.67 21.25 -2.82
CA LEU D 24 -31.58 19.92 -3.41
C LEU D 24 -32.67 19.72 -4.46
N PRO D 25 -32.42 18.89 -5.46
CA PRO D 25 -33.47 18.57 -6.43
C PRO D 25 -34.63 17.86 -5.77
N VAL D 26 -35.83 18.07 -6.32
CA VAL D 26 -37.06 17.48 -5.80
C VAL D 26 -37.59 16.52 -6.84
N ASN D 27 -37.74 15.25 -6.46
CA ASN D 27 -38.23 14.20 -7.35
C ASN D 27 -37.39 14.11 -8.61
N MET D 28 -36.08 14.32 -8.48
CA MET D 28 -35.19 14.42 -9.61
C MET D 28 -33.91 13.65 -9.30
N LEU D 29 -33.53 12.74 -10.18
CA LEU D 29 -32.40 11.85 -9.94
C LEU D 29 -31.27 12.18 -10.89
N ALA D 30 -30.06 12.28 -10.35
CA ALA D 30 -28.86 12.55 -11.15
C ALA D 30 -28.24 11.24 -11.61
N THR D 31 -27.87 11.19 -12.88
CA THR D 31 -27.25 10.01 -13.47
C THR D 31 -25.92 10.41 -14.10
N PRO D 32 -24.79 9.97 -13.56
CA PRO D 32 -23.47 10.37 -14.10
C PRO D 32 -23.12 9.59 -15.36
N LYS D 33 -23.75 9.98 -16.47
CA LYS D 33 -23.61 9.29 -17.75
C LYS D 33 -23.31 10.32 -18.82
N GLU D 34 -22.12 10.24 -19.40
CA GLU D 34 -21.67 11.25 -20.35
C GLU D 34 -22.56 11.27 -21.58
N ILE D 35 -23.16 12.43 -21.85
CA ILE D 35 -23.99 12.59 -23.04
C ILE D 35 -24.00 14.06 -23.44
N LEU D 36 -23.94 14.30 -24.75
CA LEU D 36 -23.90 15.64 -25.35
C LEU D 36 -22.74 16.41 -24.70
N ASN D 37 -22.97 17.61 -24.18
CA ASN D 37 -21.91 18.42 -23.59
C ASN D 37 -21.86 18.32 -22.07
N SER D 38 -22.67 17.45 -21.47
CA SER D 38 -22.75 17.33 -20.02
C SER D 38 -22.21 15.98 -19.58
N SER D 39 -21.58 15.97 -18.38
CA SER D 39 -21.07 14.73 -17.84
C SER D 39 -22.19 13.83 -17.35
N GLY D 40 -23.36 14.39 -17.03
CA GLY D 40 -24.49 13.61 -16.57
C GLY D 40 -25.79 14.30 -16.92
N TYR D 41 -26.88 13.59 -16.67
CA TYR D 41 -28.22 14.10 -16.95
C TYR D 41 -29.13 13.81 -15.77
N LEU D 42 -30.18 14.62 -15.66
CA LEU D 42 -31.14 14.51 -14.56
C LEU D 42 -32.42 13.87 -15.06
N ARG D 43 -32.85 12.80 -14.39
CA ARG D 43 -34.07 12.10 -14.75
C ARG D 43 -35.00 12.02 -13.56
N SER D 44 -36.29 12.23 -13.81
CA SER D 44 -37.28 12.23 -12.74
C SER D 44 -37.40 10.84 -12.10
N PHE D 45 -37.78 10.83 -10.83
CA PHE D 45 -37.99 9.57 -10.14
C PHE D 45 -39.16 8.83 -10.77
N PRO D 46 -39.08 7.50 -10.86
CA PRO D 46 -40.17 6.74 -11.48
C PRO D 46 -41.49 6.94 -10.74
N GLY D 47 -42.58 6.99 -11.52
CA GLY D 47 -43.88 7.15 -10.93
C GLY D 47 -44.43 5.88 -10.35
N ILE D 48 -45.56 6.00 -9.65
CA ILE D 48 -46.20 4.89 -8.97
C ILE D 48 -47.57 4.68 -9.58
N THR D 49 -47.87 3.44 -9.94
CA THR D 49 -49.20 3.03 -10.37
C THR D 49 -49.69 1.92 -9.45
N LYS D 50 -50.98 1.95 -9.10
CA LYS D 50 -51.51 1.00 -8.14
C LYS D 50 -51.45 -0.41 -8.69
N ARG D 51 -50.98 -1.34 -7.85
CA ARG D 51 -50.92 -2.76 -8.21
C ARG D 51 -52.17 -3.49 -7.73
N TYR D 52 -52.43 -3.49 -6.43
CA TYR D 52 -53.65 -4.07 -5.87
C TYR D 52 -53.85 -3.51 -4.47
N ASP D 53 -55.06 -3.71 -3.95
CA ASP D 53 -55.45 -3.07 -2.71
C ASP D 53 -54.93 -3.83 -1.49
N MET D 54 -54.89 -3.11 -0.37
CA MET D 54 -54.53 -3.67 0.93
C MET D 54 -55.51 -3.14 1.97
N ASN D 55 -55.34 -3.58 3.21
CA ASN D 55 -56.10 -3.05 4.34
C ASN D 55 -55.10 -2.44 5.31
N GLY D 56 -55.14 -1.13 5.44
CA GLY D 56 -54.24 -0.40 6.30
C GLY D 56 -52.96 0.03 5.58
N VAL D 57 -52.24 0.93 6.23
CA VAL D 57 -51.03 1.48 5.66
C VAL D 57 -49.89 0.47 5.76
N SER D 58 -48.82 0.72 5.02
CA SER D 58 -47.67 -0.17 5.04
C SER D 58 -46.94 -0.08 6.37
N ARG D 59 -46.46 -1.23 6.86
CA ARG D 59 -45.72 -1.29 8.11
C ARG D 59 -44.39 -2.04 8.01
N GLY D 60 -44.14 -2.75 6.92
CA GLY D 60 -42.86 -3.43 6.76
C GLY D 60 -42.85 -4.25 5.49
N VAL D 61 -41.64 -4.62 5.06
CA VAL D 61 -41.48 -5.45 3.88
C VAL D 61 -40.13 -6.15 3.98
N GLU D 62 -40.08 -7.37 3.47
CA GLU D 62 -38.81 -8.06 3.30
C GLU D 62 -39.00 -9.17 2.25
N TYR D 63 -37.90 -9.53 1.61
CA TYR D 63 -37.89 -10.55 0.58
C TYR D 63 -37.64 -11.90 1.24
N ASN D 64 -38.68 -12.72 1.34
CA ASN D 64 -38.56 -14.04 1.95
C ASN D 64 -37.79 -14.94 1.00
N THR D 65 -36.48 -15.07 1.25
CA THR D 65 -35.62 -15.84 0.34
C THR D 65 -36.03 -17.31 0.31
N ALA D 66 -36.42 -17.86 1.46
CA ALA D 66 -36.78 -19.27 1.51
C ALA D 66 -37.99 -19.56 0.64
N GLN D 67 -39.00 -18.69 0.69
CA GLN D 67 -40.21 -18.87 -0.11
C GLN D 67 -40.12 -18.18 -1.47
N ASN D 68 -39.05 -17.42 -1.72
CA ASN D 68 -38.88 -16.69 -2.98
C ASN D 68 -40.08 -15.80 -3.28
N ALA D 69 -40.58 -15.11 -2.26
CA ALA D 69 -41.70 -14.20 -2.39
C ALA D 69 -41.53 -13.05 -1.42
N VAL D 70 -42.25 -11.97 -1.68
CA VAL D 70 -42.16 -10.75 -0.88
C VAL D 70 -43.28 -10.77 0.16
N TYR D 71 -42.89 -10.70 1.43
CA TYR D 71 -43.82 -10.60 2.54
C TYR D 71 -43.85 -9.16 3.03
N ARG D 72 -45.04 -8.57 3.10
CA ARG D 72 -45.19 -7.23 3.61
C ARG D 72 -46.39 -7.17 4.54
N VAL D 73 -46.31 -6.34 5.56
CA VAL D 73 -47.36 -6.18 6.55
C VAL D 73 -48.06 -4.85 6.29
N CYS D 74 -49.33 -4.91 5.88
CA CYS D 74 -50.14 -3.72 5.66
C CYS D 74 -51.28 -3.71 6.67
N GLY D 75 -51.36 -2.64 7.44
CA GLY D 75 -52.39 -2.53 8.45
C GLY D 75 -52.29 -3.65 9.47
N GLY D 76 -53.42 -4.29 9.74
CA GLY D 76 -53.45 -5.38 10.69
C GLY D 76 -53.36 -6.74 10.04
N LYS D 77 -52.87 -6.78 8.81
CA LYS D 77 -52.84 -8.00 8.02
C LYS D 77 -51.44 -8.23 7.47
N LEU D 78 -51.05 -9.50 7.37
CA LEU D 78 -49.78 -9.88 6.79
C LEU D 78 -50.03 -10.48 5.41
N TYR D 79 -49.31 -9.99 4.41
CA TYR D 79 -49.52 -10.38 3.02
C TYR D 79 -48.28 -11.06 2.46
N LYS D 80 -48.49 -12.15 1.74
CA LYS D 80 -47.45 -12.83 0.98
C LYS D 80 -47.71 -12.50 -0.49
N GLY D 81 -47.11 -11.42 -0.96
CA GLY D 81 -47.42 -10.94 -2.30
C GLY D 81 -48.89 -10.56 -2.38
N GLU D 82 -49.58 -11.13 -3.37
CA GLU D 82 -51.01 -10.85 -3.52
C GLU D 82 -51.82 -11.40 -2.36
N SER D 83 -51.51 -12.60 -1.91
CA SER D 83 -52.38 -13.32 -0.99
C SER D 83 -52.22 -12.81 0.44
N GLU D 84 -53.11 -13.25 1.31
CA GLU D 84 -53.10 -12.94 2.73
C GLU D 84 -52.86 -14.22 3.52
N VAL D 85 -51.91 -14.17 4.46
CA VAL D 85 -51.48 -15.38 5.15
C VAL D 85 -51.63 -15.30 6.67
N GLY D 86 -51.86 -14.13 7.26
CA GLY D 86 -51.96 -14.10 8.71
C GLY D 86 -52.47 -12.76 9.20
N ASP D 87 -52.60 -12.66 10.52
CA ASP D 87 -53.08 -11.47 11.18
C ASP D 87 -51.98 -10.91 12.07
N VAL D 88 -51.78 -9.59 12.01
CA VAL D 88 -50.76 -8.90 12.79
C VAL D 88 -51.44 -7.83 13.62
N ALA D 89 -51.15 -7.81 14.92
CA ALA D 89 -51.70 -6.80 15.80
C ALA D 89 -50.89 -5.51 15.69
N GLY D 90 -51.23 -4.54 16.55
CA GLY D 90 -50.51 -3.29 16.61
C GLY D 90 -50.82 -2.38 15.44
N SER D 91 -50.18 -1.21 15.45
CA SER D 91 -50.36 -0.23 14.39
C SER D 91 -49.07 0.38 13.87
N GLY D 92 -47.98 0.37 14.64
CA GLY D 92 -46.74 0.97 14.22
C GLY D 92 -45.95 0.08 13.27
N ARG D 93 -44.76 0.57 12.91
CA ARG D 93 -43.87 -0.21 12.07
C ARG D 93 -43.40 -1.46 12.78
N VAL D 94 -43.14 -2.51 12.01
CA VAL D 94 -42.68 -3.78 12.53
C VAL D 94 -41.41 -4.19 11.79
N SER D 95 -40.55 -4.93 12.48
CA SER D 95 -39.34 -5.48 11.88
C SER D 95 -39.53 -6.98 11.68
N MET D 96 -39.18 -7.47 10.49
CA MET D 96 -39.41 -8.86 10.14
C MET D 96 -38.11 -9.55 9.82
N ALA D 97 -38.03 -10.83 10.20
CA ALA D 97 -36.96 -11.73 9.81
C ALA D 97 -37.59 -13.04 9.38
N HIS D 98 -36.94 -13.73 8.44
CA HIS D 98 -37.50 -14.93 7.86
C HIS D 98 -36.51 -16.08 7.97
N GLY D 99 -37.06 -17.29 8.11
CA GLY D 99 -36.25 -18.49 8.17
C GLY D 99 -36.87 -19.60 7.35
N ARG D 100 -36.18 -20.74 7.33
CA ARG D 100 -36.68 -21.88 6.57
C ARG D 100 -38.01 -22.37 7.13
N THR D 101 -38.13 -22.42 8.46
CA THR D 101 -39.35 -22.95 9.08
C THR D 101 -40.50 -21.95 9.03
N SER D 102 -40.22 -20.67 9.26
CA SER D 102 -41.30 -19.72 9.46
C SER D 102 -40.84 -18.31 9.10
N GLN D 103 -41.83 -17.43 8.95
CA GLN D 103 -41.62 -15.99 8.77
C GLN D 103 -42.02 -15.29 10.06
N ALA D 104 -41.12 -14.45 10.58
CA ALA D 104 -41.28 -13.84 11.89
C ALA D 104 -41.55 -12.35 11.76
N VAL D 105 -42.45 -11.85 12.60
CA VAL D 105 -42.78 -10.43 12.67
C VAL D 105 -42.63 -9.97 14.10
N GLY D 106 -41.86 -8.91 14.32
CA GLY D 106 -41.69 -8.36 15.66
C GLY D 106 -42.66 -7.24 15.95
N VAL D 107 -43.75 -7.55 16.66
CA VAL D 107 -44.82 -6.58 16.90
C VAL D 107 -45.23 -6.64 18.37
N ASN D 108 -45.51 -5.48 18.94
CA ASN D 108 -46.01 -5.36 20.31
C ASN D 108 -45.07 -6.04 21.31
N GLY D 109 -43.77 -5.90 21.09
CA GLY D 109 -42.80 -6.47 22.00
C GLY D 109 -42.78 -7.98 22.03
N GLN D 110 -43.34 -8.64 21.01
CA GLN D 110 -43.36 -10.09 20.93
C GLN D 110 -42.88 -10.52 19.56
N LEU D 111 -42.11 -11.60 19.52
CA LEU D 111 -41.63 -12.17 18.27
C LEU D 111 -42.65 -13.20 17.81
N VAL D 112 -43.47 -12.83 16.84
CA VAL D 112 -44.53 -13.68 16.33
C VAL D 112 -44.01 -14.39 15.08
N GLU D 113 -44.08 -15.71 15.07
CA GLU D 113 -43.62 -16.52 13.95
C GLU D 113 -44.82 -17.05 13.19
N TYR D 114 -44.91 -16.72 11.91
CA TYR D 114 -45.99 -17.19 11.04
C TYR D 114 -45.45 -18.34 10.22
N ARG D 115 -45.62 -19.55 10.75
CA ARG D 115 -45.10 -20.74 10.10
C ARG D 115 -45.80 -20.97 8.76
N TYR D 116 -45.06 -21.50 7.80
CA TYR D 116 -45.58 -21.70 6.45
C TYR D 116 -46.69 -22.74 6.42
N ASP D 117 -46.77 -23.63 7.41
CA ASP D 117 -47.85 -24.60 7.47
C ASP D 117 -49.18 -23.99 7.86
N GLY D 118 -49.20 -22.72 8.27
CA GLY D 118 -50.40 -22.02 8.65
C GLY D 118 -50.52 -21.72 10.13
N THR D 119 -49.81 -22.46 10.98
CA THR D 119 -49.86 -22.22 12.41
C THR D 119 -49.08 -20.97 12.78
N VAL D 120 -49.43 -20.38 13.92
CA VAL D 120 -48.78 -19.18 14.44
C VAL D 120 -48.22 -19.51 15.82
N LYS D 121 -46.94 -19.23 16.02
CA LYS D 121 -46.26 -19.49 17.27
C LYS D 121 -45.58 -18.22 17.75
N THR D 122 -45.66 -17.96 19.06
CA THR D 122 -45.05 -16.80 19.68
C THR D 122 -43.89 -17.23 20.55
N VAL D 123 -42.81 -16.44 20.54
CA VAL D 123 -41.63 -16.78 21.31
C VAL D 123 -41.90 -16.59 22.79
N SER D 124 -41.62 -17.62 23.59
CA SER D 124 -41.80 -17.57 25.02
C SER D 124 -40.85 -18.57 25.66
N ASN D 125 -40.66 -18.41 26.98
CA ASN D 125 -39.73 -19.25 27.71
C ASN D 125 -40.11 -20.73 27.60
N TRP D 126 -39.13 -21.58 27.86
CA TRP D 126 -39.38 -23.01 27.87
C TRP D 126 -40.33 -23.36 29.01
N PRO D 127 -41.12 -24.42 28.86
CA PRO D 127 -41.98 -24.85 29.97
C PRO D 127 -41.15 -25.21 31.19
N ALA D 128 -41.72 -24.92 32.36
CA ALA D 128 -40.98 -25.11 33.61
C ALA D 128 -40.61 -26.58 33.82
N ASP D 129 -41.52 -27.50 33.49
CA ASP D 129 -41.25 -28.91 33.67
C ASP D 129 -40.15 -29.43 32.75
N SER D 130 -39.82 -28.69 31.68
CA SER D 130 -38.78 -29.15 30.77
C SER D 130 -37.41 -29.16 31.44
N GLY D 131 -37.20 -28.29 32.43
CA GLY D 131 -35.93 -28.22 33.12
C GLY D 131 -34.89 -27.35 32.45
N PHE D 132 -35.18 -26.78 31.29
CA PHE D 132 -34.23 -25.90 30.62
C PHE D 132 -34.17 -24.55 31.32
N THR D 133 -33.12 -23.80 31.01
CA THR D 133 -32.88 -22.52 31.66
C THR D 133 -33.97 -21.53 31.29
N GLN D 134 -34.43 -20.76 32.28
CA GLN D 134 -35.45 -19.74 32.09
C GLN D 134 -34.82 -18.37 32.06
N TYR D 135 -35.33 -17.51 31.18
CA TYR D 135 -34.81 -16.16 31.01
C TYR D 135 -35.94 -15.15 31.17
N GLU D 136 -35.56 -13.93 31.52
CA GLU D 136 -36.50 -12.81 31.61
C GLU D 136 -36.52 -12.12 30.25
N LEU D 137 -37.41 -12.60 29.37
CA LEU D 137 -37.43 -12.10 28.00
C LEU D 137 -37.81 -10.64 27.93
N GLY D 138 -38.79 -10.21 28.71
CA GLY D 138 -39.21 -8.82 28.64
C GLY D 138 -39.95 -8.55 27.35
N SER D 139 -39.58 -7.47 26.67
CA SER D 139 -40.23 -7.05 25.44
C SER D 139 -39.24 -7.06 24.30
N VAL D 140 -39.73 -7.35 23.10
CA VAL D 140 -38.90 -7.46 21.91
C VAL D 140 -38.90 -6.13 21.18
N ARG D 141 -37.70 -5.64 20.84
CA ARG D 141 -37.57 -4.38 20.11
C ARG D 141 -37.32 -4.61 18.62
N ASP D 142 -36.25 -5.33 18.28
CA ASP D 142 -35.92 -5.63 16.90
C ASP D 142 -35.46 -7.07 16.79
N ILE D 143 -35.68 -7.66 15.61
CA ILE D 143 -35.40 -9.08 15.40
C ILE D 143 -34.53 -9.23 14.15
N THR D 144 -33.84 -10.37 14.09
CA THR D 144 -33.05 -10.74 12.93
C THR D 144 -32.81 -12.24 12.97
N ARG D 145 -32.33 -12.78 11.85
CA ARG D 145 -32.13 -14.21 11.70
C ARG D 145 -30.72 -14.49 11.21
N LEU D 146 -30.09 -15.52 11.77
CA LEU D 146 -28.76 -15.94 11.33
C LEU D 146 -28.55 -17.39 11.76
N ARG D 147 -28.11 -18.22 10.82
CA ARG D 147 -27.78 -19.62 11.08
C ARG D 147 -28.97 -20.37 11.69
N GLY D 148 -30.17 -20.04 11.23
CA GLY D 148 -31.35 -20.73 11.72
C GLY D 148 -31.80 -20.34 13.10
N ARG D 149 -31.26 -19.26 13.66
CA ARG D 149 -31.63 -18.79 14.98
C ARG D 149 -32.21 -17.39 14.87
N TYR D 150 -33.40 -17.19 15.45
CA TYR D 150 -33.98 -15.86 15.51
C TYR D 150 -33.33 -15.08 16.65
N ALA D 151 -32.65 -13.99 16.31
CA ALA D 151 -32.00 -13.14 17.29
C ALA D 151 -32.81 -11.88 17.48
N TRP D 152 -33.19 -11.59 18.72
CA TRP D 152 -33.98 -10.41 19.04
C TRP D 152 -33.41 -9.73 20.27
N SER D 153 -33.72 -8.45 20.41
CA SER D 153 -33.17 -7.60 21.47
C SER D 153 -34.24 -7.28 22.50
N LYS D 154 -33.87 -7.40 23.77
CA LYS D 154 -34.77 -7.01 24.84
C LYS D 154 -34.96 -5.50 24.85
N ASP D 155 -36.21 -5.07 24.96
CA ASP D 155 -36.51 -3.64 24.89
C ASP D 155 -36.05 -2.95 26.16
N GLY D 156 -35.37 -1.82 26.00
CA GLY D 156 -34.90 -1.04 27.12
C GLY D 156 -33.70 -1.61 27.85
N THR D 157 -33.06 -2.62 27.30
CA THR D 157 -31.91 -3.25 27.93
C THR D 157 -30.93 -3.70 26.85
N ASP D 158 -29.65 -3.79 27.22
CA ASP D 158 -28.60 -4.19 26.30
C ASP D 158 -28.49 -5.70 26.14
N SER D 159 -29.51 -6.46 26.50
CA SER D 159 -29.46 -7.92 26.40
C SER D 159 -30.24 -8.38 25.18
N TRP D 160 -29.70 -9.39 24.50
CA TRP D 160 -30.35 -9.98 23.34
C TRP D 160 -30.28 -11.50 23.45
N PHE D 161 -31.23 -12.17 22.80
CA PHE D 161 -31.38 -13.61 22.91
C PHE D 161 -31.39 -14.24 21.53
N ILE D 162 -31.25 -15.56 21.50
CA ILE D 162 -31.30 -16.35 20.27
C ILE D 162 -32.14 -17.59 20.53
N THR D 163 -32.97 -17.95 19.55
CA THR D 163 -33.87 -19.09 19.69
C THR D 163 -33.11 -20.40 19.54
N ASP D 164 -33.70 -21.46 20.08
CA ASP D 164 -33.10 -22.79 19.99
C ASP D 164 -33.16 -23.32 18.56
N LEU D 165 -32.16 -24.13 18.21
CA LEU D 165 -32.11 -24.69 16.86
C LEU D 165 -33.25 -25.66 16.61
N GLU D 166 -33.45 -26.63 17.51
CA GLU D 166 -34.48 -27.63 17.29
C GLU D 166 -35.87 -27.02 17.31
N ASP D 167 -36.14 -26.11 18.25
CA ASP D 167 -37.43 -25.45 18.37
C ASP D 167 -37.22 -23.95 18.27
N GLU D 168 -37.68 -23.35 17.18
CA GLU D 168 -37.48 -21.91 17.00
C GLU D 168 -38.43 -21.10 17.87
N SER D 169 -39.51 -21.73 18.35
CA SER D 169 -40.47 -20.99 19.18
C SER D 169 -39.84 -20.57 20.51
N HIS D 170 -39.09 -21.43 21.12
CA HIS D 170 -38.52 -21.08 22.40
C HIS D 170 -37.07 -20.63 22.25
N PRO D 171 -36.54 -19.85 23.19
CA PRO D 171 -35.13 -19.45 23.12
C PRO D 171 -34.19 -20.63 23.27
N ASP D 172 -32.89 -20.38 23.20
CA ASP D 172 -31.92 -21.46 23.30
C ASP D 172 -32.01 -22.14 24.66
N ARG D 173 -31.69 -23.43 24.68
CA ARG D 173 -31.88 -24.22 25.89
C ARG D 173 -30.98 -23.75 27.03
N TYR D 174 -29.73 -23.40 26.73
CA TYR D 174 -28.76 -23.12 27.77
C TYR D 174 -28.05 -21.78 27.64
N SER D 175 -27.85 -21.28 26.42
CA SER D 175 -27.02 -20.09 26.20
C SER D 175 -27.74 -19.08 25.33
N ALA D 176 -29.00 -18.78 25.68
CA ALA D 176 -29.77 -17.84 24.87
C ALA D 176 -29.32 -16.40 25.09
N GLN D 177 -29.08 -16.02 26.34
CA GLN D 177 -28.89 -14.61 26.68
C GLN D 177 -27.46 -14.16 26.38
N TYR D 178 -27.34 -12.98 25.78
CA TYR D 178 -26.07 -12.31 25.59
C TYR D 178 -26.25 -10.82 25.81
N ARG D 179 -25.16 -10.14 26.12
CA ARG D 179 -25.19 -8.73 26.46
C ARG D 179 -24.13 -7.97 25.69
N ALA D 180 -24.50 -6.79 25.19
CA ALA D 180 -23.57 -5.88 24.54
C ALA D 180 -23.13 -4.86 25.58
N GLU D 181 -22.24 -5.28 26.47
CA GLU D 181 -21.91 -4.53 27.67
C GLU D 181 -20.57 -3.80 27.57
N SER D 182 -20.08 -3.51 26.36
CA SER D 182 -18.88 -2.70 26.24
C SER D 182 -19.11 -1.30 26.80
N GLN D 183 -20.30 -0.75 26.56
CA GLN D 183 -20.72 0.52 27.13
C GLN D 183 -22.13 0.37 27.69
N PRO D 184 -22.50 1.18 28.69
CA PRO D 184 -23.86 1.08 29.22
C PRO D 184 -24.89 1.64 28.25
N ASP D 185 -25.03 1.01 27.09
CA ASP D 185 -25.92 1.49 26.05
C ASP D 185 -27.00 0.45 25.77
N GLY D 186 -28.25 0.91 25.71
CA GLY D 186 -29.35 0.04 25.36
C GLY D 186 -29.30 -0.30 23.88
N ILE D 187 -29.59 -1.56 23.56
CA ILE D 187 -29.56 -2.03 22.18
C ILE D 187 -30.79 -1.47 21.49
N ILE D 188 -30.62 -0.40 20.72
CA ILE D 188 -31.75 0.21 20.02
C ILE D 188 -32.23 -0.69 18.89
N GLY D 189 -31.30 -1.24 18.11
CA GLY D 189 -31.68 -2.11 17.02
C GLY D 189 -30.66 -3.21 16.83
N ILE D 190 -31.09 -4.27 16.17
CA ILE D 190 -30.26 -5.44 15.91
C ILE D 190 -30.34 -5.79 14.43
N GLY D 191 -29.25 -6.33 13.91
CA GLY D 191 -29.19 -6.69 12.50
C GLY D 191 -28.10 -7.69 12.24
N THR D 192 -28.10 -8.22 11.02
CA THR D 192 -27.15 -9.24 10.60
C THR D 192 -26.28 -8.69 9.47
N TRP D 193 -24.97 -8.83 9.63
CA TRP D 193 -24.02 -8.42 8.60
C TRP D 193 -23.05 -9.57 8.39
N ARG D 194 -23.08 -10.14 7.18
CA ARG D 194 -22.26 -11.31 6.83
C ARG D 194 -22.58 -12.41 7.84
N ASP D 195 -21.62 -12.92 8.59
CA ASP D 195 -21.89 -13.91 9.64
C ASP D 195 -21.81 -13.32 11.04
N PHE D 196 -21.91 -12.00 11.16
CA PHE D 196 -21.85 -11.33 12.46
C PHE D 196 -23.25 -10.83 12.84
N ILE D 197 -23.63 -11.06 14.09
CA ILE D 197 -24.81 -10.41 14.65
C ILE D 197 -24.39 -9.03 15.13
N VAL D 198 -25.02 -8.00 14.58
CA VAL D 198 -24.68 -6.61 14.87
C VAL D 198 -25.69 -6.07 15.86
N CYS D 199 -25.21 -5.53 16.97
CA CYS D 199 -26.07 -4.97 18.01
C CYS D 199 -25.89 -3.46 18.00
N PHE D 200 -26.78 -2.77 17.29
CA PHE D 200 -26.74 -1.32 17.24
C PHE D 200 -27.25 -0.74 18.55
N GLY D 201 -26.37 -0.12 19.32
CA GLY D 201 -26.70 0.46 20.59
C GLY D 201 -27.06 1.93 20.50
N SER D 202 -27.08 2.57 21.66
CA SER D 202 -27.33 4.01 21.73
C SER D 202 -26.05 4.82 21.69
N SER D 203 -24.91 4.20 21.93
CA SER D 203 -23.63 4.88 21.84
C SER D 203 -22.60 4.11 21.01
N THR D 204 -22.68 2.78 21.00
CA THR D 204 -21.71 1.96 20.31
C THR D 204 -22.41 0.89 19.48
N ILE D 205 -21.68 0.38 18.49
CA ILE D 205 -22.14 -0.71 17.63
C ILE D 205 -21.16 -1.88 17.80
N GLU D 206 -21.70 -3.05 18.11
CA GLU D 206 -20.88 -4.22 18.40
C GLU D 206 -21.18 -5.34 17.42
N TYR D 207 -20.18 -6.22 17.24
CA TYR D 207 -20.29 -7.35 16.33
C TYR D 207 -20.06 -8.64 17.11
N PHE D 208 -20.92 -9.62 16.90
CA PHE D 208 -20.83 -10.91 17.57
C PHE D 208 -20.73 -12.02 16.52
N SER D 209 -19.85 -12.99 16.76
CA SER D 209 -19.64 -14.10 15.86
C SER D 209 -19.80 -15.42 16.60
N LEU D 210 -20.15 -16.47 15.86
CA LEU D 210 -20.36 -17.78 16.46
C LEU D 210 -19.04 -18.35 16.96
N THR D 211 -19.03 -18.84 18.20
CA THR D 211 -17.84 -19.48 18.74
C THR D 211 -17.69 -20.90 18.21
N GLY D 212 -18.79 -21.60 17.99
CA GLY D 212 -18.74 -23.01 17.65
C GLY D 212 -18.60 -23.93 18.83
N ALA D 213 -18.72 -23.43 20.05
CA ALA D 213 -18.59 -24.27 21.24
C ALA D 213 -19.72 -25.29 21.30
N THR D 214 -19.37 -26.52 21.63
CA THR D 214 -20.34 -27.60 21.73
C THR D 214 -20.76 -27.92 23.15
N THR D 215 -20.04 -27.41 24.14
CA THR D 215 -20.37 -27.70 25.54
C THR D 215 -21.71 -27.05 25.90
N ALA D 216 -22.52 -27.79 26.66
CA ALA D 216 -23.80 -27.27 27.11
C ALA D 216 -23.58 -26.11 28.08
N GLY D 217 -24.27 -25.00 27.84
CA GLY D 217 -24.13 -23.83 28.66
C GLY D 217 -22.99 -22.90 28.27
N ALA D 218 -22.16 -23.29 27.32
CA ALA D 218 -21.09 -22.43 26.85
C ALA D 218 -21.64 -21.35 25.94
N ALA D 219 -20.95 -20.21 25.90
CA ALA D 219 -21.40 -19.09 25.09
C ALA D 219 -21.21 -19.40 23.61
N LEU D 220 -22.27 -19.20 22.82
CA LEU D 220 -22.18 -19.44 21.39
C LEU D 220 -21.66 -18.21 20.65
N TYR D 221 -21.85 -17.02 21.21
CA TYR D 221 -21.46 -15.77 20.58
C TYR D 221 -20.52 -15.00 21.49
N VAL D 222 -19.49 -14.41 20.90
CA VAL D 222 -18.57 -13.51 21.61
C VAL D 222 -18.40 -12.24 20.79
N ALA D 223 -18.27 -11.12 21.49
CA ALA D 223 -18.10 -9.83 20.81
C ALA D 223 -16.77 -9.77 20.09
N GLN D 224 -16.73 -9.00 19.01
CA GLN D 224 -15.51 -8.78 18.25
C GLN D 224 -15.06 -7.35 18.47
N PRO D 225 -14.13 -7.10 19.40
CA PRO D 225 -13.74 -5.71 19.67
C PRO D 225 -13.09 -5.02 18.48
N SER D 226 -12.48 -5.78 17.57
CA SER D 226 -11.79 -5.16 16.43
C SER D 226 -12.76 -4.46 15.51
N LEU D 227 -14.00 -4.95 15.41
CA LEU D 227 -14.99 -4.38 14.51
C LEU D 227 -15.95 -3.42 15.18
N MET D 228 -15.74 -3.10 16.46
CA MET D 228 -16.65 -2.20 17.16
C MET D 228 -16.59 -0.81 16.54
N VAL D 229 -17.75 -0.16 16.49
CA VAL D 229 -17.88 1.21 15.99
C VAL D 229 -18.39 2.09 17.13
N GLN D 230 -17.74 3.23 17.33
CA GLN D 230 -18.08 4.10 18.45
C GLN D 230 -19.25 5.03 18.16
N LYS D 231 -19.89 4.90 17.00
CA LYS D 231 -21.12 5.62 16.73
C LYS D 231 -22.31 4.73 17.07
N SER D 232 -23.50 5.19 16.74
CA SER D 232 -24.72 4.45 17.05
C SER D 232 -25.88 5.00 16.24
N ILE D 233 -26.99 4.29 16.29
CA ILE D 233 -28.18 4.64 15.52
C ILE D 233 -29.11 5.46 16.40
N ALA D 234 -29.94 6.30 15.77
CA ALA D 234 -30.83 7.19 16.51
C ALA D 234 -32.14 6.51 16.88
N GLY D 235 -32.75 5.81 15.92
CA GLY D 235 -34.03 5.16 16.16
C GLY D 235 -33.94 3.67 15.86
N THR D 236 -35.01 2.96 16.21
CA THR D 236 -35.02 1.51 16.05
C THR D 236 -34.89 1.11 14.58
N TYR D 237 -35.56 1.84 13.69
CA TYR D 237 -35.50 1.56 12.26
C TYR D 237 -34.67 2.58 11.50
N CYS D 238 -33.68 3.18 12.16
CA CYS D 238 -32.76 4.12 11.52
C CYS D 238 -31.54 3.43 10.96
N LYS D 239 -31.66 2.17 10.55
CA LYS D 239 -30.57 1.38 10.02
C LYS D 239 -31.06 0.60 8.81
N THR D 240 -30.13 0.23 7.93
CA THR D 240 -30.45 -0.60 6.78
C THR D 240 -29.16 -1.07 6.14
N PRO D 241 -29.14 -2.26 5.54
CA PRO D 241 -27.97 -2.66 4.75
C PRO D 241 -27.79 -1.75 3.56
N PHE D 242 -26.53 -1.47 3.22
CA PHE D 242 -26.22 -0.58 2.10
C PHE D 242 -24.77 -0.76 1.71
N ALA D 243 -24.53 -1.03 0.43
CA ALA D 243 -23.19 -1.12 -0.14
C ALA D 243 -22.31 -2.10 0.67
N ASP D 244 -22.84 -3.30 0.88
CA ASP D 244 -22.15 -4.35 1.63
C ASP D 244 -21.76 -3.85 3.01
N SER D 245 -22.64 -3.07 3.62
CA SER D 245 -22.41 -2.49 4.94
C SER D 245 -23.75 -1.97 5.46
N TYR D 246 -23.69 -1.25 6.57
CA TYR D 246 -24.89 -0.69 7.18
C TYR D 246 -24.78 0.84 7.19
N ALA D 247 -25.87 1.49 6.78
CA ALA D 247 -26.00 2.94 6.86
C ALA D 247 -26.98 3.29 7.96
N PHE D 248 -26.68 4.35 8.70
CA PHE D 248 -27.48 4.69 9.88
C PHE D 248 -27.43 6.18 10.13
N ILE D 249 -28.32 6.63 11.02
CA ILE D 249 -28.35 8.01 11.47
C ILE D 249 -27.80 8.06 12.88
N SER D 250 -26.80 8.92 13.10
CA SER D 250 -26.11 8.94 14.39
C SER D 250 -27.05 9.31 15.52
N HIS D 251 -26.88 8.65 16.66
CA HIS D 251 -27.67 8.97 17.84
C HIS D 251 -27.24 10.32 18.40
N PRO D 252 -28.15 11.03 19.07
CA PRO D 252 -27.75 12.30 19.70
C PRO D 252 -26.69 12.16 20.77
N ALA D 253 -26.47 10.95 21.29
CA ALA D 253 -25.47 10.76 22.34
C ALA D 253 -24.07 11.12 21.84
N THR D 254 -23.74 10.77 20.61
CA THR D 254 -22.42 11.02 20.05
C THR D 254 -22.29 12.42 19.47
N GLY D 255 -23.34 13.24 19.52
CA GLY D 255 -23.31 14.58 18.99
C GLY D 255 -24.52 14.84 18.13
N ALA D 256 -24.42 15.84 17.27
CA ALA D 256 -25.51 16.13 16.35
C ALA D 256 -25.73 14.95 15.42
N PRO D 257 -26.97 14.52 15.22
CA PRO D 257 -27.21 13.34 14.37
C PRO D 257 -26.78 13.60 12.93
N SER D 258 -26.27 12.55 12.30
CA SER D 258 -25.81 12.62 10.92
C SER D 258 -25.86 11.22 10.32
N VAL D 259 -25.80 11.17 8.99
CA VAL D 259 -25.84 9.91 8.27
C VAL D 259 -24.42 9.37 8.13
N TYR D 260 -24.24 8.10 8.45
CA TYR D 260 -22.92 7.46 8.41
C TYR D 260 -23.02 6.13 7.69
N ILE D 261 -21.88 5.67 7.18
CA ILE D 261 -21.74 4.33 6.62
C ILE D 261 -20.63 3.61 7.36
N ILE D 262 -20.91 2.41 7.84
CA ILE D 262 -19.94 1.65 8.62
C ILE D 262 -18.92 1.03 7.67
N GLY D 263 -17.65 1.36 7.87
CA GLY D 263 -16.60 0.72 7.11
C GLY D 263 -15.40 0.31 7.96
N SER D 264 -15.14 -0.99 8.05
CA SER D 264 -13.96 -1.52 8.73
C SER D 264 -13.82 -0.95 10.13
N GLY D 265 -14.89 -1.03 10.92
CA GLY D 265 -14.85 -0.56 12.29
C GLY D 265 -14.80 0.94 12.44
N GLN D 266 -15.21 1.70 11.42
CA GLN D 266 -15.22 3.16 11.48
C GLN D 266 -16.41 3.67 10.69
N ALA D 267 -16.92 4.82 11.11
CA ALA D 267 -18.09 5.43 10.47
C ALA D 267 -17.64 6.65 9.68
N SER D 268 -17.91 6.64 8.38
CA SER D 268 -17.57 7.74 7.50
C SER D 268 -18.82 8.49 7.10
N PRO D 269 -18.96 9.77 7.44
CA PRO D 269 -20.20 10.48 7.13
C PRO D 269 -20.41 10.62 5.63
N ILE D 270 -21.68 10.60 5.23
CA ILE D 270 -22.05 10.78 3.83
C ILE D 270 -23.12 11.86 3.74
N ALA D 271 -23.24 12.67 4.78
CA ALA D 271 -24.28 13.69 4.87
C ALA D 271 -23.69 15.07 4.64
N THR D 272 -24.27 15.81 3.69
CA THR D 272 -23.91 17.19 3.47
C THR D 272 -24.35 18.02 4.67
N ALA D 273 -23.66 19.15 4.88
CA ALA D 273 -23.99 20.04 5.98
C ALA D 273 -25.46 20.45 5.93
N SER D 274 -26.01 20.66 4.74
CA SER D 274 -27.43 20.95 4.62
C SER D 274 -28.27 19.77 5.09
N ILE D 275 -27.87 18.56 4.73
CA ILE D 275 -28.59 17.37 5.18
C ILE D 275 -28.53 17.25 6.70
N GLU D 276 -27.37 17.54 7.29
CA GLU D 276 -27.26 17.47 8.74
C GLU D 276 -28.13 18.53 9.41
N LYS D 277 -28.19 19.73 8.83
CA LYS D 277 -29.09 20.76 9.37
C LYS D 277 -30.54 20.31 9.28
N ILE D 278 -30.93 19.70 8.15
CA ILE D 278 -32.30 19.20 8.00
C ILE D 278 -32.60 18.15 9.06
N ILE D 279 -31.67 17.23 9.28
CA ILE D 279 -31.87 16.20 10.29
C ILE D 279 -31.97 16.81 11.68
N ARG D 280 -31.11 17.79 11.97
CA ARG D 280 -31.15 18.45 13.27
C ARG D 280 -32.43 19.22 13.49
N SER D 281 -33.09 19.65 12.40
CA SER D 281 -34.33 20.41 12.55
C SER D 281 -35.40 19.62 13.29
N TYR D 282 -35.37 18.29 13.21
CA TYR D 282 -36.35 17.46 13.90
C TYR D 282 -35.97 17.30 15.36
N THR D 283 -36.97 16.95 16.18
CA THR D 283 -36.74 16.64 17.57
C THR D 283 -36.16 15.22 17.71
N ALA D 284 -35.74 14.90 18.93
CA ALA D 284 -35.17 13.57 19.17
C ALA D 284 -36.20 12.47 18.94
N GLU D 285 -37.44 12.68 19.42
CA GLU D 285 -38.47 11.67 19.25
C GLU D 285 -38.85 11.53 17.78
N GLU D 286 -39.02 12.63 17.07
CA GLU D 286 -39.31 12.58 15.65
C GLU D 286 -38.17 11.91 14.88
N MET D 287 -36.93 12.19 15.27
CA MET D 287 -35.79 11.51 14.67
C MET D 287 -35.86 10.00 14.92
N ALA D 288 -36.28 9.61 16.13
CA ALA D 288 -36.41 8.19 16.43
C ALA D 288 -37.48 7.53 15.58
N THR D 289 -38.58 8.23 15.32
CA THR D 289 -39.65 7.65 14.52
C THR D 289 -39.28 7.51 13.04
N GLY D 290 -38.16 8.09 12.62
CA GLY D 290 -37.76 7.98 11.22
C GLY D 290 -37.35 6.57 10.85
N VAL D 291 -37.58 6.22 9.59
CA VAL D 291 -37.22 4.91 9.05
C VAL D 291 -36.48 5.12 7.73
N MET D 292 -35.47 4.30 7.49
CA MET D 292 -34.74 4.34 6.24
C MET D 292 -34.67 2.95 5.62
N GLU D 293 -34.47 2.91 4.31
CA GLU D 293 -34.37 1.67 3.56
C GLU D 293 -33.50 1.92 2.34
N THR D 294 -33.25 0.86 1.58
CA THR D 294 -32.42 0.93 0.39
C THR D 294 -33.21 0.47 -0.81
N LEU D 295 -32.95 1.11 -1.95
CA LEU D 295 -33.58 0.75 -3.22
C LEU D 295 -32.54 0.85 -4.32
N ARG D 296 -32.54 -0.14 -5.21
CA ARG D 296 -31.56 -0.21 -6.29
C ARG D 296 -32.26 -0.55 -7.59
N PHE D 297 -32.33 0.42 -8.49
CA PHE D 297 -32.81 0.19 -9.85
C PHE D 297 -31.86 0.86 -10.83
N ASP D 298 -31.72 0.27 -12.00
CA ASP D 298 -30.71 0.68 -12.97
C ASP D 298 -29.35 0.75 -12.29
N SER D 299 -28.57 1.78 -12.59
CA SER D 299 -27.27 1.94 -11.96
C SER D 299 -27.34 2.66 -10.62
N HIS D 300 -28.51 3.11 -10.21
CA HIS D 300 -28.66 3.88 -8.97
C HIS D 300 -28.68 2.96 -7.76
N GLU D 301 -27.92 3.32 -6.74
CA GLU D 301 -27.96 2.66 -5.43
C GLU D 301 -28.44 3.72 -4.44
N LEU D 302 -29.74 3.75 -4.18
CA LEU D 302 -30.37 4.83 -3.43
C LEU D 302 -30.52 4.43 -1.98
N LEU D 303 -30.23 5.38 -1.09
CA LEU D 303 -30.49 5.25 0.34
C LEU D 303 -31.61 6.22 0.68
N ILE D 304 -32.80 5.69 0.97
CA ILE D 304 -33.99 6.51 1.19
C ILE D 304 -34.24 6.62 2.68
N ILE D 305 -34.41 7.85 3.17
CA ILE D 305 -34.67 8.12 4.57
C ILE D 305 -36.05 8.75 4.67
N HIS D 306 -36.95 8.10 5.41
CA HIS D 306 -38.33 8.57 5.55
C HIS D 306 -38.49 9.30 6.87
N LEU D 307 -38.00 10.54 6.90
CA LEU D 307 -38.18 11.39 8.06
C LEU D 307 -39.64 11.86 8.14
N PRO D 308 -40.09 12.31 9.31
CA PRO D 308 -41.51 12.65 9.47
C PRO D 308 -42.01 13.69 8.50
N ARG D 309 -41.19 14.67 8.12
CA ARG D 309 -41.62 15.70 7.19
C ARG D 309 -40.82 15.75 5.89
N HIS D 310 -39.65 15.14 5.83
CA HIS D 310 -38.85 15.10 4.61
C HIS D 310 -38.54 13.66 4.26
N VAL D 311 -38.33 13.43 2.96
CA VAL D 311 -37.83 12.17 2.45
C VAL D 311 -36.56 12.45 1.67
N LEU D 312 -35.44 11.93 2.15
CA LEU D 312 -34.13 12.20 1.56
C LEU D 312 -33.61 10.95 0.88
N VAL D 313 -33.09 11.11 -0.33
CA VAL D 313 -32.55 10.00 -1.12
C VAL D 313 -31.09 10.30 -1.41
N TYR D 314 -30.21 9.37 -1.02
CA TYR D 314 -28.79 9.49 -1.27
C TYR D 314 -28.41 8.53 -2.40
N ASP D 315 -27.85 9.07 -3.47
CA ASP D 315 -27.48 8.29 -4.65
C ASP D 315 -25.98 8.03 -4.59
N ALA D 316 -25.59 6.79 -4.28
CA ALA D 316 -24.18 6.46 -4.21
C ALA D 316 -23.54 6.44 -5.59
N SER D 317 -24.31 6.12 -6.63
CA SER D 317 -23.75 6.04 -7.97
C SER D 317 -23.30 7.41 -8.46
N SER D 318 -24.10 8.45 -8.21
CA SER D 318 -23.83 9.79 -8.71
C SER D 318 -23.17 10.68 -7.66
N SER D 319 -22.33 10.10 -6.80
CA SER D 319 -21.66 10.85 -5.74
C SER D 319 -20.19 11.06 -6.03
N GLN D 320 -19.80 11.17 -7.30
CA GLN D 320 -18.40 11.38 -7.64
C GLN D 320 -17.90 12.73 -7.14
N ASN D 321 -18.63 13.80 -7.46
CA ASN D 321 -18.23 15.12 -7.00
C ASN D 321 -18.38 15.25 -5.49
N GLY D 322 -19.47 14.71 -4.94
CA GLY D 322 -19.73 14.78 -3.52
C GLY D 322 -21.02 14.07 -3.19
N PRO D 323 -21.39 14.05 -1.92
CA PRO D 323 -22.64 13.37 -1.53
C PRO D 323 -23.83 13.99 -2.24
N GLN D 324 -24.45 13.21 -3.11
CA GLN D 324 -25.59 13.65 -3.90
C GLN D 324 -26.88 13.28 -3.18
N TRP D 325 -27.61 14.27 -2.71
CA TRP D 325 -28.84 14.06 -1.97
C TRP D 325 -30.02 14.64 -2.73
N CYS D 326 -31.14 13.92 -2.71
CA CYS D 326 -32.36 14.35 -3.37
C CYS D 326 -33.52 14.27 -2.38
N VAL D 327 -34.52 15.12 -2.58
CA VAL D 327 -35.71 15.14 -1.76
C VAL D 327 -36.87 14.61 -2.58
N LEU D 328 -37.61 13.66 -2.02
CA LEU D 328 -38.79 13.10 -2.66
C LEU D 328 -40.04 13.61 -1.95
N LYS D 329 -40.98 14.14 -2.72
CA LYS D 329 -42.19 14.71 -2.17
C LYS D 329 -43.37 14.37 -3.07
N THR D 330 -44.57 14.40 -2.49
CA THR D 330 -45.80 14.09 -3.19
C THR D 330 -46.71 15.30 -3.17
N GLY D 331 -47.29 15.64 -4.32
CA GLY D 331 -48.20 16.75 -4.41
C GLY D 331 -47.52 18.06 -4.74
N LEU D 332 -48.35 19.07 -5.00
CA LEU D 332 -47.84 20.38 -5.39
C LEU D 332 -47.13 21.06 -4.22
N TYR D 333 -47.61 20.82 -3.00
CA TYR D 333 -47.02 21.41 -1.81
C TYR D 333 -45.88 20.53 -1.31
N ASP D 334 -45.49 20.71 -0.04
CA ASP D 334 -44.34 20.03 0.54
C ASP D 334 -44.74 18.77 1.31
N ASP D 335 -45.80 18.09 0.90
CA ASP D 335 -46.21 16.88 1.57
C ASP D 335 -45.17 15.79 1.44
N VAL D 336 -45.12 14.91 2.45
CA VAL D 336 -44.14 13.83 2.47
C VAL D 336 -44.43 12.85 1.34
N TYR D 337 -43.38 12.26 0.80
CA TYR D 337 -43.52 11.27 -0.26
C TYR D 337 -44.35 10.10 0.23
N ARG D 338 -45.37 9.72 -0.55
CA ARG D 338 -46.30 8.69 -0.10
C ARG D 338 -45.72 7.28 -0.22
N GLY D 339 -44.86 7.04 -1.21
CA GLY D 339 -44.28 5.72 -1.36
C GLY D 339 -43.36 5.38 -0.20
N VAL D 340 -43.36 4.10 0.18
CA VAL D 340 -42.54 3.63 1.30
C VAL D 340 -42.42 2.13 1.18
N ASP D 341 -41.34 1.58 1.74
CA ASP D 341 -41.11 0.13 1.77
C ASP D 341 -40.96 -0.43 0.37
N PHE D 342 -40.00 0.11 -0.38
CA PHE D 342 -39.73 -0.38 -1.72
C PHE D 342 -39.07 -1.75 -1.66
N MET D 343 -39.44 -2.61 -2.61
CA MET D 343 -38.85 -3.93 -2.72
C MET D 343 -38.99 -4.42 -4.15
N TYR D 344 -37.90 -4.91 -4.73
CA TYR D 344 -37.88 -5.41 -6.09
C TYR D 344 -38.39 -6.85 -6.07
N GLU D 345 -39.44 -7.12 -6.85
CA GLU D 345 -40.10 -8.42 -6.82
C GLU D 345 -40.42 -8.84 -8.26
N GLY D 346 -39.49 -9.57 -8.88
CA GLY D 346 -39.75 -10.19 -10.16
C GLY D 346 -40.20 -9.24 -11.25
N ASN D 347 -39.29 -8.39 -11.74
CA ASN D 347 -39.50 -7.44 -12.84
C ASN D 347 -40.26 -6.19 -12.40
N GLN D 348 -40.69 -6.11 -11.15
CA GLN D 348 -41.41 -4.95 -10.66
C GLN D 348 -40.86 -4.51 -9.32
N ILE D 349 -40.96 -3.22 -9.04
CA ILE D 349 -40.60 -2.65 -7.74
C ILE D 349 -41.90 -2.22 -7.08
N THR D 350 -42.26 -2.90 -5.99
CA THR D 350 -43.52 -2.65 -5.31
C THR D 350 -43.27 -1.83 -4.05
N CYS D 351 -44.09 -0.81 -3.84
CA CYS D 351 -43.95 0.10 -2.71
C CYS D 351 -45.29 0.27 -2.01
N GLY D 352 -45.24 0.25 -0.68
CA GLY D 352 -46.42 0.55 0.11
C GLY D 352 -46.69 2.04 0.15
N ASP D 353 -47.85 2.39 0.71
CA ASP D 353 -48.29 3.77 0.79
C ASP D 353 -48.39 4.20 2.25
N LYS D 354 -47.87 5.38 2.55
CA LYS D 354 -47.88 5.88 3.92
C LYS D 354 -49.29 6.27 4.36
N SER D 355 -50.09 6.82 3.45
CA SER D 355 -51.40 7.36 3.80
C SER D 355 -52.54 6.41 3.44
N GLU D 356 -52.63 6.02 2.18
CA GLU D 356 -53.73 5.17 1.72
C GLU D 356 -53.40 3.69 1.90
N ALA D 357 -54.45 2.88 1.90
CA ALA D 357 -54.31 1.44 2.12
C ALA D 357 -54.21 0.69 0.80
N VAL D 358 -53.18 1.05 0.03
CA VAL D 358 -52.90 0.42 -1.25
C VAL D 358 -51.40 0.16 -1.35
N VAL D 359 -51.04 -0.72 -2.29
CA VAL D 359 -49.66 -0.98 -2.65
C VAL D 359 -49.51 -0.79 -4.16
N GLY D 360 -48.48 -0.05 -4.55
CA GLY D 360 -48.28 0.29 -5.94
C GLY D 360 -46.92 -0.18 -6.43
N GLN D 361 -46.78 -0.27 -7.74
CA GLN D 361 -45.54 -0.68 -8.37
C GLN D 361 -44.93 0.50 -9.11
N LEU D 362 -43.60 0.59 -9.06
CA LEU D 362 -42.90 1.68 -9.73
C LEU D 362 -42.93 1.45 -11.25
N GLN D 363 -43.45 2.44 -11.97
CA GLN D 363 -43.52 2.39 -13.42
C GLN D 363 -42.59 3.46 -13.98
N PHE D 364 -41.63 3.05 -14.80
CA PHE D 364 -40.66 4.00 -15.35
C PHE D 364 -41.21 4.76 -16.55
N ASP D 365 -42.32 4.31 -17.12
CA ASP D 365 -42.92 5.01 -18.25
C ASP D 365 -43.44 6.38 -17.85
N ILE D 366 -44.03 6.48 -16.67
CA ILE D 366 -44.67 7.70 -16.21
C ILE D 366 -44.01 8.17 -14.92
N SER D 367 -44.29 9.41 -14.55
CA SER D 367 -43.80 9.99 -13.31
C SER D 367 -44.90 10.35 -12.33
N SER D 368 -46.17 10.15 -12.72
CA SER D 368 -47.28 10.44 -11.83
C SER D 368 -47.41 9.37 -10.75
N GLN D 369 -47.76 9.81 -9.54
CA GLN D 369 -47.95 8.90 -8.41
C GLN D 369 -49.44 8.65 -8.26
N TYR D 370 -49.86 7.42 -8.55
CA TYR D 370 -51.27 7.03 -8.50
C TYR D 370 -52.12 7.94 -9.37
N ASP D 371 -51.61 8.24 -10.57
CA ASP D 371 -52.30 9.09 -11.54
C ASP D 371 -52.59 10.47 -10.97
N LYS D 372 -51.55 11.11 -10.45
CA LYS D 372 -51.63 12.47 -9.92
C LYS D 372 -50.40 13.24 -10.33
N GLN D 373 -50.59 14.53 -10.61
CA GLN D 373 -49.47 15.38 -11.01
C GLN D 373 -48.45 15.47 -9.87
N GLN D 374 -47.17 15.54 -10.24
CA GLN D 374 -46.09 15.67 -9.28
C GLN D 374 -45.17 16.80 -9.68
N GLU D 375 -44.54 17.40 -8.68
CA GLU D 375 -43.65 18.53 -8.88
C GLU D 375 -42.21 18.05 -9.00
N HIS D 376 -41.49 18.59 -9.98
CA HIS D 376 -40.08 18.31 -10.17
C HIS D 376 -39.32 19.63 -10.18
N LEU D 377 -38.30 19.73 -9.34
CA LEU D 377 -37.57 20.98 -9.15
C LEU D 377 -36.08 20.78 -9.38
N LEU D 378 -35.44 21.80 -9.93
CA LEU D 378 -33.99 21.81 -10.13
C LEU D 378 -33.48 23.21 -9.86
N PHE D 379 -32.47 23.31 -9.01
CA PHE D 379 -31.91 24.59 -8.60
C PHE D 379 -30.46 24.68 -9.04
N THR D 380 -30.11 25.78 -9.70
CA THR D 380 -28.74 26.03 -10.08
C THR D 380 -28.03 26.82 -8.97
N PRO D 381 -26.72 26.64 -8.83
CA PRO D 381 -25.99 27.38 -7.79
C PRO D 381 -26.00 28.88 -8.07
N LEU D 382 -25.98 29.66 -7.00
CA LEU D 382 -25.82 31.10 -7.14
C LEU D 382 -24.40 31.41 -7.60
N PHE D 383 -24.29 32.21 -8.66
CA PHE D 383 -22.99 32.60 -9.19
C PHE D 383 -22.96 34.11 -9.36
N LYS D 384 -21.82 34.71 -9.03
CA LYS D 384 -21.67 36.16 -9.02
C LYS D 384 -21.24 36.62 -10.40
N ALA D 385 -22.16 37.22 -11.15
CA ALA D 385 -21.86 37.86 -12.42
C ALA D 385 -22.31 39.31 -12.32
N ASP D 386 -21.34 40.22 -12.33
CA ASP D 386 -21.61 41.64 -12.12
C ASP D 386 -21.78 42.33 -13.46
N ASN D 387 -22.90 43.03 -13.63
CA ASN D 387 -23.17 43.84 -14.81
C ASN D 387 -23.14 43.01 -16.09
N ALA D 388 -23.49 41.73 -15.96
CA ALA D 388 -23.45 40.79 -17.08
C ALA D 388 -24.87 40.50 -17.53
N ARG D 389 -25.10 40.55 -18.83
CA ARG D 389 -26.40 40.25 -19.42
C ARG D 389 -26.38 38.84 -19.98
N CYS D 390 -27.35 38.04 -19.58
CA CYS D 390 -27.47 36.65 -20.03
C CYS D 390 -28.74 36.48 -20.84
N PHE D 391 -28.61 35.88 -22.02
CA PHE D 391 -29.69 35.86 -23.00
C PHE D 391 -30.23 34.46 -23.27
N ASP D 392 -29.38 33.52 -23.69
CA ASP D 392 -29.83 32.21 -24.14
C ASP D 392 -29.76 31.23 -22.98
N LEU D 393 -30.92 30.80 -22.50
CA LEU D 393 -31.02 29.79 -21.45
C LEU D 393 -31.65 28.55 -22.05
N GLU D 394 -30.84 27.51 -22.29
CA GLU D 394 -31.27 26.30 -22.96
C GLU D 394 -30.96 25.10 -22.10
N VAL D 395 -31.93 24.20 -21.96
CA VAL D 395 -31.74 22.92 -21.28
C VAL D 395 -32.17 21.82 -22.24
N GLU D 396 -31.32 20.80 -22.38
CA GLU D 396 -31.64 19.69 -23.26
C GLU D 396 -32.62 18.75 -22.57
N SER D 397 -33.71 18.43 -23.26
CA SER D 397 -34.76 17.61 -22.70
C SER D 397 -35.17 16.52 -23.68
N SER D 398 -35.36 15.31 -23.17
CA SER D 398 -35.92 14.22 -23.96
C SER D 398 -37.43 14.29 -23.90
N THR D 399 -38.07 14.23 -25.08
CA THR D 399 -39.50 14.43 -25.18
C THR D 399 -40.12 13.32 -26.02
N GLY D 400 -41.45 13.35 -26.11
CA GLY D 400 -42.18 12.41 -26.94
C GLY D 400 -42.83 11.26 -26.21
N VAL D 401 -42.69 11.18 -24.90
CA VAL D 401 -43.29 10.11 -24.11
C VAL D 401 -44.31 10.69 -23.11
N ALA D 402 -44.98 11.76 -23.49
CA ALA D 402 -46.00 12.38 -22.66
C ALA D 402 -47.36 12.25 -23.34
N GLN D 403 -48.39 11.96 -22.53
CA GLN D 403 -49.75 11.92 -23.05
C GLN D 403 -50.37 13.31 -23.16
N TYR D 404 -49.72 14.33 -22.60
CA TYR D 404 -50.16 15.71 -22.73
C TYR D 404 -48.95 16.63 -22.68
N ALA D 405 -49.07 17.77 -23.34
CA ALA D 405 -47.95 18.70 -23.40
C ALA D 405 -47.61 19.23 -22.03
N ASP D 406 -46.31 19.29 -21.73
CA ASP D 406 -45.83 19.74 -20.43
C ASP D 406 -45.45 21.21 -20.50
N ARG D 407 -45.50 21.87 -19.34
CA ARG D 407 -45.10 23.26 -19.22
C ARG D 407 -44.04 23.37 -18.15
N LEU D 408 -42.95 24.05 -18.47
CA LEU D 408 -41.83 24.25 -17.55
C LEU D 408 -41.86 25.69 -17.05
N PHE D 409 -41.82 25.86 -15.73
CA PHE D 409 -41.80 27.18 -15.13
C PHE D 409 -40.37 27.55 -14.81
N LEU D 410 -39.89 28.66 -15.38
CA LEU D 410 -38.52 29.12 -15.21
C LEU D 410 -38.55 30.44 -14.45
N SER D 411 -37.78 30.51 -13.37
CA SER D 411 -37.70 31.70 -12.55
C SER D 411 -36.27 31.87 -12.06
N ALA D 412 -35.92 33.11 -11.73
CA ALA D 412 -34.58 33.45 -11.28
C ALA D 412 -34.65 34.27 -10.00
N THR D 413 -33.68 34.05 -9.12
CA THR D 413 -33.59 34.78 -7.86
C THR D 413 -32.34 35.66 -7.87
N THR D 414 -32.46 36.82 -7.23
CA THR D 414 -31.33 37.73 -7.10
C THR D 414 -30.77 37.74 -5.69
N ASP D 415 -31.63 37.76 -4.68
CA ASP D 415 -31.18 37.66 -3.30
C ASP D 415 -30.76 36.25 -2.93
N GLY D 416 -31.30 35.24 -3.59
CA GLY D 416 -31.04 33.86 -3.27
C GLY D 416 -32.11 33.20 -2.41
N ILE D 417 -33.10 33.96 -1.96
CA ILE D 417 -34.19 33.44 -1.14
C ILE D 417 -35.54 33.62 -1.83
N ASN D 418 -35.76 34.78 -2.43
CA ASN D 418 -37.02 35.09 -3.11
C ASN D 418 -36.82 35.01 -4.62
N TYR D 419 -37.75 34.34 -5.29
CA TYR D 419 -37.68 34.18 -6.73
C TYR D 419 -38.64 35.13 -7.44
N GLY D 420 -38.28 35.49 -8.66
CA GLY D 420 -39.06 36.43 -9.46
C GLY D 420 -40.22 35.76 -10.15
N ARG D 421 -40.68 36.41 -11.22
CA ARG D 421 -41.79 35.89 -11.99
C ARG D 421 -41.41 34.58 -12.68
N GLU D 422 -42.41 33.73 -12.89
CA GLU D 422 -42.22 32.43 -13.52
C GLU D 422 -42.72 32.50 -14.96
N GLN D 423 -41.90 32.01 -15.88
CA GLN D 423 -42.22 32.02 -17.30
C GLN D 423 -42.49 30.59 -17.77
N MET D 424 -43.64 30.40 -18.42
CA MET D 424 -44.03 29.08 -18.88
C MET D 424 -43.32 28.74 -20.18
N ILE D 425 -42.74 27.54 -20.24
CA ILE D 425 -42.04 27.06 -21.43
C ILE D 425 -42.55 25.66 -21.75
N GLU D 426 -42.81 25.40 -23.02
CA GLU D 426 -43.31 24.10 -23.45
C GLU D 426 -42.21 23.07 -23.34
N GLN D 427 -42.17 22.37 -22.21
CA GLN D 427 -41.08 21.43 -21.95
C GLN D 427 -41.22 20.17 -22.78
N ASN D 428 -42.43 19.62 -22.88
CA ASN D 428 -42.66 18.35 -23.54
C ASN D 428 -43.89 18.43 -24.44
N GLU D 429 -43.92 17.56 -25.45
CA GLU D 429 -45.02 17.48 -26.38
C GLU D 429 -45.16 16.04 -26.84
N PRO D 430 -46.38 15.51 -26.92
CA PRO D 430 -46.56 14.11 -27.34
C PRO D 430 -46.01 13.88 -28.74
N PHE D 431 -45.30 12.76 -28.90
CA PHE D 431 -44.82 12.28 -30.20
C PHE D 431 -43.92 13.31 -30.89
N VAL D 432 -43.22 14.12 -30.11
CA VAL D 432 -42.24 15.07 -30.63
C VAL D 432 -40.92 14.80 -29.90
N TYR D 433 -39.87 14.52 -30.67
CA TYR D 433 -38.59 14.14 -30.10
C TYR D 433 -37.48 15.15 -30.34
N ASP D 434 -37.70 16.17 -31.18
CA ASP D 434 -36.67 17.14 -31.50
C ASP D 434 -37.00 18.54 -30.98
N LYS D 435 -37.90 18.63 -30.01
CA LYS D 435 -38.24 19.93 -29.44
C LYS D 435 -37.06 20.48 -28.63
N ARG D 436 -36.87 21.79 -28.71
CA ARG D 436 -35.82 22.48 -27.98
C ARG D 436 -36.45 23.34 -26.88
N VAL D 437 -35.96 23.16 -25.65
CA VAL D 437 -36.41 23.95 -24.51
C VAL D 437 -35.41 25.08 -24.33
N LEU D 438 -35.82 26.30 -24.68
CA LEU D 438 -34.93 27.44 -24.71
C LEU D 438 -35.70 28.71 -24.40
N TRP D 439 -35.08 29.60 -23.63
CA TRP D 439 -35.65 30.90 -23.31
C TRP D 439 -34.61 31.98 -23.62
N LYS D 440 -35.02 32.99 -24.37
CA LYS D 440 -34.15 34.10 -24.71
C LYS D 440 -34.48 35.32 -23.86
N ARG D 441 -33.49 36.22 -23.74
CA ARG D 441 -33.62 37.46 -22.99
C ARG D 441 -34.00 37.19 -21.53
N VAL D 442 -33.09 36.52 -20.82
CA VAL D 442 -33.32 36.25 -19.41
C VAL D 442 -33.35 37.54 -18.61
N GLY D 443 -32.40 38.42 -18.86
CA GLY D 443 -32.33 39.70 -18.18
C GLY D 443 -30.88 40.07 -17.90
N ARG D 444 -30.71 41.08 -17.06
CA ARG D 444 -29.40 41.58 -16.68
C ARG D 444 -29.14 41.27 -15.21
N ILE D 445 -28.00 40.66 -14.94
CA ILE D 445 -27.64 40.26 -13.58
C ILE D 445 -26.96 41.43 -12.89
N ARG D 446 -27.58 41.94 -11.82
CA ARG D 446 -27.00 43.07 -11.10
C ARG D 446 -25.80 42.63 -10.29
N ARG D 447 -26.01 41.76 -9.31
CA ARG D 447 -24.92 41.25 -8.47
C ARG D 447 -24.74 39.75 -8.65
N LEU D 448 -25.79 38.96 -8.44
CA LEU D 448 -25.71 37.52 -8.58
C LEU D 448 -27.10 36.98 -8.83
N ILE D 449 -27.16 35.80 -9.43
CA ILE D 449 -28.43 35.23 -9.86
C ILE D 449 -28.38 33.71 -9.73
N GLY D 450 -29.56 33.11 -9.55
CA GLY D 450 -29.71 31.67 -9.53
C GLY D 450 -31.02 31.27 -10.16
N PHE D 451 -31.06 30.11 -10.80
CA PHE D 451 -32.22 29.70 -11.58
C PHE D 451 -32.89 28.49 -10.95
N LYS D 452 -34.22 28.47 -10.99
CA LYS D 452 -35.00 27.35 -10.49
C LYS D 452 -35.97 26.90 -11.58
N LEU D 453 -35.98 25.60 -11.85
CA LEU D 453 -36.82 25.01 -12.89
C LEU D 453 -37.91 24.18 -12.23
N ARG D 454 -39.16 24.43 -12.61
CA ARG D 454 -40.32 23.74 -12.04
C ARG D 454 -41.11 23.09 -13.16
N VAL D 455 -41.40 21.79 -13.00
CA VAL D 455 -42.15 21.03 -13.98
C VAL D 455 -43.30 20.34 -13.26
N ILE D 456 -44.51 20.49 -13.80
CA ILE D 456 -45.69 19.80 -13.31
C ILE D 456 -46.18 18.90 -14.43
N THR D 457 -46.16 17.58 -14.19
CA THR D 457 -46.42 16.64 -15.26
C THR D 457 -46.80 15.28 -14.70
N LYS D 458 -47.40 14.48 -15.56
CA LYS D 458 -47.60 13.05 -15.32
C LYS D 458 -46.63 12.20 -16.13
N SER D 459 -45.62 12.81 -16.72
CA SER D 459 -44.70 12.19 -17.66
C SER D 459 -43.27 12.32 -17.16
N PRO D 460 -42.37 11.44 -17.58
CA PRO D 460 -40.98 11.53 -17.09
C PRO D 460 -40.31 12.82 -17.53
N VAL D 461 -39.44 13.34 -16.68
CA VAL D 461 -38.71 14.57 -16.94
C VAL D 461 -37.23 14.22 -17.05
N THR D 462 -36.62 14.59 -18.15
CA THR D 462 -35.20 14.31 -18.40
C THR D 462 -34.54 15.60 -18.86
N LEU D 463 -33.74 16.21 -17.99
CA LEU D 463 -33.02 17.43 -18.30
C LEU D 463 -31.52 17.13 -18.25
N SER D 464 -30.81 17.47 -19.32
CA SER D 464 -29.43 17.04 -19.49
C SER D 464 -28.42 18.12 -19.07
N GLY D 465 -28.48 19.28 -19.70
CA GLY D 465 -27.47 20.30 -19.43
C GLY D 465 -27.99 21.72 -19.57
N CYS D 466 -27.77 22.53 -18.53
CA CYS D 466 -28.21 23.91 -18.52
C CYS D 466 -27.04 24.81 -18.91
N GLN D 467 -27.13 25.40 -20.10
CA GLN D 467 -26.13 26.33 -20.59
C GLN D 467 -26.75 27.71 -20.72
N ILE D 468 -25.94 28.74 -20.47
CA ILE D 468 -26.40 30.12 -20.50
C ILE D 468 -25.35 30.96 -21.22
N ARG D 469 -25.81 31.90 -22.04
CA ARG D 469 -24.91 32.76 -22.80
C ARG D 469 -24.77 34.09 -22.08
N LEU D 470 -23.64 34.28 -21.39
CA LEU D 470 -23.34 35.52 -20.72
C LEU D 470 -22.68 36.47 -21.71
N GLU D 471 -23.12 37.72 -21.72
CA GLU D 471 -22.56 38.71 -22.63
C GLU D 471 -22.82 40.13 -22.15
N PRO E 1 -6.61 44.43 -12.25
CA PRO E 1 -6.60 43.08 -11.68
C PRO E 1 -7.22 43.02 -10.30
N ILE E 2 -8.03 42.00 -10.05
CA ILE E 2 -8.69 41.80 -8.77
C ILE E 2 -8.08 40.58 -8.10
N GLN E 3 -7.60 40.77 -6.87
CA GLN E 3 -6.96 39.70 -6.10
C GLN E 3 -7.80 39.40 -4.87
N GLN E 4 -8.11 38.13 -4.68
CA GLN E 4 -8.90 37.71 -3.52
C GLN E 4 -8.00 37.58 -2.29
N LEU E 5 -8.54 38.00 -1.13
CA LEU E 5 -7.80 37.96 0.11
C LEU E 5 -8.41 36.92 1.05
N PRO E 6 -7.66 35.91 1.47
CA PRO E 6 -8.22 34.94 2.41
C PRO E 6 -8.48 35.56 3.76
N MET E 7 -9.47 35.01 4.46
CA MET E 7 -9.83 35.46 5.80
C MET E 7 -9.78 34.35 6.83
N MET E 8 -9.46 33.12 6.44
CA MET E 8 -9.40 32.03 7.41
C MET E 8 -8.29 32.24 8.42
N LYS E 9 -7.15 32.75 7.98
CA LYS E 9 -6.02 33.00 8.87
C LYS E 9 -5.46 34.38 8.59
N GLY E 10 -4.97 35.04 9.63
CA GLY E 10 -4.39 36.36 9.48
C GLY E 10 -2.92 36.40 9.85
N MET E 11 -2.14 37.18 9.10
CA MET E 11 -0.72 37.31 9.36
C MET E 11 -0.45 38.53 10.23
N GLY E 12 0.65 38.50 10.96
CA GLY E 12 1.00 39.63 11.81
C GLY E 12 2.28 39.38 12.54
N LYS E 13 2.68 40.38 13.33
CA LYS E 13 3.89 40.35 14.13
C LYS E 13 3.56 40.52 15.59
N ASP E 14 4.20 39.73 16.44
CA ASP E 14 4.02 39.87 17.89
C ASP E 14 4.87 41.04 18.38
N PHE E 15 4.21 42.03 18.98
CA PHE E 15 4.93 43.23 19.40
C PHE E 15 5.92 42.94 20.53
N LYS E 16 5.75 41.84 21.25
CA LYS E 16 6.63 41.53 22.37
C LYS E 16 8.01 41.11 21.89
N ASN E 17 8.07 40.33 20.81
CA ASN E 17 9.35 39.79 20.33
C ASN E 17 9.51 39.82 18.82
N ALA E 18 8.72 40.61 18.10
CA ALA E 18 8.83 40.80 16.65
C ALA E 18 8.65 39.51 15.86
N ASP E 19 8.25 38.42 16.50
CA ASP E 19 8.05 37.17 15.79
C ASP E 19 6.73 37.18 15.04
N TYR E 20 6.67 36.41 13.96
CA TYR E 20 5.47 36.35 13.12
C TYR E 20 4.46 35.41 13.75
N ILE E 21 3.35 35.95 14.22
CA ILE E 21 2.26 35.15 14.77
C ILE E 21 1.12 35.13 13.76
N ASP E 22 0.31 34.08 13.84
CA ASP E 22 -0.81 33.91 12.93
C ASP E 22 -2.07 34.42 13.63
N TYR E 23 -2.59 35.55 13.15
CA TYR E 23 -3.80 36.11 13.72
C TYR E 23 -4.98 35.19 13.43
N LEU E 24 -5.76 34.89 14.46
CA LEU E 24 -6.85 33.95 14.31
C LEU E 24 -8.20 34.67 14.38
N PRO E 25 -9.20 34.18 13.65
CA PRO E 25 -10.53 34.79 13.72
C PRO E 25 -11.11 34.65 15.12
N VAL E 26 -11.94 35.62 15.50
CA VAL E 26 -12.57 35.67 16.80
C VAL E 26 -14.07 35.46 16.63
N ASN E 27 -14.60 34.44 17.29
CA ASN E 27 -16.03 34.12 17.23
C ASN E 27 -16.51 33.88 15.81
N MET E 28 -15.65 33.28 14.99
CA MET E 28 -15.98 32.94 13.61
C MET E 28 -15.55 31.51 13.33
N LEU E 29 -16.26 30.86 12.41
CA LEU E 29 -15.97 29.49 12.02
C LEU E 29 -15.86 29.41 10.51
N ALA E 30 -14.80 28.76 10.03
CA ALA E 30 -14.60 28.57 8.61
C ALA E 30 -15.35 27.33 8.13
N THR E 31 -16.04 27.47 7.00
CA THR E 31 -16.80 26.37 6.42
C THR E 31 -16.34 26.13 5.00
N PRO E 32 -15.70 25.01 4.70
CA PRO E 32 -15.20 24.76 3.33
C PRO E 32 -16.31 24.30 2.40
N LYS E 33 -17.05 25.27 1.86
CA LYS E 33 -18.20 25.00 1.01
C LYS E 33 -18.19 25.99 -0.14
N GLU E 34 -18.06 25.48 -1.36
CA GLU E 34 -17.82 26.34 -2.52
C GLU E 34 -19.04 27.20 -2.83
N ILE E 35 -18.91 28.50 -2.64
CA ILE E 35 -19.97 29.45 -2.94
C ILE E 35 -19.38 30.63 -3.70
N LEU E 36 -20.11 31.10 -4.70
CA LEU E 36 -19.74 32.27 -5.51
C LEU E 36 -18.31 32.06 -6.02
N ASN E 37 -17.39 33.00 -5.78
CA ASN E 37 -16.03 32.91 -6.28
C ASN E 37 -15.05 32.41 -5.23
N SER E 38 -15.53 32.05 -4.04
CA SER E 38 -14.66 31.64 -2.94
C SER E 38 -14.87 30.18 -2.63
N SER E 39 -13.81 29.52 -2.12
CA SER E 39 -13.90 28.11 -1.78
C SER E 39 -14.67 27.87 -0.50
N GLY E 40 -14.68 28.84 0.42
CA GLY E 40 -15.38 28.70 1.67
C GLY E 40 -15.83 30.05 2.19
N TYR E 41 -16.58 30.01 3.29
CA TYR E 41 -17.10 31.22 3.90
C TYR E 41 -16.94 31.14 5.42
N LEU E 42 -16.91 32.31 6.04
CA LEU E 42 -16.76 32.43 7.49
C LEU E 42 -18.11 32.76 8.11
N ARG E 43 -18.48 32.02 9.15
CA ARG E 43 -19.74 32.24 9.84
C ARG E 43 -19.49 32.37 11.34
N SER E 44 -20.25 33.25 11.97
CA SER E 44 -20.09 33.50 13.40
C SER E 44 -20.50 32.28 14.21
N PHE E 45 -19.85 32.12 15.36
CA PHE E 45 -20.21 31.04 16.27
C PHE E 45 -21.63 31.27 16.80
N PRO E 46 -22.41 30.20 16.99
CA PRO E 46 -23.79 30.37 17.44
C PRO E 46 -23.86 31.07 18.80
N GLY E 47 -24.87 31.90 18.97
CA GLY E 47 -25.07 32.61 20.21
C GLY E 47 -25.66 31.73 21.29
N ILE E 48 -25.66 32.26 22.51
CA ILE E 48 -26.14 31.54 23.68
C ILE E 48 -27.35 32.29 24.23
N THR E 49 -28.44 31.55 24.44
CA THR E 49 -29.62 32.07 25.11
C THR E 49 -29.91 31.21 26.34
N LYS E 50 -30.30 31.86 27.43
CA LYS E 50 -30.49 31.14 28.69
C LYS E 50 -31.64 30.17 28.58
N ARG E 51 -31.41 28.95 29.09
CA ARG E 51 -32.43 27.90 29.08
C ARG E 51 -33.14 27.81 30.42
N TYR E 52 -32.40 27.55 31.50
CA TYR E 52 -32.97 27.54 32.84
C TYR E 52 -31.84 27.70 33.84
N ASP E 53 -32.20 28.09 35.06
CA ASP E 53 -31.24 28.51 36.06
C ASP E 53 -30.65 27.31 36.80
N MET E 54 -29.40 27.48 37.23
CA MET E 54 -28.70 26.54 38.09
C MET E 54 -28.25 27.26 39.34
N ASN E 55 -27.58 26.52 40.23
CA ASN E 55 -26.95 27.09 41.42
C ASN E 55 -25.46 26.80 41.31
N GLY E 56 -24.67 27.87 41.16
CA GLY E 56 -23.23 27.75 41.01
C GLY E 56 -22.83 27.57 39.55
N VAL E 57 -21.52 27.68 39.33
CA VAL E 57 -20.98 27.59 37.99
C VAL E 57 -20.93 26.13 37.54
N SER E 58 -20.75 25.93 36.24
CA SER E 58 -20.68 24.59 35.68
C SER E 58 -19.38 23.91 36.08
N ARG E 59 -19.47 22.61 36.37
CA ARG E 59 -18.30 21.82 36.75
C ARG E 59 -18.12 20.54 35.95
N GLY E 60 -19.10 20.14 35.15
CA GLY E 60 -18.94 18.96 34.32
C GLY E 60 -20.23 18.64 33.60
N VAL E 61 -20.12 17.79 32.58
CA VAL E 61 -21.27 17.34 31.82
C VAL E 61 -20.92 16.03 31.15
N GLU E 62 -21.90 15.14 31.03
CA GLU E 62 -21.76 13.93 30.24
C GLU E 62 -23.14 13.43 29.86
N TYR E 63 -23.21 12.73 28.73
CA TYR E 63 -24.46 12.18 28.22
C TYR E 63 -24.65 10.80 28.82
N ASN E 64 -25.58 10.69 29.77
CA ASN E 64 -25.87 9.41 30.41
C ASN E 64 -26.63 8.54 29.43
N THR E 65 -25.91 7.62 28.77
CA THR E 65 -26.53 6.76 27.78
C THR E 65 -27.58 5.85 28.41
N ALA E 66 -27.31 5.37 29.62
CA ALA E 66 -28.25 4.46 30.27
C ALA E 66 -29.59 5.12 30.52
N GLN E 67 -29.58 6.36 31.00
CA GLN E 67 -30.81 7.09 31.26
C GLN E 67 -31.29 7.93 30.07
N ASN E 68 -30.49 8.00 29.01
CA ASN E 68 -30.82 8.79 27.82
C ASN E 68 -31.11 10.25 28.19
N ALA E 69 -30.28 10.80 29.07
CA ALA E 69 -30.42 12.19 29.51
C ALA E 69 -29.03 12.75 29.79
N VAL E 70 -28.96 14.07 29.85
CA VAL E 70 -27.71 14.78 30.06
C VAL E 70 -27.57 15.09 31.54
N TYR E 71 -26.51 14.56 32.16
CA TYR E 71 -26.20 14.84 33.55
C TYR E 71 -25.09 15.88 33.61
N ARG E 72 -25.31 16.94 34.39
CA ARG E 72 -24.32 17.98 34.56
C ARG E 72 -24.28 18.41 36.02
N VAL E 73 -23.09 18.74 36.50
CA VAL E 73 -22.89 19.19 37.86
C VAL E 73 -22.61 20.68 37.83
N CYS E 74 -23.55 21.48 38.32
CA CYS E 74 -23.42 22.93 38.39
C CYS E 74 -23.34 23.34 39.84
N GLY E 75 -22.25 24.01 40.21
CA GLY E 75 -22.07 24.42 41.59
C GLY E 75 -22.04 23.23 42.53
N GLY E 76 -22.85 23.29 43.57
CA GLY E 76 -22.88 22.23 44.56
C GLY E 76 -24.02 21.25 44.36
N LYS E 77 -24.57 21.20 43.15
CA LYS E 77 -25.74 20.37 42.88
C LYS E 77 -25.53 19.57 41.60
N LEU E 78 -26.10 18.37 41.56
CA LEU E 78 -26.07 17.53 40.38
C LEU E 78 -27.43 17.54 39.71
N TYR E 79 -27.45 17.80 38.41
CA TYR E 79 -28.69 17.97 37.66
C TYR E 79 -28.82 16.89 36.59
N LYS E 80 -30.02 16.35 36.45
CA LYS E 80 -30.36 15.45 35.35
C LYS E 80 -31.28 16.24 34.43
N GLY E 81 -30.69 16.89 33.43
CA GLY E 81 -31.47 17.77 32.59
C GLY E 81 -32.04 18.91 33.40
N GLU E 82 -33.35 19.10 33.31
CA GLU E 82 -34.02 20.16 34.07
C GLU E 82 -33.98 19.87 35.57
N SER E 83 -34.20 18.62 35.95
CA SER E 83 -34.43 18.28 37.35
C SER E 83 -33.12 18.24 38.14
N GLU E 84 -33.26 18.17 39.46
CA GLU E 84 -32.15 18.05 40.39
C GLU E 84 -32.24 16.69 41.07
N VAL E 85 -31.16 15.91 41.01
CA VAL E 85 -31.19 14.54 41.49
C VAL E 85 -30.17 14.25 42.58
N GLY E 86 -29.24 15.14 42.88
CA GLY E 86 -28.26 14.80 43.91
C GLY E 86 -27.51 16.03 44.38
N ASP E 87 -26.63 15.81 45.34
CA ASP E 87 -25.81 16.85 45.94
C ASP E 87 -24.35 16.50 45.75
N VAL E 88 -23.56 17.48 45.33
CA VAL E 88 -22.14 17.30 45.06
C VAL E 88 -21.36 18.35 45.84
N ALA E 89 -20.32 17.92 46.54
CA ALA E 89 -19.47 18.83 47.28
C ALA E 89 -18.37 19.39 46.38
N GLY E 90 -17.43 20.10 46.99
CA GLY E 90 -16.29 20.64 46.26
C GLY E 90 -16.64 21.88 45.46
N SER E 91 -15.61 22.41 44.80
CA SER E 91 -15.77 23.60 43.97
C SER E 91 -15.13 23.49 42.59
N GLY E 92 -14.13 22.62 42.40
CA GLY E 92 -13.48 22.50 41.12
C GLY E 92 -14.24 21.62 40.16
N ARG E 93 -13.63 21.42 38.98
CA ARG E 93 -14.22 20.56 37.98
C ARG E 93 -14.24 19.11 38.47
N VAL E 94 -15.24 18.36 38.01
CA VAL E 94 -15.42 16.96 38.40
C VAL E 94 -15.46 16.12 37.14
N SER E 95 -14.84 14.95 37.21
CA SER E 95 -14.88 13.97 36.13
C SER E 95 -15.97 12.95 36.43
N MET E 96 -16.83 12.69 35.45
CA MET E 96 -17.98 11.83 35.64
C MET E 96 -17.95 10.66 34.68
N ALA E 97 -18.43 9.51 35.16
CA ALA E 97 -18.66 8.33 34.35
C ALA E 97 -20.02 7.76 34.74
N HIS E 98 -20.66 7.07 33.81
CA HIS E 98 -22.01 6.57 34.03
C HIS E 98 -22.09 5.08 33.71
N GLY E 99 -22.99 4.39 34.40
CA GLY E 99 -23.21 2.98 34.18
C GLY E 99 -24.68 2.64 34.32
N ARG E 100 -24.98 1.36 34.08
CA ARG E 100 -26.36 0.91 34.17
C ARG E 100 -26.91 1.08 35.58
N THR E 101 -26.11 0.73 36.59
CA THR E 101 -26.60 0.78 37.96
C THR E 101 -26.67 2.21 38.49
N SER E 102 -25.66 3.03 38.22
CA SER E 102 -25.57 4.32 38.88
C SER E 102 -24.77 5.30 38.04
N GLN E 103 -24.91 6.58 38.37
CA GLN E 103 -24.14 7.65 37.78
C GLN E 103 -23.06 8.09 38.78
N ALA E 104 -21.82 8.12 38.33
CA ALA E 104 -20.68 8.33 39.21
C ALA E 104 -20.06 9.69 38.97
N VAL E 105 -19.66 10.36 40.05
CA VAL E 105 -18.97 11.65 39.99
C VAL E 105 -17.71 11.55 40.84
N GLY E 106 -16.58 11.94 40.27
CA GLY E 106 -15.33 11.91 41.00
C GLY E 106 -14.97 13.27 41.58
N VAL E 107 -15.23 13.46 42.87
CA VAL E 107 -15.03 14.75 43.53
C VAL E 107 -14.31 14.53 44.86
N ASN E 108 -13.40 15.45 45.18
CA ASN E 108 -12.69 15.47 46.46
C ASN E 108 -11.97 14.15 46.71
N GLY E 109 -11.40 13.57 45.67
CA GLY E 109 -10.69 12.32 45.82
C GLY E 109 -11.56 11.13 46.16
N GLN E 110 -12.85 11.22 45.89
CA GLN E 110 -13.78 10.14 46.15
C GLN E 110 -14.63 9.88 44.91
N LEU E 111 -14.88 8.60 44.62
CA LEU E 111 -15.74 8.23 43.50
C LEU E 111 -17.14 8.06 44.08
N VAL E 112 -17.99 9.06 43.87
CA VAL E 112 -19.34 9.08 44.43
C VAL E 112 -20.30 8.59 43.38
N GLU E 113 -21.08 7.56 43.71
CA GLU E 113 -22.05 6.98 42.79
C GLU E 113 -23.46 7.42 43.20
N TYR E 114 -24.15 8.07 42.29
CA TYR E 114 -25.53 8.52 42.51
C TYR E 114 -26.45 7.51 41.84
N ARG E 115 -26.87 6.51 42.61
CA ARG E 115 -27.70 5.45 42.07
C ARG E 115 -29.05 5.98 41.62
N TYR E 116 -29.59 5.38 40.56
CA TYR E 116 -30.85 5.84 40.00
C TYR E 116 -32.03 5.58 40.93
N ASP E 117 -31.87 4.68 41.90
CA ASP E 117 -32.93 4.45 42.87
C ASP E 117 -33.04 5.57 43.90
N GLY E 118 -32.04 6.44 44.00
CA GLY E 118 -32.04 7.56 44.92
C GLY E 118 -30.91 7.55 45.92
N THR E 119 -30.45 6.37 46.33
CA THR E 119 -29.40 6.28 47.33
C THR E 119 -28.05 6.68 46.75
N VAL E 120 -27.14 7.10 47.63
CA VAL E 120 -25.81 7.54 47.25
C VAL E 120 -24.78 6.64 47.94
N LYS E 121 -23.85 6.12 47.17
CA LYS E 121 -22.81 5.22 47.68
C LYS E 121 -21.44 5.77 47.32
N THR E 122 -20.52 5.71 48.28
CA THR E 122 -19.15 6.16 48.09
C THR E 122 -18.22 4.96 48.08
N VAL E 123 -17.25 4.98 47.15
CA VAL E 123 -16.35 3.85 46.99
C VAL E 123 -15.44 3.74 48.20
N SER E 124 -15.31 2.52 48.73
CA SER E 124 -14.45 2.25 49.87
C SER E 124 -14.04 0.79 49.83
N ASN E 125 -13.04 0.45 50.63
CA ASN E 125 -12.54 -0.92 50.68
C ASN E 125 -13.62 -1.86 51.19
N TRP E 126 -13.48 -3.13 50.82
CA TRP E 126 -14.39 -4.15 51.33
C TRP E 126 -14.26 -4.25 52.85
N PRO E 127 -15.34 -4.58 53.54
CA PRO E 127 -15.25 -4.74 55.00
C PRO E 127 -14.25 -5.84 55.36
N ALA E 128 -13.56 -5.63 56.49
CA ALA E 128 -12.51 -6.56 56.89
C ALA E 128 -13.07 -7.96 57.13
N ASP E 129 -14.23 -8.07 57.75
CA ASP E 129 -14.82 -9.36 58.02
C ASP E 129 -15.27 -10.09 56.75
N SER E 130 -15.35 -9.38 55.62
CA SER E 130 -15.76 -10.03 54.39
C SER E 130 -14.70 -11.00 53.87
N GLY E 131 -13.45 -10.76 54.22
CA GLY E 131 -12.37 -11.63 53.79
C GLY E 131 -11.76 -11.31 52.45
N PHE E 132 -12.27 -10.31 51.75
CA PHE E 132 -11.72 -9.95 50.44
C PHE E 132 -10.47 -9.11 50.60
N THR E 133 -9.75 -8.95 49.50
CA THR E 133 -8.48 -8.23 49.50
C THR E 133 -8.69 -6.75 49.83
N GLN E 134 -7.80 -6.20 50.63
CA GLN E 134 -7.83 -4.79 50.99
C GLN E 134 -6.76 -4.04 50.21
N TYR E 135 -7.11 -2.83 49.75
CA TYR E 135 -6.21 -2.02 48.96
C TYR E 135 -6.07 -0.64 49.58
N GLU E 136 -4.99 0.05 49.23
CA GLU E 136 -4.75 1.43 49.64
C GLU E 136 -5.26 2.34 48.52
N LEU E 137 -6.53 2.71 48.60
CA LEU E 137 -7.14 3.48 47.53
C LEU E 137 -6.55 4.88 47.43
N GLY E 138 -6.27 5.50 48.57
CA GLY E 138 -5.75 6.87 48.54
C GLY E 138 -6.82 7.84 48.08
N SER E 139 -6.48 8.68 47.11
CA SER E 139 -7.39 9.69 46.58
C SER E 139 -7.67 9.42 45.12
N VAL E 140 -8.88 9.75 44.69
CA VAL E 140 -9.33 9.52 43.32
C VAL E 140 -9.08 10.78 42.50
N ARG E 141 -8.46 10.61 41.33
CA ARG E 141 -8.17 11.74 40.44
C ARG E 141 -9.13 11.79 39.26
N ASP E 142 -9.21 10.72 38.49
CA ASP E 142 -10.09 10.65 37.33
C ASP E 142 -10.76 9.28 37.28
N ILE E 143 -11.97 9.25 36.73
CA ILE E 143 -12.77 8.03 36.72
C ILE E 143 -13.26 7.77 35.30
N THR E 144 -13.59 6.50 35.04
CA THR E 144 -14.16 6.09 33.77
C THR E 144 -14.88 4.77 33.97
N ARG E 145 -15.72 4.42 33.01
CA ARG E 145 -16.54 3.20 33.09
C ARG E 145 -16.30 2.35 31.85
N LEU E 146 -16.18 1.04 32.06
CA LEU E 146 -16.01 0.10 30.97
C LEU E 146 -16.42 -1.29 31.43
N ARG E 147 -17.27 -1.95 30.65
CA ARG E 147 -17.69 -3.33 30.93
C ARG E 147 -18.31 -3.45 32.31
N GLY E 148 -19.10 -2.46 32.71
CA GLY E 148 -19.75 -2.51 34.00
C GLY E 148 -18.85 -2.32 35.20
N ARG E 149 -17.65 -1.78 34.99
CA ARG E 149 -16.71 -1.53 36.07
C ARG E 149 -16.26 -0.09 36.02
N TYR E 150 -16.29 0.58 37.18
CA TYR E 150 -15.76 1.93 37.28
C TYR E 150 -14.25 1.84 37.50
N ALA E 151 -13.49 2.47 36.61
CA ALA E 151 -12.03 2.48 36.69
C ALA E 151 -11.59 3.88 37.08
N TRP E 152 -10.84 3.98 38.17
CA TRP E 152 -10.36 5.26 38.67
C TRP E 152 -8.89 5.16 39.03
N SER E 153 -8.22 6.31 39.02
CA SER E 153 -6.77 6.39 39.20
C SER E 153 -6.45 6.97 40.57
N LYS E 154 -5.52 6.33 41.27
CA LYS E 154 -5.03 6.86 42.53
C LYS E 154 -4.27 8.16 42.28
N ASP E 155 -4.50 9.14 43.15
CA ASP E 155 -3.89 10.45 42.97
C ASP E 155 -2.42 10.42 43.38
N GLY E 156 -1.56 10.95 42.52
CA GLY E 156 -0.14 11.02 42.80
C GLY E 156 0.62 9.72 42.58
N THR E 157 -0.03 8.68 42.09
CA THR E 157 0.61 7.39 41.85
C THR E 157 0.07 6.79 40.57
N ASP E 158 0.87 5.93 39.94
CA ASP E 158 0.51 5.31 38.69
C ASP E 158 -0.36 4.06 38.85
N SER E 159 -1.03 3.91 40.00
CA SER E 159 -1.88 2.75 40.22
C SER E 159 -3.35 3.13 40.04
N TRP E 160 -4.10 2.24 39.42
CA TRP E 160 -5.53 2.44 39.20
C TRP E 160 -6.28 1.16 39.52
N PHE E 161 -7.55 1.31 39.88
CA PHE E 161 -8.36 0.20 40.35
C PHE E 161 -9.63 0.09 39.51
N ILE E 162 -10.33 -1.03 39.66
CA ILE E 162 -11.59 -1.28 38.99
C ILE E 162 -12.57 -1.90 39.98
N THR E 163 -13.83 -1.46 39.92
CA THR E 163 -14.84 -1.92 40.85
C THR E 163 -15.30 -3.33 40.52
N ASP E 164 -15.83 -4.01 41.52
CA ASP E 164 -16.35 -5.36 41.34
C ASP E 164 -17.66 -5.33 40.55
N LEU E 165 -17.91 -6.40 39.81
CA LEU E 165 -19.13 -6.48 39.00
C LEU E 165 -20.38 -6.53 39.88
N GLU E 166 -20.39 -7.39 40.90
CA GLU E 166 -21.58 -7.56 41.71
C GLU E 166 -21.89 -6.31 42.53
N ASP E 167 -20.87 -5.77 43.23
CA ASP E 167 -21.03 -4.57 44.03
C ASP E 167 -20.09 -3.51 43.50
N GLU E 168 -20.64 -2.53 42.79
CA GLU E 168 -19.80 -1.50 42.18
C GLU E 168 -19.32 -0.49 43.22
N SER E 169 -19.91 -0.51 44.43
CA SER E 169 -19.45 0.40 45.47
C SER E 169 -18.02 0.07 45.91
N HIS E 170 -17.71 -1.20 46.06
CA HIS E 170 -16.39 -1.61 46.48
C HIS E 170 -15.55 -2.04 45.28
N PRO E 171 -14.22 -1.98 45.38
CA PRO E 171 -13.38 -2.41 44.26
C PRO E 171 -13.47 -3.92 44.03
N ASP E 172 -12.73 -4.43 43.05
CA ASP E 172 -12.80 -5.84 42.72
C ASP E 172 -12.29 -6.67 43.88
N ARG E 173 -12.84 -7.88 44.01
CA ARG E 173 -12.58 -8.71 45.18
C ARG E 173 -11.12 -9.14 45.27
N TYR E 174 -10.52 -9.50 44.14
CA TYR E 174 -9.20 -10.11 44.15
C TYR E 174 -8.16 -9.41 43.29
N SER E 175 -8.56 -8.77 42.21
CA SER E 175 -7.63 -8.20 41.23
C SER E 175 -8.01 -6.77 40.88
N ALA E 176 -8.25 -5.95 41.90
CA ALA E 176 -8.67 -4.58 41.64
C ALA E 176 -7.51 -3.71 41.16
N GLN E 177 -6.34 -3.85 41.79
CA GLN E 177 -5.24 -2.92 41.57
C GLN E 177 -4.48 -3.24 40.29
N TYR E 178 -4.12 -2.19 39.54
CA TYR E 178 -3.24 -2.31 38.39
C TYR E 178 -2.34 -1.09 38.34
N ARG E 179 -1.24 -1.22 37.60
CA ARG E 179 -0.22 -0.19 37.55
C ARG E 179 0.22 0.06 36.12
N ALA E 180 0.42 1.34 35.78
CA ALA E 180 0.99 1.74 34.50
C ALA E 180 2.48 2.01 34.74
N GLU E 181 3.24 0.93 34.84
CA GLU E 181 4.62 0.98 35.31
C GLU E 181 5.63 0.92 34.17
N SER E 182 5.21 1.15 32.93
CA SER E 182 6.18 1.18 31.83
C SER E 182 7.20 2.29 32.02
N GLN E 183 6.75 3.45 32.50
CA GLN E 183 7.64 4.54 32.87
C GLN E 183 7.22 5.09 34.23
N PRO E 184 8.16 5.64 34.99
CA PRO E 184 7.79 6.17 36.32
C PRO E 184 7.00 7.46 36.21
N ASP E 185 5.79 7.38 35.63
CA ASP E 185 4.95 8.54 35.44
C ASP E 185 3.65 8.37 36.22
N GLY E 186 3.23 9.44 36.87
CA GLY E 186 1.95 9.43 37.56
C GLY E 186 0.80 9.50 36.55
N ILE E 187 -0.24 8.72 36.82
CA ILE E 187 -1.41 8.69 35.94
C ILE E 187 -2.18 9.98 36.19
N ILE E 188 -2.00 10.96 35.31
CA ILE E 188 -2.69 12.24 35.48
C ILE E 188 -4.18 12.08 35.19
N GLY E 189 -4.52 11.34 34.14
CA GLY E 189 -5.91 11.13 33.80
C GLY E 189 -6.11 9.74 33.22
N ILE E 190 -7.36 9.29 33.28
CA ILE E 190 -7.73 7.98 32.78
C ILE E 190 -8.93 8.13 31.85
N GLY E 191 -8.95 7.32 30.80
CA GLY E 191 -10.00 7.40 29.81
C GLY E 191 -10.26 6.04 29.18
N THR E 192 -11.33 5.99 28.39
CA THR E 192 -11.77 4.77 27.72
C THR E 192 -11.75 4.97 26.22
N TRP E 193 -11.16 4.01 25.51
CA TRP E 193 -11.11 4.03 24.05
C TRP E 193 -11.36 2.63 23.54
N ARG E 194 -12.44 2.45 22.78
CA ARG E 194 -12.87 1.14 22.29
C ARG E 194 -13.02 0.22 23.51
N ASP E 195 -12.35 -0.92 23.57
CA ASP E 195 -12.39 -1.77 24.75
C ASP E 195 -11.19 -1.58 25.65
N PHE E 196 -10.33 -0.60 25.35
CA PHE E 196 -9.10 -0.39 26.10
C PHE E 196 -9.31 0.66 27.18
N ILE E 197 -8.80 0.39 28.37
CA ILE E 197 -8.71 1.41 29.42
C ILE E 197 -7.41 2.16 29.22
N VAL E 198 -7.51 3.45 28.93
CA VAL E 198 -6.37 4.28 28.58
C VAL E 198 -5.92 5.04 29.82
N CYS E 199 -4.66 4.86 30.21
CA CYS E 199 -4.08 5.52 31.38
C CYS E 199 -3.16 6.63 30.89
N PHE E 200 -3.70 7.84 30.81
CA PHE E 200 -2.88 8.98 30.39
C PHE E 200 -1.95 9.38 31.53
N GLY E 201 -0.66 9.13 31.34
CA GLY E 201 0.34 9.42 32.34
C GLY E 201 0.92 10.82 32.19
N SER E 202 2.02 11.04 32.92
CA SER E 202 2.74 12.30 32.83
C SER E 202 3.86 12.26 31.79
N SER E 203 4.25 11.08 31.34
CA SER E 203 5.23 10.94 30.27
C SER E 203 4.76 10.05 29.14
N THR E 204 4.00 8.99 29.44
CA THR E 204 3.57 8.02 28.45
C THR E 204 2.08 7.75 28.60
N ILE E 205 1.49 7.26 27.51
CA ILE E 205 0.09 6.86 27.46
C ILE E 205 0.03 5.36 27.19
N GLU E 206 -0.70 4.63 28.01
CA GLU E 206 -0.76 3.18 27.91
C GLU E 206 -2.20 2.71 27.72
N TYR E 207 -2.34 1.54 27.12
CA TYR E 207 -3.63 0.94 26.84
C TYR E 207 -3.73 -0.42 27.53
N PHE E 208 -4.81 -0.63 28.28
CA PHE E 208 -5.06 -1.89 28.98
C PHE E 208 -6.31 -2.54 28.44
N SER E 209 -6.23 -3.83 28.16
CA SER E 209 -7.36 -4.59 27.63
C SER E 209 -7.69 -5.75 28.56
N LEU E 210 -8.92 -6.24 28.44
CA LEU E 210 -9.39 -7.31 29.31
C LEU E 210 -8.69 -8.62 28.97
N THR E 211 -8.15 -9.28 29.99
CA THR E 211 -7.57 -10.60 29.78
C THR E 211 -8.64 -11.68 29.69
N GLY E 212 -9.73 -11.52 30.42
CA GLY E 212 -10.76 -12.54 30.45
C GLY E 212 -10.45 -13.73 31.33
N ALA E 213 -9.39 -13.66 32.13
CA ALA E 213 -9.02 -14.77 33.00
C ALA E 213 -10.10 -15.01 34.05
N THR E 214 -10.43 -16.27 34.27
CA THR E 214 -11.46 -16.63 35.23
C THR E 214 -10.90 -16.99 36.60
N THR E 215 -9.60 -17.23 36.71
CA THR E 215 -9.00 -17.60 37.99
C THR E 215 -9.02 -16.43 38.95
N ALA E 216 -9.38 -16.70 40.20
CA ALA E 216 -9.38 -15.66 41.23
C ALA E 216 -7.96 -15.21 41.51
N GLY E 217 -7.77 -13.89 41.59
CA GLY E 217 -6.46 -13.32 41.82
C GLY E 217 -5.64 -13.07 40.56
N ALA E 218 -6.11 -13.52 39.41
CA ALA E 218 -5.41 -13.26 38.16
C ALA E 218 -5.73 -11.86 37.65
N ALA E 219 -4.76 -11.27 36.95
CA ALA E 219 -4.92 -9.91 36.45
C ALA E 219 -5.94 -9.88 35.33
N LEU E 220 -6.99 -9.07 35.50
CA LEU E 220 -8.00 -8.95 34.47
C LEU E 220 -7.54 -8.06 33.31
N TYR E 221 -6.53 -7.22 33.55
CA TYR E 221 -6.03 -6.29 32.55
C TYR E 221 -4.53 -6.45 32.39
N VAL E 222 -4.07 -6.45 31.14
CA VAL E 222 -2.64 -6.38 30.82
C VAL E 222 -2.42 -5.25 29.82
N ALA E 223 -1.33 -4.53 30.00
CA ALA E 223 -1.02 -3.41 29.11
C ALA E 223 -0.72 -3.91 27.70
N GLN E 224 -1.14 -3.12 26.72
CA GLN E 224 -0.81 -3.35 25.32
C GLN E 224 0.33 -2.44 24.93
N PRO E 225 1.58 -2.87 25.02
CA PRO E 225 2.70 -1.96 24.70
C PRO E 225 2.72 -1.51 23.26
N SER E 226 2.04 -2.23 22.36
CA SER E 226 2.04 -1.84 20.95
C SER E 226 1.38 -0.49 20.76
N LEU E 227 0.30 -0.21 21.48
CA LEU E 227 -0.43 1.03 21.35
C LEU E 227 0.11 2.13 22.25
N MET E 228 1.20 1.88 22.97
CA MET E 228 1.75 2.88 23.86
C MET E 228 2.20 4.12 23.08
N VAL E 229 1.92 5.29 23.65
CA VAL E 229 2.29 6.58 23.06
C VAL E 229 3.28 7.24 24.00
N GLN E 230 4.35 7.80 23.44
CA GLN E 230 5.42 8.37 24.24
C GLN E 230 5.14 9.81 24.67
N LYS E 231 3.99 10.37 24.32
CA LYS E 231 3.59 11.67 24.82
C LYS E 231 2.69 11.49 26.03
N SER E 232 2.13 12.60 26.53
CA SER E 232 1.29 12.56 27.71
C SER E 232 0.49 13.85 27.82
N ILE E 233 -0.46 13.84 28.73
CA ILE E 233 -1.38 14.96 28.91
C ILE E 233 -0.80 15.93 29.93
N ALA E 234 -1.04 17.23 29.71
CA ALA E 234 -0.54 18.25 30.62
C ALA E 234 -1.35 18.30 31.92
N GLY E 235 -2.67 18.22 31.82
CA GLY E 235 -3.53 18.33 32.98
C GLY E 235 -4.55 17.20 33.03
N THR E 236 -5.24 17.11 34.16
CA THR E 236 -6.19 16.02 34.37
C THR E 236 -7.32 16.07 33.34
N TYR E 237 -7.82 17.26 33.04
CA TYR E 237 -8.90 17.44 32.09
C TYR E 237 -8.41 17.98 30.75
N CYS E 238 -7.13 17.78 30.43
CA CYS E 238 -6.56 18.18 29.15
C CYS E 238 -6.70 17.10 28.09
N LYS E 239 -7.71 16.25 28.21
CA LYS E 239 -7.97 15.17 27.28
C LYS E 239 -9.45 15.13 26.94
N THR E 240 -9.76 14.54 25.78
CA THR E 240 -11.15 14.37 25.36
C THR E 240 -11.18 13.48 24.14
N PRO E 241 -12.22 12.65 23.98
CA PRO E 241 -12.36 11.89 22.73
C PRO E 241 -12.56 12.83 21.56
N PHE E 242 -11.98 12.46 20.41
CA PHE E 242 -12.03 13.32 19.24
C PHE E 242 -11.67 12.50 18.01
N ALA E 243 -12.58 12.48 17.03
CA ALA E 243 -12.34 11.81 15.75
C ALA E 243 -11.93 10.35 15.94
N ASP E 244 -12.73 9.63 16.73
CA ASP E 244 -12.48 8.22 17.02
C ASP E 244 -11.09 8.02 17.64
N SER E 245 -10.67 8.98 18.45
CA SER E 245 -9.37 8.96 19.11
C SER E 245 -9.40 9.98 20.23
N TYR E 246 -8.24 10.22 20.82
CA TYR E 246 -8.11 11.15 21.93
C TYR E 246 -7.21 12.31 21.52
N ALA E 247 -7.65 13.53 21.80
CA ALA E 247 -6.83 14.72 21.63
C ALA E 247 -6.40 15.22 23.00
N PHE E 248 -5.17 15.73 23.08
CA PHE E 248 -4.62 16.10 24.37
C PHE E 248 -3.57 17.19 24.20
N ILE E 249 -3.21 17.81 25.31
CA ILE E 249 -2.15 18.81 25.36
C ILE E 249 -0.92 18.16 25.96
N SER E 250 0.21 18.26 25.26
CA SER E 250 1.42 17.58 25.69
C SER E 250 1.90 18.11 27.04
N HIS E 251 2.34 17.20 27.90
CA HIS E 251 2.89 17.58 29.18
C HIS E 251 4.25 18.24 29.00
N PRO E 252 4.64 19.15 29.89
CA PRO E 252 5.97 19.77 29.78
C PRO E 252 7.11 18.76 29.91
N ALA E 253 6.86 17.58 30.47
CA ALA E 253 7.92 16.60 30.63
C ALA E 253 8.48 16.16 29.28
N THR E 254 7.63 16.06 28.27
CA THR E 254 8.06 15.63 26.94
C THR E 254 8.56 16.77 26.08
N GLY E 255 8.58 18.00 26.59
CA GLY E 255 9.02 19.16 25.84
C GLY E 255 7.99 20.26 25.92
N ALA E 256 8.08 21.18 24.97
CA ALA E 256 7.12 22.27 24.93
C ALA E 256 5.72 21.72 24.69
N PRO E 257 4.71 22.17 25.45
CA PRO E 257 3.36 21.63 25.27
C PRO E 257 2.81 21.95 23.89
N SER E 258 2.01 21.02 23.37
CA SER E 258 1.36 21.20 22.08
C SER E 258 0.14 20.29 22.02
N VAL E 259 -0.77 20.60 21.11
CA VAL E 259 -1.98 19.81 20.95
C VAL E 259 -1.70 18.65 20.00
N TYR E 260 -2.04 17.44 20.44
CA TYR E 260 -1.77 16.23 19.67
C TYR E 260 -3.05 15.42 19.53
N ILE E 261 -3.07 14.56 18.52
CA ILE E 261 -4.14 13.58 18.32
C ILE E 261 -3.50 12.20 18.28
N ILE E 262 -3.99 11.30 19.14
CA ILE E 262 -3.42 9.97 19.23
C ILE E 262 -3.88 9.16 18.03
N GLY E 263 -2.92 8.63 17.27
CA GLY E 263 -3.26 7.74 16.18
C GLY E 263 -2.36 6.52 16.09
N SER E 264 -2.94 5.34 16.30
CA SER E 264 -2.26 4.07 16.09
C SER E 264 -0.91 4.02 16.83
N GLY E 265 -0.92 4.41 18.10
CA GLY E 265 0.31 4.43 18.87
C GLY E 265 1.26 5.53 18.52
N GLN E 266 0.79 6.60 17.88
CA GLN E 266 1.63 7.74 17.52
C GLN E 266 0.82 9.02 17.69
N ALA E 267 1.50 10.08 18.11
CA ALA E 267 0.87 11.37 18.34
C ALA E 267 1.23 12.31 17.20
N SER E 268 0.22 12.84 16.51
CA SER E 268 0.42 13.76 15.41
C SER E 268 -0.02 15.15 15.82
N PRO E 269 0.88 16.13 15.83
CA PRO E 269 0.49 17.47 16.27
C PRO E 269 -0.53 18.10 15.33
N ILE E 270 -1.41 18.91 15.90
CA ILE E 270 -2.42 19.64 15.13
C ILE E 270 -2.39 21.09 15.55
N ALA E 271 -1.33 21.50 16.23
CA ALA E 271 -1.21 22.86 16.75
C ALA E 271 -0.25 23.66 15.89
N THR E 272 -0.71 24.79 15.39
CA THR E 272 0.15 25.70 14.65
C THR E 272 1.18 26.32 15.59
N ALA E 273 2.27 26.82 15.02
CA ALA E 273 3.32 27.44 15.83
C ALA E 273 2.76 28.56 16.69
N SER E 274 1.82 29.35 16.15
CA SER E 274 1.19 30.40 16.95
C SER E 274 0.39 29.81 18.10
N ILE E 275 -0.33 28.71 17.85
CA ILE E 275 -1.07 28.05 18.92
C ILE E 275 -0.12 27.53 19.98
N GLU E 276 1.01 26.97 19.57
CA GLU E 276 1.99 26.48 20.54
C GLU E 276 2.56 27.62 21.37
N LYS E 277 2.81 28.77 20.74
CA LYS E 277 3.28 29.94 21.49
C LYS E 277 2.23 30.39 22.49
N ILE E 278 0.97 30.41 22.08
CA ILE E 278 -0.11 30.81 22.99
C ILE E 278 -0.18 29.86 24.17
N ILE E 279 -0.08 28.56 23.91
CA ILE E 279 -0.12 27.57 25.00
C ILE E 279 1.07 27.75 25.92
N ARG E 280 2.26 27.95 25.35
CA ARG E 280 3.46 28.12 26.14
C ARG E 280 3.42 29.37 26.98
N SER E 281 2.65 30.38 26.57
CA SER E 281 2.55 31.61 27.33
C SER E 281 2.05 31.37 28.75
N TYR E 282 1.24 30.33 28.95
CA TYR E 282 0.73 30.01 30.27
C TYR E 282 1.77 29.24 31.08
N THR E 283 1.65 29.33 32.41
CA THR E 283 2.50 28.56 33.29
C THR E 283 2.03 27.11 33.36
N ALA E 284 2.80 26.29 34.06
CA ALA E 284 2.45 24.87 34.18
C ALA E 284 1.16 24.68 34.94
N GLU E 285 1.00 25.37 36.07
CA GLU E 285 -0.22 25.22 36.87
C GLU E 285 -1.44 25.75 36.12
N GLU E 286 -1.31 26.90 35.46
CA GLU E 286 -2.43 27.45 34.71
C GLU E 286 -2.85 26.50 33.60
N MET E 287 -1.89 25.90 32.91
CA MET E 287 -2.21 24.90 31.89
C MET E 287 -2.90 23.69 32.52
N ALA E 288 -2.42 23.25 33.69
CA ALA E 288 -3.05 22.12 34.36
C ALA E 288 -4.49 22.41 34.71
N THR E 289 -4.80 23.66 35.05
CA THR E 289 -6.19 24.03 35.34
C THR E 289 -7.05 24.06 34.09
N GLY E 290 -6.47 23.96 32.90
CA GLY E 290 -7.25 24.02 31.69
C GLY E 290 -8.09 22.77 31.48
N VAL E 291 -9.21 22.94 30.78
CA VAL E 291 -10.11 21.85 30.44
C VAL E 291 -10.43 21.96 28.95
N MET E 292 -10.49 20.81 28.28
CA MET E 292 -10.78 20.79 26.85
C MET E 292 -11.83 19.72 26.55
N GLU E 293 -12.62 19.98 25.51
CA GLU E 293 -13.74 19.12 25.17
C GLU E 293 -13.97 19.20 23.67
N THR E 294 -14.98 18.46 23.20
CA THR E 294 -15.33 18.41 21.80
C THR E 294 -16.80 18.77 21.61
N LEU E 295 -17.10 19.44 20.50
CA LEU E 295 -18.46 19.79 20.12
C LEU E 295 -18.62 19.57 18.62
N ARG E 296 -19.78 19.06 18.23
CA ARG E 296 -20.06 18.76 16.83
C ARG E 296 -21.46 19.24 16.48
N PHE E 297 -21.54 20.25 15.60
CA PHE E 297 -22.81 20.67 15.02
C PHE E 297 -22.58 20.96 13.55
N ASP E 298 -23.64 20.77 12.76
CA ASP E 298 -23.55 20.87 11.30
C ASP E 298 -22.41 19.99 10.79
N SER E 299 -21.61 20.51 9.86
CA SER E 299 -20.48 19.76 9.33
C SER E 299 -19.22 19.94 10.15
N HIS E 300 -19.26 20.74 11.22
CA HIS E 300 -18.06 21.05 11.98
C HIS E 300 -17.83 20.03 13.09
N GLU E 301 -16.58 19.60 13.21
CA GLU E 301 -16.13 18.78 14.34
C GLU E 301 -15.12 19.63 15.11
N LEU E 302 -15.61 20.32 16.14
CA LEU E 302 -14.84 21.34 16.84
C LEU E 302 -14.16 20.74 18.06
N LEU E 303 -12.92 21.16 18.31
CA LEU E 303 -12.18 20.79 19.50
C LEU E 303 -11.92 22.07 20.29
N ILE E 304 -12.55 22.20 21.45
CA ILE E 304 -12.53 23.44 22.23
C ILE E 304 -11.60 23.25 23.41
N ILE E 305 -10.67 24.18 23.58
CA ILE E 305 -9.72 24.19 24.70
C ILE E 305 -10.00 25.41 25.56
N HIS E 306 -10.33 25.19 26.83
CA HIS E 306 -10.68 26.28 27.74
C HIS E 306 -9.47 26.61 28.60
N LEU E 307 -8.52 27.32 28.01
CA LEU E 307 -7.37 27.82 28.75
C LEU E 307 -7.80 28.97 29.65
N PRO E 308 -7.00 29.27 30.68
CA PRO E 308 -7.44 30.28 31.66
C PRO E 308 -7.77 31.64 31.07
N ARG E 309 -7.07 32.08 30.03
CA ARG E 309 -7.35 33.38 29.43
C ARG E 309 -7.78 33.31 27.98
N HIS E 310 -7.55 32.20 27.29
CA HIS E 310 -7.95 32.04 25.90
C HIS E 310 -8.82 30.80 25.76
N VAL E 311 -9.69 30.83 24.75
CA VAL E 311 -10.47 29.66 24.35
C VAL E 311 -10.18 29.39 22.89
N LEU E 312 -9.56 28.26 22.60
CA LEU E 312 -9.12 27.91 21.26
C LEU E 312 -10.02 26.81 20.70
N VAL E 313 -10.49 27.00 19.48
CA VAL E 313 -11.37 26.06 18.80
C VAL E 313 -10.66 25.55 17.56
N TYR E 314 -10.52 24.23 17.47
CA TYR E 314 -9.90 23.57 16.32
C TYR E 314 -10.99 22.93 15.49
N ASP E 315 -11.14 23.38 14.24
CA ASP E 315 -12.16 22.88 13.33
C ASP E 315 -11.54 21.85 12.41
N ALA E 316 -11.81 20.57 12.66
CA ALA E 316 -11.24 19.52 11.83
C ALA E 316 -11.87 19.50 10.44
N SER E 317 -13.11 19.98 10.31
CA SER E 317 -13.77 19.96 9.01
C SER E 317 -13.08 20.89 8.03
N SER E 318 -12.72 22.10 8.47
CA SER E 318 -12.16 23.12 7.60
C SER E 318 -10.64 23.20 7.72
N SER E 319 -9.96 22.07 7.91
CA SER E 319 -8.52 22.04 8.07
C SER E 319 -7.81 21.40 6.88
N GLN E 320 -8.34 21.57 5.67
CA GLN E 320 -7.69 21.01 4.50
C GLN E 320 -6.37 21.71 4.21
N ASN E 321 -6.38 23.05 4.20
CA ASN E 321 -5.15 23.80 3.95
C ASN E 321 -4.15 23.62 5.08
N GLY E 322 -4.63 23.62 6.32
CA GLY E 322 -3.78 23.48 7.47
C GLY E 322 -4.62 23.50 8.75
N PRO E 323 -3.96 23.39 9.89
CA PRO E 323 -4.69 23.43 11.17
C PRO E 323 -5.41 24.77 11.32
N GLN E 324 -6.74 24.71 11.31
CA GLN E 324 -7.57 25.90 11.40
C GLN E 324 -8.00 26.11 12.84
N TRP E 325 -7.49 27.15 13.47
CA TRP E 325 -7.76 27.45 14.87
C TRP E 325 -8.50 28.78 14.97
N CYS E 326 -9.50 28.82 15.84
CA CYS E 326 -10.30 30.02 16.07
C CYS E 326 -10.35 30.30 17.56
N VAL E 327 -10.48 31.58 17.91
CA VAL E 327 -10.52 32.00 19.30
C VAL E 327 -11.93 32.46 19.63
N LEU E 328 -12.47 31.95 20.74
CA LEU E 328 -13.79 32.33 21.22
C LEU E 328 -13.63 33.24 22.43
N LYS E 329 -14.38 34.34 22.45
CA LYS E 329 -14.30 35.29 23.54
C LYS E 329 -15.67 35.91 23.77
N THR E 330 -15.88 36.40 24.99
CA THR E 330 -17.14 37.00 25.40
C THR E 330 -16.91 38.46 25.74
N GLY E 331 -17.74 39.34 25.19
CA GLY E 331 -17.64 40.75 25.46
C GLY E 331 -16.73 41.48 24.48
N LEU E 332 -16.75 42.81 24.59
CA LEU E 332 -15.96 43.64 23.69
C LEU E 332 -14.47 43.44 23.90
N TYR E 333 -14.05 43.29 25.16
CA TYR E 333 -12.64 43.14 25.50
C TYR E 333 -12.22 41.67 25.36
N ASP E 334 -11.10 41.32 25.98
CA ASP E 334 -10.50 40.00 25.83
C ASP E 334 -10.96 39.00 26.88
N ASP E 335 -12.16 39.17 27.41
CA ASP E 335 -12.66 38.25 28.43
C ASP E 335 -12.84 36.86 27.85
N VAL E 336 -12.68 35.85 28.71
CA VAL E 336 -12.78 34.46 28.30
C VAL E 336 -14.21 34.14 27.89
N TYR E 337 -14.35 33.25 26.90
CA TYR E 337 -15.67 32.82 26.47
C TYR E 337 -16.41 32.18 27.63
N ARG E 338 -17.65 32.61 27.85
CA ARG E 338 -18.41 32.15 29.01
C ARG E 338 -18.95 30.74 28.83
N GLY E 339 -19.21 30.33 27.60
CA GLY E 339 -19.75 29.00 27.37
C GLY E 339 -18.73 27.93 27.69
N VAL E 340 -19.22 26.82 28.27
CA VAL E 340 -18.37 25.71 28.65
C VAL E 340 -19.25 24.49 28.84
N ASP E 341 -18.67 23.30 28.72
CA ASP E 341 -19.38 22.03 28.93
C ASP E 341 -20.51 21.87 27.92
N PHE E 342 -20.17 21.96 26.65
CA PHE E 342 -21.15 21.79 25.59
C PHE E 342 -21.58 20.32 25.49
N MET E 343 -22.87 20.10 25.26
CA MET E 343 -23.39 18.76 25.09
C MET E 343 -24.68 18.84 24.29
N TYR E 344 -24.81 17.96 23.29
CA TYR E 344 -25.99 17.92 22.44
C TYR E 344 -27.07 17.12 23.16
N GLU E 345 -28.25 17.73 23.32
CA GLU E 345 -29.34 17.12 24.08
C GLU E 345 -30.65 17.35 23.34
N GLY E 346 -31.01 16.40 22.48
CA GLY E 346 -32.32 16.40 21.86
C GLY E 346 -32.72 17.68 21.17
N ASN E 347 -32.08 17.98 20.03
CA ASN E 347 -32.34 19.13 19.17
C ASN E 347 -31.73 20.42 19.71
N GLN E 348 -31.10 20.40 20.88
CA GLN E 348 -30.49 21.59 21.45
C GLN E 348 -29.09 21.27 21.92
N ILE E 349 -28.22 22.27 21.89
CA ILE E 349 -26.87 22.16 22.42
C ILE E 349 -26.79 23.06 23.64
N THR E 350 -26.74 22.46 24.82
CA THR E 350 -26.75 23.20 26.08
C THR E 350 -25.33 23.32 26.62
N CYS E 351 -24.98 24.53 27.06
CA CYS E 351 -23.65 24.80 27.56
C CYS E 351 -23.74 25.49 28.92
N GLY E 352 -22.88 25.06 29.85
CA GLY E 352 -22.78 25.72 31.12
C GLY E 352 -22.08 27.06 31.01
N ASP E 353 -22.06 27.79 32.11
CA ASP E 353 -21.47 29.12 32.16
C ASP E 353 -20.33 29.14 33.15
N LYS E 354 -19.21 29.77 32.76
CA LYS E 354 -18.04 29.81 33.62
C LYS E 354 -18.23 30.78 34.79
N SER E 355 -18.92 31.89 34.55
CA SER E 355 -19.06 32.94 35.56
C SER E 355 -20.40 32.89 36.27
N GLU E 356 -21.49 32.97 35.52
CA GLU E 356 -22.82 33.02 36.12
C GLU E 356 -23.32 31.60 36.41
N ALA E 357 -24.36 31.54 37.24
CA ALA E 357 -24.94 30.26 37.65
C ALA E 357 -26.16 29.92 36.78
N VAL E 358 -25.93 29.86 35.47
CA VAL E 358 -26.97 29.53 34.51
C VAL E 358 -26.42 28.54 33.49
N VAL E 359 -27.34 27.90 32.79
CA VAL E 359 -27.02 27.04 31.65
C VAL E 359 -27.86 27.50 30.47
N GLY E 360 -27.22 27.62 29.31
CA GLY E 360 -27.88 28.14 28.13
C GLY E 360 -27.74 27.21 26.95
N GLN E 361 -28.66 27.34 26.00
CA GLN E 361 -28.66 26.52 24.79
C GLN E 361 -28.12 27.35 23.63
N LEU E 362 -27.44 26.68 22.71
CA LEU E 362 -26.91 27.36 21.53
C LEU E 362 -28.03 27.59 20.54
N GLN E 363 -28.24 28.85 20.17
CA GLN E 363 -29.24 29.24 19.19
C GLN E 363 -28.54 29.77 17.96
N PHE E 364 -28.79 29.14 16.81
CA PHE E 364 -28.12 29.52 15.58
C PHE E 364 -28.74 30.77 14.96
N ASP E 365 -29.95 31.14 15.36
CA ASP E 365 -30.61 32.30 14.79
C ASP E 365 -29.86 33.58 15.11
N ILE E 366 -29.33 33.68 16.33
CA ILE E 366 -28.67 34.89 16.80
C ILE E 366 -27.25 34.56 17.22
N SER E 367 -26.42 35.59 17.34
CA SER E 367 -25.03 35.44 17.78
C SER E 367 -24.78 36.06 19.14
N SER E 368 -25.80 36.66 19.76
CA SER E 368 -25.62 37.26 21.07
C SER E 368 -25.51 36.18 22.14
N GLN E 369 -24.76 36.48 23.19
CA GLN E 369 -24.59 35.57 24.33
C GLN E 369 -25.37 36.14 25.50
N TYR E 370 -26.46 35.48 25.88
CA TYR E 370 -27.33 35.93 26.96
C TYR E 370 -27.80 37.35 26.71
N ASP E 371 -28.18 37.64 25.47
CA ASP E 371 -28.68 38.95 25.06
C ASP E 371 -27.63 40.04 25.30
N LYS E 372 -26.43 39.82 24.78
CA LYS E 372 -25.34 40.77 24.89
C LYS E 372 -24.63 40.86 23.55
N GLN E 373 -24.09 42.04 23.24
CA GLN E 373 -23.33 42.22 22.02
C GLN E 373 -22.06 41.39 22.05
N GLN E 374 -21.59 41.00 20.87
CA GLN E 374 -20.37 40.21 20.75
C GLN E 374 -19.50 40.78 19.64
N GLU E 375 -18.20 40.51 19.75
CA GLU E 375 -17.22 40.97 18.78
C GLU E 375 -16.84 39.84 17.85
N HIS E 376 -16.80 40.13 16.56
CA HIS E 376 -16.37 39.17 15.54
C HIS E 376 -15.24 39.80 14.74
N LEU E 377 -14.11 39.11 14.67
CA LEU E 377 -12.90 39.64 14.06
C LEU E 377 -12.43 38.72 12.94
N LEU E 378 -12.00 39.33 11.83
CA LEU E 378 -11.40 38.60 10.72
C LEU E 378 -10.16 39.36 10.28
N PHE E 379 -9.04 38.65 10.18
CA PHE E 379 -7.77 39.25 9.83
C PHE E 379 -7.28 38.67 8.50
N THR E 380 -6.88 39.53 7.60
CA THR E 380 -6.32 39.08 6.33
C THR E 380 -4.79 39.03 6.43
N PRO E 381 -4.15 38.11 5.71
CA PRO E 381 -2.69 38.02 5.78
C PRO E 381 -2.02 39.26 5.21
N LEU E 382 -0.86 39.59 5.77
CA LEU E 382 -0.05 40.66 5.22
C LEU E 382 0.50 40.25 3.86
N PHE E 383 0.33 41.12 2.87
CA PHE E 383 0.87 40.87 1.54
C PHE E 383 1.63 42.11 1.07
N LYS E 384 2.77 41.87 0.45
CA LYS E 384 3.67 42.95 0.03
C LYS E 384 3.25 43.45 -1.34
N ALA E 385 2.72 44.66 -1.39
CA ALA E 385 2.37 45.33 -2.66
C ALA E 385 3.01 46.71 -2.62
N ASP E 386 4.09 46.87 -3.38
CA ASP E 386 4.87 48.11 -3.37
C ASP E 386 4.29 49.09 -4.38
N ASN E 387 3.98 50.30 -3.92
CA ASN E 387 3.50 51.38 -4.78
C ASN E 387 2.24 50.98 -5.54
N ALA E 388 1.37 50.23 -4.87
CA ALA E 388 0.13 49.76 -5.47
C ALA E 388 -1.04 50.41 -4.76
N ARG E 389 -2.01 50.89 -5.54
CA ARG E 389 -3.20 51.51 -5.00
C ARG E 389 -4.38 50.55 -5.08
N CYS E 390 -5.06 50.34 -3.96
CA CYS E 390 -6.19 49.44 -3.88
C CYS E 390 -7.45 50.25 -3.58
N PHE E 391 -8.51 49.99 -4.36
CA PHE E 391 -9.70 50.81 -4.32
C PHE E 391 -10.93 50.06 -3.82
N ASP E 392 -11.31 48.97 -4.48
CA ASP E 392 -12.55 48.28 -4.18
C ASP E 392 -12.28 47.13 -3.21
N LEU E 393 -12.76 47.28 -1.98
CA LEU E 393 -12.66 46.25 -0.97
C LEU E 393 -14.07 45.76 -0.66
N GLU E 394 -14.44 44.61 -1.22
CA GLU E 394 -15.80 44.10 -1.12
C GLU E 394 -15.79 42.74 -0.46
N VAL E 395 -16.70 42.52 0.48
CA VAL E 395 -16.92 41.22 1.10
C VAL E 395 -18.40 40.89 0.98
N GLU E 396 -18.71 39.66 0.56
CA GLU E 396 -20.09 39.25 0.40
C GLU E 396 -20.65 38.81 1.75
N SER E 397 -21.82 39.33 2.09
CA SER E 397 -22.43 39.07 3.39
C SER E 397 -23.89 38.68 3.22
N SER E 398 -24.30 37.64 3.95
CA SER E 398 -25.71 37.27 4.00
C SER E 398 -26.42 38.13 5.04
N THR E 399 -27.55 38.72 4.66
CA THR E 399 -28.24 39.66 5.50
C THR E 399 -29.73 39.32 5.55
N GLY E 400 -30.47 40.11 6.33
CA GLY E 400 -31.91 39.97 6.42
C GLY E 400 -32.40 39.18 7.61
N VAL E 401 -31.52 38.81 8.53
CA VAL E 401 -31.92 38.03 9.70
C VAL E 401 -31.63 38.81 10.99
N ALA E 402 -31.19 40.05 10.88
CA ALA E 402 -30.83 40.87 12.02
C ALA E 402 -32.04 41.67 12.49
N GLN E 403 -32.19 41.79 13.81
CA GLN E 403 -33.23 42.63 14.38
C GLN E 403 -32.86 44.11 14.38
N TYR E 404 -31.59 44.44 14.16
CA TYR E 404 -31.15 45.82 14.05
C TYR E 404 -30.02 45.88 13.03
N ALA E 405 -29.96 46.96 12.28
CA ALA E 405 -28.89 47.15 11.30
C ALA E 405 -27.54 47.08 11.99
N ASP E 406 -26.62 46.32 11.39
CA ASP E 406 -25.31 46.06 11.96
C ASP E 406 -24.27 46.98 11.31
N ARG E 407 -23.16 47.16 12.01
CA ARG E 407 -22.09 48.04 11.56
C ARG E 407 -20.78 47.27 11.54
N LEU E 408 -20.06 47.37 10.43
CA LEU E 408 -18.77 46.71 10.26
C LEU E 408 -17.67 47.75 10.25
N PHE E 409 -16.68 47.58 11.12
CA PHE E 409 -15.54 48.47 11.19
C PHE E 409 -14.40 47.87 10.38
N LEU E 410 -13.95 48.61 9.37
CA LEU E 410 -12.88 48.18 8.49
C LEU E 410 -11.65 49.05 8.75
N SER E 411 -10.53 48.42 9.09
CA SER E 411 -9.29 49.13 9.34
C SER E 411 -8.14 48.35 8.71
N ALA E 412 -7.07 49.08 8.37
CA ALA E 412 -5.93 48.49 7.71
C ALA E 412 -4.66 48.83 8.48
N THR E 413 -3.71 47.89 8.48
CA THR E 413 -2.43 48.08 9.14
C THR E 413 -1.32 48.10 8.10
N THR E 414 -0.28 48.88 8.38
CA THR E 414 0.88 48.96 7.49
C THR E 414 2.09 48.25 8.06
N ASP E 415 2.37 48.43 9.35
CA ASP E 415 3.50 47.74 9.97
C ASP E 415 3.13 46.33 10.42
N GLY E 416 1.84 46.01 10.44
CA GLY E 416 1.39 44.70 10.85
C GLY E 416 1.05 44.59 12.33
N ILE E 417 1.32 45.62 13.12
CA ILE E 417 1.04 45.62 14.54
C ILE E 417 0.03 46.71 14.91
N ASN E 418 0.20 47.90 14.34
CA ASN E 418 -0.65 49.04 14.64
C ASN E 418 -1.64 49.27 13.50
N TYR E 419 -2.91 49.42 13.84
CA TYR E 419 -3.95 49.63 12.84
C TYR E 419 -4.33 51.11 12.78
N GLY E 420 -4.76 51.52 11.59
CA GLY E 420 -5.13 52.90 11.34
C GLY E 420 -6.56 53.19 11.73
N ARG E 421 -7.13 54.21 11.10
CA ARG E 421 -8.50 54.60 11.37
C ARG E 421 -9.47 53.53 10.91
N GLU E 422 -10.59 53.42 11.61
CA GLU E 422 -11.63 52.43 11.33
C GLU E 422 -12.80 53.13 10.65
N GLN E 423 -13.30 52.53 9.58
CA GLN E 423 -14.40 53.09 8.80
C GLN E 423 -15.67 52.31 9.10
N MET E 424 -16.73 53.04 9.43
CA MET E 424 -18.00 52.43 9.78
C MET E 424 -18.79 52.09 8.52
N ILE E 425 -19.18 50.83 8.38
CA ILE E 425 -19.89 50.34 7.20
C ILE E 425 -21.11 49.55 7.65
N GLU E 426 -22.24 49.84 7.01
CA GLU E 426 -23.49 49.13 7.29
C GLU E 426 -23.46 47.78 6.57
N GLN E 427 -23.10 46.72 7.30
CA GLN E 427 -22.92 45.42 6.64
C GLN E 427 -24.19 44.61 6.68
N ASN E 428 -25.09 44.86 7.63
CA ASN E 428 -26.33 44.12 7.73
C ASN E 428 -27.49 45.09 7.93
N GLU E 429 -28.67 44.68 7.48
CA GLU E 429 -29.88 45.48 7.57
C GLU E 429 -31.07 44.54 7.70
N PRO E 430 -32.01 44.82 8.60
CA PRO E 430 -33.16 43.94 8.76
C PRO E 430 -33.99 43.84 7.49
N PHE E 431 -34.39 42.60 7.17
CA PHE E 431 -35.30 42.32 6.05
C PHE E 431 -34.75 42.83 4.71
N VAL E 432 -33.44 42.85 4.58
CA VAL E 432 -32.78 43.20 3.32
C VAL E 432 -31.78 42.11 2.99
N TYR E 433 -31.89 41.53 1.79
CA TYR E 433 -31.07 40.38 1.42
C TYR E 433 -30.11 40.65 0.28
N ASP E 434 -30.17 41.82 -0.37
CA ASP E 434 -29.32 42.12 -1.50
C ASP E 434 -28.35 43.26 -1.21
N LYS E 435 -28.11 43.56 0.07
CA LYS E 435 -27.16 44.61 0.42
C LYS E 435 -25.73 44.17 0.09
N ARG E 436 -24.93 45.11 -0.41
CA ARG E 436 -23.55 44.87 -0.75
C ARG E 436 -22.64 45.59 0.23
N VAL E 437 -21.71 44.87 0.81
CA VAL E 437 -20.72 45.42 1.74
C VAL E 437 -19.48 45.73 0.93
N LEU E 438 -19.22 47.02 0.70
CA LEU E 438 -18.13 47.45 -0.17
C LEU E 438 -17.62 48.80 0.27
N TRP E 439 -16.30 48.98 0.21
CA TRP E 439 -15.66 50.25 0.53
C TRP E 439 -14.71 50.61 -0.61
N LYS E 440 -14.89 51.81 -1.16
CA LYS E 440 -14.04 52.31 -2.24
C LYS E 440 -12.96 53.22 -1.68
N ARG E 441 -11.89 53.38 -2.46
CA ARG E 441 -10.76 54.25 -2.11
C ARG E 441 -10.16 53.84 -0.77
N VAL E 442 -9.63 52.61 -0.73
CA VAL E 442 -8.98 52.13 0.48
C VAL E 442 -7.73 52.94 0.77
N GLY E 443 -6.93 53.21 -0.25
CA GLY E 443 -5.73 54.00 -0.10
C GLY E 443 -4.61 53.44 -0.94
N ARG E 444 -3.39 53.88 -0.63
CA ARG E 444 -2.19 53.47 -1.35
C ARG E 444 -1.29 52.67 -0.43
N ILE E 445 -0.84 51.52 -0.90
CA ILE E 445 0.00 50.63 -0.10
C ILE E 445 1.45 50.99 -0.33
N ARG E 446 2.14 51.43 0.72
CA ARG E 446 3.53 51.83 0.57
C ARG E 446 4.44 50.61 0.45
N ARG E 447 4.50 49.78 1.50
CA ARG E 447 5.30 48.57 1.47
C ARG E 447 4.45 47.32 1.59
N LEU E 448 3.62 47.22 2.63
CA LEU E 448 2.77 46.05 2.82
C LEU E 448 1.61 46.45 3.71
N ILE E 449 0.47 45.81 3.48
CA ILE E 449 -0.77 46.18 4.16
C ILE E 449 -1.47 44.93 4.63
N GLY E 450 -2.32 45.09 5.65
CA GLY E 450 -3.16 44.01 6.14
C GLY E 450 -4.47 44.57 6.65
N PHE E 451 -5.56 43.82 6.51
CA PHE E 451 -6.89 44.30 6.82
C PHE E 451 -7.49 43.54 7.99
N LYS E 452 -8.24 44.24 8.82
CA LYS E 452 -8.94 43.65 9.96
C LYS E 452 -10.39 44.09 9.93
N LEU E 453 -11.31 43.14 10.04
CA LEU E 453 -12.74 43.40 10.01
C LEU E 453 -13.32 43.18 11.40
N ARG E 454 -13.99 44.20 11.92
CA ARG E 454 -14.59 44.15 13.24
C ARG E 454 -16.09 44.36 13.13
N VAL E 455 -16.87 43.45 13.71
CA VAL E 455 -18.31 43.50 13.68
C VAL E 455 -18.84 43.37 15.09
N ILE E 456 -19.72 44.29 15.49
CA ILE E 456 -20.40 44.26 16.78
C ILE E 456 -21.87 44.07 16.50
N THR E 457 -22.45 42.98 17.02
CA THR E 457 -23.79 42.61 16.62
C THR E 457 -24.39 41.65 17.63
N LYS E 458 -25.70 41.49 17.55
CA LYS E 458 -26.44 40.42 18.21
C LYS E 458 -26.95 39.39 17.21
N SER E 459 -26.58 39.51 15.95
CA SER E 459 -27.07 38.70 14.85
C SER E 459 -25.91 38.01 14.15
N PRO E 460 -26.17 36.88 13.48
CA PRO E 460 -25.05 36.12 12.89
C PRO E 460 -24.36 36.92 11.79
N VAL E 461 -23.05 36.67 11.65
CA VAL E 461 -22.22 37.31 10.64
C VAL E 461 -21.74 36.24 9.68
N THR E 462 -21.92 36.48 8.39
CA THR E 462 -21.53 35.53 7.35
C THR E 462 -20.76 36.27 6.27
N LEU E 463 -19.43 36.18 6.32
CA LEU E 463 -18.57 36.82 5.34
C LEU E 463 -17.86 35.74 4.54
N SER E 464 -18.01 35.78 3.21
CA SER E 464 -17.57 34.69 2.34
C SER E 464 -16.24 34.97 1.67
N GLY E 465 -16.17 36.04 0.87
CA GLY E 465 -14.97 36.27 0.09
C GLY E 465 -14.54 37.71 0.04
N CYS E 466 -13.30 37.97 0.44
CA CYS E 466 -12.74 39.32 0.45
C CYS E 466 -11.88 39.51 -0.79
N GLN E 467 -12.38 40.32 -1.73
CA GLN E 467 -11.66 40.63 -2.96
C GLN E 467 -11.29 42.10 -2.95
N ILE E 468 -10.14 42.42 -3.53
CA ILE E 468 -9.62 43.79 -3.56
C ILE E 468 -9.10 44.08 -4.96
N ARG E 469 -9.33 45.29 -5.44
CA ARG E 469 -8.92 45.69 -6.78
C ARG E 469 -7.60 46.44 -6.67
N LEU E 470 -6.51 45.76 -7.02
CA LEU E 470 -5.18 46.35 -7.05
C LEU E 470 -4.98 47.04 -8.39
N GLU E 471 -4.52 48.29 -8.36
CA GLU E 471 -4.30 49.03 -9.58
C GLU E 471 -3.26 50.13 -9.40
N PRO F 1 13.95 42.27 -14.06
CA PRO F 1 13.87 40.93 -13.45
C PRO F 1 14.21 40.95 -11.97
N ILE F 2 13.28 40.51 -11.13
CA ILE F 2 13.48 40.42 -9.69
C ILE F 2 13.58 38.94 -9.34
N GLN F 3 14.74 38.54 -8.82
CA GLN F 3 15.01 37.16 -8.49
C GLN F 3 15.15 37.02 -6.98
N GLN F 4 14.37 36.11 -6.40
CA GLN F 4 14.47 35.84 -4.97
C GLN F 4 15.65 34.93 -4.69
N LEU F 5 16.37 35.23 -3.61
CA LEU F 5 17.52 34.44 -3.22
C LEU F 5 17.23 33.70 -1.92
N PRO F 6 17.24 32.37 -1.92
CA PRO F 6 17.04 31.64 -0.66
C PRO F 6 18.21 31.86 0.28
N MET F 7 17.91 31.80 1.57
CA MET F 7 18.93 31.97 2.60
C MET F 7 19.01 30.79 3.56
N MET F 8 18.16 29.77 3.40
CA MET F 8 18.20 28.62 4.28
C MET F 8 19.52 27.86 4.14
N LYS F 9 20.03 27.76 2.93
CA LYS F 9 21.26 27.03 2.66
C LYS F 9 22.19 27.89 1.82
N GLY F 10 23.47 27.92 2.18
CA GLY F 10 24.43 28.74 1.49
C GLY F 10 25.50 27.94 0.79
N MET F 11 25.71 28.20 -0.50
CA MET F 11 26.69 27.47 -1.28
C MET F 11 28.08 28.07 -1.05
N GLY F 12 29.11 27.28 -1.35
CA GLY F 12 30.46 27.77 -1.21
C GLY F 12 31.47 26.70 -1.54
N LYS F 13 32.75 27.08 -1.43
CA LYS F 13 33.86 26.18 -1.68
C LYS F 13 34.74 26.09 -0.45
N ASP F 14 35.26 24.90 -0.19
CA ASP F 14 36.20 24.70 0.91
C ASP F 14 37.61 25.01 0.42
N PHE F 15 38.27 25.97 1.05
CA PHE F 15 39.57 26.43 0.57
C PHE F 15 40.66 25.38 0.76
N LYS F 16 40.45 24.41 1.65
CA LYS F 16 41.47 23.39 1.87
C LYS F 16 41.38 22.27 0.84
N ASN F 17 40.19 22.03 0.30
CA ASN F 17 39.97 20.91 -0.61
C ASN F 17 39.41 21.31 -1.96
N ALA F 18 39.04 22.58 -2.15
CA ALA F 18 38.35 23.06 -3.35
C ALA F 18 37.06 22.32 -3.63
N ASP F 19 36.42 21.77 -2.60
CA ASP F 19 35.18 21.05 -2.76
C ASP F 19 33.99 21.96 -2.45
N TYR F 20 32.86 21.66 -3.06
CA TYR F 20 31.65 22.47 -2.86
C TYR F 20 30.99 22.06 -1.55
N ILE F 21 31.08 22.91 -0.54
CA ILE F 21 30.45 22.67 0.74
C ILE F 21 29.31 23.65 0.93
N ASP F 22 28.40 23.32 1.84
CA ASP F 22 27.23 24.12 2.11
C ASP F 22 27.50 25.01 3.32
N TYR F 23 27.53 26.32 3.10
CA TYR F 23 27.63 27.25 4.22
C TYR F 23 26.32 27.26 4.99
N LEU F 24 26.41 27.10 6.30
CA LEU F 24 25.21 26.95 7.10
C LEU F 24 24.93 28.22 7.89
N PRO F 25 23.66 28.53 8.14
CA PRO F 25 23.33 29.69 8.97
C PRO F 25 23.91 29.53 10.37
N VAL F 26 24.34 30.65 10.94
CA VAL F 26 24.99 30.67 12.25
C VAL F 26 24.05 31.39 13.22
N ASN F 27 23.68 30.69 14.30
CA ASN F 27 22.77 31.23 15.32
C ASN F 27 21.47 31.69 14.70
N MET F 28 21.01 30.97 13.68
CA MET F 28 19.81 31.35 12.94
C MET F 28 18.96 30.11 12.74
N LEU F 29 17.64 30.29 12.69
CA LEU F 29 16.72 29.17 12.56
C LEU F 29 15.76 29.41 11.40
N ALA F 30 15.51 28.36 10.63
CA ALA F 30 14.58 28.44 9.51
C ALA F 30 13.20 27.97 9.95
N THR F 31 12.18 28.72 9.56
CA THR F 31 10.80 28.41 9.88
C THR F 31 9.98 28.30 8.60
N PRO F 32 9.51 27.12 8.22
CA PRO F 32 8.76 26.98 6.96
C PRO F 32 7.31 27.41 7.12
N LYS F 33 7.11 28.73 7.12
CA LYS F 33 5.81 29.33 7.39
C LYS F 33 5.58 30.45 6.38
N GLU F 34 4.55 30.29 5.55
CA GLU F 34 4.35 31.20 4.42
C GLU F 34 4.10 32.61 4.91
N ILE F 35 4.85 33.56 4.34
CA ILE F 35 4.71 34.97 4.69
C ILE F 35 5.21 35.82 3.54
N LEU F 36 4.46 36.87 3.21
CA LEU F 36 4.80 37.82 2.15
C LEU F 36 5.08 37.03 0.87
N ASN F 37 6.23 37.20 0.23
CA ASN F 37 6.55 36.49 -1.00
C ASN F 37 7.43 35.27 -0.76
N SER F 38 7.69 34.91 0.49
CA SER F 38 8.59 33.82 0.83
C SER F 38 7.81 32.68 1.47
N SER F 39 8.24 31.45 1.19
CA SER F 39 7.61 30.30 1.80
C SER F 39 7.98 30.15 3.26
N GLY F 40 9.08 30.78 3.69
CA GLY F 40 9.51 30.71 5.07
C GLY F 40 10.32 31.93 5.44
N TYR F 41 10.65 32.03 6.72
CA TYR F 41 11.44 33.14 7.24
C TYR F 41 12.49 32.61 8.21
N LEU F 42 13.56 33.38 8.36
CA LEU F 42 14.69 33.01 9.20
C LEU F 42 14.68 33.83 10.48
N ARG F 43 14.74 33.15 11.61
CA ARG F 43 14.70 33.81 12.91
C ARG F 43 15.89 33.40 13.76
N SER F 44 16.42 34.35 14.53
CA SER F 44 17.57 34.09 15.38
C SER F 44 17.22 33.11 16.49
N PHE F 45 18.22 32.35 16.92
CA PHE F 45 18.04 31.45 18.04
C PHE F 45 17.78 32.25 19.31
N PRO F 46 16.90 31.76 20.20
CA PRO F 46 16.61 32.51 21.43
C PRO F 46 17.85 32.72 22.27
N GLY F 47 17.94 33.90 22.87
CA GLY F 47 19.07 34.23 23.72
C GLY F 47 18.98 33.56 25.07
N ILE F 48 20.07 33.67 25.83
CA ILE F 48 20.18 33.07 27.15
C ILE F 48 20.35 34.18 28.18
N THR F 49 19.55 34.14 29.23
CA THR F 49 19.71 35.01 30.39
C THR F 49 19.90 34.16 31.62
N LYS F 50 20.78 34.60 32.51
CA LYS F 50 21.13 33.80 33.67
C LYS F 50 19.93 33.65 34.60
N ARG F 51 19.72 32.42 35.08
CA ARG F 51 18.64 32.13 36.01
C ARG F 51 19.12 32.12 37.45
N TYR F 52 20.08 31.27 37.78
CA TYR F 52 20.70 31.26 39.09
C TYR F 52 22.01 30.49 39.00
N ASP F 53 22.82 30.63 40.04
CA ASP F 53 24.19 30.15 40.01
C ASP F 53 24.27 28.65 40.33
N MET F 54 25.38 28.05 39.90
CA MET F 54 25.72 26.67 40.20
C MET F 54 27.19 26.62 40.58
N ASN F 55 27.65 25.43 40.97
CA ASN F 55 29.06 25.18 41.24
C ASN F 55 29.55 24.16 40.22
N GLY F 56 30.37 24.61 39.29
CA GLY F 56 30.90 23.75 38.24
C GLY F 56 30.05 23.77 36.99
N VAL F 57 30.64 23.24 35.92
CA VAL F 57 29.98 23.23 34.62
C VAL F 57 28.89 22.17 34.59
N SER F 58 28.03 22.26 33.59
CA SER F 58 26.94 21.30 33.44
C SER F 58 27.46 19.94 33.01
N ARG F 59 26.86 18.88 33.57
CA ARG F 59 27.25 17.52 33.24
C ARG F 59 26.09 16.60 32.86
N GLY F 60 24.85 16.99 33.12
CA GLY F 60 23.70 16.19 32.72
C GLY F 60 22.41 16.83 33.16
N VAL F 61 21.32 16.38 32.54
CA VAL F 61 20.00 16.90 32.85
C VAL F 61 18.97 15.86 32.44
N GLU F 62 17.89 15.77 33.21
CA GLU F 62 16.74 14.97 32.81
C GLU F 62 15.53 15.45 33.60
N TYR F 63 14.36 15.22 33.04
CA TYR F 63 13.09 15.60 33.67
C TYR F 63 12.62 14.44 34.52
N ASN F 64 12.73 14.59 35.84
CA ASN F 64 12.30 13.55 36.76
C ASN F 64 10.78 13.52 36.78
N THR F 65 10.20 12.60 36.00
CA THR F 65 8.75 12.53 35.87
C THR F 65 8.09 12.20 37.19
N ALA F 66 8.71 11.32 37.99
CA ALA F 66 8.12 10.94 39.28
C ALA F 66 8.00 12.13 40.21
N GLN F 67 9.04 12.96 40.28
CA GLN F 67 9.02 14.14 41.13
C GLN F 67 8.50 15.38 40.42
N ASN F 68 8.25 15.31 39.11
CA ASN F 68 7.77 16.44 38.32
C ASN F 68 8.70 17.65 38.46
N ALA F 69 10.00 17.39 38.44
CA ALA F 69 11.00 18.45 38.53
C ALA F 69 12.22 18.06 37.70
N VAL F 70 13.03 19.04 37.37
CA VAL F 70 14.21 18.84 36.54
C VAL F 70 15.41 18.65 37.44
N TYR F 71 16.09 17.51 37.27
CA TYR F 71 17.32 17.22 37.98
C TYR F 71 18.50 17.41 37.02
N ARG F 72 19.47 18.21 37.44
CA ARG F 72 20.67 18.41 36.64
C ARG F 72 21.89 18.35 37.55
N VAL F 73 22.99 17.84 37.01
CA VAL F 73 24.25 17.73 37.73
C VAL F 73 25.20 18.79 37.20
N CYS F 74 25.53 19.76 38.04
CA CYS F 74 26.47 20.81 37.68
C CYS F 74 27.70 20.67 38.56
N GLY F 75 28.86 20.52 37.92
CA GLY F 75 30.10 20.35 38.68
C GLY F 75 30.04 19.12 39.56
N GLY F 76 30.41 19.29 40.82
CA GLY F 76 30.42 18.18 41.75
C GLY F 76 29.19 18.09 42.60
N LYS F 77 28.10 18.71 42.17
CA LYS F 77 26.88 18.78 42.96
C LYS F 77 25.67 18.39 42.10
N LEU F 78 24.69 17.77 42.74
CA LEU F 78 23.44 17.40 42.09
C LEU F 78 22.34 18.36 42.53
N TYR F 79 21.61 18.91 41.56
CA TYR F 79 20.62 19.93 41.82
C TYR F 79 19.24 19.45 41.38
N LYS F 80 18.24 19.71 42.22
CA LYS F 80 16.83 19.47 41.89
C LYS F 80 16.22 20.85 41.67
N GLY F 81 16.27 21.33 40.44
CA GLY F 81 15.84 22.69 40.16
C GLY F 81 16.72 23.67 40.89
N GLU F 82 16.10 24.56 41.66
CA GLU F 82 16.87 25.54 42.43
C GLU F 82 17.71 24.89 43.51
N SER F 83 17.14 23.93 44.23
CA SER F 83 17.75 23.40 45.43
C SER F 83 18.86 22.42 45.10
N GLU F 84 19.63 22.05 46.13
CA GLU F 84 20.70 21.07 46.05
C GLU F 84 20.31 19.86 46.89
N VAL F 85 20.39 18.67 46.28
CA VAL F 85 19.90 17.46 46.95
C VAL F 85 20.97 16.39 47.11
N GLY F 86 22.14 16.51 46.50
CA GLY F 86 23.13 15.45 46.65
C GLY F 86 24.49 15.91 46.18
N ASP F 87 25.47 15.03 46.40
CA ASP F 87 26.85 15.27 46.03
C ASP F 87 27.28 14.21 45.02
N VAL F 88 27.92 14.65 43.94
CA VAL F 88 28.34 13.78 42.85
C VAL F 88 29.83 13.95 42.65
N ALA F 89 30.55 12.84 42.56
CA ALA F 89 31.97 12.87 42.29
C ALA F 89 32.23 12.98 40.80
N GLY F 90 33.51 12.87 40.42
CA GLY F 90 33.89 12.89 39.02
C GLY F 90 33.85 14.29 38.43
N SER F 91 34.21 14.36 37.15
CA SER F 91 34.23 15.63 36.44
C SER F 91 33.60 15.58 35.05
N GLY F 92 33.53 14.42 34.41
CA GLY F 92 33.00 14.33 33.07
C GLY F 92 31.48 14.28 33.04
N ARG F 93 30.95 14.14 31.82
CA ARG F 93 29.51 14.00 31.65
C ARG F 93 29.03 12.69 32.27
N VAL F 94 27.80 12.72 32.77
CA VAL F 94 27.19 11.56 33.40
C VAL F 94 25.83 11.31 32.76
N SER F 95 25.41 10.05 32.76
CA SER F 95 24.10 9.66 32.28
C SER F 95 23.22 9.30 33.47
N MET F 96 22.02 9.86 33.52
CA MET F 96 21.13 9.69 34.65
C MET F 96 19.81 9.06 34.21
N ALA F 97 19.28 8.22 35.09
CA ALA F 97 17.94 7.65 34.95
C ALA F 97 17.22 7.81 36.27
N HIS F 98 15.90 7.90 36.22
CA HIS F 98 15.10 8.17 37.40
C HIS F 98 14.02 7.11 37.57
N GLY F 99 13.64 6.87 38.82
CA GLY F 99 12.60 5.92 39.13
C GLY F 99 11.73 6.45 40.25
N ARG F 100 10.70 5.66 40.58
CA ARG F 100 9.79 6.06 41.65
C ARG F 100 10.51 6.15 42.98
N THR F 101 11.39 5.19 43.28
CA THR F 101 12.07 5.17 44.56
C THR F 101 13.22 6.19 44.61
N SER F 102 13.97 6.35 43.54
CA SER F 102 15.21 7.10 43.61
C SER F 102 15.56 7.69 42.25
N GLN F 103 16.48 8.66 42.28
CA GLN F 103 17.08 9.22 41.09
C GLN F 103 18.52 8.75 41.00
N ALA F 104 18.89 8.19 39.85
CA ALA F 104 20.17 7.52 39.69
C ALA F 104 21.08 8.31 38.77
N VAL F 105 22.37 8.35 39.10
CA VAL F 105 23.39 9.00 38.30
C VAL F 105 24.52 8.03 38.07
N GLY F 106 24.90 7.83 36.80
CA GLY F 106 26.01 6.95 36.49
C GLY F 106 27.32 7.68 36.38
N VAL F 107 28.14 7.63 37.44
CA VAL F 107 29.38 8.39 37.50
C VAL F 107 30.50 7.48 38.01
N ASN F 108 31.68 7.65 37.42
CA ASN F 108 32.89 6.93 37.83
C ASN F 108 32.68 5.42 37.78
N GLY F 109 31.96 4.95 36.77
CA GLY F 109 31.74 3.53 36.62
C GLY F 109 30.87 2.91 37.69
N GLN F 110 30.13 3.72 38.44
CA GLN F 110 29.25 3.22 39.48
C GLN F 110 27.87 3.84 39.30
N LEU F 111 26.83 3.02 39.52
CA LEU F 111 25.46 3.50 39.46
C LEU F 111 25.08 3.99 40.86
N VAL F 112 25.04 5.31 41.03
CA VAL F 112 24.74 5.91 42.31
C VAL F 112 23.27 6.32 42.30
N GLU F 113 22.52 5.84 43.29
CA GLU F 113 21.10 6.14 43.41
C GLU F 113 20.90 7.15 44.54
N TYR F 114 20.32 8.30 44.20
CA TYR F 114 20.04 9.35 45.18
C TYR F 114 18.56 9.23 45.55
N ARG F 115 18.28 8.46 46.59
CA ARG F 115 16.90 8.24 47.00
C ARG F 115 16.28 9.54 47.50
N TYR F 116 14.97 9.67 47.25
CA TYR F 116 14.27 10.91 47.60
C TYR F 116 14.19 11.13 49.10
N ASP F 117 14.35 10.08 49.91
CA ASP F 117 14.35 10.24 51.36
C ASP F 117 15.63 10.89 51.87
N GLY F 118 16.64 11.05 51.03
CA GLY F 118 17.89 11.67 51.40
C GLY F 118 19.08 10.72 51.43
N THR F 119 18.84 9.43 51.59
CA THR F 119 19.93 8.46 51.61
C THR F 119 20.49 8.24 50.23
N VAL F 120 21.75 7.79 50.19
CA VAL F 120 22.46 7.51 48.95
C VAL F 120 22.88 6.05 48.96
N LYS F 121 22.53 5.33 47.90
CA LYS F 121 22.84 3.92 47.77
C LYS F 121 23.55 3.67 46.44
N THR F 122 24.58 2.84 46.47
CA THR F 122 25.36 2.49 45.29
C THR F 122 25.08 1.05 44.91
N VAL F 123 24.98 0.79 43.60
CA VAL F 123 24.67 -0.54 43.13
C VAL F 123 25.87 -1.46 43.34
N SER F 124 25.62 -2.60 43.98
CA SER F 124 26.66 -3.58 44.23
C SER F 124 26.02 -4.95 44.37
N ASN F 125 26.84 -5.99 44.29
CA ASN F 125 26.35 -7.35 44.34
C ASN F 125 25.61 -7.62 45.64
N TRP F 126 24.78 -8.66 45.62
CA TRP F 126 24.09 -9.09 46.81
C TRP F 126 25.09 -9.59 47.86
N PRO F 127 24.77 -9.46 49.14
CA PRO F 127 25.66 -10.01 50.17
C PRO F 127 25.84 -11.51 50.00
N ALA F 128 27.05 -11.98 50.31
CA ALA F 128 27.38 -13.38 50.08
C ALA F 128 26.49 -14.30 50.91
N ASP F 129 26.21 -13.93 52.15
CA ASP F 129 25.38 -14.77 53.01
C ASP F 129 23.94 -14.86 52.53
N SER F 130 23.50 -13.92 51.67
CA SER F 130 22.13 -13.96 51.19
C SER F 130 21.86 -15.19 50.32
N GLY F 131 22.89 -15.73 49.68
CA GLY F 131 22.75 -16.89 48.83
C GLY F 131 22.30 -16.59 47.42
N PHE F 132 22.05 -15.34 47.08
CA PHE F 132 21.65 -14.99 45.72
C PHE F 132 22.85 -15.03 44.78
N THR F 133 22.56 -15.07 43.48
CA THR F 133 23.59 -15.20 42.47
C THR F 133 24.49 -13.97 42.46
N GLN F 134 25.80 -14.20 42.34
CA GLN F 134 26.78 -13.13 42.28
C GLN F 134 27.20 -12.91 40.84
N TYR F 135 27.44 -11.64 40.49
CA TYR F 135 27.84 -11.26 39.15
C TYR F 135 29.10 -10.41 39.22
N GLU F 136 29.84 -10.39 38.11
CA GLU F 136 31.01 -9.53 37.96
C GLU F 136 30.56 -8.23 37.33
N LEU F 137 30.16 -7.28 38.18
CA LEU F 137 29.59 -6.03 37.68
C LEU F 137 30.59 -5.22 36.88
N GLY F 138 31.84 -5.14 37.34
CA GLY F 138 32.83 -4.34 36.64
C GLY F 138 32.53 -2.87 36.78
N SER F 139 32.56 -2.15 35.67
CA SER F 139 32.34 -0.71 35.65
C SER F 139 31.10 -0.37 34.85
N VAL F 140 30.42 0.70 35.25
CA VAL F 140 29.17 1.11 34.61
C VAL F 140 29.48 2.18 33.57
N ARG F 141 28.92 2.03 32.37
CA ARG F 141 29.13 2.99 31.30
C ARG F 141 27.89 3.88 31.10
N ASP F 142 26.74 3.28 30.86
CA ASP F 142 25.50 4.02 30.67
C ASP F 142 24.38 3.31 31.39
N ILE F 143 23.38 4.08 31.82
CA ILE F 143 22.28 3.55 32.61
C ILE F 143 20.95 3.98 32.00
N THR F 144 19.90 3.23 32.35
CA THR F 144 18.54 3.56 31.94
C THR F 144 17.58 2.84 32.87
N ARG F 145 16.31 3.25 32.81
CA ARG F 145 15.29 2.70 33.68
C ARG F 145 14.10 2.22 32.86
N LEU F 146 13.56 1.07 33.23
CA LEU F 146 12.37 0.54 32.57
C LEU F 146 11.69 -0.45 33.49
N ARG F 147 10.37 -0.29 33.65
CA ARG F 147 9.55 -1.20 34.46
C ARG F 147 10.07 -1.31 35.89
N GLY F 148 10.54 -0.19 36.44
CA GLY F 148 11.04 -0.20 37.80
C GLY F 148 12.38 -0.88 37.99
N ARG F 149 13.10 -1.16 36.92
CA ARG F 149 14.41 -1.79 36.98
C ARG F 149 15.45 -0.86 36.37
N TYR F 150 16.53 -0.61 37.10
CA TYR F 150 17.64 0.15 36.56
C TYR F 150 18.50 -0.76 35.69
N ALA F 151 18.63 -0.42 34.42
CA ALA F 151 19.42 -1.20 33.48
C ALA F 151 20.67 -0.43 33.14
N TRP F 152 21.83 -1.06 33.33
CA TRP F 152 23.11 -0.44 33.06
C TRP F 152 24.01 -1.42 32.32
N SER F 153 24.99 -0.87 31.62
CA SER F 153 25.88 -1.65 30.75
C SER F 153 27.27 -1.74 31.37
N LYS F 154 27.83 -2.94 31.38
CA LYS F 154 29.20 -3.12 31.84
C LYS F 154 30.17 -2.45 30.87
N ASP F 155 31.13 -1.72 31.42
CA ASP F 155 32.07 -0.97 30.60
C ASP F 155 33.05 -1.91 29.93
N GLY F 156 33.27 -1.71 28.64
CA GLY F 156 34.22 -2.51 27.88
C GLY F 156 33.75 -3.91 27.54
N THR F 157 32.49 -4.23 27.78
CA THR F 157 31.96 -5.56 27.49
C THR F 157 30.51 -5.42 27.04
N ASP F 158 30.05 -6.40 26.27
CA ASP F 158 28.69 -6.40 25.74
C ASP F 158 27.66 -6.93 26.74
N SER F 159 27.98 -6.96 28.03
CA SER F 159 27.06 -7.46 29.04
C SER F 159 26.38 -6.29 29.76
N TRP F 160 25.08 -6.46 30.03
CA TRP F 160 24.32 -5.46 30.76
C TRP F 160 23.46 -6.15 31.80
N PHE F 161 23.13 -5.43 32.86
CA PHE F 161 22.44 -5.99 34.00
C PHE F 161 21.17 -5.18 34.29
N ILE F 162 20.33 -5.74 35.16
CA ILE F 162 19.10 -5.08 35.60
C ILE F 162 18.94 -5.31 37.10
N THR F 163 18.50 -4.28 37.80
CA THR F 163 18.37 -4.34 39.25
C THR F 163 17.10 -5.09 39.65
N ASP F 164 17.11 -5.60 40.87
CA ASP F 164 15.97 -6.35 41.39
C ASP F 164 14.80 -5.42 41.69
N LEU F 165 13.59 -5.96 41.58
CA LEU F 165 12.39 -5.16 41.83
C LEU F 165 12.28 -4.77 43.30
N GLU F 166 12.42 -5.74 44.21
CA GLU F 166 12.24 -5.44 45.63
C GLU F 166 13.32 -4.49 46.13
N ASP F 167 14.57 -4.71 45.74
CA ASP F 167 15.69 -3.87 46.15
C ASP F 167 16.38 -3.36 44.90
N GLU F 168 16.26 -2.06 44.64
CA GLU F 168 16.88 -1.48 43.46
C GLU F 168 18.39 -1.33 43.61
N SER F 169 18.89 -1.35 44.86
CA SER F 169 20.31 -1.19 45.08
C SER F 169 21.10 -2.36 44.49
N HIS F 170 20.62 -3.56 44.68
CA HIS F 170 21.35 -4.71 44.17
C HIS F 170 20.78 -5.17 42.84
N PRO F 171 21.56 -5.87 42.02
CA PRO F 171 21.03 -6.40 40.76
C PRO F 171 19.96 -7.46 40.98
N ASP F 172 19.41 -8.00 39.90
CA ASP F 172 18.35 -9.00 40.04
C ASP F 172 18.88 -10.25 40.73
N ARG F 173 17.99 -10.93 41.44
CA ARG F 173 18.40 -12.04 42.29
C ARG F 173 18.96 -13.21 41.47
N TYR F 174 18.35 -13.49 40.33
CA TYR F 174 18.69 -14.70 39.58
C TYR F 174 19.03 -14.47 38.12
N SER F 175 18.46 -13.45 37.48
CA SER F 175 18.60 -13.27 36.04
C SER F 175 18.98 -11.83 35.71
N ALA F 176 20.00 -11.31 36.40
CA ALA F 176 20.40 -9.93 36.17
C ALA F 176 21.16 -9.78 34.85
N GLN F 177 22.06 -10.70 34.54
CA GLN F 177 23.01 -10.52 33.45
C GLN F 177 22.39 -10.88 32.11
N TYR F 178 22.64 -10.05 31.10
CA TYR F 178 22.27 -10.33 29.72
C TYR F 178 23.38 -9.83 28.80
N ARG F 179 23.42 -10.38 27.60
CA ARG F 179 24.48 -10.10 26.65
C ARG F 179 23.90 -9.78 25.28
N ALA F 180 24.45 -8.75 24.65
CA ALA F 180 24.09 -8.39 23.27
C ALA F 180 25.15 -8.99 22.34
N GLU F 181 25.03 -10.30 22.11
CA GLU F 181 26.08 -11.07 21.46
C GLU F 181 25.77 -11.42 20.02
N SER F 182 24.92 -10.65 19.34
CA SER F 182 24.74 -10.88 17.91
C SER F 182 26.02 -10.64 17.15
N GLN F 183 26.78 -9.62 17.54
CA GLN F 183 28.10 -9.34 17.02
C GLN F 183 29.06 -9.13 18.18
N PRO F 184 30.36 -9.37 17.99
CA PRO F 184 31.32 -9.11 19.06
C PRO F 184 31.54 -7.63 19.27
N ASP F 185 30.49 -6.92 19.65
CA ASP F 185 30.54 -5.47 19.81
C ASP F 185 30.29 -5.08 21.25
N GLY F 186 31.15 -4.23 21.79
CA GLY F 186 30.95 -3.71 23.13
C GLY F 186 29.78 -2.74 23.15
N ILE F 187 28.99 -2.81 24.22
CA ILE F 187 27.82 -1.97 24.36
C ILE F 187 28.31 -0.57 24.72
N ILE F 188 28.35 0.33 23.74
CA ILE F 188 28.81 1.68 23.99
C ILE F 188 27.80 2.45 24.84
N GLY F 189 26.53 2.34 24.51
CA GLY F 189 25.49 3.04 25.26
C GLY F 189 24.23 2.21 25.33
N ILE F 190 23.40 2.54 26.31
CA ILE F 190 22.14 1.85 26.53
C ILE F 190 21.02 2.88 26.63
N GLY F 191 19.83 2.49 26.20
CA GLY F 191 18.69 3.40 26.22
C GLY F 191 17.39 2.62 26.21
N THR F 192 16.31 3.36 26.41
CA THR F 192 14.96 2.79 26.48
C THR F 192 14.11 3.38 25.37
N TRP F 193 13.43 2.50 24.63
CA TRP F 193 12.53 2.92 23.56
C TRP F 193 11.26 2.11 23.69
N ARG F 194 10.14 2.78 23.95
CA ARG F 194 8.84 2.14 24.18
C ARG F 194 9.03 1.16 25.35
N ASP F 195 8.77 -0.12 25.19
CA ASP F 195 9.03 -1.10 26.24
C ASP F 195 10.30 -1.89 26.01
N PHE F 196 11.12 -1.49 25.04
CA PHE F 196 12.36 -2.20 24.72
C PHE F 196 13.53 -1.58 25.46
N ILE F 197 14.46 -2.42 25.90
CA ILE F 197 15.78 -1.95 26.31
C ILE F 197 16.69 -2.01 25.09
N VAL F 198 17.19 -0.85 24.67
CA VAL F 198 18.00 -0.74 23.46
C VAL F 198 19.47 -0.72 23.88
N CYS F 199 20.25 -1.63 23.32
CA CYS F 199 21.67 -1.75 23.62
C CYS F 199 22.46 -1.27 22.41
N PHE F 200 22.84 0.01 22.42
CA PHE F 200 23.64 0.54 21.33
C PHE F 200 25.07 0.04 21.42
N GLY F 201 25.48 -0.75 20.44
CA GLY F 201 26.80 -1.33 20.40
C GLY F 201 27.78 -0.50 19.58
N SER F 202 28.91 -1.13 19.27
CA SER F 202 29.91 -0.51 18.42
C SER F 202 29.73 -0.84 16.95
N SER F 203 28.95 -1.87 16.65
CA SER F 203 28.63 -2.21 15.26
C SER F 203 27.15 -2.40 15.02
N THR F 204 26.39 -2.86 16.01
CA THR F 204 24.98 -3.15 15.86
C THR F 204 24.19 -2.59 17.02
N ILE F 205 22.89 -2.41 16.78
CA ILE F 205 21.94 -1.96 17.79
C ILE F 205 20.89 -3.05 17.96
N GLU F 206 20.66 -3.46 19.21
CA GLU F 206 19.76 -4.56 19.52
C GLU F 206 18.64 -4.08 20.42
N TYR F 207 17.52 -4.80 20.35
CA TYR F 207 16.33 -4.48 21.14
C TYR F 207 15.97 -5.68 22.00
N PHE F 208 15.69 -5.44 23.28
CA PHE F 208 15.31 -6.48 24.23
C PHE F 208 13.96 -6.16 24.83
N SER F 209 13.10 -7.17 24.95
CA SER F 209 11.77 -7.02 25.50
C SER F 209 11.55 -8.02 26.62
N LEU F 210 10.64 -7.66 27.53
CA LEU F 210 10.37 -8.51 28.68
C LEU F 210 9.68 -9.80 28.24
N THR F 211 10.19 -10.94 28.72
CA THR F 211 9.55 -12.21 28.42
C THR F 211 8.33 -12.45 29.29
N GLY F 212 8.34 -11.95 30.52
CA GLY F 212 7.28 -12.25 31.46
C GLY F 212 7.42 -13.56 32.17
N ALA F 213 8.56 -14.24 32.03
CA ALA F 213 8.77 -15.53 32.68
C ALA F 213 8.78 -15.37 34.19
N THR F 214 8.11 -16.27 34.88
CA THR F 214 8.03 -16.24 36.34
C THR F 214 8.97 -17.24 37.00
N THR F 215 9.53 -18.18 36.26
CA THR F 215 10.42 -19.16 36.85
C THR F 215 11.71 -18.49 37.34
N ALA F 216 12.18 -18.93 38.50
CA ALA F 216 13.42 -18.39 39.05
C ALA F 216 14.59 -18.82 38.18
N GLY F 217 15.44 -17.84 37.83
CA GLY F 217 16.57 -18.11 36.98
C GLY F 217 16.29 -18.05 35.49
N ALA F 218 15.03 -17.89 35.09
CA ALA F 218 14.71 -17.76 33.68
C ALA F 218 15.02 -16.35 33.18
N ALA F 219 15.35 -16.25 31.90
CA ALA F 219 15.72 -14.97 31.33
C ALA F 219 14.50 -14.06 31.23
N LEU F 220 14.60 -12.86 31.77
CA LEU F 220 13.49 -11.91 31.69
C LEU F 220 13.46 -11.16 30.37
N TYR F 221 14.60 -11.05 29.69
CA TYR F 221 14.71 -10.30 28.45
C TYR F 221 15.26 -11.20 27.35
N VAL F 222 14.69 -11.08 26.16
CA VAL F 222 15.19 -11.75 24.97
C VAL F 222 15.35 -10.74 23.85
N ALA F 223 16.39 -10.90 23.05
CA ALA F 223 16.64 -10.00 21.93
C ALA F 223 15.54 -10.12 20.88
N GLN F 224 15.25 -9.01 20.22
CA GLN F 224 14.29 -8.98 19.13
C GLN F 224 15.04 -8.82 17.83
N PRO F 225 15.40 -9.90 17.14
CA PRO F 225 16.22 -9.76 15.92
C PRO F 225 15.52 -9.00 14.81
N SER F 226 14.19 -8.95 14.82
CA SER F 226 13.47 -8.27 13.74
C SER F 226 13.72 -6.78 13.76
N LEU F 227 14.02 -6.22 14.93
CA LEU F 227 14.24 -4.78 15.07
C LEU F 227 15.71 -4.40 15.12
N MET F 228 16.62 -5.34 14.93
CA MET F 228 18.05 -5.04 15.02
C MET F 228 18.45 -4.09 13.89
N VAL F 229 19.30 -3.13 14.23
CA VAL F 229 19.86 -2.17 13.28
C VAL F 229 21.34 -2.45 13.13
N GLN F 230 21.82 -2.51 11.89
CA GLN F 230 23.20 -2.86 11.63
C GLN F 230 24.16 -1.67 11.73
N LYS F 231 23.67 -0.50 12.11
CA LYS F 231 24.54 0.62 12.41
C LYS F 231 24.83 0.66 13.90
N SER F 232 25.50 1.70 14.35
CA SER F 232 25.86 1.82 15.77
C SER F 232 26.22 3.26 16.07
N ILE F 233 26.38 3.55 17.35
CA ILE F 233 26.70 4.89 17.82
C ILE F 233 28.20 5.02 17.98
N ALA F 234 28.70 6.26 17.92
CA ALA F 234 30.13 6.48 17.96
C ALA F 234 30.63 6.67 19.39
N GLY F 235 29.93 7.48 20.18
CA GLY F 235 30.33 7.73 21.55
C GLY F 235 29.23 7.34 22.52
N THR F 236 29.57 7.39 23.81
CA THR F 236 28.63 6.97 24.83
C THR F 236 27.38 7.84 24.83
N TYR F 237 27.56 9.16 24.67
CA TYR F 237 26.45 10.09 24.67
C TYR F 237 26.14 10.64 23.28
N CYS F 238 26.44 9.87 22.24
CA CYS F 238 26.14 10.26 20.86
C CYS F 238 24.74 9.81 20.45
N LYS F 239 23.84 9.64 21.41
CA LYS F 239 22.49 9.16 21.15
C LYS F 239 21.49 10.01 21.94
N THR F 240 20.25 10.04 21.46
CA THR F 240 19.18 10.74 22.16
C THR F 240 17.86 10.37 21.51
N PRO F 241 16.76 10.32 22.26
CA PRO F 241 15.45 10.14 21.64
C PRO F 241 15.13 11.31 20.72
N PHE F 242 14.47 11.01 19.60
CA PHE F 242 14.13 12.04 18.62
C PHE F 242 13.03 11.51 17.72
N ALA F 243 11.92 12.24 17.65
CA ALA F 243 10.82 11.94 16.75
C ALA F 243 10.34 10.49 16.92
N ASP F 244 10.03 10.13 18.16
CA ASP F 244 9.55 8.79 18.50
C ASP F 244 10.55 7.72 18.04
N SER F 245 11.83 8.04 18.17
CA SER F 245 12.90 7.13 17.75
C SER F 245 14.20 7.68 18.34
N TYR F 246 15.31 7.06 17.95
CA TYR F 246 16.63 7.44 18.43
C TYR F 246 17.47 7.97 17.28
N ALA F 247 18.14 9.10 17.50
CA ALA F 247 19.08 9.64 16.55
C ALA F 247 20.49 9.49 17.10
N PHE F 248 21.44 9.16 16.21
CA PHE F 248 22.77 8.82 16.67
C PHE F 248 23.80 9.18 15.59
N ILE F 249 25.05 9.15 15.98
CA ILE F 249 26.18 9.36 15.07
C ILE F 249 26.83 8.00 14.83
N SER F 250 26.97 7.64 13.55
CA SER F 250 27.46 6.31 13.20
C SER F 250 28.88 6.10 13.71
N HIS F 251 29.13 4.88 14.20
CA HIS F 251 30.46 4.53 14.65
C HIS F 251 31.40 4.39 13.45
N PRO F 252 32.70 4.64 13.65
CA PRO F 252 33.65 4.44 12.55
C PRO F 252 33.72 3.02 12.03
N ALA F 253 33.25 2.04 12.82
CA ALA F 253 33.32 0.65 12.38
C ALA F 253 32.51 0.42 11.11
N THR F 254 31.35 1.05 11.01
CA THR F 254 30.47 0.87 9.86
C THR F 254 30.83 1.77 8.69
N GLY F 255 31.86 2.60 8.82
CA GLY F 255 32.28 3.50 7.77
C GLY F 255 32.48 4.89 8.33
N ALA F 256 32.46 5.87 7.43
CA ALA F 256 32.59 7.26 7.86
C ALA F 256 31.41 7.63 8.75
N PRO F 257 31.65 8.27 9.89
CA PRO F 257 30.54 8.59 10.80
C PRO F 257 29.56 9.56 10.15
N SER F 258 28.28 9.36 10.48
CA SER F 258 27.21 10.20 9.95
C SER F 258 26.04 10.15 10.91
N VAL F 259 25.14 11.12 10.75
CA VAL F 259 23.96 11.20 11.62
C VAL F 259 22.84 10.36 11.01
N TYR F 260 22.21 9.53 11.84
CA TYR F 260 21.16 8.62 11.39
C TYR F 260 19.98 8.71 12.34
N ILE F 261 18.81 8.32 11.81
CA ILE F 261 17.60 8.18 12.61
C ILE F 261 17.09 6.75 12.44
N ILE F 262 16.84 6.07 13.56
CA ILE F 262 16.42 4.68 13.53
C ILE F 262 14.94 4.62 13.14
N GLY F 263 14.65 3.91 12.06
CA GLY F 263 13.27 3.71 11.67
C GLY F 263 12.96 2.28 11.26
N SER F 264 12.08 1.62 12.02
CA SER F 264 11.60 0.28 11.70
C SER F 264 12.73 -0.69 11.42
N GLY F 265 13.75 -0.66 12.27
CA GLY F 265 14.88 -1.55 12.11
C GLY F 265 15.83 -1.17 11.00
N GLN F 266 15.83 0.08 10.56
CA GLN F 266 16.73 0.56 9.54
C GLN F 266 17.15 1.98 9.88
N ALA F 267 18.36 2.35 9.47
CA ALA F 267 18.91 3.67 9.75
C ALA F 267 18.86 4.51 8.48
N SER F 268 18.19 5.66 8.55
CA SER F 268 18.08 6.56 7.42
C SER F 268 18.91 7.80 7.70
N PRO F 269 19.91 8.10 6.88
CA PRO F 269 20.77 9.27 7.17
C PRO F 269 19.99 10.56 7.04
N ILE F 270 20.39 11.54 7.86
CA ILE F 270 19.77 12.87 7.83
C ILE F 270 20.88 13.92 7.79
N ALA F 271 22.09 13.49 7.46
CA ALA F 271 23.25 14.37 7.45
C ALA F 271 23.61 14.75 6.03
N THR F 272 23.72 16.04 5.77
CA THR F 272 24.19 16.54 4.49
C THR F 272 25.66 16.20 4.32
N ALA F 273 26.10 16.12 3.06
CA ALA F 273 27.50 15.83 2.78
C ALA F 273 28.43 16.81 3.49
N SER F 274 28.02 18.08 3.58
CA SER F 274 28.80 19.05 4.34
C SER F 274 28.86 18.66 5.81
N ILE F 275 27.73 18.24 6.38
CA ILE F 275 27.70 17.82 7.78
C ILE F 275 28.58 16.60 7.98
N GLU F 276 28.55 15.65 7.04
CA GLU F 276 29.38 14.46 7.17
C GLU F 276 30.85 14.81 7.09
N LYS F 277 31.22 15.75 6.21
CA LYS F 277 32.61 16.20 6.16
C LYS F 277 33.02 16.86 7.47
N ILE F 278 32.13 17.69 8.03
CA ILE F 278 32.42 18.34 9.31
C ILE F 278 32.65 17.31 10.40
N ILE F 279 31.80 16.29 10.44
CA ILE F 279 31.94 15.22 11.43
C ILE F 279 33.25 14.46 11.22
N ARG F 280 33.57 14.17 9.96
CA ARG F 280 34.81 13.45 9.65
C ARG F 280 36.03 14.26 10.01
N SER F 281 35.91 15.59 10.05
CA SER F 281 37.07 16.42 10.38
C SER F 281 37.63 16.10 11.75
N TYR F 282 36.77 15.70 12.70
CA TYR F 282 37.23 15.36 14.04
C TYR F 282 37.86 13.97 14.07
N THR F 283 38.65 13.72 15.11
CA THR F 283 39.21 12.41 15.32
C THR F 283 38.19 11.49 15.99
N ALA F 284 38.56 10.21 16.11
CA ALA F 284 37.66 9.24 16.73
C ALA F 284 37.42 9.57 18.19
N GLU F 285 38.47 9.94 18.92
CA GLU F 285 38.32 10.28 20.33
C GLU F 285 37.46 11.52 20.52
N GLU F 286 37.70 12.55 19.71
CA GLU F 286 36.88 13.76 19.80
C GLU F 286 35.43 13.47 19.48
N MET F 287 35.18 12.61 18.49
CA MET F 287 33.82 12.19 18.18
C MET F 287 33.20 11.46 19.36
N ALA F 288 33.99 10.62 20.04
CA ALA F 288 33.48 9.92 21.21
C ALA F 288 33.10 10.90 22.32
N THR F 289 33.90 11.94 22.50
CA THR F 289 33.59 12.93 23.53
C THR F 289 32.37 13.79 23.19
N GLY F 290 31.88 13.73 21.96
CA GLY F 290 30.72 14.52 21.59
C GLY F 290 29.45 14.04 22.28
N VAL F 291 28.55 15.00 22.53
CA VAL F 291 27.28 14.73 23.16
C VAL F 291 26.18 15.39 22.35
N MET F 292 25.04 14.71 22.23
CA MET F 292 23.90 15.24 21.50
C MET F 292 22.66 15.17 22.36
N GLU F 293 21.70 16.05 22.07
CA GLU F 293 20.44 16.10 22.79
C GLU F 293 19.37 16.66 21.87
N THR F 294 18.14 16.71 22.36
CA THR F 294 17.01 17.21 21.59
C THR F 294 16.35 18.36 22.34
N LEU F 295 15.87 19.34 21.58
CA LEU F 295 15.15 20.48 22.13
C LEU F 295 13.97 20.79 21.23
N ARG F 296 12.84 21.11 21.83
CA ARG F 296 11.60 21.38 21.09
C ARG F 296 10.94 22.62 21.67
N PHE F 297 10.93 23.71 20.89
CA PHE F 297 10.16 24.89 21.23
C PHE F 297 9.46 25.39 19.98
N ASP F 298 8.29 25.99 20.17
CA ASP F 298 7.40 26.34 19.06
C ASP F 298 7.19 25.14 18.17
N SER F 299 7.21 25.33 16.86
CA SER F 299 7.04 24.23 15.93
C SER F 299 8.36 23.53 15.61
N HIS F 300 9.47 23.98 16.16
CA HIS F 300 10.78 23.44 15.83
C HIS F 300 11.05 22.18 16.66
N GLU F 301 11.54 21.14 15.99
CA GLU F 301 12.03 19.93 16.64
C GLU F 301 13.52 19.85 16.31
N LEU F 302 14.35 20.30 17.23
CA LEU F 302 15.78 20.49 17.00
C LEU F 302 16.58 19.33 17.56
N LEU F 303 17.55 18.86 16.79
CA LEU F 303 18.52 17.86 17.23
C LEU F 303 19.88 18.56 17.34
N ILE F 304 20.34 18.78 18.57
CA ILE F 304 21.56 19.53 18.83
C ILE F 304 22.70 18.57 19.07
N ILE F 305 23.80 18.77 18.37
CA ILE F 305 25.01 17.94 18.50
C ILE F 305 26.13 18.84 19.01
N HIS F 306 26.66 18.52 20.18
CA HIS F 306 27.71 19.32 20.81
C HIS F 306 29.07 18.67 20.55
N LEU F 307 29.56 18.86 19.33
CA LEU F 307 30.90 18.41 18.99
C LEU F 307 31.94 19.31 19.65
N PRO F 308 33.18 18.84 19.79
CA PRO F 308 34.18 19.62 20.54
C PRO F 308 34.40 21.03 20.00
N ARG F 309 34.32 21.24 18.69
CA ARG F 309 34.54 22.55 18.12
C ARG F 309 33.34 23.13 17.40
N HIS F 310 32.35 22.32 17.03
CA HIS F 310 31.15 22.80 16.36
C HIS F 310 29.93 22.36 17.13
N VAL F 311 28.86 23.15 17.03
CA VAL F 311 27.55 22.79 17.53
C VAL F 311 26.59 22.82 16.34
N LEU F 312 26.00 21.67 16.03
CA LEU F 312 25.13 21.53 14.86
C LEU F 312 23.71 21.29 15.32
N VAL F 313 22.76 21.99 14.70
CA VAL F 313 21.35 21.87 15.02
C VAL F 313 20.61 21.44 13.77
N TYR F 314 19.88 20.33 13.87
CA TYR F 314 19.08 19.80 12.78
C TYR F 314 17.61 20.09 13.08
N ASP F 315 16.95 20.83 12.20
CA ASP F 315 15.56 21.22 12.38
C ASP F 315 14.69 20.29 11.54
N ALA F 316 14.01 19.36 12.21
CA ALA F 316 13.14 18.42 11.49
C ALA F 316 11.93 19.13 10.90
N SER F 317 11.47 20.20 11.54
CA SER F 317 10.29 20.91 11.04
C SER F 317 10.56 21.57 9.70
N SER F 318 11.72 22.20 9.55
CA SER F 318 12.05 22.96 8.34
C SER F 318 12.90 22.15 7.37
N SER F 319 12.70 20.83 7.32
CA SER F 319 13.47 19.97 6.44
C SER F 319 12.66 19.48 5.25
N GLN F 320 11.71 20.28 4.77
CA GLN F 320 10.91 19.86 3.62
C GLN F 320 11.76 19.75 2.36
N ASN F 321 12.53 20.78 2.05
CA ASN F 321 13.40 20.74 0.87
C ASN F 321 14.52 19.71 1.06
N GLY F 322 15.11 19.66 2.25
CA GLY F 322 16.18 18.76 2.53
C GLY F 322 16.64 18.91 3.97
N PRO F 323 17.63 18.13 4.38
CA PRO F 323 18.14 18.23 5.76
C PRO F 323 18.64 19.63 6.05
N GLN F 324 17.95 20.32 6.96
CA GLN F 324 18.27 21.69 7.32
C GLN F 324 19.14 21.68 8.57
N TRP F 325 20.39 22.12 8.43
CA TRP F 325 21.34 22.13 9.52
C TRP F 325 21.80 23.56 9.80
N CYS F 326 21.88 23.90 11.08
CA CYS F 326 22.30 25.22 11.53
C CYS F 326 23.41 25.08 12.55
N VAL F 327 24.32 26.04 12.56
CA VAL F 327 25.46 26.04 13.47
C VAL F 327 25.21 27.07 14.56
N LEU F 328 25.40 26.66 15.81
CA LEU F 328 25.27 27.55 16.96
C LEU F 328 26.66 27.86 17.49
N LYS F 329 26.95 29.14 17.66
CA LYS F 329 28.24 29.58 18.17
C LYS F 329 28.05 30.76 19.11
N THR F 330 29.03 30.95 19.99
CA THR F 330 29.01 32.01 20.98
C THR F 330 30.19 32.94 20.73
N GLY F 331 29.92 34.25 20.74
CA GLY F 331 30.95 35.23 20.57
C GLY F 331 31.16 35.63 19.12
N LEU F 332 32.02 36.65 18.95
CA LEU F 332 32.29 37.16 17.60
C LEU F 332 33.08 36.16 16.77
N TYR F 333 33.95 35.39 17.41
CA TYR F 333 34.77 34.41 16.72
C TYR F 333 34.01 33.08 16.63
N ASP F 334 34.75 32.00 16.36
CA ASP F 334 34.17 30.68 16.14
C ASP F 334 34.10 29.83 17.40
N ASP F 335 33.96 30.46 18.57
CA ASP F 335 33.89 29.71 19.81
C ASP F 335 32.64 28.84 19.85
N VAL F 336 32.74 27.72 20.56
CA VAL F 336 31.64 26.78 20.65
C VAL F 336 30.48 27.41 21.43
N TYR F 337 29.26 27.03 21.08
CA TYR F 337 28.08 27.52 21.79
C TYR F 337 28.16 27.15 23.26
N ARG F 338 27.94 28.14 24.13
CA ARG F 338 28.10 27.90 25.56
C ARG F 338 26.93 27.14 26.16
N GLY F 339 25.72 27.34 25.64
CA GLY F 339 24.57 26.63 26.19
C GLY F 339 24.65 25.14 25.91
N VAL F 340 24.17 24.36 26.87
CA VAL F 340 24.21 22.90 26.77
C VAL F 340 23.18 22.34 27.74
N ASP F 341 22.70 21.13 27.45
CA ASP F 341 21.75 20.43 28.32
C ASP F 341 20.45 21.19 28.47
N PHE F 342 19.81 21.47 27.33
CA PHE F 342 18.53 22.16 27.34
C PHE F 342 17.43 21.25 27.88
N MET F 343 16.51 21.82 28.64
CA MET F 343 15.37 21.08 29.17
C MET F 343 14.24 22.05 29.46
N TYR F 344 13.05 21.73 28.99
CA TYR F 344 11.87 22.56 29.19
C TYR F 344 11.30 22.27 30.58
N GLU F 345 11.22 23.30 31.41
CA GLU F 345 10.81 23.15 32.80
C GLU F 345 9.78 24.23 33.14
N GLY F 346 8.51 23.92 32.94
CA GLY F 346 7.44 24.78 33.39
C GLY F 346 7.50 26.22 32.90
N ASN F 347 7.23 26.42 31.61
CA ASN F 347 7.17 27.72 30.94
C ASN F 347 8.55 28.28 30.62
N GLN F 348 9.63 27.61 31.01
CA GLN F 348 10.98 28.09 30.72
C GLN F 348 11.83 26.94 30.21
N ILE F 349 12.78 27.27 29.34
CA ILE F 349 13.77 26.31 28.85
C ILE F 349 15.09 26.66 29.51
N THR F 350 15.57 25.78 30.38
CA THR F 350 16.78 26.04 31.15
C THR F 350 17.94 25.25 30.55
N CYS F 351 19.08 25.92 30.40
CA CYS F 351 20.26 25.30 29.82
C CYS F 351 21.48 25.57 30.70
N GLY F 352 22.32 24.54 30.84
CA GLY F 352 23.58 24.72 31.54
C GLY F 352 24.60 25.41 30.67
N ASP F 353 25.75 25.69 31.26
CA ASP F 353 26.83 26.39 30.58
C ASP F 353 28.06 25.49 30.50
N LYS F 354 28.69 25.46 29.31
CA LYS F 354 29.86 24.61 29.12
C LYS F 354 31.07 25.16 29.87
N SER F 355 31.21 26.48 29.93
CA SER F 355 32.40 27.11 30.50
C SER F 355 32.17 27.61 31.92
N GLU F 356 31.17 28.47 32.12
CA GLU F 356 30.93 29.06 33.42
C GLU F 356 30.00 28.19 34.25
N ALA F 357 30.01 28.45 35.56
CA ALA F 357 29.22 27.65 36.51
C ALA F 357 27.87 28.31 36.78
N VAL F 358 27.09 28.48 35.71
CA VAL F 358 25.76 29.07 35.79
C VAL F 358 24.81 28.24 34.95
N VAL F 359 23.51 28.42 35.22
CA VAL F 359 22.45 27.86 34.41
C VAL F 359 21.52 29.00 34.00
N GLY F 360 21.19 29.06 32.72
CA GLY F 360 20.39 30.14 32.19
C GLY F 360 19.14 29.63 31.51
N GLN F 361 18.17 30.52 31.36
CA GLN F 361 16.90 30.19 30.70
C GLN F 361 16.85 30.85 29.33
N LEU F 362 16.34 30.11 28.35
CA LEU F 362 16.19 30.66 27.00
C LEU F 362 15.11 31.73 27.01
N GLN F 363 15.47 32.94 26.63
CA GLN F 363 14.54 34.06 26.56
C GLN F 363 14.33 34.42 25.09
N PHE F 364 13.08 34.38 24.64
CA PHE F 364 12.78 34.67 23.24
C PHE F 364 12.73 36.16 22.94
N ASP F 365 12.66 37.00 23.98
CA ASP F 365 12.63 38.44 23.76
C ASP F 365 13.94 38.94 23.19
N ILE F 366 15.06 38.41 23.67
CA ILE F 366 16.38 38.87 23.28
C ILE F 366 17.16 37.72 22.65
N SER F 367 18.23 38.07 21.96
CA SER F 367 19.11 37.08 21.33
C SER F 367 20.50 37.05 21.95
N SER F 368 20.78 37.93 22.90
CA SER F 368 22.09 37.94 23.56
C SER F 368 22.21 36.77 24.53
N GLN F 369 23.42 36.25 24.66
CA GLN F 369 23.72 35.16 25.58
C GLN F 369 24.42 35.74 26.79
N TYR F 370 23.74 35.70 27.94
CA TYR F 370 24.24 36.27 29.18
C TYR F 370 24.63 37.73 29.00
N ASP F 371 23.78 38.49 28.31
CA ASP F 371 23.99 39.91 28.06
C ASP F 371 25.31 40.16 27.32
N LYS F 372 25.50 39.42 26.23
CA LYS F 372 26.68 39.58 25.38
C LYS F 372 26.24 39.54 23.93
N GLN F 373 26.89 40.35 23.10
CA GLN F 373 26.56 40.39 21.68
C GLN F 373 26.85 39.03 21.04
N GLN F 374 26.04 38.68 20.04
CA GLN F 374 26.18 37.42 19.33
C GLN F 374 26.14 37.68 17.83
N GLU F 375 26.77 36.78 17.09
CA GLU F 375 26.86 36.89 15.63
C GLU F 375 25.79 36.04 14.98
N HIS F 376 25.10 36.60 13.99
CA HIS F 376 24.12 35.88 13.20
C HIS F 376 24.50 36.00 11.73
N LEU F 377 24.59 34.87 11.05
CA LEU F 377 25.09 34.82 9.68
C LEU F 377 24.07 34.14 8.78
N LEU F 378 23.98 34.60 7.54
CA LEU F 378 23.15 33.99 6.52
C LEU F 378 23.88 34.05 5.18
N PHE F 379 23.99 32.93 4.51
CA PHE F 379 24.71 32.82 3.24
C PHE F 379 23.75 32.45 2.14
N THR F 380 23.81 33.16 1.05
CA THR F 380 23.02 32.82 -0.11
C THR F 380 23.83 31.93 -1.06
N PRO F 381 23.16 31.04 -1.80
CA PRO F 381 23.90 30.15 -2.70
C PRO F 381 24.59 30.92 -3.82
N LEU F 382 25.72 30.40 -4.26
CA LEU F 382 26.39 30.96 -5.42
C LEU F 382 25.57 30.68 -6.68
N PHE F 383 25.31 31.72 -7.45
CA PHE F 383 24.54 31.59 -8.68
C PHE F 383 25.30 32.26 -9.81
N LYS F 384 25.29 31.63 -10.98
CA LYS F 384 26.08 32.08 -12.12
C LYS F 384 25.26 33.08 -12.93
N ALA F 385 25.59 34.35 -12.81
CA ALA F 385 24.99 35.42 -13.61
C ALA F 385 26.12 36.13 -14.34
N ASP F 386 26.14 35.99 -15.66
CA ASP F 386 27.23 36.51 -16.47
C ASP F 386 26.87 37.89 -17.00
N ASN F 387 27.73 38.87 -16.73
CA ASN F 387 27.60 40.22 -17.27
C ASN F 387 26.28 40.87 -16.84
N ALA F 388 25.76 40.45 -15.69
CA ALA F 388 24.50 40.94 -15.17
C ALA F 388 24.76 41.91 -14.03
N ARG F 389 24.07 43.04 -14.05
CA ARG F 389 24.18 44.04 -13.00
C ARG F 389 22.99 43.90 -12.05
N CYS F 390 23.27 43.80 -10.76
CA CYS F 390 22.25 43.66 -9.73
C CYS F 390 22.25 44.91 -8.86
N PHE F 391 21.06 45.50 -8.66
CA PHE F 391 20.95 46.81 -8.04
C PHE F 391 20.25 46.78 -6.69
N ASP F 392 19.01 46.28 -6.64
CA ASP F 392 18.19 46.35 -5.43
C ASP F 392 18.33 45.07 -4.65
N LEU F 393 18.99 45.14 -3.48
CA LEU F 393 19.13 44.02 -2.57
C LEU F 393 18.31 44.34 -1.33
N GLU F 394 17.16 43.69 -1.19
CA GLU F 394 16.22 43.96 -0.12
C GLU F 394 15.91 42.68 0.63
N VAL F 395 15.94 42.76 1.96
CA VAL F 395 15.54 41.66 2.83
C VAL F 395 14.49 42.19 3.80
N GLU F 396 13.40 41.46 3.96
CA GLU F 396 12.34 41.86 4.87
C GLU F 396 12.71 41.51 6.30
N SER F 397 12.65 42.49 7.19
CA SER F 397 13.07 42.31 8.56
C SER F 397 12.02 42.86 9.51
N SER F 398 11.71 42.10 10.56
CA SER F 398 10.86 42.58 11.63
C SER F 398 11.69 43.37 12.63
N THR F 399 11.21 44.56 12.98
CA THR F 399 11.97 45.48 13.82
C THR F 399 11.08 46.00 14.94
N GLY F 400 11.69 46.78 15.82
CA GLY F 400 10.96 47.43 16.90
C GLY F 400 11.11 46.79 18.26
N VAL F 401 11.84 45.68 18.37
CA VAL F 401 12.03 45.01 19.65
C VAL F 401 13.51 45.01 20.04
N ALA F 402 14.24 46.06 19.67
CA ALA F 402 15.64 46.22 20.01
C ALA F 402 15.81 47.41 20.95
N GLN F 403 16.63 47.23 21.98
CA GLN F 403 16.94 48.34 22.88
C GLN F 403 17.99 49.28 22.30
N TYR F 404 18.65 48.89 21.21
CA TYR F 404 19.58 49.75 20.51
C TYR F 404 19.55 49.41 19.03
N ALA F 405 19.85 50.40 18.20
CA ALA F 405 19.79 50.22 16.75
C ALA F 405 20.82 49.20 16.30
N ASP F 406 20.41 48.31 15.41
CA ASP F 406 21.26 47.25 14.91
C ASP F 406 21.89 47.66 13.58
N ARG F 407 23.03 47.07 13.29
CA ARG F 407 23.73 47.30 12.03
C ARG F 407 23.96 45.97 11.34
N LEU F 408 23.60 45.90 10.06
CA LEU F 408 23.76 44.69 9.26
C LEU F 408 24.94 44.87 8.32
N PHE F 409 25.85 43.90 8.33
CA PHE F 409 27.01 43.92 7.45
C PHE F 409 26.70 43.06 6.23
N LEU F 410 26.77 43.68 5.05
CA LEU F 410 26.46 43.01 3.80
C LEU F 410 27.73 42.95 2.96
N SER F 411 28.09 41.74 2.52
CA SER F 411 29.27 41.54 1.71
C SER F 411 28.96 40.49 0.64
N ALA F 412 29.72 40.54 -0.45
CA ALA F 412 29.53 39.63 -1.57
C ALA F 412 30.85 38.99 -1.96
N THR F 413 30.79 37.73 -2.36
CA THR F 413 31.96 37.00 -2.80
C THR F 413 31.86 36.69 -4.29
N THR F 414 33.00 36.71 -4.97
CA THR F 414 33.07 36.38 -6.39
C THR F 414 33.66 35.00 -6.62
N ASP F 415 34.75 34.68 -5.93
CA ASP F 415 35.35 33.36 -6.03
C ASP F 415 34.56 32.31 -5.26
N GLY F 416 33.83 32.72 -4.22
CA GLY F 416 33.11 31.81 -3.37
C GLY F 416 33.80 31.48 -2.07
N ILE F 417 35.03 31.96 -1.87
CA ILE F 417 35.80 31.72 -0.65
C ILE F 417 36.13 33.02 0.06
N ASN F 418 36.55 34.03 -0.68
CA ASN F 418 36.92 35.32 -0.12
C ASN F 418 35.81 36.33 -0.37
N TYR F 419 35.44 37.09 0.66
CA TYR F 419 34.40 38.08 0.56
C TYR F 419 34.99 39.48 0.45
N GLY F 420 34.23 40.36 -0.20
CA GLY F 420 34.66 41.72 -0.43
C GLY F 420 34.40 42.62 0.76
N ARG F 421 34.32 43.91 0.48
CA ARG F 421 34.08 44.89 1.55
C ARG F 421 32.68 44.71 2.13
N GLU F 422 32.55 45.07 3.41
CA GLU F 422 31.29 44.95 4.13
C GLU F 422 30.65 46.33 4.25
N GLN F 423 29.37 46.41 3.92
CA GLN F 423 28.62 47.66 3.96
C GLN F 423 27.64 47.62 5.13
N MET F 424 27.66 48.67 5.94
CA MET F 424 26.80 48.73 7.12
C MET F 424 25.41 49.21 6.73
N ILE F 425 24.38 48.49 7.18
CA ILE F 425 23.00 48.84 6.94
C ILE F 425 22.24 48.81 8.25
N GLU F 426 21.40 49.83 8.47
CA GLU F 426 20.63 49.94 9.72
C GLU F 426 19.54 48.87 9.72
N GLN F 427 19.84 47.72 10.32
CA GLN F 427 18.93 46.59 10.26
C GLN F 427 17.73 46.79 11.18
N ASN F 428 17.95 47.32 12.38
CA ASN F 428 16.89 47.45 13.37
C ASN F 428 16.97 48.81 14.05
N GLU F 429 15.83 49.27 14.58
CA GLU F 429 15.73 50.52 15.28
C GLU F 429 14.66 50.38 16.36
N PRO F 430 14.91 50.88 17.56
CA PRO F 430 13.91 50.75 18.64
C PRO F 430 12.61 51.42 18.27
N PHE F 431 11.51 50.73 18.57
CA PHE F 431 10.15 51.27 18.42
C PHE F 431 9.85 51.70 16.99
N VAL F 432 10.48 51.05 16.01
CA VAL F 432 10.21 51.28 14.60
C VAL F 432 9.85 49.94 13.97
N TYR F 433 8.67 49.86 13.36
CA TYR F 433 8.18 48.61 12.81
C TYR F 433 8.06 48.60 11.30
N ASP F 434 8.23 49.73 10.63
CA ASP F 434 8.07 49.81 9.18
C ASP F 434 9.38 50.13 8.47
N LYS F 435 10.51 49.91 9.12
CA LYS F 435 11.81 50.14 8.50
C LYS F 435 12.06 49.12 7.40
N ARG F 436 12.69 49.58 6.31
CA ARG F 436 13.03 48.72 5.18
C ARG F 436 14.54 48.54 5.13
N VAL F 437 14.98 47.28 5.05
CA VAL F 437 16.39 46.95 4.94
C VAL F 437 16.66 46.73 3.45
N LEU F 438 17.36 47.68 2.82
CA LEU F 438 17.55 47.66 1.39
C LEU F 438 18.88 48.32 1.05
N TRP F 439 19.58 47.76 0.07
CA TRP F 439 20.82 48.31 -0.45
C TRP F 439 20.74 48.41 -1.96
N LYS F 440 21.08 49.58 -2.49
CA LYS F 440 21.07 49.82 -3.94
C LYS F 440 22.48 49.81 -4.48
N ARG F 441 22.58 49.53 -5.79
CA ARG F 441 23.85 49.51 -6.50
C ARG F 441 24.83 48.50 -5.88
N VAL F 442 24.44 47.24 -5.93
CA VAL F 442 25.30 46.18 -5.40
C VAL F 442 26.58 46.09 -6.22
N GLY F 443 26.44 46.09 -7.54
CA GLY F 443 27.58 46.03 -8.43
C GLY F 443 27.27 45.20 -9.65
N ARG F 444 28.31 44.84 -10.38
CA ARG F 444 28.19 44.05 -11.61
C ARG F 444 28.82 42.69 -11.40
N ILE F 445 28.08 41.63 -11.73
CA ILE F 445 28.52 40.27 -11.52
C ILE F 445 29.31 39.82 -12.74
N ARG F 446 30.60 39.54 -12.55
CA ARG F 446 31.44 39.13 -13.67
C ARG F 446 31.11 37.70 -14.10
N ARG F 447 31.34 36.74 -13.21
CA ARG F 447 31.01 35.35 -13.49
C ARG F 447 29.93 34.82 -12.56
N LEU F 448 30.14 34.91 -11.24
CA LEU F 448 29.17 34.43 -10.27
C LEU F 448 29.40 35.16 -8.97
N ILE F 449 28.36 35.18 -8.13
CA ILE F 449 28.39 35.96 -6.90
C ILE F 449 27.57 35.26 -5.83
N GLY F 450 27.92 35.52 -4.58
CA GLY F 450 27.17 35.04 -3.43
C GLY F 450 27.20 36.05 -2.31
N PHE F 451 26.13 36.14 -1.53
CA PHE F 451 25.99 37.18 -0.53
C PHE F 451 26.00 36.59 0.87
N LYS F 452 26.62 37.31 1.80
CA LYS F 452 26.67 36.92 3.20
C LYS F 452 26.18 38.08 4.05
N LEU F 453 25.27 37.80 4.97
CA LEU F 453 24.68 38.80 5.84
C LEU F 453 25.16 38.57 7.26
N ARG F 454 25.74 39.61 7.87
CA ARG F 454 26.29 39.52 9.22
C ARG F 454 25.57 40.53 10.11
N VAL F 455 25.05 40.06 11.24
CA VAL F 455 24.35 40.90 12.19
C VAL F 455 24.97 40.71 13.57
N ILE F 456 25.29 41.81 14.23
CA ILE F 456 25.81 41.80 15.59
C ILE F 456 24.82 42.57 16.45
N THR F 457 24.20 41.87 17.41
CA THR F 457 23.11 42.48 18.15
C THR F 457 22.87 41.73 19.45
N LYS F 458 22.12 42.38 20.33
CA LYS F 458 21.56 41.76 21.53
C LYS F 458 20.06 41.54 21.38
N SER F 459 19.52 41.70 20.18
CA SER F 459 18.10 41.67 19.91
C SER F 459 17.78 40.61 18.87
N PRO F 460 16.55 40.10 18.84
CA PRO F 460 16.21 39.03 17.89
C PRO F 460 16.35 39.51 16.45
N VAL F 461 16.75 38.60 15.58
CA VAL F 461 16.93 38.87 14.16
C VAL F 461 15.92 38.03 13.39
N THR F 462 15.14 38.69 12.54
CA THR F 462 14.13 38.02 11.73
C THR F 462 14.25 38.52 10.29
N LEU F 463 14.76 37.66 9.41
CA LEU F 463 14.89 37.98 8.00
C LEU F 463 14.01 37.03 7.20
N SER F 464 13.17 37.60 6.34
CA SER F 464 12.12 36.83 5.68
C SER F 464 12.51 36.41 4.27
N GLY F 465 12.79 37.37 3.39
CA GLY F 465 13.06 37.04 2.00
C GLY F 465 14.07 37.94 1.33
N CYS F 466 15.08 37.34 0.72
CA CYS F 466 16.13 38.08 0.03
C CYS F 466 15.82 38.11 -1.45
N GLN F 467 15.45 39.28 -1.96
CA GLN F 467 15.17 39.47 -3.37
C GLN F 467 16.21 40.42 -3.96
N ILE F 468 16.57 40.20 -5.21
CA ILE F 468 17.59 40.98 -5.89
C ILE F 468 17.10 41.27 -7.31
N ARG F 469 17.37 42.49 -7.79
CA ARG F 469 16.92 42.91 -9.11
C ARG F 469 18.07 42.76 -10.09
N LEU F 470 18.00 41.72 -10.92
CA LEU F 470 18.97 41.48 -11.97
C LEU F 470 18.58 42.29 -13.20
N GLU F 471 19.53 43.01 -13.76
CA GLU F 471 19.26 43.82 -14.94
C GLU F 471 20.53 44.14 -15.71
N PRO G 1 21.65 29.71 -28.82
CA PRO G 1 21.17 28.61 -27.98
C PRO G 1 22.29 27.92 -27.22
N ILE G 2 22.15 27.84 -25.90
CA ILE G 2 23.14 27.19 -25.04
C ILE G 2 22.53 25.90 -24.53
N GLN G 3 23.20 24.78 -24.82
CA GLN G 3 22.74 23.46 -24.40
C GLN G 3 23.76 22.85 -23.45
N GLN G 4 23.29 22.36 -22.31
CA GLN G 4 24.17 21.74 -21.33
C GLN G 4 24.42 20.30 -21.70
N LEU G 5 25.68 19.87 -21.55
CA LEU G 5 26.08 18.51 -21.89
C LEU G 5 26.37 17.73 -20.61
N PRO G 6 25.65 16.64 -20.35
CA PRO G 6 25.95 15.85 -19.15
C PRO G 6 27.31 15.20 -19.24
N MET G 7 27.93 15.01 -18.08
CA MET G 7 29.24 14.37 -17.99
C MET G 7 29.24 13.14 -17.11
N MET G 8 28.10 12.78 -16.52
CA MET G 8 28.04 11.59 -15.67
C MET G 8 28.30 10.33 -16.47
N LYS G 9 27.81 10.27 -17.71
CA LYS G 9 27.97 9.09 -18.55
C LYS G 9 28.15 9.52 -19.99
N GLY G 10 29.01 8.80 -20.72
CA GLY G 10 29.27 9.12 -22.10
C GLY G 10 28.89 8.01 -23.06
N MET G 11 28.31 8.36 -24.20
CA MET G 11 27.93 7.38 -25.20
C MET G 11 29.11 7.08 -26.10
N GLY G 12 29.03 5.96 -26.81
CA GLY G 12 30.10 5.59 -27.72
C GLY G 12 29.80 4.28 -28.40
N LYS G 13 30.74 3.87 -29.25
CA LYS G 13 30.63 2.62 -30.00
C LYS G 13 31.86 1.77 -29.71
N ASP G 14 31.63 0.47 -29.52
CA ASP G 14 32.72 -0.47 -29.34
C ASP G 14 33.30 -0.83 -30.70
N PHE G 15 34.59 -0.60 -30.88
CA PHE G 15 35.21 -0.85 -32.18
C PHE G 15 35.24 -2.34 -32.52
N LYS G 16 35.12 -3.21 -31.52
CA LYS G 16 35.21 -4.64 -31.78
C LYS G 16 33.95 -5.17 -32.45
N ASN G 17 32.77 -4.68 -32.04
CA ASN G 17 31.51 -5.18 -32.56
C ASN G 17 30.48 -4.12 -32.88
N ALA G 18 30.86 -2.85 -32.96
CA ALA G 18 30.01 -1.74 -33.36
C ALA G 18 28.84 -1.49 -32.41
N ASP G 19 28.75 -2.24 -31.31
CA ASP G 19 27.67 -2.06 -30.36
C ASP G 19 27.89 -0.79 -29.56
N TYR G 20 26.80 -0.21 -29.08
CA TYR G 20 26.87 1.05 -28.33
C TYR G 20 27.23 0.75 -26.87
N ILE G 21 28.46 1.07 -26.49
CA ILE G 21 28.90 0.96 -25.12
C ILE G 21 28.78 2.32 -24.46
N ASP G 22 28.64 2.32 -23.14
CA ASP G 22 28.45 3.54 -22.37
C ASP G 22 29.80 3.88 -21.73
N TYR G 23 30.45 4.92 -22.25
CA TYR G 23 31.75 5.34 -21.71
C TYR G 23 31.57 5.83 -20.28
N LEU G 24 32.47 5.40 -19.40
CA LEU G 24 32.37 5.72 -17.99
C LEU G 24 33.50 6.66 -17.58
N PRO G 25 33.24 7.54 -16.62
CA PRO G 25 34.31 8.43 -16.13
C PRO G 25 35.43 7.63 -15.48
N VAL G 26 36.64 8.13 -15.59
CA VAL G 26 37.82 7.49 -15.04
C VAL G 26 38.35 8.35 -13.90
N ASN G 27 38.48 7.74 -12.72
CA ASN G 27 38.95 8.43 -11.52
C ASN G 27 38.11 9.67 -11.22
N MET G 28 36.80 9.56 -11.43
CA MET G 28 35.87 10.65 -11.18
C MET G 28 34.67 10.12 -10.41
N LEU G 29 34.09 10.97 -9.58
CA LEU G 29 32.93 10.62 -8.78
C LEU G 29 31.85 11.67 -9.00
N ALA G 30 30.63 11.20 -9.27
CA ALA G 30 29.49 12.10 -9.45
C ALA G 30 28.81 12.37 -8.12
N THR G 31 28.53 13.63 -7.85
CA THR G 31 27.88 14.04 -6.62
C THR G 31 26.59 14.78 -6.95
N PRO G 32 25.42 14.22 -6.65
CA PRO G 32 24.15 14.87 -7.01
C PRO G 32 23.80 15.99 -6.05
N LYS G 33 24.39 17.15 -6.28
CA LYS G 33 24.25 18.29 -5.39
C LYS G 33 24.08 19.55 -6.24
N GLU G 34 22.95 20.23 -6.07
CA GLU G 34 22.59 21.32 -6.98
C GLU G 34 23.51 22.53 -6.77
N ILE G 35 24.35 22.80 -7.77
CA ILE G 35 25.26 23.93 -7.72
C ILE G 35 25.16 24.68 -9.04
N LEU G 36 25.17 26.01 -8.97
CA LEU G 36 25.17 26.90 -10.13
C LEU G 36 23.99 26.50 -11.03
N ASN G 37 24.22 26.22 -12.32
CA ASN G 37 23.16 25.82 -13.23
C ASN G 37 23.11 24.31 -13.43
N SER G 38 23.89 23.55 -12.69
CA SER G 38 23.99 22.10 -12.87
C SER G 38 23.34 21.38 -11.70
N SER G 39 22.82 20.18 -11.98
CA SER G 39 22.22 19.38 -10.92
C SER G 39 23.27 18.73 -10.04
N GLY G 40 24.45 18.45 -10.57
CA GLY G 40 25.51 17.84 -9.82
C GLY G 40 26.86 18.18 -10.41
N TYR G 41 27.92 17.73 -9.73
CA TYR G 41 29.28 18.00 -10.16
C TYR G 41 30.11 16.73 -10.06
N LEU G 42 31.19 16.69 -10.84
CA LEU G 42 32.10 15.55 -10.88
C LEU G 42 33.37 15.90 -10.13
N ARG G 43 33.78 15.05 -9.21
CA ARG G 43 34.97 15.27 -8.42
C ARG G 43 35.88 14.06 -8.51
N SER G 44 37.19 14.32 -8.54
CA SER G 44 38.17 13.24 -8.65
C SER G 44 38.17 12.37 -7.40
N PHE G 45 38.49 11.10 -7.60
CA PHE G 45 38.62 10.18 -6.48
C PHE G 45 39.80 10.61 -5.60
N PRO G 46 39.68 10.50 -4.28
CA PRO G 46 40.75 10.97 -3.40
C PRO G 46 42.07 10.26 -3.67
N GLY G 47 43.16 11.00 -3.56
CA GLY G 47 44.48 10.44 -3.77
C GLY G 47 44.94 9.59 -2.61
N ILE G 48 46.04 8.88 -2.85
CA ILE G 48 46.61 7.97 -1.86
C ILE G 48 48.01 8.47 -1.50
N THR G 49 48.27 8.59 -0.20
CA THR G 49 49.59 8.89 0.31
C THR G 49 50.02 7.77 1.26
N LYS G 50 51.30 7.41 1.19
CA LYS G 50 51.77 6.27 1.98
C LYS G 50 51.69 6.57 3.47
N ARG G 51 51.19 5.60 4.23
CA ARG G 51 51.08 5.74 5.67
C ARG G 51 52.24 5.07 6.40
N TYR G 52 52.43 3.77 6.18
CA TYR G 52 53.57 3.05 6.73
C TYR G 52 53.77 1.76 5.95
N ASP G 53 54.96 1.20 6.08
CA ASP G 53 55.37 0.07 5.24
C ASP G 53 54.84 -1.25 5.77
N MET G 54 54.64 -2.18 4.84
CA MET G 54 54.27 -3.56 5.14
C MET G 54 55.25 -4.49 4.46
N ASN G 55 55.06 -5.79 4.66
CA ASN G 55 55.83 -6.82 3.97
C ASN G 55 54.87 -7.64 3.13
N GLY G 56 54.95 -7.50 1.81
CA GLY G 56 54.08 -8.19 0.90
C GLY G 56 52.84 -7.37 0.56
N VAL G 57 52.14 -7.84 -0.46
CA VAL G 57 50.94 -7.15 -0.93
C VAL G 57 49.78 -7.39 0.03
N SER G 58 48.74 -6.58 -0.12
CA SER G 58 47.56 -6.72 0.73
C SER G 58 46.78 -7.97 0.37
N ARG G 59 46.25 -8.63 1.40
CA ARG G 59 45.46 -9.84 1.23
C ARG G 59 44.10 -9.81 1.92
N GLY G 60 43.84 -8.84 2.79
CA GLY G 60 42.54 -8.74 3.42
C GLY G 60 42.54 -7.65 4.46
N VAL G 61 41.32 -7.24 4.84
CA VAL G 61 41.15 -6.22 5.86
C VAL G 61 39.77 -6.40 6.48
N GLU G 62 39.68 -6.14 7.78
CA GLU G 62 38.39 -6.09 8.46
C GLU G 62 38.55 -5.26 9.72
N TYR G 63 37.44 -4.64 10.13
CA TYR G 63 37.41 -3.81 11.33
C TYR G 63 37.09 -4.71 12.52
N ASN G 64 38.09 -4.96 13.35
CA ASN G 64 37.91 -5.78 14.55
C ASN G 64 37.14 -4.97 15.58
N THR G 65 35.83 -5.20 15.66
CA THR G 65 35.00 -4.45 16.59
C THR G 65 35.39 -4.74 18.03
N ALA G 66 35.76 -5.98 18.34
CA ALA G 66 36.11 -6.34 19.70
C ALA G 66 37.32 -5.56 20.19
N GLN G 67 38.35 -5.44 19.35
CA GLN G 67 39.55 -4.72 19.71
C GLN G 67 39.52 -3.25 19.30
N ASN G 68 38.48 -2.82 18.58
CA ASN G 68 38.34 -1.44 18.13
C ASN G 68 39.56 -1.01 17.32
N ALA G 69 40.05 -1.90 16.46
CA ALA G 69 41.20 -1.61 15.62
C ALA G 69 41.03 -2.35 14.30
N VAL G 70 41.80 -1.93 13.30
CA VAL G 70 41.72 -2.49 11.96
C VAL G 70 42.78 -3.57 11.83
N TYR G 71 42.34 -4.78 11.52
CA TYR G 71 43.24 -5.90 11.27
C TYR G 71 43.33 -6.14 9.77
N ARG G 72 44.56 -6.18 9.26
CA ARG G 72 44.78 -6.46 7.85
C ARG G 72 45.94 -7.41 7.69
N VAL G 73 45.87 -8.27 6.67
CA VAL G 73 46.91 -9.23 6.37
C VAL G 73 47.63 -8.76 5.12
N CYS G 74 48.90 -8.37 5.27
CA CYS G 74 49.72 -7.93 4.16
C CYS G 74 50.86 -8.94 3.98
N GLY G 75 50.92 -9.53 2.80
CA GLY G 75 51.95 -10.53 2.53
C GLY G 75 51.82 -11.70 3.48
N GLY G 76 52.95 -12.08 4.09
CA GLY G 76 52.96 -13.20 4.99
C GLY G 76 52.85 -12.82 6.45
N LYS G 77 52.32 -11.63 6.72
CA LYS G 77 52.23 -11.12 8.09
C LYS G 77 50.84 -10.57 8.35
N LEU G 78 50.41 -10.70 9.61
CA LEU G 78 49.13 -10.15 10.06
C LEU G 78 49.38 -8.91 10.90
N TYR G 79 48.71 -7.82 10.56
CA TYR G 79 48.94 -6.53 11.20
C TYR G 79 47.69 -6.06 11.93
N LYS G 80 47.89 -5.54 13.14
CA LYS G 80 46.84 -4.87 13.90
C LYS G 80 47.17 -3.39 13.85
N GLY G 81 46.60 -2.70 12.87
CA GLY G 81 46.96 -1.31 12.66
C GLY G 81 48.44 -1.18 12.33
N GLU G 82 49.14 -0.33 13.08
CA GLU G 82 50.57 -0.15 12.87
C GLU G 82 51.35 -1.40 13.22
N SER G 83 50.99 -2.07 14.32
CA SER G 83 51.81 -3.13 14.89
C SER G 83 51.64 -4.43 14.12
N GLU G 84 52.52 -5.38 14.43
CA GLU G 84 52.48 -6.73 13.87
C GLU G 84 52.16 -7.72 14.99
N VAL G 85 51.13 -8.54 14.78
CA VAL G 85 50.65 -9.41 15.85
C VAL G 85 50.69 -10.89 15.49
N GLY G 86 50.90 -11.28 14.23
CA GLY G 86 50.88 -12.69 13.92
C GLY G 86 51.52 -12.97 12.58
N ASP G 87 51.57 -14.26 12.25
CA ASP G 87 52.17 -14.74 11.01
C ASP G 87 51.09 -15.51 10.23
N VAL G 88 51.00 -15.24 8.94
CA VAL G 88 50.02 -15.85 8.06
C VAL G 88 50.73 -16.46 6.87
N ALA G 89 50.41 -17.71 6.56
CA ALA G 89 50.99 -18.38 5.41
C ALA G 89 50.20 -18.04 4.14
N GLY G 90 50.55 -18.73 3.05
CA GLY G 90 49.85 -18.57 1.80
C GLY G 90 50.22 -17.29 1.08
N SER G 91 49.60 -17.12 -0.09
CA SER G 91 49.83 -15.94 -0.92
C SER G 91 48.56 -15.29 -1.45
N GLY G 92 47.45 -16.01 -1.54
CA GLY G 92 46.23 -15.45 -2.07
C GLY G 92 45.46 -14.65 -1.03
N ARG G 93 44.29 -14.18 -1.44
CA ARG G 93 43.42 -13.43 -0.54
C ARG G 93 42.90 -14.35 0.55
N VAL G 94 42.68 -13.77 1.72
CA VAL G 94 42.20 -14.50 2.89
C VAL G 94 40.92 -13.85 3.39
N SER G 95 39.98 -14.67 3.84
CA SER G 95 38.75 -14.20 4.45
C SER G 95 38.90 -14.28 5.96
N MET G 96 38.56 -13.20 6.65
CA MET G 96 38.73 -13.13 8.10
C MET G 96 37.42 -12.81 8.79
N ALA G 97 37.27 -13.34 10.00
CA ALA G 97 36.18 -13.00 10.90
C ALA G 97 36.77 -12.81 12.29
N HIS G 98 36.11 -11.98 13.10
CA HIS G 98 36.64 -11.62 14.40
C HIS G 98 35.61 -11.89 15.48
N GLY G 99 36.10 -12.23 16.67
CA GLY G 99 35.24 -12.49 17.81
C GLY G 99 35.86 -11.95 19.09
N ARG G 100 35.12 -12.10 20.18
CA ARG G 100 35.60 -11.62 21.47
C ARG G 100 36.85 -12.34 21.89
N THR G 101 36.89 -13.66 21.69
CA THR G 101 38.05 -14.44 22.15
C THR G 101 39.26 -14.25 21.26
N SER G 102 39.07 -14.25 19.94
CA SER G 102 40.22 -14.30 19.04
C SER G 102 39.85 -13.71 17.69
N GLN G 103 40.88 -13.40 16.91
CA GLN G 103 40.74 -12.96 15.53
C GLN G 103 41.10 -14.13 14.61
N ALA G 104 40.21 -14.44 13.67
CA ALA G 104 40.34 -15.63 12.84
C ALA G 104 40.64 -15.23 11.40
N VAL G 105 41.52 -16.00 10.77
CA VAL G 105 41.88 -15.82 9.36
C VAL G 105 41.76 -17.16 8.67
N GLY G 106 41.03 -17.19 7.55
CA GLY G 106 40.89 -18.42 6.79
C GLY G 106 41.88 -18.52 5.65
N VAL G 107 42.94 -19.30 5.84
CA VAL G 107 44.02 -19.40 4.87
C VAL G 107 44.40 -20.86 4.68
N ASN G 108 44.70 -21.22 3.42
CA ASN G 108 45.17 -22.56 3.06
C ASN G 108 44.21 -23.64 3.53
N GLY G 109 42.91 -23.37 3.42
CA GLY G 109 41.92 -24.34 3.82
C GLY G 109 41.89 -24.62 5.31
N GLN G 110 42.40 -23.71 6.12
CA GLN G 110 42.42 -23.86 7.57
C GLN G 110 41.89 -22.58 8.21
N LEU G 111 41.10 -22.75 9.27
CA LEU G 111 40.61 -21.62 10.05
C LEU G 111 41.61 -21.38 11.17
N VAL G 112 42.42 -20.35 11.03
CA VAL G 112 43.47 -20.03 11.98
C VAL G 112 42.98 -18.90 12.88
N GLU G 113 42.99 -19.12 14.18
CA GLU G 113 42.53 -18.13 15.15
C GLU G 113 43.74 -17.53 15.85
N TYR G 114 43.89 -16.21 15.75
CA TYR G 114 44.98 -15.48 16.39
C TYR G 114 44.42 -14.87 17.67
N ARG G 115 44.56 -15.60 18.77
CA ARG G 115 44.01 -15.17 20.04
C ARG G 115 44.71 -13.91 20.53
N TYR G 116 43.95 -13.05 21.20
CA TYR G 116 44.49 -11.78 21.69
C TYR G 116 45.53 -11.98 22.78
N ASP G 117 45.53 -13.13 23.45
CA ASP G 117 46.56 -13.41 24.45
C ASP G 117 47.92 -13.72 23.83
N GLY G 118 47.98 -13.96 22.52
CA GLY G 118 49.22 -14.23 21.83
C GLY G 118 49.30 -15.60 21.18
N THR G 119 48.64 -16.60 21.76
CA THR G 119 48.71 -17.96 21.23
C THR G 119 47.88 -18.06 19.94
N VAL G 120 48.23 -19.06 19.13
CA VAL G 120 47.58 -19.31 17.85
C VAL G 120 46.99 -20.71 17.88
N LYS G 121 45.71 -20.82 17.54
CA LYS G 121 45.00 -22.09 17.52
C LYS G 121 44.41 -22.33 16.14
N THR G 122 44.48 -23.57 15.67
CA THR G 122 43.93 -23.96 14.39
C THR G 122 42.74 -24.89 14.61
N VAL G 123 41.69 -24.69 13.82
CA VAL G 123 40.47 -25.47 13.98
C VAL G 123 40.72 -26.91 13.55
N SER G 124 40.32 -27.85 14.41
CA SER G 124 40.47 -29.26 14.13
C SER G 124 39.41 -30.03 14.92
N ASN G 125 39.23 -31.30 14.54
CA ASN G 125 38.22 -32.13 15.19
C ASN G 125 38.55 -32.31 16.66
N TRP G 126 37.52 -32.61 17.44
CA TRP G 126 37.70 -32.90 18.84
C TRP G 126 38.56 -34.16 19.02
N PRO G 127 39.36 -34.24 20.07
CA PRO G 127 40.15 -35.45 20.30
C PRO G 127 39.24 -36.67 20.46
N ALA G 128 39.73 -37.81 19.99
CA ALA G 128 38.92 -39.02 19.99
C ALA G 128 38.53 -39.43 21.41
N ASP G 129 39.46 -39.31 22.35
CA ASP G 129 39.17 -39.70 23.73
C ASP G 129 38.14 -38.79 24.39
N SER G 130 37.86 -37.61 23.81
CA SER G 130 36.88 -36.72 24.40
C SER G 130 35.47 -37.29 24.31
N GLY G 131 35.20 -38.11 23.29
CA GLY G 131 33.90 -38.70 23.11
C GLY G 131 32.92 -37.88 22.30
N PHE G 132 33.30 -36.67 21.88
CA PHE G 132 32.40 -35.85 21.09
C PHE G 132 32.39 -36.31 19.64
N THR G 133 31.41 -35.79 18.89
CA THR G 133 31.22 -36.20 17.51
C THR G 133 32.39 -35.77 16.63
N GLN G 134 32.80 -36.65 15.73
CA GLN G 134 33.87 -36.37 14.78
C GLN G 134 33.29 -36.10 13.40
N TYR G 135 33.80 -35.06 12.74
CA TYR G 135 33.31 -34.65 11.44
C TYR G 135 34.45 -34.67 10.42
N GLU G 136 34.08 -34.69 9.15
CA GLU G 136 35.03 -34.60 8.05
C GLU G 136 35.11 -33.14 7.64
N LEU G 137 36.06 -32.42 8.23
CA LEU G 137 36.16 -30.98 8.01
C LEU G 137 36.56 -30.65 6.58
N GLY G 138 37.48 -31.42 6.01
CA GLY G 138 37.95 -31.11 4.67
C GLY G 138 38.79 -29.85 4.67
N SER G 139 38.49 -28.94 3.75
CA SER G 139 39.22 -27.69 3.61
C SER G 139 38.27 -26.51 3.81
N VAL G 140 38.79 -25.44 4.37
CA VAL G 140 38.00 -24.25 4.68
C VAL G 140 38.08 -23.29 3.51
N ARG G 141 36.93 -22.79 3.06
CA ARG G 141 36.88 -21.84 1.95
C ARG G 141 36.62 -20.42 2.43
N ASP G 142 35.53 -20.21 3.17
CA ASP G 142 35.20 -18.89 3.69
C ASP G 142 34.69 -19.02 5.11
N ILE G 143 34.94 -17.98 5.92
CA ILE G 143 34.60 -18.01 7.33
C ILE G 143 33.77 -16.77 7.68
N THR G 144 33.02 -16.89 8.77
CA THR G 144 32.24 -15.78 9.31
C THR G 144 31.95 -16.06 10.77
N ARG G 145 31.57 -15.01 11.49
CA ARG G 145 31.32 -15.10 12.92
C ARG G 145 29.90 -14.64 13.22
N LEU G 146 29.24 -15.35 14.13
CA LEU G 146 27.88 -14.96 14.55
C LEU G 146 27.58 -15.65 15.87
N ARG G 147 27.12 -14.86 16.85
CA ARG G 147 26.72 -15.38 18.16
C ARG G 147 27.85 -16.14 18.84
N GLY G 148 29.08 -15.65 18.70
CA GLY G 148 30.21 -16.29 19.33
C GLY G 148 30.63 -17.60 18.72
N ARG G 149 30.22 -17.88 17.48
CA ARG G 149 30.58 -19.11 16.78
C ARG G 149 31.19 -18.75 15.43
N TYR G 150 32.33 -19.35 15.12
CA TYR G 150 32.91 -19.20 13.80
C TYR G 150 32.24 -20.19 12.86
N ALA G 151 31.68 -19.68 11.76
CA ALA G 151 31.01 -20.51 10.77
C ALA G 151 31.85 -20.51 9.50
N TRP G 152 32.22 -21.70 9.04
CA TRP G 152 33.06 -21.85 7.87
C TRP G 152 32.49 -22.93 6.96
N SER G 153 32.80 -22.82 5.67
CA SER G 153 32.24 -23.69 4.64
C SER G 153 33.30 -24.68 4.17
N LYS G 154 32.91 -25.95 4.08
CA LYS G 154 33.78 -26.97 3.51
C LYS G 154 34.02 -26.69 2.04
N ASP G 155 35.27 -26.83 1.61
CA ASP G 155 35.62 -26.52 0.23
C ASP G 155 35.12 -27.62 -0.70
N GLY G 156 34.45 -27.22 -1.79
CA GLY G 156 33.95 -28.15 -2.77
C GLY G 156 32.68 -28.87 -2.39
N THR G 157 32.09 -28.56 -1.25
CA THR G 157 30.87 -29.21 -0.79
C THR G 157 29.96 -28.18 -0.16
N ASP G 158 28.66 -28.46 -0.17
CA ASP G 158 27.66 -27.57 0.38
C ASP G 158 27.47 -27.70 1.88
N SER G 159 28.45 -28.27 2.59
CA SER G 159 28.35 -28.43 4.03
C SER G 159 29.18 -27.37 4.74
N TRP G 160 28.63 -26.84 5.83
CA TRP G 160 29.32 -25.84 6.63
C TRP G 160 29.16 -26.18 8.11
N PHE G 161 30.11 -25.73 8.92
CA PHE G 161 30.17 -26.08 10.33
C PHE G 161 30.19 -24.82 11.18
N ILE G 162 30.01 -25.00 12.49
CA ILE G 162 30.05 -23.91 13.46
C ILE G 162 30.82 -24.39 14.68
N THR G 163 31.66 -23.51 15.23
CA THR G 163 32.51 -23.86 16.35
C THR G 163 31.70 -23.91 17.65
N ASP G 164 32.22 -24.66 18.61
CA ASP G 164 31.59 -24.78 19.92
C ASP G 164 31.76 -23.47 20.70
N LEU G 165 30.77 -23.18 21.56
CA LEU G 165 30.81 -21.96 22.35
C LEU G 165 31.97 -21.97 23.34
N GLU G 166 32.12 -23.07 24.08
CA GLU G 166 33.15 -23.11 25.13
C GLU G 166 34.55 -23.10 24.54
N ASP G 167 34.82 -23.95 23.55
CA ASP G 167 36.10 -24.02 22.89
C ASP G 167 35.91 -23.69 21.42
N GLU G 168 36.30 -22.48 21.03
CA GLU G 168 36.10 -22.06 19.64
C GLU G 168 37.10 -22.74 18.71
N SER G 169 38.16 -23.34 19.24
CA SER G 169 39.12 -24.04 18.40
C SER G 169 38.48 -25.24 17.73
N HIS G 170 37.70 -26.00 18.46
CA HIS G 170 37.07 -27.18 17.89
C HIS G 170 35.63 -26.89 17.48
N PRO G 171 35.08 -27.63 16.52
CA PRO G 171 33.68 -27.40 16.13
C PRO G 171 32.70 -27.76 17.24
N ASP G 172 31.40 -27.60 16.97
CA ASP G 172 30.40 -27.87 17.99
C ASP G 172 30.41 -29.34 18.37
N ARG G 173 30.04 -29.60 19.63
CA ARG G 173 30.19 -30.95 20.18
C ARG G 173 29.26 -31.94 19.49
N TYR G 174 28.03 -31.54 19.20
CA TYR G 174 27.03 -32.48 18.71
C TYR G 174 26.38 -32.10 17.40
N SER G 175 26.23 -30.81 17.10
CA SER G 175 25.47 -30.35 15.94
C SER G 175 26.27 -29.34 15.14
N ALA G 176 27.53 -29.67 14.84
CA ALA G 176 28.37 -28.73 14.11
C ALA G 176 27.98 -28.64 12.64
N GLN G 177 27.71 -29.79 12.01
CA GLN G 177 27.57 -29.86 10.56
C GLN G 177 26.18 -29.40 10.13
N TYR G 178 26.14 -28.63 9.04
CA TYR G 178 24.89 -28.25 8.38
C TYR G 178 25.12 -28.22 6.88
N ARG G 179 24.02 -28.29 6.13
CA ARG G 179 24.09 -28.40 4.68
C ARG G 179 23.10 -27.43 4.04
N ALA G 180 23.53 -26.81 2.95
CA ALA G 180 22.65 -25.98 2.11
C ALA G 180 22.22 -26.85 0.93
N GLU G 181 21.26 -27.73 1.20
CA GLU G 181 20.90 -28.80 0.28
C GLU G 181 19.65 -28.51 -0.53
N SER G 182 19.19 -27.25 -0.57
CA SER G 182 18.03 -26.93 -1.39
C SER G 182 18.32 -27.19 -2.86
N GLN G 183 19.52 -26.85 -3.32
CA GLN G 183 19.97 -27.19 -4.66
C GLN G 183 21.36 -27.82 -4.59
N PRO G 184 21.70 -28.68 -5.53
CA PRO G 184 23.03 -29.31 -5.51
C PRO G 184 24.12 -28.32 -5.90
N ASP G 185 24.29 -27.27 -5.10
CA ASP G 185 25.27 -26.24 -5.36
C ASP G 185 26.30 -26.19 -4.25
N GLY G 186 27.57 -26.07 -4.62
CA GLY G 186 28.62 -25.91 -3.64
C GLY G 186 28.58 -24.52 -3.03
N ILE G 187 28.82 -24.46 -1.72
CA ILE G 187 28.81 -23.18 -1.00
C ILE G 187 30.10 -22.46 -1.37
N ILE G 188 30.01 -21.52 -2.31
CA ILE G 188 31.20 -20.78 -2.73
C ILE G 188 31.66 -19.84 -1.63
N GLY G 189 30.73 -19.14 -0.99
CA GLY G 189 31.07 -18.22 0.07
C GLY G 189 30.01 -18.20 1.13
N ILE G 190 30.40 -17.75 2.32
CA ILE G 190 29.51 -17.66 3.47
C ILE G 190 29.60 -16.27 4.06
N GLY G 191 28.47 -15.78 4.59
CA GLY G 191 28.42 -14.45 5.15
C GLY G 191 27.32 -14.34 6.18
N THR G 192 27.32 -13.20 6.88
CA THR G 192 26.38 -12.95 7.96
C THR G 192 25.52 -11.74 7.61
N TRP G 193 24.21 -11.89 7.74
CA TRP G 193 23.26 -10.80 7.52
C TRP G 193 22.24 -10.82 8.65
N ARG G 194 22.15 -9.71 9.38
CA ARG G 194 21.27 -9.60 10.55
C ARG G 194 21.64 -10.74 11.50
N ASP G 195 20.71 -11.60 11.89
CA ASP G 195 21.03 -12.78 12.69
C ASP G 195 21.13 -14.05 11.85
N PHE G 196 21.07 -13.92 10.53
CA PHE G 196 21.05 -15.07 9.64
C PHE G 196 22.47 -15.38 9.15
N ILE G 197 22.81 -16.66 9.14
CA ILE G 197 24.02 -17.12 8.46
C ILE G 197 23.65 -17.36 7.00
N VAL G 198 24.30 -16.62 6.10
CA VAL G 198 23.98 -16.65 4.68
C VAL G 198 25.01 -17.53 3.98
N CYS G 199 24.53 -18.54 3.26
CA CYS G 199 25.38 -19.48 2.55
C CYS G 199 25.24 -19.21 1.06
N PHE G 200 26.15 -18.39 0.53
CA PHE G 200 26.13 -18.10 -0.91
C PHE G 200 26.63 -19.30 -1.68
N GLY G 201 25.73 -19.93 -2.44
CA GLY G 201 26.05 -21.11 -3.21
C GLY G 201 26.49 -20.77 -4.63
N SER G 202 26.55 -21.81 -5.45
CA SER G 202 26.87 -21.65 -6.86
C SER G 202 25.64 -21.44 -7.73
N SER G 203 24.46 -21.74 -7.22
CA SER G 203 23.22 -21.49 -7.94
C SER G 203 22.19 -20.77 -7.09
N THR G 204 22.18 -20.97 -5.77
CA THR G 204 21.19 -20.38 -4.89
C THR G 204 21.84 -19.81 -3.65
N ILE G 205 21.14 -18.87 -3.02
CA ILE G 205 21.58 -18.25 -1.78
C ILE G 205 20.55 -18.59 -0.70
N GLU G 206 21.02 -19.13 0.42
CA GLU G 206 20.15 -19.59 1.48
C GLU G 206 20.44 -18.85 2.77
N TYR G 207 19.43 -18.78 3.64
CA TYR G 207 19.53 -18.10 4.92
C TYR G 207 19.24 -19.08 6.04
N PHE G 208 20.11 -19.12 7.04
CA PHE G 208 19.97 -20.01 8.19
C PHE G 208 19.85 -19.16 9.45
N SER G 209 18.91 -19.52 10.32
CA SER G 209 18.67 -18.82 11.56
C SER G 209 18.77 -19.78 12.73
N LEU G 210 19.05 -19.24 13.91
CA LEU G 210 19.23 -20.06 15.09
C LEU G 210 17.90 -20.68 15.52
N THR G 211 17.91 -21.99 15.75
CA THR G 211 16.72 -22.65 16.28
C THR G 211 16.57 -22.42 17.77
N GLY G 212 17.69 -22.34 18.49
CA GLY G 212 17.64 -22.22 19.93
C GLY G 212 17.32 -23.50 20.67
N ALA G 213 17.36 -24.64 19.98
CA ALA G 213 17.07 -25.91 20.63
C ALA G 213 18.13 -26.23 21.68
N THR G 214 17.68 -26.70 22.84
CA THR G 214 18.58 -27.02 23.94
C THR G 214 18.98 -28.49 23.98
N THR G 215 18.28 -29.36 23.23
CA THR G 215 18.60 -30.77 23.25
C THR G 215 19.90 -31.04 22.52
N ALA G 216 20.76 -31.87 23.13
CA ALA G 216 22.02 -32.23 22.51
C ALA G 216 21.77 -33.04 21.25
N GLY G 217 22.48 -32.71 20.18
CA GLY G 217 22.30 -33.37 18.91
C GLY G 217 21.24 -32.77 18.00
N ALA G 218 20.48 -31.80 18.49
CA ALA G 218 19.48 -31.14 17.67
C ALA G 218 20.13 -30.04 16.84
N ALA G 219 19.53 -29.77 15.68
CA ALA G 219 20.07 -28.78 14.76
C ALA G 219 19.88 -27.38 15.32
N LEU G 220 20.97 -26.63 15.46
CA LEU G 220 20.88 -25.27 15.96
C LEU G 220 20.44 -24.30 14.88
N TYR G 221 20.53 -24.69 13.61
CA TYR G 221 20.20 -23.82 12.49
C TYR G 221 19.23 -24.53 11.55
N VAL G 222 18.24 -23.78 11.05
CA VAL G 222 17.32 -24.27 10.03
C VAL G 222 17.28 -23.25 8.89
N ALA G 223 17.22 -23.75 7.67
CA ALA G 223 17.16 -22.87 6.51
C ALA G 223 15.83 -22.12 6.49
N GLN G 224 15.87 -20.88 6.01
CA GLN G 224 14.67 -20.07 5.81
C GLN G 224 14.35 -20.05 4.33
N PRO G 225 13.47 -20.93 3.84
CA PRO G 225 13.16 -20.93 2.40
C PRO G 225 12.51 -19.65 1.92
N SER G 226 11.92 -18.86 2.83
CA SER G 226 11.29 -17.61 2.43
C SER G 226 12.31 -16.62 1.89
N LEU G 227 13.48 -16.54 2.51
CA LEU G 227 14.52 -15.59 2.11
C LEU G 227 15.44 -16.17 1.05
N MET G 228 15.17 -17.36 0.54
CA MET G 228 16.01 -17.96 -0.47
C MET G 228 16.05 -17.11 -1.73
N VAL G 229 17.26 -16.95 -2.29
CA VAL G 229 17.48 -16.20 -3.52
C VAL G 229 17.99 -17.16 -4.57
N GLN G 230 17.42 -17.08 -5.77
CA GLN G 230 17.74 -18.03 -6.83
C GLN G 230 18.98 -17.66 -7.64
N LYS G 231 19.64 -16.54 -7.31
CA LYS G 231 20.92 -16.22 -7.92
C LYS G 231 22.04 -16.76 -7.04
N SER G 232 23.27 -16.40 -7.38
CA SER G 232 24.43 -16.89 -6.63
C SER G 232 25.65 -16.05 -6.98
N ILE G 233 26.71 -16.23 -6.21
CA ILE G 233 27.93 -15.46 -6.35
C ILE G 233 28.86 -16.17 -7.32
N ALA G 234 29.60 -15.38 -8.11
CA ALA G 234 30.52 -15.94 -9.09
C ALA G 234 31.79 -16.49 -8.44
N GLY G 235 32.35 -15.76 -7.47
CA GLY G 235 33.58 -16.17 -6.84
C GLY G 235 33.47 -16.10 -5.32
N THR G 236 34.50 -16.63 -4.66
CA THR G 236 34.49 -16.69 -3.20
C THR G 236 34.43 -15.31 -2.58
N TYR G 237 35.17 -14.36 -3.14
CA TYR G 237 35.20 -12.99 -2.64
C TYR G 237 34.43 -12.04 -3.53
N CYS G 238 33.45 -12.54 -4.28
CA CYS G 238 32.59 -11.72 -5.12
C CYS G 238 31.35 -11.25 -4.39
N LYS G 239 31.43 -11.09 -3.07
CA LYS G 239 30.33 -10.65 -2.24
C LYS G 239 30.83 -9.63 -1.23
N THR G 240 29.90 -8.81 -0.72
CA THR G 240 30.22 -7.85 0.32
C THR G 240 28.93 -7.26 0.84
N PRO G 241 28.86 -6.90 2.12
CA PRO G 241 27.70 -6.16 2.63
C PRO G 241 27.59 -4.81 1.94
N PHE G 242 26.36 -4.38 1.67
CA PHE G 242 26.14 -3.14 0.95
C PHE G 242 24.69 -2.70 1.14
N ALA G 243 24.51 -1.49 1.68
CA ALA G 243 23.19 -0.89 1.84
C ALA G 243 22.25 -1.81 2.62
N ASP G 244 22.72 -2.25 3.79
CA ASP G 244 21.95 -3.14 4.66
C ASP G 244 21.53 -4.41 3.92
N SER G 245 22.41 -4.90 3.05
CA SER G 245 22.16 -6.09 2.26
C SER G 245 23.50 -6.54 1.69
N TYR G 246 23.45 -7.52 0.79
CA TYR G 246 24.63 -8.07 0.15
C TYR G 246 24.59 -7.79 -1.34
N ALA G 247 25.69 -7.26 -1.88
CA ALA G 247 25.87 -7.11 -3.30
C ALA G 247 26.83 -8.19 -3.80
N PHE G 248 26.56 -8.72 -4.99
CA PHE G 248 27.33 -9.85 -5.48
C PHE G 248 27.33 -9.85 -7.00
N ILE G 249 28.21 -10.67 -7.57
CA ILE G 249 28.28 -10.88 -9.00
C ILE G 249 27.69 -12.24 -9.31
N SER G 250 26.74 -12.28 -10.25
CA SER G 250 26.03 -13.52 -10.55
C SER G 250 26.97 -14.58 -11.09
N HIS G 251 26.71 -15.82 -10.70
CA HIS G 251 27.50 -16.94 -11.19
C HIS G 251 27.11 -17.26 -12.63
N PRO G 252 28.04 -17.78 -13.43
CA PRO G 252 27.68 -18.18 -14.80
C PRO G 252 26.63 -19.26 -14.87
N ALA G 253 26.39 -20.00 -13.79
CA ALA G 253 25.40 -21.06 -13.81
C ALA G 253 24.00 -20.52 -14.09
N THR G 254 23.68 -19.35 -13.54
CA THR G 254 22.36 -18.75 -13.70
C THR G 254 22.25 -17.91 -14.96
N GLY G 255 23.30 -17.83 -15.77
CA GLY G 255 23.29 -17.04 -16.99
C GLY G 255 24.51 -16.16 -17.04
N ALA G 256 24.44 -15.14 -17.89
CA ALA G 256 25.53 -14.19 -18.00
C ALA G 256 25.71 -13.45 -16.68
N PRO G 257 26.94 -13.34 -16.18
CA PRO G 257 27.13 -12.70 -14.87
C PRO G 257 26.73 -11.24 -14.88
N SER G 258 26.25 -10.76 -13.72
CA SER G 258 25.86 -9.37 -13.56
C SER G 258 25.90 -9.05 -12.08
N VAL G 259 25.91 -7.75 -11.77
CA VAL G 259 25.94 -7.30 -10.39
C VAL G 259 24.52 -7.16 -9.87
N TYR G 260 24.26 -7.76 -8.71
CA TYR G 260 22.93 -7.79 -8.12
C TYR G 260 23.00 -7.31 -6.69
N ILE G 261 21.84 -6.91 -6.16
CA ILE G 261 21.67 -6.55 -4.76
C ILE G 261 20.51 -7.38 -4.20
N ILE G 262 20.77 -8.08 -3.11
CA ILE G 262 19.76 -8.96 -2.51
C ILE G 262 18.74 -8.12 -1.78
N GLY G 263 17.47 -8.25 -2.16
CA GLY G 263 16.41 -7.59 -1.42
C GLY G 263 15.20 -8.47 -1.19
N SER G 264 14.91 -8.77 0.08
CA SER G 264 13.69 -9.49 0.47
C SER G 264 13.51 -10.78 -0.33
N GLY G 265 14.58 -11.56 -0.45
CA GLY G 265 14.51 -12.78 -1.21
C GLY G 265 14.47 -12.61 -2.70
N GLN G 266 14.88 -11.45 -3.21
CA GLN G 266 14.91 -11.18 -4.64
C GLN G 266 16.16 -10.39 -4.98
N ALA G 267 16.74 -10.69 -6.14
CA ALA G 267 17.95 -10.03 -6.60
C ALA G 267 17.60 -9.02 -7.68
N SER G 268 17.91 -7.75 -7.45
CA SER G 268 17.64 -6.69 -8.40
C SER G 268 18.93 -6.22 -9.03
N PRO G 269 19.09 -6.32 -10.35
CA PRO G 269 20.36 -5.92 -10.97
C PRO G 269 20.63 -4.43 -10.82
N ILE G 270 21.91 -4.09 -10.71
CA ILE G 270 22.33 -2.70 -10.62
C ILE G 270 23.45 -2.46 -11.64
N ALA G 271 23.60 -3.38 -12.57
CA ALA G 271 24.66 -3.32 -13.57
C ALA G 271 24.10 -2.86 -14.89
N THR G 272 24.68 -1.80 -15.45
CA THR G 272 24.32 -1.34 -16.77
C THR G 272 24.77 -2.37 -17.81
N ALA G 273 24.12 -2.33 -18.98
CA ALA G 273 24.46 -3.27 -20.05
C ALA G 273 25.95 -3.21 -20.39
N SER G 274 26.53 -2.02 -20.39
CA SER G 274 27.96 -1.89 -20.64
C SER G 274 28.77 -2.55 -19.53
N ILE G 275 28.34 -2.39 -18.28
CA ILE G 275 29.01 -3.05 -17.17
C ILE G 275 28.91 -4.56 -17.31
N GLU G 276 27.75 -5.05 -17.72
CA GLU G 276 27.60 -6.49 -17.92
C GLU G 276 28.49 -6.99 -19.04
N LYS G 277 28.63 -6.21 -20.12
CA LYS G 277 29.55 -6.59 -21.18
C LYS G 277 30.98 -6.64 -20.68
N ILE G 278 31.38 -5.65 -19.88
CA ILE G 278 32.73 -5.61 -19.33
C ILE G 278 32.98 -6.83 -18.46
N ILE G 279 32.01 -7.18 -17.62
CA ILE G 279 32.15 -8.35 -16.75
C ILE G 279 32.24 -9.62 -17.59
N ARG G 280 31.39 -9.73 -18.61
CA ARG G 280 31.39 -10.92 -19.46
C ARG G 280 32.68 -11.06 -20.25
N SER G 281 33.39 -9.96 -20.49
CA SER G 281 34.63 -10.03 -21.25
C SER G 281 35.65 -10.93 -20.58
N TYR G 282 35.63 -11.01 -19.24
CA TYR G 282 36.55 -11.87 -18.52
C TYR G 282 36.14 -13.32 -18.60
N THR G 283 37.11 -14.21 -18.43
CA THR G 283 36.82 -15.64 -18.39
C THR G 283 36.22 -16.00 -17.03
N ALA G 284 35.82 -17.27 -16.91
CA ALA G 284 35.22 -17.73 -15.66
C ALA G 284 36.21 -17.67 -14.51
N GLU G 285 37.42 -18.19 -14.71
CA GLU G 285 38.41 -18.20 -13.64
C GLU G 285 38.86 -16.79 -13.29
N GLU G 286 39.07 -15.94 -14.30
CA GLU G 286 39.49 -14.58 -14.04
C GLU G 286 38.46 -13.83 -13.20
N MET G 287 37.18 -13.97 -13.54
CA MET G 287 36.13 -13.34 -12.76
C MET G 287 36.01 -13.97 -11.38
N ALA G 288 36.32 -15.27 -11.27
CA ALA G 288 36.32 -15.91 -9.97
C ALA G 288 37.39 -15.31 -9.06
N THR G 289 38.55 -14.98 -9.63
CA THR G 289 39.61 -14.36 -8.82
C THR G 289 39.30 -12.94 -8.41
N GLY G 290 38.24 -12.33 -8.94
CA GLY G 290 37.91 -10.97 -8.59
C GLY G 290 37.41 -10.85 -7.16
N VAL G 291 37.61 -9.67 -6.58
CA VAL G 291 37.18 -9.36 -5.22
C VAL G 291 36.44 -8.03 -5.25
N MET G 292 35.38 -7.94 -4.46
CA MET G 292 34.61 -6.70 -4.36
C MET G 292 34.46 -6.32 -2.89
N GLU G 293 34.34 -5.02 -2.65
CA GLU G 293 34.20 -4.49 -1.30
C GLU G 293 33.40 -3.19 -1.37
N THR G 294 33.16 -2.60 -0.20
CA THR G 294 32.39 -1.38 -0.09
C THR G 294 33.20 -0.31 0.64
N LEU G 295 32.99 0.94 0.24
CA LEU G 295 33.65 2.07 0.88
C LEU G 295 32.65 3.22 0.95
N ARG G 296 32.64 3.93 2.08
CA ARG G 296 31.71 5.02 2.30
C ARG G 296 32.45 6.21 2.88
N PHE G 297 32.56 7.28 2.11
CA PHE G 297 33.06 8.55 2.60
C PHE G 297 32.17 9.67 2.07
N ASP G 298 32.04 10.74 2.87
CA ASP G 298 31.12 11.82 2.56
C ASP G 298 29.72 11.25 2.32
N SER G 299 29.04 11.74 1.29
CA SER G 299 27.72 11.24 0.94
C SER G 299 27.76 10.01 0.05
N HIS G 300 28.93 9.57 -0.37
CA HIS G 300 29.05 8.49 -1.34
C HIS G 300 29.00 7.14 -0.63
N GLU G 301 28.21 6.22 -1.19
CA GLU G 301 28.20 4.81 -0.78
C GLU G 301 28.69 4.02 -1.98
N LEU G 302 29.97 3.71 -2.01
CA LEU G 302 30.63 3.15 -3.18
C LEU G 302 30.73 1.64 -3.06
N LEU G 303 30.46 0.94 -4.16
CA LEU G 303 30.66 -0.49 -4.29
C LEU G 303 31.78 -0.71 -5.29
N ILE G 304 32.93 -1.19 -4.81
CA ILE G 304 34.13 -1.31 -5.63
C ILE G 304 34.33 -2.76 -6.00
N ILE G 305 34.54 -3.02 -7.29
CA ILE G 305 34.79 -4.37 -7.81
C ILE G 305 36.19 -4.39 -8.38
N HIS G 306 37.03 -5.29 -7.86
CA HIS G 306 38.42 -5.39 -8.29
C HIS G 306 38.56 -6.55 -9.27
N LEU G 307 38.12 -6.32 -10.51
CA LEU G 307 38.31 -7.30 -11.56
C LEU G 307 39.78 -7.32 -11.98
N PRO G 308 40.23 -8.40 -12.63
CA PRO G 308 41.67 -8.53 -12.94
C PRO G 308 42.25 -7.37 -13.75
N ARG G 309 41.48 -6.79 -14.67
CA ARG G 309 41.99 -5.69 -15.47
C ARG G 309 41.23 -4.39 -15.30
N HIS G 310 40.03 -4.41 -14.74
CA HIS G 310 39.25 -3.20 -14.52
C HIS G 310 38.86 -3.11 -13.05
N VAL G 311 38.65 -1.88 -12.58
CA VAL G 311 38.10 -1.61 -11.26
C VAL G 311 36.86 -0.76 -11.45
N LEU G 312 35.71 -1.30 -11.08
CA LEU G 312 34.42 -0.65 -11.28
C LEU G 312 33.89 -0.17 -9.94
N VAL G 313 33.44 1.08 -9.90
CA VAL G 313 32.91 1.70 -8.69
C VAL G 313 31.47 2.08 -8.95
N TYR G 314 30.56 1.57 -8.11
CA TYR G 314 29.14 1.88 -8.20
C TYR G 314 28.78 2.84 -7.08
N ASP G 315 28.30 4.02 -7.44
CA ASP G 315 27.94 5.06 -6.47
C ASP G 315 26.43 5.02 -6.29
N ALA G 316 25.98 4.52 -5.13
CA ALA G 316 24.56 4.44 -4.87
C ALA G 316 23.95 5.82 -4.62
N SER G 317 24.74 6.76 -4.12
CA SER G 317 24.22 8.08 -3.82
C SER G 317 23.80 8.82 -5.08
N SER G 318 24.61 8.73 -6.14
CA SER G 318 24.37 9.47 -7.37
C SER G 318 23.74 8.61 -8.45
N SER G 319 22.86 7.69 -8.07
CA SER G 319 22.22 6.78 -9.01
C SER G 319 20.73 7.07 -9.20
N GLN G 320 20.32 8.33 -9.09
CA GLN G 320 18.93 8.66 -9.29
C GLN G 320 18.50 8.45 -10.74
N ASN G 321 19.28 8.98 -11.68
CA ASN G 321 18.96 8.81 -13.09
C ASN G 321 19.08 7.34 -13.51
N GLY G 322 20.12 6.67 -13.04
CA GLY G 322 20.36 5.29 -13.37
C GLY G 322 21.61 4.78 -12.67
N PRO G 323 21.96 3.53 -12.90
CA PRO G 323 23.18 2.98 -12.28
C PRO G 323 24.40 3.76 -12.72
N GLN G 324 25.03 4.45 -11.76
CA GLN G 324 26.19 5.29 -12.03
C GLN G 324 27.44 4.50 -11.71
N TRP G 325 28.18 4.12 -12.75
CA TRP G 325 29.40 3.33 -12.60
C TRP G 325 30.60 4.15 -13.05
N CYS G 326 31.69 4.03 -12.30
CA CYS G 326 32.92 4.75 -12.58
C CYS G 326 34.08 3.77 -12.54
N VAL G 327 35.09 4.02 -13.37
CA VAL G 327 36.26 3.16 -13.47
C VAL G 327 37.42 3.83 -12.78
N LEU G 328 38.11 3.10 -11.92
CA LEU G 328 39.30 3.59 -11.23
C LEU G 328 40.52 2.92 -11.86
N LYS G 329 41.55 3.71 -12.12
CA LYS G 329 42.76 3.20 -12.73
C LYS G 329 43.96 3.98 -12.21
N THR G 330 45.13 3.36 -12.29
CA THR G 330 46.38 3.94 -11.82
C THR G 330 47.34 4.11 -12.99
N GLY G 331 47.92 5.30 -13.11
CA GLY G 331 48.86 5.58 -14.16
C GLY G 331 48.21 6.12 -15.42
N LEU G 332 49.06 6.54 -16.35
CA LEU G 332 48.57 7.13 -17.60
C LEU G 332 47.86 6.09 -18.45
N TYR G 333 48.36 4.86 -18.48
CA TYR G 333 47.80 3.80 -19.30
C TYR G 333 46.66 3.13 -18.56
N ASP G 334 46.29 1.92 -19.00
CA ASP G 334 45.12 1.21 -18.49
C ASP G 334 45.44 0.29 -17.32
N ASP G 335 46.49 0.59 -16.55
CA ASP G 335 46.85 -0.27 -15.44
C ASP G 335 45.76 -0.27 -14.37
N VAL G 336 45.64 -1.39 -13.68
CA VAL G 336 44.61 -1.56 -12.66
C VAL G 336 44.88 -0.61 -11.49
N TYR G 337 43.80 -0.13 -10.88
CA TYR G 337 43.92 0.73 -9.71
C TYR G 337 44.67 0.00 -8.60
N ARG G 338 45.68 0.66 -8.04
CA ARG G 338 46.53 0.01 -7.06
C ARG G 338 45.88 -0.09 -5.69
N GLY G 339 44.94 0.80 -5.38
CA GLY G 339 44.28 0.74 -4.08
C GLY G 339 43.39 -0.48 -3.97
N VAL G 340 43.36 -1.06 -2.77
CA VAL G 340 42.55 -2.24 -2.50
C VAL G 340 42.40 -2.37 -0.99
N ASP G 341 41.33 -3.03 -0.56
CA ASP G 341 41.08 -3.29 0.85
C ASP G 341 40.91 -1.98 1.64
N PHE G 342 39.96 -1.16 1.18
CA PHE G 342 39.67 0.09 1.87
C PHE G 342 38.98 -0.18 3.20
N MET G 343 39.35 0.59 4.21
CA MET G 343 38.72 0.50 5.52
C MET G 343 38.88 1.82 6.25
N TYR G 344 37.80 2.31 6.84
CA TYR G 344 37.81 3.56 7.58
C TYR G 344 38.35 3.28 8.98
N GLU G 345 39.38 4.02 9.38
CA GLU G 345 40.06 3.77 10.64
C GLU G 345 40.37 5.11 11.31
N GLY G 346 39.46 5.58 12.15
CA GLY G 346 39.71 6.73 12.99
C GLY G 346 40.22 7.97 12.28
N ASN G 347 39.34 8.63 11.52
CA ASN G 347 39.58 9.88 10.79
C ASN G 347 40.35 9.65 9.49
N GLN G 348 40.75 8.41 9.18
CA GLN G 348 41.49 8.13 7.97
C GLN G 348 40.91 6.91 7.28
N ILE G 349 41.07 6.84 5.96
CA ILE G 349 40.68 5.68 5.18
C ILE G 349 41.97 5.08 4.63
N THR G 350 42.31 3.90 5.13
CA THR G 350 43.57 3.23 4.78
C THR G 350 43.29 2.13 3.78
N CYS G 351 44.10 2.06 2.73
CA CYS G 351 43.93 1.09 1.66
C CYS G 351 45.24 0.37 1.40
N GLY G 352 45.16 -0.95 1.24
CA GLY G 352 46.31 -1.72 0.84
C GLY G 352 46.66 -1.51 -0.62
N ASP G 353 47.79 -2.08 -1.02
CA ASP G 353 48.29 -1.92 -2.38
C ASP G 353 48.36 -3.28 -3.07
N LYS G 354 47.95 -3.32 -4.33
CA LYS G 354 47.95 -4.58 -5.07
C LYS G 354 49.36 -4.98 -5.48
N SER G 355 50.20 -4.00 -5.85
CA SER G 355 51.53 -4.27 -6.39
C SER G 355 52.62 -4.12 -5.34
N GLU G 356 52.73 -2.95 -4.73
CA GLU G 356 53.80 -2.69 -3.77
C GLU G 356 53.43 -3.19 -2.38
N ALA G 357 54.43 -3.31 -1.52
CA ALA G 357 54.25 -3.80 -0.16
C ALA G 357 54.12 -2.62 0.81
N VAL G 358 53.13 -1.77 0.55
CA VAL G 358 52.84 -0.61 1.39
C VAL G 358 51.35 -0.50 1.58
N VAL G 359 50.96 0.27 2.61
CA VAL G 359 49.57 0.61 2.86
C VAL G 359 49.49 2.13 2.97
N GLY G 360 48.50 2.72 2.31
CA GLY G 360 48.37 4.15 2.23
C GLY G 360 47.00 4.62 2.69
N GLN G 361 46.93 5.88 3.12
CA GLN G 361 45.69 6.48 3.56
C GLN G 361 45.14 7.40 2.47
N LEU G 362 43.82 7.46 2.35
CA LEU G 362 43.20 8.33 1.37
C LEU G 362 43.26 9.77 1.85
N GLN G 363 43.82 10.64 1.03
CA GLN G 363 43.92 12.07 1.33
C GLN G 363 43.07 12.83 0.33
N PHE G 364 42.11 13.61 0.83
CA PHE G 364 41.22 14.34 -0.05
C PHE G 364 41.84 15.63 -0.57
N ASP G 365 42.93 16.09 0.03
CA ASP G 365 43.57 17.32 -0.41
C ASP G 365 44.14 17.17 -1.82
N ILE G 366 44.71 16.01 -2.12
CA ILE G 366 45.38 15.76 -3.39
C ILE G 366 44.72 14.56 -4.07
N SER G 367 45.02 14.40 -5.36
CA SER G 367 44.53 13.28 -6.15
C SER G 367 45.64 12.36 -6.62
N SER G 368 46.89 12.65 -6.29
CA SER G 368 47.99 11.80 -6.68
C SER G 368 48.01 10.52 -5.85
N GLN G 369 48.45 9.43 -6.47
CA GLN G 369 48.58 8.14 -5.81
C GLN G 369 50.06 7.88 -5.53
N TYR G 370 50.45 7.92 -4.27
CA TYR G 370 51.84 7.74 -3.86
C TYR G 370 52.75 8.73 -4.58
N ASP G 371 52.30 9.98 -4.67
CA ASP G 371 53.06 11.07 -5.31
C ASP G 371 53.34 10.74 -6.78
N LYS G 372 52.28 10.39 -7.51
CA LYS G 372 52.38 10.09 -8.93
C LYS G 372 51.20 10.74 -9.65
N GLN G 373 51.43 11.17 -10.89
CA GLN G 373 50.37 11.77 -11.68
C GLN G 373 49.28 10.74 -11.97
N GLN G 374 48.06 11.22 -12.15
CA GLN G 374 46.92 10.37 -12.44
C GLN G 374 46.09 10.97 -13.57
N GLU G 375 45.38 10.10 -14.28
CA GLU G 375 44.53 10.50 -15.39
C GLU G 375 43.09 10.59 -14.93
N HIS G 376 42.41 11.66 -15.33
CA HIS G 376 40.99 11.84 -15.06
C HIS G 376 40.27 12.08 -16.38
N LEU G 377 39.24 11.28 -16.66
CA LEU G 377 38.56 11.32 -17.94
C LEU G 377 37.07 11.56 -17.73
N LEU G 378 36.50 12.39 -18.59
CA LEU G 378 35.06 12.63 -18.61
C LEU G 378 34.59 12.59 -20.06
N PHE G 379 33.57 11.81 -20.33
CA PHE G 379 33.04 11.63 -21.68
C PHE G 379 31.60 12.14 -21.74
N THR G 380 31.32 12.95 -22.74
CA THR G 380 29.97 13.43 -22.97
C THR G 380 29.25 12.53 -23.97
N PRO G 381 27.92 12.40 -23.86
CA PRO G 381 27.20 11.52 -24.79
C PRO G 381 27.23 12.07 -26.20
N LEU G 382 27.20 11.16 -27.17
CA LEU G 382 27.08 11.56 -28.57
C LEU G 382 25.70 12.14 -28.80
N PHE G 383 25.64 13.31 -29.43
CA PHE G 383 24.38 13.94 -29.77
C PHE G 383 24.42 14.37 -31.23
N LYS G 384 23.30 14.16 -31.92
CA LYS G 384 23.21 14.43 -33.35
C LYS G 384 22.80 15.89 -33.56
N ALA G 385 23.74 16.70 -34.05
CA ALA G 385 23.47 18.08 -34.43
C ALA G 385 23.98 18.27 -35.85
N ASP G 386 23.06 18.32 -36.80
CA ASP G 386 23.41 18.36 -38.22
C ASP G 386 23.63 19.81 -38.65
N ASN G 387 24.78 20.08 -39.25
CA ASN G 387 25.11 21.39 -39.80
C ASN G 387 25.01 22.48 -38.74
N ALA G 388 25.42 22.16 -37.52
CA ALA G 388 25.38 23.09 -36.41
C ALA G 388 26.79 23.43 -35.98
N ARG G 389 27.05 24.71 -35.75
CA ARG G 389 28.37 25.19 -35.34
C ARG G 389 28.34 25.50 -33.84
N CYS G 390 29.29 24.93 -33.11
CA CYS G 390 29.39 25.12 -31.67
C CYS G 390 30.66 25.88 -31.35
N PHE G 391 30.56 26.92 -30.53
CA PHE G 391 31.67 27.84 -30.30
C PHE G 391 32.15 27.82 -28.85
N ASP G 392 31.29 28.11 -27.89
CA ASP G 392 31.70 28.25 -26.50
C ASP G 392 31.54 26.92 -25.77
N LEU G 393 32.66 26.33 -25.36
CA LEU G 393 32.67 25.11 -24.56
C LEU G 393 33.27 25.46 -23.21
N GLU G 394 32.42 25.64 -22.21
CA GLU G 394 32.85 26.09 -20.89
C GLU G 394 32.45 25.06 -19.84
N VAL G 395 33.39 24.76 -18.93
CA VAL G 395 33.12 23.93 -17.77
C VAL G 395 33.61 24.69 -16.53
N GLU G 396 32.77 24.72 -15.50
CA GLU G 396 33.14 25.40 -14.27
C GLU G 396 34.01 24.48 -13.41
N SER G 397 35.16 24.99 -12.99
CA SER G 397 36.13 24.21 -12.23
C SER G 397 36.56 24.96 -10.99
N SER G 398 36.60 24.24 -9.87
CA SER G 398 37.13 24.81 -8.62
C SER G 398 38.64 24.70 -8.62
N THR G 399 39.30 25.81 -8.32
CA THR G 399 40.75 25.89 -8.43
C THR G 399 41.34 26.48 -7.16
N GLY G 400 42.66 26.63 -7.15
CA GLY G 400 43.37 27.26 -6.05
C GLY G 400 43.93 26.31 -5.01
N VAL G 401 43.81 25.01 -5.21
CA VAL G 401 44.30 24.03 -4.25
C VAL G 401 45.44 23.20 -4.85
N ALA G 402 45.87 23.53 -6.07
CA ALA G 402 46.90 22.79 -6.77
C ALA G 402 48.26 23.39 -6.47
N GLN G 403 49.26 22.53 -6.31
CA GLN G 403 50.63 22.98 -6.14
C GLN G 403 51.30 23.36 -7.44
N TYR G 404 50.73 22.97 -8.58
CA TYR G 404 51.25 23.35 -9.89
C TYR G 404 50.07 23.52 -10.83
N ALA G 405 50.21 24.45 -11.77
CA ALA G 405 49.16 24.70 -12.74
C ALA G 405 48.87 23.44 -13.54
N ASP G 406 47.59 23.11 -13.68
CA ASP G 406 47.16 21.90 -14.35
C ASP G 406 46.75 22.20 -15.78
N ARG G 407 46.80 21.17 -16.62
CA ARG G 407 46.45 21.31 -18.03
C ARG G 407 45.36 20.31 -18.38
N LEU G 408 44.31 20.80 -19.04
CA LEU G 408 43.18 19.97 -19.45
C LEU G 408 43.24 19.77 -20.96
N PHE G 409 43.19 18.51 -21.39
CA PHE G 409 43.18 18.18 -22.80
C PHE G 409 41.74 18.00 -23.26
N LEU G 410 41.32 18.82 -24.21
CA LEU G 410 39.96 18.78 -24.74
C LEU G 410 40.03 18.28 -26.18
N SER G 411 39.29 17.21 -26.45
CA SER G 411 39.24 16.63 -27.79
C SER G 411 37.83 16.19 -28.09
N ALA G 412 37.49 16.13 -29.37
CA ALA G 412 36.15 15.77 -29.81
C ALA G 412 36.21 14.67 -30.84
N THR G 413 35.21 13.79 -30.82
CA THR G 413 35.10 12.70 -31.77
C THR G 413 33.88 12.91 -32.66
N THR G 414 34.00 12.46 -33.90
CA THR G 414 32.91 12.55 -34.87
C THR G 414 32.25 11.20 -35.14
N ASP G 415 33.06 10.15 -35.32
CA ASP G 415 32.51 8.83 -35.55
C ASP G 415 32.13 8.14 -34.24
N GLY G 416 32.58 8.66 -33.10
CA GLY G 416 32.30 8.07 -31.81
C GLY G 416 33.34 7.11 -31.31
N ILE G 417 34.33 6.76 -32.14
CA ILE G 417 35.39 5.84 -31.75
C ILE G 417 36.76 6.51 -31.80
N ASN G 418 37.02 7.29 -32.84
CA ASN G 418 38.30 7.96 -33.02
C ASN G 418 38.18 9.43 -32.64
N TYR G 419 39.12 9.91 -31.84
CA TYR G 419 39.12 11.29 -31.39
C TYR G 419 40.12 12.12 -32.20
N GLY G 420 39.82 13.40 -32.33
CA GLY G 420 40.64 14.32 -33.09
C GLY G 420 41.79 14.89 -32.28
N ARG G 421 42.25 16.06 -32.71
CA ARG G 421 43.35 16.72 -32.03
C ARG G 421 42.92 17.17 -30.63
N GLU G 422 43.89 17.20 -29.72
CA GLU G 422 43.67 17.59 -28.33
C GLU G 422 44.21 18.99 -28.10
N GLN G 423 43.40 19.85 -27.49
CA GLN G 423 43.77 21.23 -27.21
C GLN G 423 44.09 21.36 -25.73
N MET G 424 45.21 22.00 -25.42
CA MET G 424 45.67 22.13 -24.04
C MET G 424 45.10 23.38 -23.41
N ILE G 425 44.40 23.22 -22.29
CA ILE G 425 43.75 24.33 -21.60
C ILE G 425 44.21 24.33 -20.14
N GLU G 426 44.58 25.51 -19.64
CA GLU G 426 44.99 25.68 -18.26
C GLU G 426 43.75 25.67 -17.38
N GLN G 427 43.41 24.51 -16.82
CA GLN G 427 42.15 24.40 -16.09
C GLN G 427 42.33 24.72 -14.61
N ASN G 428 43.55 24.59 -14.10
CA ASN G 428 43.82 24.89 -12.69
C ASN G 428 45.08 25.73 -12.59
N GLU G 429 45.15 26.54 -11.53
CA GLU G 429 46.28 27.40 -11.26
C GLU G 429 46.40 27.58 -9.76
N PRO G 430 47.61 27.50 -9.20
CA PRO G 430 47.77 27.65 -7.75
C PRO G 430 47.30 29.01 -7.27
N PHE G 431 46.60 29.00 -6.13
CA PHE G 431 46.18 30.22 -5.43
C PHE G 431 45.34 31.14 -6.30
N VAL G 432 44.60 30.57 -7.25
CA VAL G 432 43.68 31.32 -8.10
C VAL G 432 42.33 30.63 -8.05
N TYR G 433 41.29 31.35 -7.65
CA TYR G 433 39.98 30.76 -7.44
C TYR G 433 38.91 31.22 -8.42
N ASP G 434 39.23 32.16 -9.32
CA ASP G 434 38.25 32.70 -10.25
C ASP G 434 38.60 32.41 -11.71
N LYS G 435 39.48 31.44 -11.95
CA LYS G 435 39.85 31.08 -13.31
C LYS G 435 38.66 30.40 -14.01
N ARG G 436 38.48 30.74 -15.28
CA ARG G 436 37.41 30.17 -16.10
C ARG G 436 38.01 29.22 -17.12
N VAL G 437 37.49 28.00 -17.16
CA VAL G 437 37.93 26.99 -18.13
C VAL G 437 36.97 27.07 -19.31
N LEU G 438 37.44 27.58 -20.44
CA LEU G 438 36.60 27.84 -21.59
C LEU G 438 37.42 27.74 -22.87
N TRP G 439 36.82 27.18 -23.91
CA TRP G 439 37.42 27.09 -25.23
C TRP G 439 36.44 27.58 -26.27
N LYS G 440 36.86 28.55 -27.08
CA LYS G 440 36.04 29.09 -28.15
C LYS G 440 36.39 28.45 -29.48
N ARG G 441 35.46 28.52 -30.42
CA ARG G 441 35.63 27.99 -31.77
C ARG G 441 35.93 26.49 -31.73
N VAL G 442 34.95 25.73 -31.22
CA VAL G 442 35.11 24.28 -31.17
C VAL G 442 35.17 23.70 -32.59
N GLY G 443 34.28 24.16 -33.46
CA GLY G 443 34.26 23.72 -34.83
C GLY G 443 32.82 23.56 -35.31
N ARG G 444 32.67 22.83 -36.42
CA ARG G 444 31.38 22.60 -37.03
C ARG G 444 31.05 21.11 -36.97
N ILE G 445 29.85 20.78 -36.51
CA ILE G 445 29.43 19.40 -36.35
C ILE G 445 28.76 18.94 -37.64
N ARG G 446 29.37 17.96 -38.31
CA ARG G 446 28.81 17.49 -39.57
C ARG G 446 27.58 16.62 -39.34
N ARG G 447 27.75 15.48 -38.66
CA ARG G 447 26.64 14.60 -38.34
C ARG G 447 26.40 14.49 -36.85
N LEU G 448 27.42 14.11 -36.08
CA LEU G 448 27.28 13.98 -34.64
C LEU G 448 28.66 14.08 -34.02
N ILE G 449 28.70 14.60 -32.80
CA ILE G 449 29.97 14.88 -32.13
C ILE G 449 29.88 14.43 -30.68
N GLY G 450 31.04 14.16 -30.09
CA GLY G 450 31.15 13.83 -28.68
C GLY G 450 32.45 14.35 -28.12
N PHE G 451 32.46 14.76 -26.86
CA PHE G 451 33.62 15.41 -26.26
C PHE G 451 34.22 14.54 -25.16
N LYS G 452 35.54 14.61 -25.03
CA LYS G 452 36.28 13.89 -24.01
C LYS G 452 37.25 14.85 -23.35
N LEU G 453 37.22 14.90 -22.02
CA LEU G 453 38.09 15.77 -21.25
C LEU G 453 39.13 14.92 -20.53
N ARG G 454 40.41 15.26 -20.71
CA ARG G 454 41.52 14.54 -20.11
C ARG G 454 42.31 15.50 -19.24
N VAL G 455 42.54 15.11 -17.98
CA VAL G 455 43.28 15.92 -17.03
C VAL G 455 44.38 15.07 -16.42
N ILE G 456 45.60 15.59 -16.42
CA ILE G 456 46.74 14.94 -15.78
C ILE G 456 47.20 15.86 -14.66
N THR G 457 47.17 15.37 -13.43
CA THR G 457 47.38 16.24 -12.29
C THR G 457 47.76 15.42 -11.06
N LYS G 458 48.28 16.12 -10.06
CA LYS G 458 48.44 15.60 -8.71
C LYS G 458 47.46 16.23 -7.74
N SER G 459 46.50 17.02 -8.24
CA SER G 459 45.59 17.81 -7.44
C SER G 459 44.15 17.48 -7.83
N PRO G 460 43.19 17.69 -6.94
CA PRO G 460 41.81 17.27 -7.22
C PRO G 460 41.23 18.05 -8.39
N VAL G 461 40.33 17.39 -9.12
CA VAL G 461 39.65 17.96 -10.28
C VAL G 461 38.17 18.01 -9.96
N THR G 462 37.56 19.18 -10.14
CA THR G 462 36.15 19.39 -9.86
C THR G 462 35.51 20.07 -11.06
N LEU G 463 34.79 19.30 -11.88
CA LEU G 463 34.10 19.83 -13.04
C LEU G 463 32.60 19.67 -12.84
N SER G 464 31.86 20.76 -12.96
CA SER G 464 30.45 20.79 -12.60
C SER G 464 29.52 20.67 -13.80
N GLY G 465 29.59 21.62 -14.72
CA GLY G 465 28.63 21.64 -15.82
C GLY G 465 29.24 21.99 -17.16
N CYS G 466 29.05 21.12 -18.14
CA CYS G 466 29.55 21.34 -19.49
C CYS G 466 28.43 21.93 -20.35
N GLN G 467 28.55 23.21 -20.67
CA GLN G 467 27.60 23.90 -21.52
C GLN G 467 28.27 24.27 -22.83
N ILE G 468 27.49 24.25 -23.90
CA ILE G 468 28.00 24.51 -25.25
C ILE G 468 27.01 25.41 -25.97
N ARG G 469 27.53 26.35 -26.75
CA ARG G 469 26.70 27.30 -27.48
C ARG G 469 26.55 26.80 -28.92
N LEU G 470 25.40 26.22 -29.23
CA LEU G 470 25.08 25.78 -30.58
C LEU G 470 24.50 26.97 -31.35
N GLU G 471 25.00 27.21 -32.55
CA GLU G 471 24.53 28.33 -33.35
C GLU G 471 24.79 28.10 -34.84
N PRO H 1 8.51 19.29 -41.72
CA PRO H 1 8.32 18.48 -40.52
C PRO H 1 9.10 17.17 -40.57
N ILE H 2 9.84 16.88 -39.51
CA ILE H 2 10.61 15.64 -39.40
C ILE H 2 9.92 14.77 -38.36
N GLN H 3 9.44 13.61 -38.80
CA GLN H 3 8.70 12.68 -37.96
C GLN H 3 9.52 11.41 -37.76
N GLN H 4 9.72 11.02 -36.52
CA GLN H 4 10.44 9.79 -36.21
C GLN H 4 9.51 8.59 -36.34
N LEU H 5 10.02 7.52 -36.94
CA LEU H 5 9.25 6.30 -37.12
C LEU H 5 9.78 5.20 -36.23
N PRO H 6 9.00 4.68 -35.30
CA PRO H 6 9.45 3.55 -34.49
C PRO H 6 9.63 2.30 -35.33
N MET H 7 10.56 1.45 -34.91
CA MET H 7 10.82 0.19 -35.59
C MET H 7 10.68 -1.02 -34.70
N MET H 8 10.31 -0.84 -33.43
CA MET H 8 10.17 -1.98 -32.53
C MET H 8 9.04 -2.91 -32.97
N LYS H 9 7.92 -2.34 -33.43
CA LYS H 9 6.80 -3.13 -33.90
C LYS H 9 6.32 -2.59 -35.23
N GLY H 10 5.96 -3.50 -36.13
CA GLY H 10 5.47 -3.10 -37.43
C GLY H 10 4.01 -3.44 -37.64
N MET H 11 3.24 -2.50 -38.17
CA MET H 11 1.82 -2.70 -38.39
C MET H 11 1.59 -3.32 -39.77
N GLY H 12 0.44 -3.97 -39.92
CA GLY H 12 0.10 -4.57 -41.19
C GLY H 12 -1.21 -5.30 -41.10
N LYS H 13 -1.59 -5.90 -42.23
CA LYS H 13 -2.84 -6.65 -42.34
C LYS H 13 -2.52 -8.09 -42.72
N ASP H 14 -3.27 -9.02 -42.13
CA ASP H 14 -3.12 -10.43 -42.47
C ASP H 14 -3.99 -10.73 -43.69
N PHE H 15 -3.35 -11.11 -44.80
CA PHE H 15 -4.07 -11.25 -46.06
C PHE H 15 -5.09 -12.38 -46.01
N LYS H 16 -4.92 -13.37 -45.12
CA LYS H 16 -5.88 -14.46 -45.05
C LYS H 16 -7.14 -14.03 -44.30
N ASN H 17 -7.04 -13.08 -43.38
CA ASN H 17 -8.15 -12.69 -42.54
C ASN H 17 -8.47 -11.21 -42.55
N ALA H 18 -7.68 -10.39 -43.24
CA ALA H 18 -7.81 -8.94 -43.25
C ALA H 18 -7.77 -8.32 -41.86
N ASP H 19 -7.12 -8.98 -40.91
CA ASP H 19 -7.01 -8.46 -39.55
C ASP H 19 -5.69 -7.73 -39.37
N TYR H 20 -5.67 -6.79 -38.43
CA TYR H 20 -4.47 -6.00 -38.16
C TYR H 20 -3.53 -6.79 -37.26
N ILE H 21 -2.44 -7.27 -37.83
CA ILE H 21 -1.44 -8.03 -37.09
C ILE H 21 -0.16 -7.20 -36.99
N ASP H 22 0.67 -7.53 -36.01
CA ASP H 22 1.92 -6.82 -35.77
C ASP H 22 3.04 -7.54 -36.50
N TYR H 23 3.66 -6.86 -37.46
CA TYR H 23 4.87 -7.40 -38.09
C TYR H 23 6.03 -7.28 -37.13
N LEU H 24 6.64 -8.41 -36.80
CA LEU H 24 7.67 -8.40 -35.78
C LEU H 24 9.06 -8.37 -36.41
N PRO H 25 10.04 -7.75 -35.75
CA PRO H 25 11.40 -7.76 -36.27
C PRO H 25 11.94 -9.18 -36.39
N VAL H 26 12.74 -9.41 -37.41
CA VAL H 26 13.32 -10.72 -37.68
C VAL H 26 14.81 -10.65 -37.41
N ASN H 27 15.29 -11.51 -36.51
CA ASN H 27 16.70 -11.57 -36.14
C ASN H 27 17.22 -10.22 -35.65
N MET H 28 16.36 -9.49 -34.95
CA MET H 28 16.73 -8.21 -34.35
C MET H 28 16.26 -8.17 -32.92
N LEU H 29 16.97 -7.41 -32.09
CA LEU H 29 16.64 -7.26 -30.68
C LEU H 29 16.53 -5.79 -30.33
N ALA H 30 15.47 -5.43 -29.64
CA ALA H 30 15.27 -4.06 -29.18
C ALA H 30 16.04 -3.83 -27.88
N THR H 31 16.72 -2.69 -27.80
CA THR H 31 17.49 -2.33 -26.62
C THR H 31 17.05 -0.96 -26.14
N PRO H 32 16.37 -0.86 -25.00
CA PRO H 32 15.89 0.46 -24.52
C PRO H 32 17.01 1.27 -23.89
N LYS H 33 17.85 1.84 -24.75
CA LYS H 33 19.05 2.55 -24.32
C LYS H 33 19.09 3.89 -25.04
N GLU H 34 19.00 4.98 -24.29
CA GLU H 34 18.88 6.30 -24.88
C GLU H 34 20.16 6.66 -25.64
N ILE H 35 19.99 6.98 -26.93
CA ILE H 35 21.12 7.39 -27.76
C ILE H 35 20.60 8.27 -28.88
N LEU H 36 21.34 9.35 -29.15
CA LEU H 36 21.01 10.33 -30.19
C LEU H 36 19.56 10.81 -29.96
N ASN H 37 18.68 10.75 -30.95
CA ASN H 37 17.32 11.22 -30.81
C ASN H 37 16.33 10.11 -30.51
N SER H 38 16.81 8.88 -30.32
CA SER H 38 15.95 7.73 -30.11
C SER H 38 16.09 7.20 -28.69
N SER H 39 14.99 6.72 -28.12
CA SER H 39 15.04 6.15 -26.78
C SER H 39 15.69 4.78 -26.79
N GLY H 40 15.76 4.12 -27.95
CA GLY H 40 16.36 2.81 -28.05
C GLY H 40 16.91 2.57 -29.44
N TYR H 41 17.59 1.45 -29.61
CA TYR H 41 18.16 1.06 -30.88
C TYR H 41 17.95 -0.44 -31.10
N LEU H 42 17.94 -0.84 -32.36
CA LEU H 42 17.74 -2.23 -32.75
C LEU H 42 19.07 -2.85 -33.14
N ARG H 43 19.38 -4.01 -32.59
CA ARG H 43 20.62 -4.71 -32.88
C ARG H 43 20.31 -6.14 -33.31
N SER H 44 21.07 -6.64 -34.28
CA SER H 44 20.88 -7.99 -34.78
C SER H 44 21.23 -9.01 -33.71
N PHE H 45 20.54 -10.14 -33.77
CA PHE H 45 20.84 -11.24 -32.85
C PHE H 45 22.25 -11.76 -33.11
N PRO H 46 22.99 -12.14 -32.06
CA PRO H 46 24.35 -12.62 -32.26
C PRO H 46 24.38 -13.85 -33.16
N GLY H 47 25.42 -13.92 -34.00
CA GLY H 47 25.58 -15.04 -34.90
C GLY H 47 26.13 -16.27 -34.20
N ILE H 48 26.12 -17.37 -34.92
CA ILE H 48 26.58 -18.67 -34.41
C ILE H 48 27.80 -19.09 -35.20
N THR H 49 28.85 -19.46 -34.48
CA THR H 49 30.04 -20.07 -35.07
C THR H 49 30.27 -21.43 -34.43
N LYS H 50 30.64 -22.41 -35.24
CA LYS H 50 30.74 -23.78 -34.76
C LYS H 50 31.84 -23.90 -33.72
N ARG H 51 31.53 -24.58 -32.61
CA ARG H 51 32.50 -24.83 -31.55
C ARG H 51 33.19 -26.17 -31.73
N TYR H 52 32.42 -27.25 -31.76
CA TYR H 52 32.96 -28.58 -32.05
C TYR H 52 31.81 -29.50 -32.45
N ASP H 53 32.17 -30.62 -33.05
CA ASP H 53 31.19 -31.51 -33.65
C ASP H 53 30.47 -32.34 -32.59
N MET H 54 29.33 -32.91 -33.00
CA MET H 54 28.53 -33.78 -32.17
C MET H 54 28.00 -34.92 -33.05
N ASN H 55 27.30 -35.86 -32.43
CA ASN H 55 26.62 -36.93 -33.15
C ASN H 55 25.14 -36.80 -32.87
N GLY H 56 24.36 -36.44 -33.88
CA GLY H 56 22.93 -36.25 -33.74
C GLY H 56 22.57 -34.83 -33.35
N VAL H 57 21.28 -34.55 -33.46
CA VAL H 57 20.77 -33.21 -33.17
C VAL H 57 20.66 -33.02 -31.66
N SER H 58 20.51 -31.76 -31.25
CA SER H 58 20.39 -31.43 -29.84
C SER H 58 19.06 -31.93 -29.28
N ARG H 59 19.11 -32.43 -28.05
CA ARG H 59 17.91 -32.92 -27.37
C ARG H 59 17.71 -32.36 -25.97
N GLY H 60 18.72 -31.76 -25.36
CA GLY H 60 18.56 -31.16 -24.06
C GLY H 60 19.87 -30.56 -23.58
N VAL H 61 19.75 -29.70 -22.57
CA VAL H 61 20.93 -29.05 -22.00
C VAL H 61 20.56 -28.58 -20.59
N GLU H 62 21.53 -28.65 -19.69
CA GLU H 62 21.40 -28.05 -18.38
C GLU H 62 22.78 -27.83 -17.79
N TYR H 63 22.87 -26.87 -16.88
CA TYR H 63 24.13 -26.53 -16.23
C TYR H 63 24.26 -27.37 -14.97
N ASN H 64 25.13 -28.37 -15.01
CA ASN H 64 25.35 -29.23 -13.85
C ASN H 64 26.11 -28.45 -12.80
N THR H 65 25.37 -27.91 -11.83
CA THR H 65 25.97 -27.06 -10.80
C THR H 65 26.98 -27.82 -9.97
N ALA H 66 26.69 -29.08 -9.64
CA ALA H 66 27.59 -29.86 -8.80
C ALA H 66 28.94 -30.05 -9.48
N GLN H 67 28.94 -30.36 -10.77
CA GLN H 67 30.18 -30.55 -11.51
C GLN H 67 30.70 -29.26 -12.13
N ASN H 68 29.92 -28.17 -12.08
CA ASN H 68 30.30 -26.90 -12.67
C ASN H 68 30.64 -27.05 -14.15
N ALA H 69 29.81 -27.82 -14.86
CA ALA H 69 29.99 -28.03 -16.30
C ALA H 69 28.62 -28.18 -16.94
N VAL H 70 28.57 -27.99 -18.25
CA VAL H 70 27.33 -28.04 -19.01
C VAL H 70 27.18 -29.43 -19.60
N TYR H 71 26.08 -30.09 -19.25
CA TYR H 71 25.73 -31.39 -19.81
C TYR H 71 24.66 -31.19 -20.87
N ARG H 72 24.89 -31.75 -22.05
CA ARG H 72 23.91 -31.69 -23.13
C ARG H 72 23.85 -33.04 -23.83
N VAL H 73 22.65 -33.41 -24.26
CA VAL H 73 22.42 -34.68 -24.96
C VAL H 73 22.23 -34.37 -26.44
N CYS H 74 23.16 -34.83 -27.26
CA CYS H 74 23.08 -34.68 -28.70
C CYS H 74 22.95 -36.06 -29.32
N GLY H 75 21.89 -36.27 -30.11
CA GLY H 75 21.67 -37.57 -30.72
C GLY H 75 21.52 -38.65 -29.68
N GLY H 76 22.25 -39.75 -29.87
CA GLY H 76 22.19 -40.87 -28.96
C GLY H 76 23.30 -40.86 -27.93
N LYS H 77 23.93 -39.71 -27.72
CA LYS H 77 25.09 -39.60 -26.87
C LYS H 77 24.92 -38.47 -25.86
N LEU H 78 25.45 -38.67 -24.66
CA LEU H 78 25.43 -37.65 -23.61
C LEU H 78 26.82 -37.04 -23.49
N TYR H 79 26.87 -35.71 -23.47
CA TYR H 79 28.14 -34.98 -23.49
C TYR H 79 28.26 -34.11 -22.25
N LYS H 80 29.45 -34.15 -21.64
CA LYS H 80 29.81 -33.24 -20.55
C LYS H 80 30.77 -32.22 -21.15
N GLY H 81 30.21 -31.13 -21.66
CA GLY H 81 31.03 -30.17 -22.39
C GLY H 81 31.62 -30.82 -23.62
N GLU H 82 32.94 -30.73 -23.75
CA GLU H 82 33.62 -31.33 -24.90
C GLU H 82 33.51 -32.86 -24.87
N SER H 83 33.70 -33.46 -23.70
CA SER H 83 33.86 -34.90 -23.60
C SER H 83 32.53 -35.63 -23.72
N GLU H 84 32.61 -36.95 -23.88
CA GLU H 84 31.46 -37.83 -23.96
C GLU H 84 31.48 -38.76 -22.73
N VAL H 85 30.34 -38.85 -22.05
CA VAL H 85 30.30 -39.57 -20.78
C VAL H 85 29.27 -40.70 -20.74
N GLY H 86 28.38 -40.83 -21.71
CA GLY H 86 27.41 -41.91 -21.63
C GLY H 86 26.62 -42.05 -22.92
N ASP H 87 25.75 -43.05 -22.92
CA ASP H 87 24.89 -43.35 -24.06
C ASP H 87 23.44 -43.11 -23.67
N VAL H 88 22.69 -42.46 -24.56
CA VAL H 88 21.28 -42.16 -24.34
C VAL H 88 20.48 -42.74 -25.48
N ALA H 89 19.43 -43.49 -25.16
CA ALA H 89 18.57 -44.04 -26.19
C ALA H 89 17.55 -43.00 -26.65
N GLY H 90 16.61 -43.45 -27.48
CA GLY H 90 15.54 -42.58 -27.94
C GLY H 90 16.01 -41.58 -28.98
N SER H 91 15.05 -40.77 -29.44
CA SER H 91 15.33 -39.75 -30.44
C SER H 91 14.73 -38.39 -30.13
N GLY H 92 13.68 -38.30 -29.31
CA GLY H 92 13.05 -37.03 -29.03
C GLY H 92 13.77 -36.24 -27.97
N ARG H 93 13.18 -35.10 -27.63
CA ARG H 93 13.72 -34.27 -26.57
C ARG H 93 13.63 -34.97 -25.22
N VAL H 94 14.61 -34.70 -24.37
CA VAL H 94 14.69 -35.31 -23.04
C VAL H 94 14.80 -34.21 -22.01
N SER H 95 14.20 -34.42 -20.85
CA SER H 95 14.31 -33.52 -19.72
C SER H 95 15.30 -34.10 -18.73
N MET H 96 16.25 -33.28 -18.29
CA MET H 96 17.33 -33.75 -17.42
C MET H 96 17.33 -32.96 -16.11
N ALA H 97 17.68 -33.65 -15.03
CA ALA H 97 17.91 -33.05 -13.73
C ALA H 97 19.21 -33.62 -13.18
N HIS H 98 19.87 -32.85 -12.33
CA HIS H 98 21.19 -33.22 -11.83
C HIS H 98 21.23 -33.16 -10.31
N GLY H 99 22.04 -34.05 -9.73
CA GLY H 99 22.23 -34.08 -8.30
C GLY H 99 23.69 -34.25 -7.96
N ARG H 100 23.96 -34.28 -6.65
CA ARG H 100 25.34 -34.44 -6.19
C ARG H 100 25.90 -35.79 -6.63
N THR H 101 25.10 -36.85 -6.51
CA THR H 101 25.59 -38.18 -6.82
C THR H 101 25.65 -38.44 -8.32
N SER H 102 24.66 -37.97 -9.07
CA SER H 102 24.54 -38.38 -10.46
C SER H 102 23.83 -37.32 -11.28
N GLN H 103 23.96 -37.44 -12.59
CA GLN H 103 23.22 -36.64 -13.56
C GLN H 103 22.16 -37.52 -14.21
N ALA H 104 20.92 -37.07 -14.19
CA ALA H 104 19.78 -37.89 -14.60
C ALA H 104 19.19 -37.37 -15.90
N VAL H 105 18.81 -38.29 -16.78
CA VAL H 105 18.16 -37.96 -18.04
C VAL H 105 16.87 -38.76 -18.14
N GLY H 106 15.76 -38.09 -18.42
CA GLY H 106 14.49 -38.76 -18.57
C GLY H 106 14.18 -39.10 -20.02
N VAL H 107 14.40 -40.35 -20.40
CA VAL H 107 14.24 -40.78 -21.79
C VAL H 107 13.47 -42.09 -21.82
N ASN H 108 12.59 -42.22 -22.82
CA ASN H 108 11.82 -43.43 -23.06
C ASN H 108 11.04 -43.85 -21.82
N GLY H 109 10.49 -42.87 -21.11
CA GLY H 109 9.70 -43.18 -19.93
C GLY H 109 10.47 -43.77 -18.78
N GLN H 110 11.79 -43.62 -18.77
CA GLN H 110 12.63 -44.11 -17.70
C GLN H 110 13.55 -43.01 -17.22
N LEU H 111 13.76 -42.95 -15.91
CA LEU H 111 14.67 -41.98 -15.31
C LEU H 111 16.04 -42.64 -15.23
N VAL H 112 16.91 -42.31 -16.19
CA VAL H 112 18.24 -42.89 -16.29
C VAL H 112 19.21 -41.95 -15.58
N GLU H 113 19.95 -42.49 -14.61
CA GLU H 113 20.91 -41.72 -13.84
C GLU H 113 22.31 -42.09 -14.29
N TYR H 114 23.07 -41.09 -14.73
CA TYR H 114 24.46 -41.28 -15.17
C TYR H 114 25.36 -40.82 -14.03
N ARG H 115 25.71 -41.75 -13.15
CA ARG H 115 26.53 -41.43 -12.00
C ARG H 115 27.92 -40.98 -12.45
N TYR H 116 28.49 -40.06 -11.68
CA TYR H 116 29.78 -39.48 -12.05
C TYR H 116 30.92 -40.49 -11.97
N ASP H 117 30.75 -41.58 -11.22
CA ASP H 117 31.77 -42.62 -11.17
C ASP H 117 31.83 -43.45 -12.44
N GLY H 118 30.87 -43.29 -13.35
CA GLY H 118 30.84 -44.00 -14.61
C GLY H 118 29.71 -44.99 -14.74
N THR H 119 29.18 -45.49 -13.63
CA THR H 119 28.10 -46.46 -13.68
C THR H 119 26.79 -45.78 -14.08
N VAL H 120 25.87 -46.57 -14.62
CA VAL H 120 24.56 -46.11 -15.05
C VAL H 120 23.51 -46.89 -14.29
N LYS H 121 22.58 -46.17 -13.66
CA LYS H 121 21.51 -46.78 -12.87
C LYS H 121 20.17 -46.25 -13.37
N THR H 122 19.19 -47.14 -13.47
CA THR H 122 17.84 -46.80 -13.91
C THR H 122 16.89 -46.92 -12.73
N VAL H 123 15.97 -45.97 -12.62
CA VAL H 123 15.05 -45.95 -11.49
C VAL H 123 14.05 -47.08 -11.64
N SER H 124 13.90 -47.87 -10.58
CA SER H 124 12.96 -48.98 -10.55
C SER H 124 12.57 -49.27 -9.12
N ASN H 125 11.50 -50.04 -8.95
CA ASN H 125 10.99 -50.35 -7.63
C ASN H 125 12.03 -51.06 -6.78
N TRP H 126 11.84 -51.01 -5.47
CA TRP H 126 12.71 -51.71 -4.55
C TRP H 126 12.58 -53.22 -4.76
N PRO H 127 13.64 -53.98 -4.49
CA PRO H 127 13.53 -55.44 -4.59
C PRO H 127 12.47 -55.97 -3.65
N ALA H 128 11.79 -57.03 -4.11
CA ALA H 128 10.66 -57.56 -3.35
C ALA H 128 11.09 -58.07 -1.98
N ASP H 129 12.25 -58.72 -1.90
CA ASP H 129 12.73 -59.24 -0.64
C ASP H 129 13.09 -58.14 0.36
N SER H 130 13.29 -56.91 -0.11
CA SER H 130 13.64 -55.82 0.81
C SER H 130 12.51 -55.50 1.77
N GLY H 131 11.26 -55.75 1.37
CA GLY H 131 10.12 -55.48 2.22
C GLY H 131 9.60 -54.06 2.15
N PHE H 132 10.24 -53.19 1.38
CA PHE H 132 9.76 -51.82 1.26
C PHE H 132 8.54 -51.75 0.36
N THR H 133 7.82 -50.63 0.45
CA THR H 133 6.59 -50.47 -0.30
C THR H 133 6.85 -50.46 -1.80
N GLN H 134 5.99 -51.15 -2.55
CA GLN H 134 6.09 -51.22 -4.00
C GLN H 134 5.09 -50.26 -4.63
N TYR H 135 5.49 -49.64 -5.74
CA TYR H 135 4.66 -48.70 -6.44
C TYR H 135 4.56 -49.08 -7.91
N GLU H 136 3.49 -48.62 -8.55
CA GLU H 136 3.29 -48.81 -9.98
C GLU H 136 3.85 -47.59 -10.70
N LEU H 137 5.16 -47.65 -10.99
CA LEU H 137 5.84 -46.48 -11.55
C LEU H 137 5.31 -46.12 -12.92
N GLY H 138 5.08 -47.11 -13.77
CA GLY H 138 4.61 -46.81 -15.12
C GLY H 138 5.71 -46.17 -15.94
N SER H 139 5.39 -45.06 -16.60
CA SER H 139 6.31 -44.38 -17.50
C SER H 139 6.60 -42.98 -16.97
N VAL H 140 7.82 -42.51 -17.22
CA VAL H 140 8.27 -41.21 -16.74
C VAL H 140 8.06 -40.18 -17.84
N ARG H 141 7.44 -39.05 -17.48
CA ARG H 141 7.21 -37.96 -18.43
C ARG H 141 8.23 -36.84 -18.27
N ASP H 142 8.33 -36.26 -17.07
CA ASP H 142 9.28 -35.20 -16.80
C ASP H 142 9.89 -35.42 -15.42
N ILE H 143 11.11 -34.92 -15.25
CA ILE H 143 11.87 -35.14 -14.01
C ILE H 143 12.37 -33.81 -13.48
N THR H 144 12.72 -33.81 -12.20
CA THR H 144 13.32 -32.66 -11.55
C THR H 144 14.00 -33.13 -10.28
N ARG H 145 14.79 -32.25 -9.68
CA ARG H 145 15.56 -32.58 -8.48
C ARG H 145 15.32 -31.51 -7.43
N LEU H 146 15.17 -31.93 -6.18
CA LEU H 146 15.04 -31.01 -5.06
C LEU H 146 15.40 -31.74 -3.78
N ARG H 147 16.26 -31.12 -2.97
CA ARG H 147 16.66 -31.66 -1.67
C ARG H 147 17.24 -33.05 -1.77
N GLY H 148 18.00 -33.31 -2.84
CA GLY H 148 18.61 -34.61 -3.00
C GLY H 148 17.68 -35.71 -3.44
N ARG H 149 16.46 -35.39 -3.86
CA ARG H 149 15.50 -36.37 -4.32
C ARG H 149 15.12 -36.08 -5.76
N TYR H 150 15.20 -37.10 -6.61
CA TYR H 150 14.74 -36.96 -7.98
C TYR H 150 13.22 -37.12 -8.01
N ALA H 151 12.53 -36.08 -8.45
CA ALA H 151 11.07 -36.09 -8.53
C ALA H 151 10.67 -36.20 -10.00
N TRP H 152 9.86 -37.21 -10.31
CA TRP H 152 9.40 -37.44 -11.66
C TRP H 152 7.92 -37.74 -11.66
N SER H 153 7.28 -37.52 -12.82
CA SER H 153 5.84 -37.64 -12.98
C SER H 153 5.50 -38.88 -13.79
N LYS H 154 4.50 -39.62 -13.31
CA LYS H 154 4.00 -40.76 -14.07
C LYS H 154 3.30 -40.28 -15.33
N ASP H 155 3.60 -40.94 -16.45
CA ASP H 155 3.04 -40.52 -17.73
C ASP H 155 1.57 -40.89 -17.82
N GLY H 156 0.74 -39.94 -18.25
CA GLY H 156 -0.67 -40.16 -18.41
C GLY H 156 -1.47 -40.20 -17.13
N THR H 157 -0.88 -39.85 -16.00
CA THR H 157 -1.55 -39.87 -14.72
C THR H 157 -1.04 -38.72 -13.87
N ASP H 158 -1.89 -38.25 -12.95
CA ASP H 158 -1.55 -37.13 -12.08
C ASP H 158 -0.70 -37.53 -10.89
N SER H 159 -0.05 -38.69 -10.92
CA SER H 159 0.76 -39.15 -9.80
C SER H 159 2.24 -38.89 -10.09
N TRP H 160 2.97 -38.50 -9.06
CA TRP H 160 4.41 -38.26 -9.17
C TRP H 160 5.11 -38.86 -7.95
N PHE H 161 6.38 -39.20 -8.12
CA PHE H 161 7.14 -39.92 -7.12
C PHE H 161 8.43 -39.17 -6.81
N ILE H 162 9.08 -39.58 -5.72
CA ILE H 162 10.37 -39.02 -5.31
C ILE H 162 11.27 -40.17 -4.88
N THR H 163 12.54 -40.08 -5.24
CA THR H 163 13.50 -41.13 -4.94
C THR H 163 13.92 -41.08 -3.47
N ASP H 164 14.41 -42.21 -2.98
CA ASP H 164 14.87 -42.30 -1.61
C ASP H 164 16.17 -41.52 -1.41
N LEU H 165 16.34 -40.99 -0.20
CA LEU H 165 17.54 -40.21 0.09
C LEU H 165 18.79 -41.08 0.08
N GLU H 166 18.77 -42.20 0.79
CA GLU H 166 19.96 -43.05 0.86
C GLU H 166 20.31 -43.64 -0.50
N ASP H 167 19.30 -44.11 -1.24
CA ASP H 167 19.51 -44.70 -2.56
C ASP H 167 18.66 -43.95 -3.56
N GLU H 168 19.32 -43.19 -4.45
CA GLU H 168 18.58 -42.42 -5.43
C GLU H 168 18.04 -43.30 -6.56
N SER H 169 18.58 -44.51 -6.71
CA SER H 169 18.12 -45.39 -7.78
C SER H 169 16.68 -45.79 -7.57
N HIS H 170 16.31 -46.12 -6.36
CA HIS H 170 14.94 -46.56 -6.12
C HIS H 170 14.10 -45.43 -5.53
N PRO H 171 12.77 -45.49 -5.67
CA PRO H 171 11.92 -44.46 -5.07
C PRO H 171 11.99 -44.48 -3.55
N ASP H 172 11.26 -43.57 -2.91
CA ASP H 172 11.29 -43.49 -1.46
C ASP H 172 10.75 -44.78 -0.84
N ARG H 173 11.26 -45.10 0.35
CA ARG H 173 10.95 -46.38 0.96
C ARG H 173 9.48 -46.50 1.32
N TYR H 174 8.88 -45.42 1.82
CA TYR H 174 7.54 -45.50 2.37
C TYR H 174 6.56 -44.48 1.81
N SER H 175 7.01 -43.31 1.39
CA SER H 175 6.14 -42.21 1.00
C SER H 175 6.55 -41.62 -0.34
N ALA H 176 6.78 -42.48 -1.33
CA ALA H 176 7.23 -42.00 -2.63
C ALA H 176 6.10 -41.34 -3.42
N GLN H 177 4.91 -41.94 -3.40
CA GLN H 177 3.85 -41.54 -4.31
C GLN H 177 3.09 -40.33 -3.78
N TYR H 178 2.80 -39.38 -4.67
CA TYR H 178 1.94 -38.25 -4.37
C TYR H 178 1.09 -37.95 -5.60
N ARG H 179 -0.03 -37.27 -5.38
CA ARG H 179 -0.99 -37.00 -6.42
C ARG H 179 -1.40 -35.54 -6.41
N ALA H 180 -1.48 -34.95 -7.60
CA ALA H 180 -1.99 -33.59 -7.77
C ALA H 180 -3.47 -33.70 -8.17
N GLU H 181 -4.30 -33.99 -7.17
CA GLU H 181 -5.69 -34.37 -7.39
C GLU H 181 -6.67 -33.25 -7.10
N SER H 182 -6.24 -31.99 -7.14
CA SER H 182 -7.19 -30.90 -6.99
C SER H 182 -8.19 -30.89 -8.14
N GLN H 183 -7.72 -31.19 -9.35
CA GLN H 183 -8.58 -31.36 -10.51
C GLN H 183 -8.18 -32.64 -11.24
N PRO H 184 -9.10 -33.26 -11.98
CA PRO H 184 -8.75 -34.46 -12.73
C PRO H 184 -7.85 -34.15 -13.91
N ASP H 185 -6.66 -33.64 -13.66
CA ASP H 185 -5.74 -33.24 -14.71
C ASP H 185 -4.46 -34.04 -14.64
N GLY H 186 -4.04 -34.56 -15.79
CA GLY H 186 -2.78 -35.27 -15.88
C GLY H 186 -1.61 -34.32 -15.75
N ILE H 187 -0.58 -34.75 -15.03
CA ILE H 187 0.60 -33.91 -14.82
C ILE H 187 1.40 -33.93 -16.11
N ILE H 188 1.27 -32.86 -16.90
CA ILE H 188 1.98 -32.79 -18.17
C ILE H 188 3.48 -32.60 -17.94
N GLY H 189 3.83 -31.70 -17.01
CA GLY H 189 5.24 -31.47 -16.73
C GLY H 189 5.43 -31.17 -15.25
N ILE H 190 6.67 -31.35 -14.80
CA ILE H 190 7.03 -31.11 -13.42
C ILE H 190 8.27 -30.24 -13.38
N GLY H 191 8.36 -29.39 -12.35
CA GLY H 191 9.47 -28.48 -12.22
C GLY H 191 9.68 -28.09 -10.78
N THR H 192 10.81 -27.43 -10.53
CA THR H 192 11.20 -26.99 -9.20
C THR H 192 11.27 -25.47 -9.17
N TRP H 193 10.63 -24.88 -8.17
CA TRP H 193 10.61 -23.44 -7.99
C TRP H 193 10.81 -23.13 -6.51
N ARG H 194 11.91 -22.45 -6.19
CA ARG H 194 12.28 -22.14 -4.80
C ARG H 194 12.36 -23.48 -4.06
N ASP H 195 11.59 -23.68 -2.99
CA ASP H 195 11.57 -24.96 -2.30
C ASP H 195 10.30 -25.75 -2.57
N PHE H 196 9.52 -25.36 -3.58
CA PHE H 196 8.28 -26.04 -3.92
C PHE H 196 8.49 -26.92 -5.14
N ILE H 197 7.91 -28.12 -5.11
CA ILE H 197 7.78 -28.94 -6.30
C ILE H 197 6.52 -28.51 -7.05
N VAL H 198 6.68 -28.11 -8.29
CA VAL H 198 5.59 -27.59 -9.10
C VAL H 198 5.12 -28.68 -10.05
N CYS H 199 3.84 -28.99 -10.00
CA CYS H 199 3.25 -30.03 -10.85
C CYS H 199 2.37 -29.34 -11.89
N PHE H 200 2.94 -29.07 -13.06
CA PHE H 200 2.19 -28.46 -14.13
C PHE H 200 1.24 -29.48 -14.74
N GLY H 201 -0.06 -29.28 -14.55
CA GLY H 201 -1.08 -30.16 -15.06
C GLY H 201 -1.60 -29.75 -16.42
N SER H 202 -2.72 -30.36 -16.80
CA SER H 202 -3.39 -30.00 -18.04
C SER H 202 -4.43 -28.91 -17.83
N SER H 203 -4.84 -28.66 -16.60
CA SER H 203 -5.77 -27.58 -16.30
C SER H 203 -5.30 -26.69 -15.17
N THR H 204 -4.55 -27.22 -14.21
CA THR H 204 -4.13 -26.48 -13.03
C THR H 204 -2.66 -26.70 -12.76
N ILE H 205 -2.08 -25.77 -12.00
CA ILE H 205 -0.68 -25.83 -11.56
C ILE H 205 -0.68 -25.82 -10.04
N GLU H 206 0.03 -26.79 -9.45
CA GLU H 206 0.04 -26.96 -8.01
C GLU H 206 1.46 -26.88 -7.47
N TYR H 207 1.58 -26.50 -6.20
CA TYR H 207 2.86 -26.37 -5.51
C TYR H 207 2.87 -27.28 -4.30
N PHE H 208 3.96 -28.04 -4.15
CA PHE H 208 4.13 -28.96 -3.03
C PHE H 208 5.38 -28.59 -2.27
N SER H 209 5.28 -28.56 -0.93
CA SER H 209 6.40 -28.22 -0.07
C SER H 209 6.65 -29.35 0.93
N LEU H 210 7.88 -29.41 1.43
CA LEU H 210 8.25 -30.47 2.35
C LEU H 210 7.55 -30.28 3.68
N THR H 211 6.95 -31.36 4.20
CA THR H 211 6.31 -31.29 5.50
C THR H 211 7.34 -31.36 6.63
N GLY H 212 8.42 -32.11 6.43
CA GLY H 212 9.37 -32.35 7.48
C GLY H 212 9.00 -33.46 8.43
N ALA H 213 7.95 -34.22 8.13
CA ALA H 213 7.53 -35.30 9.00
C ALA H 213 8.58 -36.40 9.04
N THR H 214 8.84 -36.93 10.23
CA THR H 214 9.83 -37.97 10.42
C THR H 214 9.23 -39.36 10.56
N THR H 215 7.92 -39.45 10.76
CA THR H 215 7.28 -40.76 10.92
C THR H 215 7.35 -41.55 9.62
N ALA H 216 7.62 -42.84 9.75
CA ALA H 216 7.68 -43.72 8.58
C ALA H 216 6.29 -43.84 7.97
N GLY H 217 6.21 -43.67 6.65
CA GLY H 217 4.94 -43.72 5.95
C GLY H 217 4.16 -42.43 5.94
N ALA H 218 4.62 -41.40 6.62
CA ALA H 218 3.94 -40.12 6.61
C ALA H 218 4.29 -39.36 5.32
N ALA H 219 3.35 -38.55 4.86
CA ALA H 219 3.54 -37.81 3.62
C ALA H 219 4.60 -36.74 3.81
N LEU H 220 5.59 -36.71 2.90
CA LEU H 220 6.63 -35.69 2.98
C LEU H 220 6.23 -34.39 2.31
N TYR H 221 5.31 -34.45 1.35
CA TYR H 221 4.88 -33.28 0.59
C TYR H 221 3.38 -33.09 0.72
N VAL H 222 2.96 -31.84 0.89
CA VAL H 222 1.55 -31.47 0.87
C VAL H 222 1.37 -30.30 -0.07
N ALA H 223 0.24 -30.29 -0.78
CA ALA H 223 -0.04 -29.23 -1.73
C ALA H 223 -0.26 -27.90 -1.01
N GLN H 224 0.08 -26.81 -1.68
CA GLN H 224 -0.13 -25.47 -1.16
C GLN H 224 -1.28 -24.83 -1.93
N PRO H 225 -2.52 -24.90 -1.44
CA PRO H 225 -3.64 -24.34 -2.21
C PRO H 225 -3.54 -22.83 -2.41
N SER H 226 -2.82 -22.13 -1.54
CA SER H 226 -2.73 -20.67 -1.67
C SER H 226 -1.98 -20.27 -2.93
N LEU H 227 -1.06 -21.11 -3.40
CA LEU H 227 -0.27 -20.78 -4.58
C LEU H 227 -0.75 -21.47 -5.84
N MET H 228 -1.90 -22.14 -5.80
CA MET H 228 -2.40 -22.83 -6.98
C MET H 228 -2.73 -21.84 -8.09
N VAL H 229 -2.44 -22.22 -9.32
CA VAL H 229 -2.73 -21.42 -10.51
C VAL H 229 -3.71 -22.20 -11.37
N GLN H 230 -4.76 -21.53 -11.82
CA GLN H 230 -5.83 -22.20 -12.56
C GLN H 230 -5.53 -22.33 -14.05
N LYS H 231 -4.35 -21.93 -14.50
CA LYS H 231 -3.92 -22.18 -15.86
C LYS H 231 -3.09 -23.46 -15.91
N SER H 232 -2.49 -23.74 -17.07
CA SER H 232 -1.71 -24.96 -17.24
C SER H 232 -0.86 -24.83 -18.49
N ILE H 233 0.01 -25.81 -18.68
CA ILE H 233 0.96 -25.80 -19.79
C ILE H 233 0.43 -26.67 -20.92
N ALA H 234 0.70 -26.24 -22.16
CA ALA H 234 0.19 -26.96 -23.32
C ALA H 234 0.97 -28.25 -23.58
N GLY H 235 2.30 -28.20 -23.48
CA GLY H 235 3.12 -29.34 -23.79
C GLY H 235 4.08 -29.66 -22.67
N THR H 236 4.76 -30.80 -22.79
CA THR H 236 5.65 -31.26 -21.74
C THR H 236 6.81 -30.29 -21.53
N TYR H 237 7.37 -29.76 -22.61
CA TYR H 237 8.49 -28.84 -22.54
C TYR H 237 8.09 -27.41 -22.88
N CYS H 238 6.82 -27.05 -22.65
CA CYS H 238 6.34 -25.68 -22.88
C CYS H 238 6.50 -24.81 -21.65
N LYS H 239 7.47 -25.12 -20.78
CA LYS H 239 7.69 -24.40 -19.54
C LYS H 239 9.18 -24.16 -19.37
N THR H 240 9.52 -23.13 -18.59
CA THR H 240 10.90 -22.84 -18.27
C THR H 240 10.93 -21.78 -17.16
N PRO H 241 11.94 -21.80 -16.29
CA PRO H 241 12.11 -20.71 -15.33
C PRO H 241 12.36 -19.41 -16.05
N PHE H 242 11.81 -18.32 -15.50
CA PHE H 242 11.95 -17.01 -16.13
C PHE H 242 11.57 -15.93 -15.11
N ALA H 243 12.48 -14.98 -14.90
CA ALA H 243 12.23 -13.83 -14.03
C ALA H 243 11.77 -14.27 -12.64
N ASP H 244 12.53 -15.18 -12.05
CA ASP H 244 12.23 -15.73 -10.72
C ASP H 244 10.82 -16.32 -10.68
N SER H 245 10.43 -16.96 -11.78
CA SER H 245 9.10 -17.55 -11.91
C SER H 245 9.14 -18.50 -13.10
N TYR H 246 7.97 -18.99 -13.48
CA TYR H 246 7.84 -19.91 -14.60
C TYR H 246 6.98 -19.28 -15.69
N ALA H 247 7.43 -19.39 -16.93
CA ALA H 247 6.67 -18.96 -18.09
C ALA H 247 6.23 -20.19 -18.87
N PHE H 248 5.02 -20.13 -19.41
CA PHE H 248 4.43 -21.31 -20.04
C PHE H 248 3.44 -20.89 -21.11
N ILE H 249 3.06 -21.86 -21.94
CA ILE H 249 2.02 -21.69 -22.94
C ILE H 249 0.75 -22.36 -22.43
N SER H 250 -0.35 -21.61 -22.40
CA SER H 250 -1.58 -22.11 -21.81
C SER H 250 -2.09 -23.32 -22.58
N HIS H 251 -2.56 -24.32 -21.84
CA HIS H 251 -3.14 -25.50 -22.45
C HIS H 251 -4.48 -25.14 -23.11
N PRO H 252 -4.85 -25.86 -24.17
CA PRO H 252 -6.15 -25.60 -24.81
C PRO H 252 -7.34 -25.80 -23.89
N ALA H 253 -7.18 -26.51 -22.77
CA ALA H 253 -8.30 -26.75 -21.87
C ALA H 253 -8.85 -25.44 -21.30
N THR H 254 -7.96 -24.50 -20.97
CA THR H 254 -8.37 -23.24 -20.39
C THR H 254 -8.78 -22.19 -21.43
N GLY H 255 -8.71 -22.52 -22.71
CA GLY H 255 -9.07 -21.62 -23.78
C GLY H 255 -8.00 -21.61 -24.84
N ALA H 256 -7.97 -20.53 -25.62
CA ALA H 256 -6.97 -20.40 -26.66
C ALA H 256 -5.58 -20.34 -26.01
N PRO H 257 -4.61 -21.09 -26.52
CA PRO H 257 -3.28 -21.07 -25.90
C PRO H 257 -2.64 -19.70 -25.98
N SER H 258 -1.91 -19.33 -24.93
CA SER H 258 -1.25 -18.05 -24.85
C SER H 258 -0.07 -18.16 -23.88
N VAL H 259 0.83 -17.20 -23.98
CA VAL H 259 2.01 -17.19 -23.11
C VAL H 259 1.66 -16.47 -21.82
N TYR H 260 2.06 -17.07 -20.69
CA TYR H 260 1.76 -16.53 -19.37
C TYR H 260 3.01 -16.58 -18.50
N ILE H 261 3.03 -15.73 -17.49
CA ILE H 261 4.06 -15.73 -16.47
C ILE H 261 3.37 -15.89 -15.11
N ILE H 262 3.81 -16.87 -14.34
CA ILE H 262 3.20 -17.14 -13.04
C ILE H 262 3.67 -16.09 -12.04
N GLY H 263 2.72 -15.37 -11.45
CA GLY H 263 3.07 -14.42 -10.41
C GLY H 263 2.14 -14.48 -9.21
N SER H 264 2.68 -14.85 -8.06
CA SER H 264 1.95 -14.85 -6.79
C SER H 264 0.63 -15.61 -6.91
N GLY H 265 0.68 -16.79 -7.53
CA GLY H 265 -0.52 -17.59 -7.66
C GLY H 265 -1.48 -17.15 -8.73
N GLN H 266 -1.05 -16.30 -9.66
CA GLN H 266 -1.88 -15.84 -10.76
C GLN H 266 -1.05 -15.78 -12.03
N ALA H 267 -1.71 -15.99 -13.17
CA ALA H 267 -1.04 -15.99 -14.47
C ALA H 267 -1.33 -14.68 -15.17
N SER H 268 -0.28 -13.95 -15.54
CA SER H 268 -0.40 -12.69 -16.25
C SER H 268 0.08 -12.87 -17.68
N PRO H 269 -0.78 -12.68 -18.68
CA PRO H 269 -0.36 -12.89 -20.06
C PRO H 269 0.71 -11.88 -20.48
N ILE H 270 1.62 -12.34 -21.34
CA ILE H 270 2.66 -11.48 -21.89
C ILE H 270 2.68 -11.65 -23.40
N ALA H 271 1.59 -12.16 -23.96
CA ALA H 271 1.50 -12.45 -25.38
C ALA H 271 0.64 -11.41 -26.07
N THR H 272 1.17 -10.78 -27.11
CA THR H 272 0.40 -9.86 -27.93
C THR H 272 -0.63 -10.65 -28.74
N ALA H 273 -1.70 -9.96 -29.14
CA ALA H 273 -2.74 -10.61 -29.93
C ALA H 273 -2.17 -11.27 -31.18
N SER H 274 -1.16 -10.64 -31.80
CA SER H 274 -0.49 -11.27 -32.93
C SER H 274 0.21 -12.56 -32.52
N ILE H 275 0.87 -12.55 -31.37
CA ILE H 275 1.53 -13.76 -30.88
C ILE H 275 0.51 -14.85 -30.59
N GLU H 276 -0.63 -14.48 -30.01
CA GLU H 276 -1.66 -15.47 -29.72
C GLU H 276 -2.24 -16.05 -30.99
N LYS H 277 -2.42 -15.22 -32.02
CA LYS H 277 -2.88 -15.74 -33.31
C LYS H 277 -1.84 -16.70 -33.90
N ILE H 278 -0.57 -16.34 -33.80
CA ILE H 278 0.49 -17.21 -34.30
C ILE H 278 0.46 -18.56 -33.59
N ILE H 279 0.31 -18.54 -32.27
CA ILE H 279 0.23 -19.78 -31.49
C ILE H 279 -1.00 -20.58 -31.89
N ARG H 280 -2.13 -19.90 -32.06
CA ARG H 280 -3.36 -20.59 -32.44
C ARG H 280 -3.25 -21.21 -33.83
N SER H 281 -2.39 -20.65 -34.69
CA SER H 281 -2.26 -21.20 -36.04
C SER H 281 -1.82 -22.66 -36.03
N TYR H 282 -1.06 -23.07 -35.02
CA TYR H 282 -0.61 -24.45 -34.92
C TYR H 282 -1.72 -25.34 -34.36
N THR H 283 -1.62 -26.63 -34.65
CA THR H 283 -2.53 -27.60 -34.09
C THR H 283 -2.14 -27.92 -32.65
N ALA H 284 -3.00 -28.69 -31.97
CA ALA H 284 -2.74 -29.04 -30.59
C ALA H 284 -1.49 -29.91 -30.46
N GLU H 285 -1.33 -30.88 -31.35
CA GLU H 285 -0.17 -31.76 -31.29
C GLU H 285 1.11 -31.00 -31.58
N GLU H 286 1.11 -30.17 -32.63
CA GLU H 286 2.29 -29.37 -32.94
C GLU H 286 2.60 -28.41 -31.81
N MET H 287 1.57 -27.87 -31.17
CA MET H 287 1.79 -27.03 -30.00
C MET H 287 2.44 -27.81 -28.87
N ALA H 288 2.01 -29.06 -28.68
CA ALA H 288 2.62 -29.89 -27.64
C ALA H 288 4.09 -30.17 -27.94
N THR H 289 4.42 -30.38 -29.22
CA THR H 289 5.81 -30.65 -29.58
C THR H 289 6.71 -29.43 -29.41
N GLY H 290 6.14 -28.24 -29.19
CA GLY H 290 6.97 -27.07 -29.02
C GLY H 290 7.76 -27.09 -27.73
N VAL H 291 8.94 -26.47 -27.77
CA VAL H 291 9.83 -26.38 -26.61
C VAL H 291 10.23 -24.92 -26.43
N MET H 292 10.32 -24.49 -25.17
CA MET H 292 10.72 -23.13 -24.86
C MET H 292 11.83 -23.14 -23.82
N GLU H 293 12.64 -22.09 -23.84
CA GLU H 293 13.77 -21.95 -22.93
C GLU H 293 14.03 -20.47 -22.70
N THR H 294 15.00 -20.18 -21.85
CA THR H 294 15.37 -18.81 -21.51
C THR H 294 16.84 -18.58 -21.80
N LEU H 295 17.17 -17.35 -22.19
CA LEU H 295 18.54 -16.96 -22.47
C LEU H 295 18.74 -15.53 -22.00
N ARG H 296 19.89 -15.26 -21.38
CA ARG H 296 20.19 -13.95 -20.83
C ARG H 296 21.62 -13.57 -21.18
N PHE H 297 21.77 -12.58 -22.05
CA PHE H 297 23.06 -11.96 -22.33
C PHE H 297 22.89 -10.46 -22.36
N ASP H 298 23.95 -9.75 -21.97
CA ASP H 298 23.88 -8.32 -21.75
C ASP H 298 22.70 -7.99 -20.84
N SER H 299 21.97 -6.92 -21.15
CA SER H 299 20.82 -6.55 -20.34
C SER H 299 19.54 -7.26 -20.76
N HIS H 300 19.59 -8.09 -21.80
CA HIS H 300 18.40 -8.74 -22.32
C HIS H 300 18.07 -9.99 -21.52
N GLU H 301 16.81 -10.14 -21.15
CA GLU H 301 16.28 -11.36 -20.55
C GLU H 301 15.28 -11.93 -21.55
N LEU H 302 15.71 -12.90 -22.34
CA LEU H 302 14.96 -13.39 -23.48
C LEU H 302 14.24 -14.68 -23.13
N LEU H 303 13.00 -14.79 -23.61
CA LEU H 303 12.21 -16.02 -23.50
C LEU H 303 12.02 -16.55 -24.93
N ILE H 304 12.70 -17.65 -25.25
CA ILE H 304 12.71 -18.20 -26.59
C ILE H 304 11.75 -19.36 -26.66
N ILE H 305 10.85 -19.33 -27.64
CA ILE H 305 9.87 -20.40 -27.87
C ILE H 305 10.17 -21.02 -29.22
N HIS H 306 10.48 -22.32 -29.22
CA HIS H 306 10.84 -23.03 -30.44
C HIS H 306 9.62 -23.80 -30.96
N LEU H 307 8.70 -23.07 -31.57
CA LEU H 307 7.54 -23.69 -32.18
C LEU H 307 7.96 -24.40 -33.47
N PRO H 308 7.15 -25.34 -33.96
CA PRO H 308 7.57 -26.14 -35.12
C PRO H 308 7.92 -25.32 -36.35
N ARG H 309 7.24 -24.20 -36.60
CA ARG H 309 7.53 -23.38 -37.77
C ARG H 309 8.00 -21.98 -37.44
N HIS H 310 7.78 -21.48 -36.23
CA HIS H 310 8.24 -20.15 -35.83
C HIS H 310 9.09 -20.27 -34.58
N VAL H 311 10.02 -19.33 -34.43
CA VAL H 311 10.78 -19.15 -33.21
C VAL H 311 10.54 -17.73 -32.71
N LEU H 312 9.92 -17.62 -31.54
CA LEU H 312 9.53 -16.34 -30.98
C LEU H 312 10.40 -16.02 -29.77
N VAL H 313 10.87 -14.79 -29.69
CA VAL H 313 11.73 -14.34 -28.59
C VAL H 313 11.03 -13.16 -27.92
N TYR H 314 10.83 -13.27 -26.61
CA TYR H 314 10.22 -12.22 -25.81
C TYR H 314 11.31 -11.57 -24.98
N ASP H 315 11.51 -10.27 -25.19
CA ASP H 315 12.55 -9.50 -24.50
C ASP H 315 11.90 -8.75 -23.35
N ALA H 316 12.09 -9.26 -22.12
CA ALA H 316 11.51 -8.60 -20.95
C ALA H 316 12.18 -7.27 -20.67
N SER H 317 13.45 -7.12 -21.05
CA SER H 317 14.15 -5.87 -20.80
C SER H 317 13.55 -4.72 -21.60
N SER H 318 13.22 -4.95 -22.87
CA SER H 318 12.72 -3.92 -23.76
C SER H 318 11.21 -3.95 -23.88
N SER H 319 10.50 -4.29 -22.81
CA SER H 319 9.04 -4.37 -22.83
C SER H 319 8.39 -3.23 -22.06
N GLN H 320 9.03 -2.05 -22.05
CA GLN H 320 8.46 -0.91 -21.33
C GLN H 320 7.16 -0.45 -21.97
N ASN H 321 7.18 -0.23 -23.29
CA ASN H 321 5.96 0.18 -23.99
C ASN H 321 4.93 -0.93 -24.00
N GLY H 322 5.36 -2.16 -24.22
CA GLY H 322 4.47 -3.30 -24.27
C GLY H 322 5.26 -4.57 -24.52
N PRO H 323 4.56 -5.71 -24.59
CA PRO H 323 5.25 -6.98 -24.83
C PRO H 323 6.00 -6.94 -26.16
N GLN H 324 7.32 -7.00 -26.08
CA GLN H 324 8.19 -6.92 -27.24
C GLN H 324 8.55 -8.33 -27.69
N TRP H 325 8.08 -8.72 -28.88
CA TRP H 325 8.32 -10.05 -29.41
C TRP H 325 9.11 -9.95 -30.71
N CYS H 326 10.08 -10.85 -30.86
CA CYS H 326 10.93 -10.88 -32.04
C CYS H 326 10.96 -12.30 -32.59
N VAL H 327 11.06 -12.41 -33.91
CA VAL H 327 11.08 -13.70 -34.58
C VAL H 327 12.51 -14.01 -35.02
N LEU H 328 12.98 -15.21 -34.72
CA LEU H 328 14.30 -15.67 -35.11
C LEU H 328 14.15 -16.70 -36.22
N LYS H 329 14.85 -16.49 -37.33
CA LYS H 329 14.79 -17.39 -38.46
C LYS H 329 16.17 -17.55 -39.07
N THR H 330 16.37 -18.68 -39.75
CA THR H 330 17.64 -19.00 -40.39
C THR H 330 17.43 -19.10 -41.89
N GLY H 331 18.32 -18.46 -42.65
CA GLY H 331 18.27 -18.53 -44.09
C GLY H 331 17.47 -17.39 -44.70
N LEU H 332 17.54 -17.31 -46.03
CA LEU H 332 16.86 -16.24 -46.75
C LEU H 332 15.35 -16.40 -46.69
N TYR H 333 14.86 -17.64 -46.66
CA TYR H 333 13.43 -17.91 -46.60
C TYR H 333 12.98 -17.96 -45.14
N ASP H 334 11.81 -18.54 -44.90
CA ASP H 334 11.19 -18.56 -43.58
C ASP H 334 11.54 -19.81 -42.78
N ASP H 335 12.71 -20.40 -43.00
CA ASP H 335 13.10 -21.58 -42.27
C ASP H 335 13.25 -21.30 -40.79
N VAL H 336 13.00 -22.32 -39.97
CA VAL H 336 13.07 -22.18 -38.53
C VAL H 336 14.51 -21.91 -38.10
N TYR H 337 14.66 -21.12 -37.03
CA TYR H 337 15.98 -20.84 -36.49
C TYR H 337 16.67 -22.13 -36.07
N ARG H 338 17.91 -22.32 -36.52
CA ARG H 338 18.60 -23.57 -36.26
C ARG H 338 19.13 -23.68 -34.84
N GLY H 339 19.53 -22.56 -34.24
CA GLY H 339 20.04 -22.61 -32.88
C GLY H 339 18.95 -23.02 -31.89
N VAL H 340 19.35 -23.79 -30.89
CA VAL H 340 18.42 -24.30 -29.89
C VAL H 340 19.23 -24.73 -28.67
N ASP H 341 18.59 -24.72 -27.50
CA ASP H 341 19.21 -25.17 -26.25
C ASP H 341 20.41 -24.30 -25.89
N PHE H 342 20.17 -23.00 -25.77
CA PHE H 342 21.21 -22.07 -25.39
C PHE H 342 21.58 -22.26 -23.92
N MET H 343 22.86 -22.09 -23.61
CA MET H 343 23.33 -22.17 -22.24
C MET H 343 24.66 -21.42 -22.14
N TYR H 344 24.77 -20.56 -21.13
CA TYR H 344 25.97 -19.77 -20.90
C TYR H 344 26.97 -20.63 -20.15
N GLU H 345 28.15 -20.81 -20.73
CA GLU H 345 29.17 -21.71 -20.17
C GLU H 345 30.52 -21.01 -20.20
N GLY H 346 30.83 -20.28 -19.13
CA GLY H 346 32.16 -19.72 -18.96
C GLY H 346 32.65 -18.85 -20.10
N ASN H 347 32.07 -17.65 -20.23
CA ASN H 347 32.43 -16.63 -21.21
C ASN H 347 31.86 -16.92 -22.59
N GLN H 348 31.19 -18.05 -22.80
CA GLN H 348 30.62 -18.38 -24.10
C GLN H 348 29.19 -18.87 -23.91
N ILE H 349 28.35 -18.60 -24.90
CA ILE H 349 26.99 -19.11 -24.95
C ILE H 349 26.94 -20.18 -26.02
N THR H 350 26.74 -21.42 -25.60
CA THR H 350 26.77 -22.55 -26.52
C THR H 350 25.35 -22.99 -26.85
N CYS H 351 25.08 -23.23 -28.12
CA CYS H 351 23.75 -23.61 -28.58
C CYS H 351 23.85 -24.84 -29.48
N GLY H 352 22.92 -25.77 -29.29
CA GLY H 352 22.81 -26.90 -30.18
C GLY H 352 22.17 -26.52 -31.49
N ASP H 353 22.11 -27.49 -32.40
CA ASP H 353 21.56 -27.27 -33.73
C ASP H 353 20.38 -28.21 -33.96
N LYS H 354 19.29 -27.66 -34.52
CA LYS H 354 18.10 -28.46 -34.73
C LYS H 354 18.28 -29.46 -35.87
N SER H 355 19.01 -29.06 -36.91
CA SER H 355 19.14 -29.87 -38.12
C SER H 355 20.47 -30.63 -38.16
N GLU H 356 21.59 -29.92 -38.09
CA GLU H 356 22.90 -30.55 -38.19
C GLU H 356 23.38 -31.03 -36.84
N ALA H 357 24.34 -31.95 -36.87
CA ALA H 357 24.87 -32.56 -35.65
C ALA H 357 26.12 -31.82 -35.16
N VAL H 358 25.94 -30.54 -34.86
CA VAL H 358 27.01 -29.68 -34.36
C VAL H 358 26.49 -28.86 -33.20
N VAL H 359 27.42 -28.32 -32.43
CA VAL H 359 27.12 -27.34 -31.37
C VAL H 359 28.00 -26.12 -31.61
N GLY H 360 27.40 -24.94 -31.51
CA GLY H 360 28.09 -23.70 -31.82
C GLY H 360 27.97 -22.71 -30.68
N GLN H 361 28.88 -21.74 -30.66
CA GLN H 361 28.89 -20.70 -29.65
C GLN H 361 28.41 -19.39 -30.26
N LEU H 362 27.66 -18.62 -29.47
CA LEU H 362 27.18 -17.33 -29.94
C LEU H 362 28.34 -16.34 -29.96
N GLN H 363 28.62 -15.79 -31.13
CA GLN H 363 29.68 -14.80 -31.30
C GLN H 363 29.04 -13.46 -31.61
N PHE H 364 29.30 -12.47 -30.77
CA PHE H 364 28.69 -11.15 -30.95
C PHE H 364 29.38 -10.33 -32.03
N ASP H 365 30.58 -10.73 -32.44
CA ASP H 365 31.30 -10.00 -33.47
C ASP H 365 30.58 -10.09 -34.81
N ILE H 366 30.01 -11.24 -35.13
CA ILE H 366 29.37 -11.48 -36.43
C ILE H 366 27.92 -11.87 -36.21
N SER H 367 27.13 -11.72 -37.27
CA SER H 367 25.72 -12.11 -37.25
C SER H 367 25.43 -13.33 -38.10
N SER H 368 26.43 -13.86 -38.79
CA SER H 368 26.22 -15.05 -39.61
C SER H 368 26.10 -16.30 -38.75
N GLN H 369 25.25 -17.22 -39.18
CA GLN H 369 25.04 -18.48 -38.49
C GLN H 369 25.80 -19.57 -39.24
N TYR H 370 26.85 -20.10 -38.61
CA TYR H 370 27.72 -21.10 -39.21
C TYR H 370 28.28 -20.60 -40.55
N ASP H 371 28.68 -19.33 -40.59
CA ASP H 371 29.24 -18.70 -41.78
C ASP H 371 28.26 -18.75 -42.95
N LYS H 372 27.04 -18.27 -42.70
CA LYS H 372 26.02 -18.19 -43.72
C LYS H 372 25.27 -16.87 -43.56
N GLN H 373 24.86 -16.28 -44.69
CA GLN H 373 24.13 -15.03 -44.65
C GLN H 373 22.80 -15.21 -43.93
N GLN H 374 22.37 -14.16 -43.24
CA GLN H 374 21.11 -14.17 -42.52
C GLN H 374 20.32 -12.91 -42.85
N GLU H 375 18.99 -13.04 -42.75
CA GLU H 375 18.08 -11.96 -43.07
C GLU H 375 17.69 -11.21 -41.80
N HIS H 376 17.72 -9.89 -41.86
CA HIS H 376 17.29 -9.03 -40.76
C HIS H 376 16.23 -8.08 -41.27
N LEU H 377 15.08 -8.07 -40.62
CA LEU H 377 13.93 -7.31 -41.08
C LEU H 377 13.46 -6.35 -39.99
N LEU H 378 13.00 -5.17 -40.42
CA LEU H 378 12.42 -4.18 -39.52
C LEU H 378 11.24 -3.53 -40.23
N PHE H 379 10.08 -3.53 -39.57
CA PHE H 379 8.86 -3.00 -40.14
C PHE H 379 8.40 -1.79 -39.34
N THR H 380 8.09 -0.72 -40.03
CA THR H 380 7.53 0.45 -39.38
C THR H 380 6.01 0.39 -39.39
N PRO H 381 5.36 0.96 -38.38
CA PRO H 381 3.89 0.92 -38.35
C PRO H 381 3.28 1.71 -39.49
N LEU H 382 2.13 1.24 -39.96
CA LEU H 382 1.38 1.99 -40.96
C LEU H 382 0.82 3.26 -40.35
N PHE H 383 1.07 4.39 -41.00
CA PHE H 383 0.56 5.67 -40.53
C PHE H 383 -0.15 6.38 -41.68
N LYS H 384 -1.26 7.03 -41.36
CA LYS H 384 -2.12 7.63 -42.37
C LYS H 384 -1.65 9.05 -42.64
N ALA H 385 -1.00 9.25 -43.78
CA ALA H 385 -0.60 10.57 -44.24
C ALA H 385 -1.24 10.80 -45.60
N ASP H 386 -2.16 11.76 -45.67
CA ASP H 386 -2.95 11.99 -46.87
C ASP H 386 -2.33 13.12 -47.68
N ASN H 387 -2.04 12.84 -48.95
CA ASN H 387 -1.53 13.84 -49.89
C ASN H 387 -0.24 14.47 -49.40
N ALA H 388 0.54 13.72 -48.64
CA ALA H 388 1.77 14.21 -48.04
C ALA H 388 2.95 13.56 -48.71
N ARG H 389 3.97 14.36 -49.03
CA ARG H 389 5.18 13.88 -49.68
C ARG H 389 6.29 13.75 -48.64
N CYS H 390 6.97 12.60 -48.65
CA CYS H 390 8.07 12.34 -47.74
C CYS H 390 9.35 12.13 -48.55
N PHE H 391 10.42 12.82 -48.15
CA PHE H 391 11.63 12.87 -48.95
C PHE H 391 12.83 12.23 -48.27
N ASP H 392 13.21 12.68 -47.08
CA ASP H 392 14.44 12.25 -46.43
C ASP H 392 14.14 11.10 -45.47
N LEU H 393 14.56 9.90 -45.83
CA LEU H 393 14.42 8.73 -44.98
C LEU H 393 15.81 8.32 -44.53
N GLU H 394 16.12 8.55 -43.26
CA GLU H 394 17.44 8.31 -42.70
C GLU H 394 17.34 7.43 -41.47
N VAL H 395 18.19 6.41 -41.40
CA VAL H 395 18.32 5.56 -40.22
C VAL H 395 19.77 5.57 -39.78
N GLU H 396 19.99 5.79 -38.49
CA GLU H 396 21.35 5.80 -37.94
C GLU H 396 21.85 4.37 -37.80
N SER H 397 23.06 4.12 -38.30
CA SER H 397 23.63 2.78 -38.30
C SER H 397 25.07 2.83 -37.85
N SER H 398 25.45 1.86 -37.01
CA SER H 398 26.85 1.68 -36.64
C SER H 398 27.54 0.81 -37.68
N THR H 399 28.69 1.26 -38.16
CA THR H 399 29.39 0.59 -39.24
C THR H 399 30.85 0.41 -38.89
N GLY H 400 31.57 -0.29 -39.77
CA GLY H 400 32.99 -0.49 -39.62
C GLY H 400 33.42 -1.83 -39.07
N VAL H 401 32.49 -2.72 -38.77
CA VAL H 401 32.81 -4.04 -38.25
C VAL H 401 32.33 -5.13 -39.23
N ALA H 402 32.38 -4.85 -40.52
CA ALA H 402 31.99 -5.80 -41.56
C ALA H 402 33.21 -6.15 -42.39
N GLN H 403 33.33 -7.44 -42.74
CA GLN H 403 34.39 -7.86 -43.64
C GLN H 403 34.04 -7.61 -45.10
N TYR H 404 32.79 -7.26 -45.40
CA TYR H 404 32.38 -6.90 -46.74
C TYR H 404 31.25 -5.88 -46.66
N ALA H 405 31.14 -5.04 -47.68
CA ALA H 405 30.14 -3.99 -47.68
C ALA H 405 28.73 -4.58 -47.69
N ASP H 406 27.85 -4.00 -46.89
CA ASP H 406 26.48 -4.48 -46.76
C ASP H 406 25.55 -3.65 -47.63
N ARG H 407 24.44 -4.26 -48.01
CA ARG H 407 23.41 -3.58 -48.80
C ARG H 407 22.08 -3.69 -48.07
N LEU H 408 21.40 -2.56 -47.91
CA LEU H 408 20.11 -2.50 -47.25
C LEU H 408 19.03 -2.31 -48.30
N PHE H 409 18.00 -3.17 -48.25
CA PHE H 409 16.88 -3.08 -49.16
C PHE H 409 15.74 -2.33 -48.48
N LEU H 410 15.32 -1.22 -49.08
CA LEU H 410 14.27 -0.38 -48.54
C LEU H 410 13.06 -0.45 -49.47
N SER H 411 11.91 -0.80 -48.90
CA SER H 411 10.68 -0.91 -49.66
C SER H 411 9.54 -0.32 -48.85
N ALA H 412 8.50 0.13 -49.53
CA ALA H 412 7.35 0.76 -48.90
C ALA H 412 6.07 0.09 -49.40
N THR H 413 5.11 -0.06 -48.49
CA THR H 413 3.82 -0.63 -48.82
C THR H 413 2.73 0.43 -48.69
N THR H 414 1.72 0.35 -49.55
CA THR H 414 0.58 1.24 -49.50
C THR H 414 -0.67 0.55 -48.98
N ASP H 415 -0.93 -0.67 -49.44
CA ASP H 415 -2.06 -1.44 -48.92
C ASP H 415 -1.76 -2.03 -47.55
N GLY H 416 -0.49 -2.16 -47.19
CA GLY H 416 -0.09 -2.77 -45.94
C GLY H 416 0.20 -4.26 -46.04
N ILE H 417 -0.04 -4.87 -47.19
CA ILE H 417 0.20 -6.29 -47.41
C ILE H 417 1.24 -6.52 -48.49
N ASN H 418 1.16 -5.77 -49.59
CA ASN H 418 2.09 -5.91 -50.70
C ASN H 418 3.08 -4.75 -50.70
N TYR H 419 4.36 -5.06 -50.85
CA TYR H 419 5.40 -4.04 -50.86
C TYR H 419 5.84 -3.75 -52.29
N GLY H 420 6.29 -2.51 -52.49
CA GLY H 420 6.74 -2.05 -53.79
C GLY H 420 8.15 -2.49 -54.11
N ARG H 421 8.78 -1.74 -55.02
CA ARG H 421 10.14 -2.05 -55.42
C ARG H 421 11.11 -1.82 -54.26
N GLU H 422 12.19 -2.58 -54.27
CA GLU H 422 13.22 -2.51 -53.24
C GLU H 422 14.43 -1.75 -53.76
N GLN H 423 14.90 -0.79 -52.99
CA GLN H 423 16.04 0.04 -53.36
C GLN H 423 17.25 -0.34 -52.52
N MET H 424 18.37 -0.60 -53.19
CA MET H 424 19.60 -1.01 -52.51
C MET H 424 20.31 0.21 -51.95
N ILE H 425 20.69 0.14 -50.68
CA ILE H 425 21.42 1.22 -50.01
C ILE H 425 22.62 0.61 -49.32
N GLU H 426 23.78 1.27 -49.43
CA GLU H 426 25.02 0.79 -48.84
C GLU H 426 24.94 0.95 -47.33
N GLN H 427 24.50 -0.10 -46.64
CA GLN H 427 24.26 0.00 -45.20
C GLN H 427 25.57 0.02 -44.42
N ASN H 428 26.53 -0.81 -44.80
CA ASN H 428 27.78 -0.94 -44.04
C ASN H 428 28.96 -0.98 -45.00
N GLU H 429 30.12 -0.59 -44.49
CA GLU H 429 31.36 -0.60 -45.24
C GLU H 429 32.50 -0.91 -44.29
N PRO H 430 33.44 -1.78 -44.67
CA PRO H 430 34.56 -2.10 -43.78
C PRO H 430 35.38 -0.88 -43.42
N PHE H 431 35.72 -0.78 -42.13
CA PHE H 431 36.61 0.25 -41.61
C PHE H 431 36.08 1.66 -41.90
N VAL H 432 34.77 1.82 -41.96
CA VAL H 432 34.13 3.12 -42.11
C VAL H 432 33.13 3.28 -40.97
N TYR H 433 33.29 4.34 -40.17
CA TYR H 433 32.46 4.53 -39.00
C TYR H 433 31.54 5.74 -39.09
N ASP H 434 31.68 6.60 -40.09
CA ASP H 434 30.86 7.80 -40.21
C ASP H 434 29.95 7.76 -41.42
N LYS H 435 29.67 6.59 -41.96
CA LYS H 435 28.77 6.47 -43.09
C LYS H 435 27.34 6.78 -42.66
N ARG H 436 26.60 7.44 -43.55
CA ARG H 436 25.21 7.79 -43.30
C ARG H 436 24.31 6.97 -44.21
N VAL H 437 23.32 6.31 -43.63
CA VAL H 437 22.33 5.52 -44.37
C VAL H 437 21.12 6.42 -44.57
N LEU H 438 20.89 6.84 -45.81
CA LEU H 438 19.86 7.83 -46.11
C LEU H 438 19.36 7.64 -47.53
N TRP H 439 18.06 7.80 -47.72
CA TRP H 439 17.43 7.75 -49.03
C TRP H 439 16.57 8.97 -49.22
N LYS H 440 16.76 9.67 -50.34
CA LYS H 440 15.99 10.87 -50.66
C LYS H 440 14.91 10.53 -51.69
N ARG H 441 13.87 11.37 -51.71
CA ARG H 441 12.75 11.24 -52.63
C ARG H 441 12.09 9.87 -52.51
N VAL H 442 11.51 9.63 -51.33
CA VAL H 442 10.80 8.38 -51.11
C VAL H 442 9.58 8.28 -52.02
N GLY H 443 8.81 9.36 -52.10
CA GLY H 443 7.63 9.39 -52.94
C GLY H 443 6.53 10.17 -52.27
N ARG H 444 5.32 10.05 -52.83
CA ARG H 444 4.15 10.74 -52.32
C ARG H 444 3.18 9.71 -51.75
N ILE H 445 2.73 9.95 -50.52
CA ILE H 445 1.84 9.03 -49.84
C ILE H 445 0.41 9.37 -50.20
N ARG H 446 -0.28 8.44 -50.85
CA ARG H 446 -1.67 8.69 -51.25
C ARG H 446 -2.60 8.64 -50.05
N ARG H 447 -2.71 7.49 -49.41
CA ARG H 447 -3.53 7.34 -48.22
C ARG H 447 -2.71 6.98 -46.99
N LEU H 448 -1.92 5.92 -47.05
CA LEU H 448 -1.10 5.51 -45.91
C LEU H 448 0.05 4.67 -46.44
N ILE H 449 1.14 4.63 -45.67
CA ILE H 449 2.36 3.98 -46.11
C ILE H 449 3.03 3.32 -44.91
N GLY H 450 3.84 2.29 -45.20
CA GLY H 450 4.65 1.63 -44.21
C GLY H 450 5.95 1.16 -44.81
N PHE H 451 7.04 1.16 -44.04
CA PHE H 451 8.37 0.87 -44.56
C PHE H 451 8.91 -0.43 -43.98
N LYS H 452 9.59 -1.19 -44.83
CA LYS H 452 10.23 -2.43 -44.42
C LYS H 452 11.69 -2.38 -44.82
N LEU H 453 12.58 -2.71 -43.89
CA LEU H 453 14.02 -2.68 -44.10
C LEU H 453 14.55 -4.11 -44.10
N ARG H 454 15.27 -4.46 -45.16
CA ARG H 454 15.82 -5.81 -45.33
C ARG H 454 17.33 -5.71 -45.44
N VAL H 455 18.04 -6.48 -44.63
CA VAL H 455 19.49 -6.51 -44.63
C VAL H 455 19.96 -7.95 -44.76
N ILE H 456 20.85 -8.20 -45.72
CA ILE H 456 21.47 -9.52 -45.90
C ILE H 456 22.96 -9.34 -45.65
N THR H 457 23.47 -10.00 -44.63
CA THR H 457 24.85 -9.74 -44.21
C THR H 457 25.36 -10.89 -43.36
N LYS H 458 26.69 -10.92 -43.21
CA LYS H 458 27.37 -11.75 -42.24
C LYS H 458 27.88 -10.93 -41.07
N SER H 459 27.50 -9.66 -40.98
CA SER H 459 28.02 -8.70 -40.01
C SER H 459 26.88 -8.19 -39.14
N PRO H 460 27.19 -7.71 -37.94
CA PRO H 460 26.13 -7.22 -37.05
C PRO H 460 25.40 -6.02 -37.66
N VAL H 461 24.11 -5.94 -37.38
CA VAL H 461 23.27 -4.85 -37.88
C VAL H 461 22.80 -4.06 -36.67
N THR H 462 23.03 -2.75 -36.70
CA THR H 462 22.62 -1.86 -35.62
C THR H 462 21.94 -0.64 -36.23
N LEU H 463 20.63 -0.56 -36.07
CA LEU H 463 19.84 0.56 -36.57
C LEU H 463 19.21 1.28 -35.39
N SER H 464 19.44 2.59 -35.30
CA SER H 464 19.09 3.35 -34.10
C SER H 464 17.74 4.04 -34.22
N GLY H 465 17.57 4.91 -35.22
CA GLY H 465 16.34 5.67 -35.31
C GLY H 465 15.93 6.01 -36.72
N CYS H 466 14.68 5.70 -37.05
CA CYS H 466 14.13 5.96 -38.37
C CYS H 466 13.38 7.28 -38.36
N GLN H 467 13.97 8.31 -38.95
CA GLN H 467 13.33 9.61 -39.08
C GLN H 467 13.04 9.87 -40.54
N ILE H 468 11.91 10.51 -40.81
CA ILE H 468 11.47 10.80 -42.17
C ILE H 468 11.02 12.26 -42.23
N ARG H 469 11.42 12.96 -43.27
CA ARG H 469 11.04 14.36 -43.46
C ARG H 469 9.73 14.38 -44.23
N LEU H 470 8.63 14.53 -43.50
CA LEU H 470 7.30 14.53 -44.10
C LEU H 470 6.94 15.98 -44.44
N GLU H 471 6.63 16.22 -45.71
CA GLU H 471 6.35 17.58 -46.17
C GLU H 471 5.38 17.59 -47.34
N PRO I 1 -11.98 21.77 -39.51
CA PRO I 1 -11.84 20.95 -38.31
C PRO I 1 -12.31 19.53 -38.52
N ILE I 2 -11.45 18.55 -38.22
CA ILE I 2 -11.78 17.14 -38.35
C ILE I 2 -11.90 16.57 -36.94
N GLN I 3 -13.08 16.02 -36.62
CA GLN I 3 -13.35 15.45 -35.31
C GLN I 3 -13.59 13.96 -35.46
N GLN I 4 -12.87 13.16 -34.67
CA GLN I 4 -13.04 11.72 -34.71
C GLN I 4 -14.26 11.30 -33.88
N LEU I 5 -15.03 10.35 -34.40
CA LEU I 5 -16.23 9.87 -33.74
C LEU I 5 -16.01 8.45 -33.25
N PRO I 6 -16.10 8.20 -31.95
CA PRO I 6 -15.96 6.82 -31.47
C PRO I 6 -17.11 5.95 -31.93
N MET I 7 -16.83 4.67 -32.08
CA MET I 7 -17.84 3.69 -32.47
C MET I 7 -17.99 2.55 -31.47
N MET I 8 -17.22 2.56 -30.37
CA MET I 8 -17.35 1.50 -29.38
C MET I 8 -18.72 1.51 -28.72
N LYS I 9 -19.26 2.69 -28.42
CA LYS I 9 -20.57 2.82 -27.80
C LYS I 9 -21.33 3.94 -28.48
N GLY I 10 -22.64 3.76 -28.59
CA GLY I 10 -23.49 4.79 -29.19
C GLY I 10 -24.56 5.30 -28.25
N MET I 11 -24.73 6.62 -28.21
CA MET I 11 -25.78 7.22 -27.39
C MET I 11 -27.12 7.12 -28.09
N GLY I 12 -28.19 7.27 -27.32
CA GLY I 12 -29.51 7.24 -27.91
C GLY I 12 -30.57 7.41 -26.85
N LYS I 13 -31.83 7.40 -27.30
CA LYS I 13 -32.98 7.55 -26.44
C LYS I 13 -33.91 6.36 -26.63
N ASP I 14 -34.39 5.81 -25.52
CA ASP I 14 -35.38 4.74 -25.58
C ASP I 14 -36.76 5.34 -25.87
N PHE I 15 -37.37 4.88 -26.95
CA PHE I 15 -38.67 5.44 -27.35
C PHE I 15 -39.76 5.11 -26.35
N LYS I 16 -39.57 4.07 -25.53
CA LYS I 16 -40.62 3.67 -24.59
C LYS I 16 -40.74 4.67 -23.44
N ASN I 17 -39.61 5.18 -22.94
CA ASN I 17 -39.63 6.06 -21.78
C ASN I 17 -38.68 7.25 -21.87
N ALA I 18 -38.19 7.59 -23.07
CA ALA I 18 -37.36 8.76 -23.32
C ALA I 18 -36.04 8.73 -22.56
N ASP I 19 -35.71 7.64 -21.89
CA ASP I 19 -34.46 7.56 -21.15
C ASP I 19 -33.29 7.36 -22.10
N TYR I 20 -32.11 7.79 -21.68
CA TYR I 20 -30.92 7.68 -22.50
C TYR I 20 -30.33 6.29 -22.37
N ILE I 21 -30.46 5.49 -23.41
CA ILE I 21 -29.88 4.15 -23.45
C ILE I 21 -28.61 4.19 -24.29
N ASP I 22 -27.73 3.23 -24.04
CA ASP I 22 -26.45 3.15 -24.73
C ASP I 22 -26.59 2.13 -25.87
N TYR I 23 -26.59 2.61 -27.10
CA TYR I 23 -26.66 1.71 -28.25
C TYR I 23 -25.38 0.89 -28.34
N LEU I 24 -25.53 -0.41 -28.49
CA LEU I 24 -24.39 -1.30 -28.47
C LEU I 24 -24.12 -1.86 -29.86
N PRO I 25 -22.85 -2.11 -30.20
CA PRO I 25 -22.55 -2.71 -31.50
C PRO I 25 -23.15 -4.10 -31.61
N VAL I 26 -23.51 -4.47 -32.84
CA VAL I 26 -24.13 -5.75 -33.13
C VAL I 26 -23.16 -6.58 -33.96
N ASN I 27 -22.81 -7.77 -33.46
CA ASN I 27 -21.90 -8.68 -34.14
C ASN I 27 -20.55 -8.01 -34.43
N MET I 28 -20.09 -7.18 -33.49
CA MET I 28 -18.82 -6.51 -33.60
C MET I 28 -18.07 -6.60 -32.28
N LEU I 29 -16.74 -6.55 -32.36
CA LEU I 29 -15.89 -6.63 -31.18
C LEU I 29 -14.88 -5.49 -31.22
N ALA I 30 -14.72 -4.82 -30.09
CA ALA I 30 -13.75 -3.73 -29.98
C ALA I 30 -12.40 -4.29 -29.54
N THR I 31 -11.34 -3.81 -30.18
CA THR I 31 -9.99 -4.24 -29.88
C THR I 31 -9.13 -3.03 -29.51
N PRO I 32 -8.67 -2.92 -28.27
CA PRO I 32 -7.87 -1.75 -27.87
C PRO I 32 -6.44 -1.85 -28.36
N LYS I 33 -6.23 -1.46 -29.62
CA LYS I 33 -4.96 -1.65 -30.30
C LYS I 33 -4.73 -0.48 -31.24
N GLU I 34 -3.64 0.25 -31.02
CA GLU I 34 -3.42 1.53 -31.70
C GLU I 34 -3.06 1.32 -33.16
N ILE I 35 -3.93 1.79 -34.05
CA ILE I 35 -3.68 1.73 -35.49
C ILE I 35 -4.06 3.06 -36.10
N LEU I 36 -3.22 3.54 -37.01
CA LEU I 36 -3.43 4.80 -37.75
C LEU I 36 -3.69 5.90 -36.72
N ASN I 37 -4.79 6.65 -36.83
CA ASN I 37 -5.09 7.74 -35.91
C ASN I 37 -6.03 7.35 -34.80
N SER I 38 -6.41 6.08 -34.71
CA SER I 38 -7.36 5.60 -33.72
C SER I 38 -6.69 4.68 -32.72
N SER I 39 -7.17 4.72 -31.48
CA SER I 39 -6.58 3.89 -30.44
C SER I 39 -7.08 2.45 -30.50
N GLY I 40 -8.14 2.20 -31.26
CA GLY I 40 -8.68 0.86 -31.39
C GLY I 40 -9.46 0.72 -32.68
N TYR I 41 -9.91 -0.50 -32.94
CA TYR I 41 -10.68 -0.80 -34.14
C TYR I 41 -11.75 -1.84 -33.81
N LEU I 42 -12.79 -1.85 -34.65
CA LEU I 42 -13.92 -2.77 -34.48
C LEU I 42 -13.84 -3.86 -35.53
N ARG I 43 -13.96 -5.12 -35.08
CA ARG I 43 -13.92 -6.26 -35.98
C ARG I 43 -15.14 -7.14 -35.74
N SER I 44 -15.65 -7.72 -36.83
CA SER I 44 -16.83 -8.56 -36.75
C SER I 44 -16.56 -9.83 -35.98
N PHE I 45 -17.60 -10.33 -35.32
CA PHE I 45 -17.48 -11.60 -34.62
C PHE I 45 -17.23 -12.73 -35.63
N PRO I 46 -16.41 -13.72 -35.27
CA PRO I 46 -16.10 -14.79 -36.23
C PRO I 46 -17.36 -15.54 -36.66
N GLY I 47 -17.39 -15.93 -37.92
CA GLY I 47 -18.52 -16.66 -38.45
C GLY I 47 -18.52 -18.11 -38.02
N ILE I 48 -19.65 -18.77 -38.30
CA ILE I 48 -19.84 -20.16 -37.93
C ILE I 48 -20.02 -20.99 -39.19
N THR I 49 -19.26 -22.07 -39.30
CA THR I 49 -19.42 -23.04 -40.37
C THR I 49 -19.67 -24.41 -39.77
N LYS I 50 -20.57 -25.17 -40.38
CA LYS I 50 -20.97 -26.45 -39.82
C LYS I 50 -19.81 -27.42 -39.82
N ARG I 51 -19.64 -28.13 -38.70
CA ARG I 51 -18.58 -29.12 -38.56
C ARG I 51 -19.09 -30.54 -38.78
N TYR I 52 -20.07 -30.96 -38.00
CA TYR I 52 -20.70 -32.26 -38.20
C TYR I 52 -22.05 -32.27 -37.49
N ASP I 53 -22.90 -33.21 -37.89
CA ASP I 53 -24.29 -33.23 -37.46
C ASP I 53 -24.45 -33.84 -36.07
N MET I 54 -25.49 -33.39 -35.38
CA MET I 54 -25.90 -33.95 -34.09
C MET I 54 -27.38 -34.31 -34.17
N ASN I 55 -27.90 -34.85 -33.08
CA ASN I 55 -29.32 -35.14 -32.95
C ASN I 55 -29.85 -34.30 -31.79
N GLY I 56 -30.64 -33.29 -32.12
CA GLY I 56 -31.19 -32.38 -31.14
C GLY I 56 -30.33 -31.17 -30.91
N VAL I 57 -30.88 -30.21 -30.18
CA VAL I 57 -30.20 -28.95 -29.92
C VAL I 57 -29.14 -29.15 -28.85
N SER I 58 -28.24 -28.17 -28.74
CA SER I 58 -27.18 -28.24 -27.75
C SER I 58 -27.73 -28.03 -26.34
N ARG I 59 -27.20 -28.79 -25.38
CA ARG I 59 -27.62 -28.69 -24.00
C ARG I 59 -26.48 -28.50 -23.00
N GLY I 60 -25.23 -28.67 -23.41
CA GLY I 60 -24.11 -28.43 -22.52
C GLY I 60 -22.81 -28.79 -23.19
N VAL I 61 -21.72 -28.31 -22.58
CA VAL I 61 -20.38 -28.59 -23.09
C VAL I 61 -19.39 -28.41 -21.95
N GLU I 62 -18.34 -29.22 -21.95
CA GLU I 62 -17.24 -29.04 -21.02
C GLU I 62 -16.02 -29.76 -21.57
N TYR I 63 -14.84 -29.24 -21.24
CA TYR I 63 -13.57 -29.81 -21.67
C TYR I 63 -13.17 -30.87 -20.66
N ASN I 64 -13.31 -32.14 -21.04
CA ASN I 64 -12.93 -33.24 -20.17
C ASN I 64 -11.42 -33.32 -20.09
N THR I 65 -10.86 -32.79 -19.00
CA THR I 65 -9.40 -32.77 -18.86
C THR I 65 -8.83 -34.18 -18.77
N ALA I 66 -9.54 -35.09 -18.10
CA ALA I 66 -9.04 -36.45 -17.93
C ALA I 66 -8.89 -37.16 -19.27
N GLN I 67 -9.89 -37.01 -20.15
CA GLN I 67 -9.85 -37.64 -21.47
C GLN I 67 -9.22 -36.74 -22.53
N ASN I 68 -8.91 -35.49 -22.19
CA ASN I 68 -8.34 -34.54 -23.15
C ASN I 68 -9.21 -34.41 -24.40
N ALA I 69 -10.52 -34.34 -24.20
CA ALA I 69 -11.47 -34.21 -25.29
C ALA I 69 -12.68 -33.42 -24.80
N VAL I 70 -13.44 -32.90 -25.74
CA VAL I 70 -14.60 -32.06 -25.45
C VAL I 70 -15.84 -32.93 -25.43
N TYR I 71 -16.54 -32.93 -24.29
CA TYR I 71 -17.80 -33.64 -24.14
C TYR I 71 -18.94 -32.64 -24.22
N ARG I 72 -19.93 -32.93 -25.07
CA ARG I 72 -21.10 -32.09 -25.19
C ARG I 72 -22.33 -32.96 -25.31
N VAL I 73 -23.44 -32.46 -24.76
CA VAL I 73 -24.73 -33.15 -24.82
C VAL I 73 -25.62 -32.41 -25.80
N CYS I 74 -25.93 -33.04 -26.93
CA CYS I 74 -26.80 -32.46 -27.93
C CYS I 74 -28.07 -33.30 -28.02
N GLY I 75 -29.21 -32.67 -27.77
CA GLY I 75 -30.47 -33.39 -27.79
C GLY I 75 -30.49 -34.49 -26.76
N GLY I 76 -30.83 -35.69 -27.20
CA GLY I 76 -30.93 -36.83 -26.30
C GLY I 76 -29.71 -37.72 -26.33
N LYS I 77 -28.57 -37.19 -26.76
CA LYS I 77 -27.36 -37.98 -26.91
C LYS I 77 -26.17 -37.25 -26.32
N LEU I 78 -25.22 -38.01 -25.80
CA LEU I 78 -23.97 -37.45 -25.26
C LEU I 78 -22.84 -37.77 -26.21
N TYR I 79 -22.07 -36.74 -26.58
CA TYR I 79 -21.03 -36.86 -27.59
C TYR I 79 -19.67 -36.58 -26.97
N LYS I 80 -18.68 -37.39 -27.36
CA LYS I 80 -17.28 -37.16 -27.03
C LYS I 80 -16.61 -36.74 -28.34
N GLY I 81 -16.57 -35.44 -28.58
CA GLY I 81 -16.06 -34.95 -29.85
C GLY I 81 -16.94 -35.44 -30.99
N GLU I 82 -16.31 -36.07 -31.98
CA GLU I 82 -17.06 -36.59 -33.12
C GLU I 82 -17.96 -37.76 -32.72
N SER I 83 -17.46 -38.64 -31.85
CA SER I 83 -18.11 -39.90 -31.57
C SER I 83 -19.29 -39.71 -30.61
N GLU I 84 -20.09 -40.77 -30.49
CA GLU I 84 -21.22 -40.83 -29.58
C GLU I 84 -20.94 -41.89 -28.52
N VAL I 85 -21.02 -41.50 -27.26
CA VAL I 85 -20.61 -42.38 -26.16
C VAL I 85 -21.70 -42.66 -25.15
N GLY I 86 -22.84 -41.97 -25.17
CA GLY I 86 -23.85 -42.23 -24.16
C GLY I 86 -25.20 -41.68 -24.57
N ASP I 87 -26.18 -41.96 -23.72
CA ASP I 87 -27.55 -41.53 -23.93
C ASP I 87 -27.99 -40.68 -22.74
N VAL I 88 -28.61 -39.54 -23.02
CA VAL I 88 -29.05 -38.59 -22.00
C VAL I 88 -30.53 -38.30 -22.21
N ALA I 89 -31.31 -38.37 -21.14
CA ALA I 89 -32.72 -38.05 -21.21
C ALA I 89 -32.93 -36.55 -21.04
N GLY I 90 -34.20 -36.16 -20.91
CA GLY I 90 -34.56 -34.78 -20.69
C GLY I 90 -34.48 -33.94 -21.94
N SER I 91 -34.81 -32.67 -21.78
CA SER I 91 -34.78 -31.72 -22.90
C SER I 91 -34.08 -30.40 -22.57
N GLY I 92 -33.98 -30.00 -21.31
CA GLY I 92 -33.37 -28.75 -20.96
C GLY I 92 -31.86 -28.84 -20.87
N ARG I 93 -31.26 -27.72 -20.47
CA ARG I 93 -29.82 -27.66 -20.27
C ARG I 93 -29.42 -28.55 -19.10
N VAL I 94 -28.21 -29.10 -19.19
CA VAL I 94 -27.68 -30.00 -18.17
C VAL I 94 -26.36 -29.44 -17.66
N SER I 95 -26.08 -29.68 -16.39
CA SER I 95 -24.81 -29.32 -15.79
C SER I 95 -23.92 -30.55 -15.74
N MET I 96 -22.68 -30.41 -16.21
CA MET I 96 -21.76 -31.53 -16.30
C MET I 96 -20.50 -31.27 -15.49
N ALA I 97 -19.99 -32.33 -14.89
CA ALA I 97 -18.69 -32.34 -14.23
C ALA I 97 -17.99 -33.64 -14.59
N HIS I 98 -16.67 -33.61 -14.61
CA HIS I 98 -15.87 -34.73 -15.08
C HIS I 98 -14.81 -35.11 -14.06
N GLY I 99 -14.46 -36.39 -14.04
CA GLY I 99 -13.45 -36.89 -13.13
C GLY I 99 -12.63 -37.97 -13.80
N ARG I 100 -11.63 -38.45 -13.06
CA ARG I 100 -10.76 -39.49 -13.59
C ARG I 100 -11.54 -40.76 -13.89
N THR I 101 -12.44 -41.16 -12.99
CA THR I 101 -13.16 -42.41 -13.16
C THR I 101 -14.25 -42.30 -14.22
N SER I 102 -15.01 -41.21 -14.23
CA SER I 102 -16.19 -41.14 -15.08
C SER I 102 -16.53 -39.69 -15.41
N GLN I 103 -17.39 -39.54 -16.42
CA GLN I 103 -17.94 -38.25 -16.80
C GLN I 103 -19.38 -38.18 -16.34
N ALA I 104 -19.73 -37.12 -15.62
CA ALA I 104 -21.03 -37.01 -14.96
C ALA I 104 -21.88 -35.94 -15.64
N VAL I 105 -23.17 -36.22 -15.76
CA VAL I 105 -24.14 -35.28 -16.31
C VAL I 105 -25.31 -35.19 -15.34
N GLY I 106 -25.66 -33.96 -14.94
CA GLY I 106 -26.77 -33.75 -14.05
C GLY I 106 -28.07 -33.46 -14.79
N VAL I 107 -28.92 -34.47 -14.94
CA VAL I 107 -30.14 -34.35 -15.72
C VAL I 107 -31.30 -34.97 -14.96
N ASN I 108 -32.46 -34.32 -15.06
CA ASN I 108 -33.71 -34.83 -14.48
C ASN I 108 -33.57 -35.09 -12.98
N GLY I 109 -32.83 -34.22 -12.29
CA GLY I 109 -32.65 -34.40 -10.87
C GLY I 109 -31.82 -35.60 -10.48
N GLN I 110 -31.04 -36.15 -11.41
CA GLN I 110 -30.19 -37.29 -11.14
C GLN I 110 -28.78 -36.99 -11.64
N LEU I 111 -27.79 -37.39 -10.85
CA LEU I 111 -26.39 -37.23 -11.26
C LEU I 111 -25.99 -38.52 -11.96
N VAL I 112 -25.93 -38.49 -13.29
CA VAL I 112 -25.65 -39.67 -14.08
C VAL I 112 -24.18 -39.67 -14.46
N GLU I 113 -23.48 -40.75 -14.12
CA GLU I 113 -22.05 -40.87 -14.40
C GLU I 113 -21.87 -41.82 -15.59
N TYR I 114 -21.23 -41.31 -16.64
CA TYR I 114 -20.95 -42.11 -17.83
C TYR I 114 -19.49 -42.55 -17.73
N ARG I 115 -19.28 -43.73 -17.17
CA ARG I 115 -17.93 -44.23 -16.96
C ARG I 115 -17.24 -44.51 -18.28
N TYR I 116 -15.93 -44.29 -18.30
CA TYR I 116 -15.16 -44.46 -19.53
C TYR I 116 -15.09 -45.90 -19.99
N ASP I 117 -15.36 -46.86 -19.10
CA ASP I 117 -15.39 -48.26 -19.50
C ASP I 117 -16.64 -48.62 -20.29
N GLY I 118 -17.66 -47.77 -20.27
CA GLY I 118 -18.89 -48.00 -21.01
C GLY I 118 -20.13 -48.08 -20.14
N THR I 119 -20.00 -48.53 -18.90
CA THR I 119 -21.15 -48.68 -18.03
C THR I 119 -21.64 -47.32 -17.54
N VAL I 120 -22.91 -47.27 -17.18
CA VAL I 120 -23.57 -46.05 -16.70
C VAL I 120 -24.08 -46.29 -15.29
N LYS I 121 -23.73 -45.39 -14.38
CA LYS I 121 -24.12 -45.50 -12.98
C LYS I 121 -24.84 -44.22 -12.56
N THR I 122 -25.91 -44.38 -11.80
CA THR I 122 -26.69 -43.27 -11.28
C THR I 122 -26.51 -43.17 -9.77
N VAL I 123 -26.38 -41.95 -9.27
CA VAL I 123 -26.12 -41.74 -7.85
C VAL I 123 -27.35 -42.13 -7.04
N SER I 124 -27.14 -42.93 -5.99
CA SER I 124 -28.21 -43.33 -5.09
C SER I 124 -27.61 -43.63 -3.73
N ASN I 125 -28.48 -43.74 -2.73
CA ASN I 125 -28.03 -44.01 -1.38
C ASN I 125 -27.35 -45.37 -1.30
N TRP I 126 -26.49 -45.53 -0.29
CA TRP I 126 -25.85 -46.80 -0.06
C TRP I 126 -26.91 -47.86 0.27
N PRO I 127 -26.68 -49.12 -0.10
CA PRO I 127 -27.63 -50.17 0.26
C PRO I 127 -27.81 -50.27 1.76
N ALA I 128 -29.03 -50.61 2.17
CA ALA I 128 -29.35 -50.63 3.60
C ALA I 128 -28.50 -51.65 4.34
N ASP I 129 -28.29 -52.82 3.75
CA ASP I 129 -27.49 -53.85 4.40
C ASP I 129 -26.02 -53.46 4.51
N SER I 130 -25.57 -52.45 3.78
CA SER I 130 -24.17 -52.04 3.85
C SER I 130 -23.84 -51.43 5.21
N GLY I 131 -24.82 -50.86 5.89
CA GLY I 131 -24.61 -50.27 7.20
C GLY I 131 -24.16 -48.82 7.18
N PHE I 132 -23.96 -48.23 6.01
CA PHE I 132 -23.52 -46.84 5.94
C PHE I 132 -24.71 -45.90 6.13
N THR I 133 -24.41 -44.62 6.31
CA THR I 133 -25.42 -43.62 6.58
C THR I 133 -26.32 -43.41 5.36
N GLN I 134 -27.61 -43.26 5.61
CA GLN I 134 -28.59 -42.99 4.57
C GLN I 134 -29.01 -41.52 4.61
N TYR I 135 -29.13 -40.93 3.44
CA TYR I 135 -29.48 -39.52 3.32
C TYR I 135 -30.70 -39.36 2.43
N GLU I 136 -31.34 -38.20 2.55
CA GLU I 136 -32.47 -37.83 1.69
C GLU I 136 -31.92 -37.01 0.54
N LEU I 137 -31.60 -37.69 -0.56
CA LEU I 137 -30.95 -37.02 -1.68
C LEU I 137 -31.89 -36.04 -2.37
N GLY I 138 -33.16 -36.40 -2.51
CA GLY I 138 -34.09 -35.53 -3.21
C GLY I 138 -33.76 -35.47 -4.69
N SER I 139 -33.71 -34.25 -5.23
CA SER I 139 -33.43 -34.04 -6.65
C SER I 139 -32.14 -33.24 -6.80
N VAL I 140 -31.41 -33.52 -7.87
CA VAL I 140 -30.13 -32.88 -8.14
C VAL I 140 -30.36 -31.66 -9.03
N ARG I 141 -29.76 -30.53 -8.66
CA ARG I 141 -29.88 -29.30 -9.43
C ARG I 141 -28.61 -28.98 -10.22
N ASP I 142 -27.48 -28.88 -9.53
CA ASP I 142 -26.22 -28.57 -10.17
C ASP I 142 -25.13 -29.44 -9.56
N ILE I 143 -24.12 -29.77 -10.37
CA ILE I 143 -23.07 -30.68 -9.96
C ILE I 143 -21.71 -30.07 -10.25
N THR I 144 -20.71 -30.56 -9.52
CA THR I 144 -19.32 -30.14 -9.72
C THR I 144 -18.41 -31.20 -9.15
N ARG I 145 -17.15 -31.16 -9.55
CA ARG I 145 -16.16 -32.14 -9.14
C ARG I 145 -14.97 -31.45 -8.50
N LEU I 146 -14.49 -32.02 -7.39
CA LEU I 146 -13.31 -31.49 -6.71
C LEU I 146 -12.71 -32.60 -5.86
N ARG I 147 -11.38 -32.78 -5.99
CA ARG I 147 -10.63 -33.75 -5.19
C ARG I 147 -11.20 -35.15 -5.33
N GLY I 148 -11.58 -35.52 -6.55
CA GLY I 148 -12.11 -36.85 -6.79
C GLY I 148 -13.49 -37.11 -6.21
N ARG I 149 -14.24 -36.06 -5.89
CA ARG I 149 -15.59 -36.19 -5.34
C ARG I 149 -16.54 -35.35 -6.17
N TYR I 150 -17.69 -35.94 -6.51
CA TYR I 150 -18.75 -35.19 -7.18
C TYR I 150 -19.59 -34.50 -6.12
N ALA I 151 -19.72 -33.17 -6.23
CA ALA I 151 -20.52 -32.38 -5.31
C ALA I 151 -21.74 -31.88 -6.04
N TRP I 152 -22.93 -32.18 -5.49
CA TRP I 152 -24.18 -31.78 -6.10
C TRP I 152 -25.11 -31.21 -5.04
N SER I 153 -26.04 -30.36 -5.48
CA SER I 153 -26.92 -29.63 -4.59
C SER I 153 -28.33 -30.19 -4.67
N LYS I 154 -28.93 -30.41 -3.51
CA LYS I 154 -30.33 -30.83 -3.45
C LYS I 154 -31.24 -29.72 -3.98
N ASP I 155 -32.21 -30.11 -4.79
CA ASP I 155 -33.09 -29.12 -5.40
C ASP I 155 -34.08 -28.57 -4.38
N GLY I 156 -34.20 -27.25 -4.34
CA GLY I 156 -35.13 -26.60 -3.43
C GLY I 156 -34.67 -26.49 -2.00
N THR I 157 -33.45 -26.90 -1.69
CA THR I 157 -32.93 -26.85 -0.33
C THR I 157 -31.46 -26.46 -0.39
N ASP I 158 -30.98 -25.87 0.71
CA ASP I 158 -29.59 -25.44 0.81
C ASP I 158 -28.63 -26.55 1.22
N SER I 159 -29.02 -27.81 1.06
CA SER I 159 -28.16 -28.93 1.41
C SER I 159 -27.49 -29.50 0.17
N TRP I 160 -26.21 -29.81 0.28
CA TRP I 160 -25.44 -30.40 -0.80
C TRP I 160 -24.62 -31.55 -0.27
N PHE I 161 -24.30 -32.50 -1.16
CA PHE I 161 -23.63 -33.73 -0.78
C PHE I 161 -22.37 -33.91 -1.60
N ILE I 162 -21.54 -34.86 -1.18
CA ILE I 162 -20.30 -35.20 -1.87
C ILE I 162 -20.17 -36.72 -1.92
N THR I 163 -19.73 -37.24 -3.05
CA THR I 163 -19.61 -38.67 -3.25
C THR I 163 -18.40 -39.24 -2.51
N ASP I 164 -18.47 -40.53 -2.23
CA ASP I 164 -17.36 -41.21 -1.56
C ASP I 164 -16.20 -41.42 -2.51
N LEU I 165 -14.99 -41.44 -1.95
CA LEU I 165 -13.79 -41.61 -2.76
C LEU I 165 -13.74 -42.98 -3.42
N GLU I 166 -14.00 -44.05 -2.66
CA GLU I 166 -13.87 -45.40 -3.21
C GLU I 166 -14.94 -45.68 -4.25
N ASP I 167 -16.20 -45.39 -3.92
CA ASP I 167 -17.31 -45.60 -4.84
C ASP I 167 -17.98 -44.26 -5.10
N GLU I 168 -17.73 -43.69 -6.28
CA GLU I 168 -18.28 -42.38 -6.59
C GLU I 168 -19.77 -42.45 -6.92
N SER I 169 -20.30 -43.66 -7.15
CA SER I 169 -21.73 -43.79 -7.42
C SER I 169 -22.55 -43.40 -6.19
N HIS I 170 -22.14 -43.83 -5.03
CA HIS I 170 -22.88 -43.50 -3.81
C HIS I 170 -22.24 -42.32 -3.09
N PRO I 171 -23.01 -41.59 -2.28
CA PRO I 171 -22.41 -40.47 -1.54
C PRO I 171 -21.42 -40.92 -0.48
N ASP I 172 -20.84 -39.98 0.25
CA ASP I 172 -19.84 -40.34 1.24
C ASP I 172 -20.45 -41.19 2.35
N ARG I 173 -19.63 -42.05 2.93
CA ARG I 173 -20.13 -43.05 3.86
C ARG I 173 -20.70 -42.43 5.12
N TYR I 174 -20.03 -41.41 5.66
CA TYR I 174 -20.41 -40.88 6.97
C TYR I 174 -20.68 -39.40 6.99
N SER I 175 -20.08 -38.61 6.11
CA SER I 175 -20.17 -37.15 6.16
C SER I 175 -20.49 -36.58 4.79
N ALA I 176 -21.50 -37.14 4.14
CA ALA I 176 -21.84 -36.68 2.79
C ALA I 176 -22.54 -35.33 2.83
N GLN I 177 -23.47 -35.13 3.76
CA GLN I 177 -24.37 -33.98 3.73
C GLN I 177 -23.70 -32.74 4.31
N TYR I 178 -23.92 -31.60 3.67
CA TYR I 178 -23.50 -30.30 4.18
C TYR I 178 -24.56 -29.28 3.83
N ARG I 179 -24.53 -28.15 4.53
CA ARG I 179 -25.55 -27.12 4.40
C ARG I 179 -24.92 -25.74 4.31
N ALA I 180 -25.46 -24.91 3.44
CA ALA I 180 -25.08 -23.50 3.34
C ALA I 180 -26.13 -22.70 4.12
N GLU I 181 -26.00 -22.73 5.44
CA GLU I 181 -27.04 -22.24 6.34
C GLU I 181 -26.75 -20.86 6.90
N SER I 182 -25.81 -20.11 6.31
CA SER I 182 -25.57 -18.75 6.78
C SER I 182 -26.80 -17.88 6.60
N GLN I 183 -27.50 -18.05 5.47
CA GLN I 183 -28.78 -17.40 5.24
C GLN I 183 -29.78 -18.44 4.76
N PRO I 184 -31.07 -18.24 5.03
CA PRO I 184 -32.07 -19.21 4.55
C PRO I 184 -32.29 -19.11 3.05
N ASP I 185 -31.25 -19.41 2.28
CA ASP I 185 -31.32 -19.32 0.82
C ASP I 185 -31.09 -20.70 0.22
N GLY I 186 -31.95 -21.05 -0.75
CA GLY I 186 -31.75 -22.29 -1.48
C GLY I 186 -30.54 -22.19 -2.38
N ILE I 187 -29.77 -23.27 -2.44
CA ILE I 187 -28.56 -23.31 -3.27
C ILE I 187 -29.03 -23.44 -4.72
N ILE I 188 -29.03 -22.32 -5.44
CA ILE I 188 -29.46 -22.34 -6.83
C ILE I 188 -28.43 -23.06 -7.70
N GLY I 189 -27.15 -22.79 -7.48
CA GLY I 189 -26.11 -23.43 -8.25
C GLY I 189 -24.87 -23.67 -7.41
N ILE I 190 -24.05 -24.60 -7.87
CA ILE I 190 -22.83 -24.97 -7.18
C ILE I 190 -21.67 -24.93 -8.16
N GLY I 191 -20.50 -24.52 -7.68
CA GLY I 191 -19.34 -24.39 -8.52
C GLY I 191 -18.06 -24.59 -7.73
N THR I 192 -16.95 -24.65 -8.46
CA THR I 192 -15.63 -24.89 -7.90
C THR I 192 -14.72 -23.72 -8.21
N TRP I 193 -14.04 -23.21 -7.18
CA TRP I 193 -13.08 -22.12 -7.34
C TRP I 193 -11.86 -22.45 -6.49
N ARG I 194 -10.70 -22.57 -7.15
CA ARG I 194 -9.45 -22.95 -6.49
C ARG I 194 -9.71 -24.30 -5.81
N ASP I 195 -9.52 -24.41 -4.50
CA ASP I 195 -9.85 -25.63 -3.77
C ASP I 195 -11.18 -25.53 -3.03
N PHE I 196 -11.93 -24.46 -3.24
CA PHE I 196 -13.17 -24.22 -2.52
C PHE I 196 -14.36 -24.72 -3.32
N ILE I 197 -15.29 -25.40 -2.64
CA ILE I 197 -16.60 -25.67 -3.20
C ILE I 197 -17.48 -24.45 -2.97
N VAL I 198 -17.90 -23.81 -4.05
CA VAL I 198 -18.67 -22.56 -3.98
C VAL I 198 -20.14 -22.91 -4.14
N CYS I 199 -20.95 -22.52 -3.16
CA CYS I 199 -22.38 -22.80 -3.16
C CYS I 199 -23.11 -21.49 -3.43
N PHE I 200 -23.44 -21.25 -4.70
CA PHE I 200 -24.18 -20.04 -5.06
C PHE I 200 -25.62 -20.17 -4.62
N GLY I 201 -26.02 -19.35 -3.65
CA GLY I 201 -27.36 -19.37 -3.11
C GLY I 201 -28.29 -18.40 -3.81
N SER I 202 -29.46 -18.20 -3.20
CA SER I 202 -30.41 -17.24 -3.68
C SER I 202 -30.23 -15.85 -3.07
N SER I 203 -29.48 -15.76 -1.99
CA SER I 203 -29.16 -14.48 -1.37
C SER I 203 -27.68 -14.29 -1.13
N THR I 204 -26.95 -15.34 -0.79
CA THR I 204 -25.54 -15.25 -0.46
C THR I 204 -24.75 -16.34 -1.18
N ILE I 205 -23.46 -16.09 -1.34
CA ILE I 205 -22.52 -17.03 -1.94
C ILE I 205 -21.51 -17.43 -0.87
N GLU I 206 -21.35 -18.73 -0.65
CA GLU I 206 -20.50 -19.25 0.40
C GLU I 206 -19.40 -20.13 -0.17
N TYR I 207 -18.30 -20.21 0.55
CA TYR I 207 -17.14 -20.98 0.15
C TYR I 207 -16.86 -22.06 1.19
N PHE I 208 -16.66 -23.29 0.73
CA PHE I 208 -16.37 -24.42 1.60
C PHE I 208 -15.01 -25.00 1.23
N SER I 209 -14.18 -25.26 2.24
CA SER I 209 -12.85 -25.80 2.03
C SER I 209 -12.70 -27.11 2.79
N LEU I 210 -11.76 -27.94 2.33
CA LEU I 210 -11.56 -29.25 2.94
C LEU I 210 -10.96 -29.09 4.33
N THR I 211 -11.56 -29.76 5.31
CA THR I 211 -11.02 -29.75 6.67
C THR I 211 -9.84 -30.70 6.80
N GLY I 212 -9.87 -31.82 6.09
CA GLY I 212 -8.84 -32.83 6.24
C GLY I 212 -9.01 -33.74 7.43
N ALA I 213 -10.16 -33.71 8.09
CA ALA I 213 -10.39 -34.55 9.27
C ALA I 213 -10.40 -36.01 8.87
N THR I 214 -9.76 -36.84 9.70
CA THR I 214 -9.68 -38.28 9.43
C THR I 214 -10.71 -39.09 10.20
N THR I 215 -11.30 -38.52 11.26
CA THR I 215 -12.27 -39.25 12.05
C THR I 215 -13.55 -39.48 11.25
N ALA I 216 -14.09 -40.69 11.35
CA ALA I 216 -15.34 -41.01 10.67
C ALA I 216 -16.49 -40.20 11.28
N GLY I 217 -17.32 -39.64 10.42
CA GLY I 217 -18.43 -38.82 10.85
C GLY I 217 -18.09 -37.35 11.04
N ALA I 218 -16.83 -36.97 10.94
CA ALA I 218 -16.45 -35.57 11.04
C ALA I 218 -16.70 -34.85 9.73
N ALA I 219 -16.99 -33.55 9.82
CA ALA I 219 -17.28 -32.76 8.64
C ALA I 219 -16.02 -32.56 7.82
N LEU I 220 -16.04 -32.98 6.55
CA LEU I 220 -14.90 -32.78 5.68
C LEU I 220 -14.80 -31.35 5.17
N TYR I 221 -15.90 -30.59 5.25
CA TYR I 221 -15.96 -29.23 4.73
C TYR I 221 -16.51 -28.30 5.80
N VAL I 222 -15.91 -27.13 5.93
CA VAL I 222 -16.42 -26.05 6.77
C VAL I 222 -16.46 -24.78 5.94
N ALA I 223 -17.51 -23.99 6.15
CA ALA I 223 -17.67 -22.75 5.39
C ALA I 223 -16.59 -21.75 5.77
N GLN I 224 -16.24 -20.91 4.79
CA GLN I 224 -15.30 -19.81 5.02
C GLN I 224 -16.10 -18.51 5.06
N PRO I 225 -16.53 -18.04 6.23
CA PRO I 225 -17.32 -16.81 6.27
C PRO I 225 -16.56 -15.59 5.78
N SER I 226 -15.23 -15.64 5.76
CA SER I 226 -14.46 -14.51 5.27
C SER I 226 -14.70 -14.26 3.80
N LEU I 227 -14.79 -15.32 2.99
CA LEU I 227 -14.95 -15.18 1.55
C LEU I 227 -16.40 -15.08 1.12
N MET I 228 -17.34 -15.00 2.06
CA MET I 228 -18.75 -14.93 1.72
C MET I 228 -19.05 -13.66 0.91
N VAL I 229 -19.93 -13.80 -0.08
CA VAL I 229 -20.40 -12.69 -0.89
C VAL I 229 -21.89 -12.55 -0.67
N GLN I 230 -22.33 -11.32 -0.43
CA GLN I 230 -23.72 -11.07 -0.07
C GLN I 230 -24.65 -10.97 -1.28
N LYS I 231 -24.14 -11.13 -2.49
CA LYS I 231 -24.98 -11.24 -3.67
C LYS I 231 -25.31 -12.69 -3.94
N SER I 232 -25.94 -12.95 -5.09
CA SER I 232 -26.33 -14.31 -5.43
C SER I 232 -26.66 -14.38 -6.92
N ILE I 233 -26.86 -15.59 -7.41
CA ILE I 233 -27.09 -15.83 -8.83
C ILE I 233 -28.60 -15.88 -9.09
N ALA I 234 -29.01 -15.37 -10.26
CA ALA I 234 -30.41 -15.35 -10.61
C ALA I 234 -30.93 -16.73 -11.01
N GLY I 235 -30.16 -17.47 -11.80
CA GLY I 235 -30.60 -18.76 -12.29
C GLY I 235 -29.54 -19.82 -12.07
N THR I 236 -29.93 -21.07 -12.32
CA THR I 236 -29.02 -22.19 -12.08
C THR I 236 -27.77 -22.10 -12.95
N TYR I 237 -27.93 -21.71 -14.21
CA TYR I 237 -26.82 -21.58 -15.14
C TYR I 237 -26.46 -20.13 -15.39
N CYS I 238 -26.74 -19.24 -14.45
CA CYS I 238 -26.37 -17.83 -14.54
C CYS I 238 -25.00 -17.55 -13.95
N LYS I 239 -24.10 -18.53 -13.98
CA LYS I 239 -22.77 -18.42 -13.44
C LYS I 239 -21.78 -19.05 -14.39
N THR I 240 -20.51 -18.63 -14.29
CA THR I 240 -19.44 -19.21 -15.09
C THR I 240 -18.11 -18.68 -14.56
N PRO I 241 -17.05 -19.48 -14.61
CA PRO I 241 -15.72 -18.95 -14.27
C PRO I 241 -15.32 -17.85 -15.24
N PHE I 242 -14.64 -16.83 -14.73
CA PHE I 242 -14.27 -15.68 -15.54
C PHE I 242 -13.16 -14.92 -14.84
N ALA I 243 -12.02 -14.76 -15.53
CA ALA I 243 -10.90 -13.98 -15.04
C ALA I 243 -10.47 -14.43 -13.64
N ASP I 244 -10.21 -15.73 -13.52
CA ASP I 244 -9.79 -16.34 -12.25
C ASP I 244 -10.79 -16.06 -11.14
N SER I 245 -12.07 -16.04 -11.51
CA SER I 245 -13.15 -15.77 -10.57
C SER I 245 -14.45 -16.20 -11.24
N TYR I 246 -15.56 -15.86 -10.60
CA TYR I 246 -16.89 -16.22 -11.11
C TYR I 246 -17.67 -14.96 -11.45
N ALA I 247 -18.25 -14.94 -12.64
CA ALA I 247 -19.18 -13.90 -13.05
C ALA I 247 -20.60 -14.44 -12.99
N PHE I 248 -21.53 -13.60 -12.57
CA PHE I 248 -22.89 -14.06 -12.35
C PHE I 248 -23.87 -12.91 -12.53
N ILE I 249 -25.15 -13.26 -12.62
CA ILE I 249 -26.24 -12.29 -12.69
C ILE I 249 -26.94 -12.25 -11.35
N SER I 250 -27.08 -11.06 -10.78
CA SER I 250 -27.63 -10.92 -9.44
C SER I 250 -29.07 -11.42 -9.39
N HIS I 251 -29.40 -12.10 -8.29
CA HIS I 251 -30.77 -12.55 -8.07
C HIS I 251 -31.65 -11.36 -7.71
N PRO I 252 -32.95 -11.43 -8.04
CA PRO I 252 -33.86 -10.34 -7.65
C PRO I 252 -33.98 -10.15 -6.15
N ALA I 253 -33.60 -11.15 -5.35
CA ALA I 253 -33.73 -11.03 -3.90
C ALA I 253 -32.88 -9.89 -3.36
N THR I 254 -31.72 -9.66 -3.95
CA THR I 254 -30.81 -8.61 -3.50
C THR I 254 -31.07 -7.27 -4.17
N GLY I 255 -32.09 -7.17 -5.02
CA GLY I 255 -32.42 -5.94 -5.70
C GLY I 255 -32.54 -6.19 -7.19
N ALA I 256 -32.42 -5.12 -7.96
CA ALA I 256 -32.48 -5.23 -9.40
C ALA I 256 -31.31 -6.07 -9.90
N PRO I 257 -31.52 -7.02 -10.80
CA PRO I 257 -30.43 -7.87 -11.26
C PRO I 257 -29.37 -7.09 -12.01
N SER I 258 -28.12 -7.55 -11.89
CA SER I 258 -27.01 -6.94 -12.60
C SER I 258 -25.89 -7.97 -12.71
N VAL I 259 -24.98 -7.73 -13.63
CA VAL I 259 -23.86 -8.63 -13.84
C VAL I 259 -22.72 -8.23 -12.90
N TYR I 260 -22.22 -9.20 -12.14
CA TYR I 260 -21.20 -8.95 -11.14
C TYR I 260 -20.02 -9.90 -11.37
N ILE I 261 -18.87 -9.51 -10.85
CA ILE I 261 -17.68 -10.36 -10.82
C ILE I 261 -17.24 -10.49 -9.37
N ILE I 262 -17.09 -11.73 -8.91
CA ILE I 262 -16.72 -11.99 -7.53
C ILE I 262 -15.24 -11.68 -7.34
N GLY I 263 -14.93 -10.78 -6.43
CA GLY I 263 -13.54 -10.53 -6.10
C GLY I 263 -13.28 -10.42 -4.62
N SER I 264 -12.49 -11.35 -4.08
CA SER I 264 -12.01 -11.28 -2.71
C SER I 264 -13.13 -11.02 -1.70
N GLY I 265 -14.20 -11.79 -1.82
CA GLY I 265 -15.32 -11.62 -0.92
C GLY I 265 -16.17 -10.40 -1.18
N GLN I 266 -16.13 -9.85 -2.39
CA GLN I 266 -16.90 -8.68 -2.76
C GLN I 266 -17.29 -8.77 -4.22
N ALA I 267 -18.49 -8.29 -4.54
CA ALA I 267 -19.01 -8.32 -5.89
C ALA I 267 -18.92 -6.93 -6.50
N SER I 268 -18.23 -6.82 -7.64
CA SER I 268 -18.07 -5.55 -8.33
C SER I 268 -18.88 -5.57 -9.62
N PRO I 269 -19.84 -4.67 -9.79
CA PRO I 269 -20.65 -4.70 -11.01
C PRO I 269 -19.83 -4.39 -12.25
N ILE I 270 -20.20 -5.01 -13.36
CA ILE I 270 -19.56 -4.77 -14.64
C ILE I 270 -20.62 -4.50 -15.70
N ALA I 271 -21.84 -4.23 -15.25
CA ALA I 271 -22.97 -4.02 -16.14
C ALA I 271 -23.28 -2.53 -16.23
N THR I 272 -23.30 -2.00 -17.45
CA THR I 272 -23.69 -0.62 -17.67
C THR I 272 -25.17 -0.46 -17.36
N ALA I 273 -25.58 0.78 -17.10
CA ALA I 273 -26.98 1.05 -16.80
C ALA I 273 -27.90 0.54 -17.90
N SER I 274 -27.50 0.68 -19.16
CA SER I 274 -28.30 0.15 -20.26
C SER I 274 -28.38 -1.37 -20.20
N ILE I 275 -27.26 -2.02 -19.88
CA ILE I 275 -27.28 -3.48 -19.73
C ILE I 275 -28.20 -3.89 -18.59
N GLU I 276 -28.16 -3.15 -17.48
CA GLU I 276 -29.05 -3.47 -16.37
C GLU I 276 -30.51 -3.28 -16.76
N LYS I 277 -30.82 -2.24 -17.54
CA LYS I 277 -32.18 -2.06 -18.03
C LYS I 277 -32.60 -3.22 -18.92
N ILE I 278 -31.71 -3.66 -19.81
CA ILE I 278 -32.01 -4.78 -20.70
C ILE I 278 -32.29 -6.03 -19.88
N ILE I 279 -31.47 -6.30 -18.88
CA ILE I 279 -31.67 -7.47 -18.03
C ILE I 279 -32.98 -7.36 -17.27
N ARG I 280 -33.28 -6.17 -16.73
CA ARG I 280 -34.51 -5.97 -15.98
C ARG I 280 -35.75 -6.12 -16.85
N SER I 281 -35.61 -5.90 -18.16
CA SER I 281 -36.76 -6.02 -19.05
C SER I 281 -37.35 -7.43 -19.01
N TYR I 282 -36.53 -8.44 -18.78
CA TYR I 282 -37.01 -9.82 -18.73
C TYR I 282 -37.70 -10.10 -17.39
N THR I 283 -38.59 -11.08 -17.41
CA THR I 283 -39.23 -11.53 -16.18
C THR I 283 -38.27 -12.41 -15.38
N ALA I 284 -38.73 -12.80 -14.18
CA ALA I 284 -37.88 -13.62 -13.32
C ALA I 284 -37.63 -15.00 -13.91
N GLU I 285 -38.69 -15.66 -14.38
CA GLU I 285 -38.53 -17.00 -14.96
C GLU I 285 -37.70 -16.96 -16.23
N GLU I 286 -37.95 -15.98 -17.09
CA GLU I 286 -37.18 -15.88 -18.33
C GLU I 286 -35.70 -15.68 -18.04
N MET I 287 -35.38 -14.85 -17.06
CA MET I 287 -33.98 -14.67 -16.66
C MET I 287 -33.41 -15.95 -16.09
N ALA I 288 -34.21 -16.68 -15.30
CA ALA I 288 -33.75 -17.94 -14.73
C ALA I 288 -33.42 -18.95 -15.83
N THR I 289 -34.16 -18.90 -16.94
CA THR I 289 -33.82 -19.78 -18.07
C THR I 289 -32.55 -19.35 -18.79
N GLY I 290 -32.00 -18.19 -18.48
CA GLY I 290 -30.80 -17.75 -19.16
C GLY I 290 -29.57 -18.53 -18.74
N VAL I 291 -28.61 -18.60 -19.65
CA VAL I 291 -27.33 -19.28 -19.42
C VAL I 291 -26.20 -18.37 -19.88
N MET I 292 -25.10 -18.37 -19.13
CA MET I 292 -23.94 -17.58 -19.50
C MET I 292 -22.70 -18.45 -19.47
N GLU I 293 -21.73 -18.10 -20.31
CA GLU I 293 -20.48 -18.84 -20.42
C GLU I 293 -19.37 -17.86 -20.80
N THR I 294 -18.16 -18.38 -20.90
CA THR I 294 -16.99 -17.58 -21.23
C THR I 294 -16.32 -18.15 -22.48
N LEU I 295 -15.76 -17.26 -23.30
CA LEU I 295 -15.02 -17.64 -24.49
C LEU I 295 -13.81 -16.73 -24.61
N ARG I 296 -12.68 -17.32 -25.00
CA ARG I 296 -11.42 -16.59 -25.13
C ARG I 296 -10.74 -16.97 -26.43
N PHE I 297 -10.66 -16.02 -27.35
CA PHE I 297 -9.86 -16.17 -28.56
C PHE I 297 -9.11 -14.87 -28.80
N ASP I 298 -7.92 -15.01 -29.39
CA ASP I 298 -7.00 -13.88 -29.55
C ASP I 298 -6.80 -13.17 -28.22
N SER I 299 -6.81 -11.85 -28.23
CA SER I 299 -6.64 -11.08 -27.00
C SER I 299 -7.94 -10.88 -26.25
N HIS I 300 -9.07 -11.35 -26.77
CA HIS I 300 -10.38 -11.10 -26.18
C HIS I 300 -10.70 -12.12 -25.11
N GLU I 301 -11.20 -11.63 -23.97
CA GLU I 301 -11.76 -12.47 -22.92
C GLU I 301 -13.24 -12.11 -22.82
N LEU I 302 -14.08 -12.90 -23.48
CA LEU I 302 -15.49 -12.57 -23.67
C LEU I 302 -16.35 -13.28 -22.63
N LEU I 303 -17.36 -12.57 -22.14
CA LEU I 303 -18.37 -13.14 -21.25
C LEU I 303 -19.71 -13.08 -21.98
N ILE I 304 -20.21 -14.24 -22.40
CA ILE I 304 -21.41 -14.31 -23.22
C ILE I 304 -22.59 -14.68 -22.33
N ILE I 305 -23.67 -13.91 -22.44
CA ILE I 305 -24.90 -14.15 -21.68
C ILE I 305 -26.00 -14.47 -22.69
N HIS I 306 -26.60 -15.64 -22.56
CA HIS I 306 -27.63 -16.10 -23.49
C HIS I 306 -29.01 -15.88 -22.87
N LEU I 307 -29.45 -14.63 -22.88
CA LEU I 307 -30.79 -14.31 -22.44
C LEU I 307 -31.81 -14.78 -23.48
N PRO I 308 -33.08 -14.92 -23.09
CA PRO I 308 -34.07 -15.50 -24.03
C PRO I 308 -34.19 -14.74 -25.34
N ARG I 309 -34.05 -13.42 -25.34
CA ARG I 309 -34.18 -12.65 -26.57
C ARG I 309 -32.93 -11.89 -26.97
N HIS I 310 -31.98 -11.69 -26.06
CA HIS I 310 -30.74 -10.99 -26.36
C HIS I 310 -29.56 -11.86 -25.99
N VAL I 311 -28.44 -11.64 -26.68
CA VAL I 311 -27.16 -12.25 -26.34
C VAL I 311 -26.17 -11.12 -26.13
N LEU I 312 -25.66 -11.01 -24.90
CA LEU I 312 -24.77 -9.91 -24.51
C LEU I 312 -23.36 -10.45 -24.32
N VAL I 313 -22.39 -9.76 -24.89
CA VAL I 313 -20.99 -10.15 -24.83
C VAL I 313 -20.21 -9.04 -24.14
N TYR I 314 -19.53 -9.38 -23.06
CA TYR I 314 -18.71 -8.44 -22.31
C TYR I 314 -17.25 -8.74 -22.60
N ASP I 315 -16.55 -7.76 -23.18
CA ASP I 315 -15.15 -7.92 -23.56
C ASP I 315 -14.28 -7.28 -22.48
N ALA I 316 -13.65 -8.13 -21.66
CA ALA I 316 -12.80 -7.60 -20.60
C ALA I 316 -11.54 -6.95 -21.15
N SER I 317 -11.07 -7.39 -22.32
CA SER I 317 -9.85 -6.83 -22.89
C SER I 317 -10.03 -5.37 -23.26
N SER I 318 -11.15 -5.02 -23.88
CA SER I 318 -11.39 -3.68 -24.38
C SER I 318 -12.26 -2.85 -23.45
N SER I 319 -12.11 -3.03 -22.15
CA SER I 319 -12.94 -2.31 -21.17
C SER I 319 -12.14 -1.28 -20.38
N GLN I 320 -11.13 -0.66 -20.99
CA GLN I 320 -10.36 0.35 -20.29
C GLN I 320 -11.21 1.59 -20.02
N ASN I 321 -11.90 2.10 -21.04
CA ASN I 321 -12.74 3.27 -20.86
C ASN I 321 -13.94 2.96 -19.97
N GLY I 322 -14.53 1.80 -20.15
CA GLY I 322 -15.67 1.39 -19.37
C GLY I 322 -16.14 0.01 -19.78
N PRO I 323 -17.19 -0.50 -19.14
CA PRO I 323 -17.71 -1.82 -19.53
C PRO I 323 -18.16 -1.83 -20.97
N GLN I 324 -17.45 -2.62 -21.79
CA GLN I 324 -17.72 -2.71 -23.22
C GLN I 324 -18.61 -3.92 -23.48
N TRP I 325 -19.86 -3.67 -23.85
CA TRP I 325 -20.82 -4.72 -24.09
C TRP I 325 -21.25 -4.72 -25.55
N CYS I 326 -21.35 -5.91 -26.13
CA CYS I 326 -21.74 -6.08 -27.52
C CYS I 326 -22.90 -7.07 -27.58
N VAL I 327 -23.75 -6.91 -28.58
CA VAL I 327 -24.92 -7.76 -28.76
C VAL I 327 -24.68 -8.65 -29.97
N LEU I 328 -24.90 -9.96 -29.81
CA LEU I 328 -24.78 -10.92 -30.88
C LEU I 328 -26.17 -11.34 -31.32
N LYS I 329 -26.40 -11.37 -32.63
CA LYS I 329 -27.69 -11.74 -33.18
C LYS I 329 -27.50 -12.46 -34.50
N THR I 330 -28.49 -13.27 -34.86
CA THR I 330 -28.46 -14.08 -36.08
C THR I 330 -29.58 -13.62 -37.00
N GLY I 331 -29.23 -13.37 -38.26
CA GLY I 331 -30.20 -12.96 -39.25
C GLY I 331 -30.37 -11.46 -39.33
N LEU I 332 -31.16 -11.05 -40.32
CA LEU I 332 -31.38 -9.62 -40.56
C LEU I 332 -32.16 -8.98 -39.41
N TYR I 333 -33.13 -9.69 -38.87
CA TYR I 333 -33.98 -9.16 -37.80
C TYR I 333 -33.33 -9.41 -36.44
N ASP I 334 -34.12 -9.33 -35.38
CA ASP I 334 -33.63 -9.37 -34.01
C ASP I 334 -33.60 -10.78 -33.43
N ASP I 335 -33.46 -11.80 -34.27
CA ASP I 335 -33.42 -13.17 -33.77
C ASP I 335 -32.19 -13.40 -32.91
N VAL I 336 -32.33 -14.30 -31.93
CA VAL I 336 -31.27 -14.57 -30.99
C VAL I 336 -30.09 -15.24 -31.71
N TYR I 337 -28.88 -14.96 -31.24
CA TYR I 337 -27.69 -15.58 -31.80
C TYR I 337 -27.79 -17.10 -31.66
N ARG I 338 -27.58 -17.80 -32.78
CA ARG I 338 -27.75 -19.24 -32.78
C ARG I 338 -26.61 -19.98 -32.09
N GLY I 339 -25.41 -19.40 -32.08
CA GLY I 339 -24.28 -20.06 -31.45
C GLY I 339 -24.46 -20.14 -29.94
N VAL I 340 -24.02 -21.25 -29.37
CA VAL I 340 -24.14 -21.48 -27.94
C VAL I 340 -23.17 -22.59 -27.56
N ASP I 341 -22.75 -22.60 -26.29
CA ASP I 341 -21.87 -23.64 -25.76
C ASP I 341 -20.51 -23.64 -26.48
N PHE I 342 -19.86 -22.48 -26.46
CA PHE I 342 -18.55 -22.37 -27.08
C PHE I 342 -17.50 -23.09 -26.25
N MET I 343 -16.58 -23.76 -26.94
CA MET I 343 -15.49 -24.46 -26.28
C MET I 343 -14.33 -24.60 -27.26
N TYR I 344 -13.12 -24.29 -26.80
CA TYR I 344 -11.92 -24.39 -27.62
C TYR I 344 -11.46 -25.84 -27.63
N GLU I 345 -11.30 -26.41 -28.82
CA GLU I 345 -10.98 -27.82 -28.97
C GLU I 345 -9.93 -27.98 -30.07
N GLY I 346 -8.66 -27.92 -29.69
CA GLY I 346 -7.58 -28.26 -30.60
C GLY I 346 -7.57 -27.50 -31.90
N ASN I 347 -7.24 -26.20 -31.85
CA ASN I 347 -7.11 -25.30 -32.99
C ASN I 347 -8.47 -24.83 -33.51
N GLN I 348 -9.58 -25.29 -32.96
CA GLN I 348 -10.89 -24.89 -33.41
C GLN I 348 -11.76 -24.55 -32.21
N ILE I 349 -12.69 -23.61 -32.40
CA ILE I 349 -13.67 -23.24 -31.39
C ILE I 349 -15.02 -23.74 -31.89
N THR I 350 -15.53 -24.79 -31.27
CA THR I 350 -16.77 -25.43 -31.68
C THR I 350 -17.92 -24.95 -30.80
N CYS I 351 -19.03 -24.60 -31.44
CA CYS I 351 -20.20 -24.08 -30.74
C CYS I 351 -21.44 -24.85 -31.17
N GLY I 352 -22.29 -25.16 -30.19
CA GLY I 352 -23.56 -25.78 -30.50
C GLY I 352 -24.55 -24.77 -31.06
N ASP I 353 -25.71 -25.28 -31.47
CA ASP I 353 -26.74 -24.47 -32.08
C ASP I 353 -28.01 -24.50 -31.24
N LYS I 354 -28.63 -23.34 -31.07
CA LYS I 354 -29.83 -23.26 -30.24
C LYS I 354 -31.03 -23.85 -30.97
N SER I 355 -31.12 -23.66 -32.29
CA SER I 355 -32.29 -24.06 -33.05
C SER I 355 -32.09 -25.38 -33.79
N GLU I 356 -31.07 -25.46 -34.64
CA GLU I 356 -30.84 -26.64 -35.45
C GLU I 356 -30.03 -27.68 -34.67
N ALA I 357 -30.05 -28.90 -35.18
CA ALA I 357 -29.36 -30.02 -34.55
C ALA I 357 -27.98 -30.23 -35.17
N VAL I 358 -27.17 -29.18 -35.12
CA VAL I 358 -25.82 -29.21 -35.67
C VAL I 358 -24.87 -28.53 -34.69
N VAL I 359 -23.58 -28.80 -34.87
CA VAL I 359 -22.52 -28.14 -34.13
C VAL I 359 -21.53 -27.58 -35.16
N GLY I 360 -21.13 -26.33 -34.96
CA GLY I 360 -20.27 -25.64 -35.91
C GLY I 360 -19.04 -25.09 -35.24
N GLN I 361 -18.00 -24.87 -36.05
CA GLN I 361 -16.74 -24.32 -35.58
C GLN I 361 -16.63 -22.86 -35.99
N LEU I 362 -16.05 -22.05 -35.11
CA LEU I 362 -15.85 -20.64 -35.42
C LEU I 362 -14.74 -20.50 -36.44
N GLN I 363 -15.04 -19.87 -37.57
CA GLN I 363 -14.07 -19.62 -38.62
C GLN I 363 -13.84 -18.12 -38.72
N PHE I 364 -12.58 -17.71 -38.57
CA PHE I 364 -12.25 -16.29 -38.59
C PHE I 364 -12.17 -15.73 -40.01
N ASP I 365 -12.05 -16.60 -41.02
CA ASP I 365 -11.95 -16.13 -42.39
C ASP I 365 -13.23 -15.43 -42.83
N ILE I 366 -14.38 -15.95 -42.44
CA ILE I 366 -15.68 -15.45 -42.86
C ILE I 366 -16.47 -15.02 -41.64
N SER I 367 -17.52 -14.24 -41.89
CA SER I 367 -18.43 -13.77 -40.84
C SER I 367 -19.83 -14.36 -40.97
N SER I 368 -20.08 -15.18 -41.99
CA SER I 368 -21.38 -15.78 -42.17
C SER I 368 -21.60 -16.90 -41.17
N GLN I 369 -22.86 -17.13 -40.82
CA GLN I 369 -23.24 -18.20 -39.90
C GLN I 369 -23.97 -19.28 -40.70
N TYR I 370 -23.32 -20.44 -40.86
CA TYR I 370 -23.86 -21.55 -41.64
C TYR I 370 -24.21 -21.10 -43.06
N ASP I 371 -23.32 -20.32 -43.66
CA ASP I 371 -23.48 -19.82 -45.02
C ASP I 371 -24.74 -18.97 -45.16
N LYS I 372 -24.88 -18.00 -44.25
CA LYS I 372 -26.02 -17.08 -44.26
C LYS I 372 -25.50 -15.67 -44.01
N GLN I 373 -26.17 -14.69 -44.62
CA GLN I 373 -25.79 -13.30 -44.42
C GLN I 373 -26.02 -12.90 -42.96
N GLN I 374 -25.24 -11.93 -42.51
CA GLN I 374 -25.34 -11.42 -41.14
C GLN I 374 -25.31 -9.91 -41.14
N GLU I 375 -25.89 -9.33 -40.10
CA GLU I 375 -25.95 -7.88 -39.92
C GLU I 375 -24.89 -7.44 -38.94
N HIS I 376 -24.17 -6.36 -39.28
CA HIS I 376 -23.19 -5.75 -38.40
C HIS I 376 -23.53 -4.28 -38.25
N LEU I 377 -23.66 -3.83 -37.00
CA LEU I 377 -24.12 -2.48 -36.70
C LEU I 377 -23.11 -1.76 -35.83
N LEU I 378 -22.91 -0.47 -36.12
CA LEU I 378 -22.06 0.39 -35.30
C LEU I 378 -22.77 1.73 -35.14
N PHE I 379 -22.90 2.18 -33.90
CA PHE I 379 -23.61 3.41 -33.58
C PHE I 379 -22.63 4.41 -32.97
N THR I 380 -22.67 5.63 -33.46
CA THR I 380 -21.86 6.70 -32.91
C THR I 380 -22.66 7.50 -31.89
N PRO I 381 -22.01 8.05 -30.87
CA PRO I 381 -22.75 8.82 -29.86
C PRO I 381 -23.36 10.08 -30.45
N LEU I 382 -24.49 10.48 -29.87
CA LEU I 382 -25.08 11.76 -30.23
C LEU I 382 -24.20 12.90 -29.73
N PHE I 383 -23.90 13.83 -30.61
CA PHE I 383 -23.12 15.00 -30.25
C PHE I 383 -23.82 16.25 -30.74
N LYS I 384 -23.80 17.30 -29.92
CA LYS I 384 -24.53 18.53 -30.21
C LYS I 384 -23.63 19.46 -31.02
N ALA I 385 -23.98 19.66 -32.28
CA ALA I 385 -23.30 20.61 -33.16
C ALA I 385 -24.37 21.49 -33.80
N ASP I 386 -24.49 22.73 -33.31
CA ASP I 386 -25.54 23.63 -33.75
C ASP I 386 -25.07 24.38 -34.99
N ASN I 387 -25.88 24.33 -36.04
CA ASN I 387 -25.63 25.08 -37.27
C ASN I 387 -24.27 24.76 -37.87
N ALA I 388 -23.87 23.50 -37.76
CA ALA I 388 -22.58 23.02 -38.27
C ALA I 388 -22.83 22.06 -39.43
N ARG I 389 -22.06 22.23 -40.49
CA ARG I 389 -22.17 21.37 -41.68
C ARG I 389 -21.02 20.38 -41.69
N CYS I 390 -21.34 19.11 -41.85
CA CYS I 390 -20.35 18.03 -41.89
C CYS I 390 -20.34 17.43 -43.28
N PHE I 391 -19.15 17.28 -43.86
CA PHE I 391 -19.02 16.88 -45.25
C PHE I 391 -18.35 15.51 -45.41
N ASP I 392 -17.14 15.34 -44.90
CA ASP I 392 -16.37 14.12 -45.14
C ASP I 392 -16.60 13.15 -43.99
N LEU I 393 -17.25 12.02 -44.30
CA LEU I 393 -17.46 10.93 -43.35
C LEU I 393 -16.67 9.73 -43.84
N GLU I 394 -15.50 9.50 -43.27
CA GLU I 394 -14.59 8.46 -43.73
C GLU I 394 -14.33 7.46 -42.60
N VAL I 395 -14.38 6.18 -42.92
CA VAL I 395 -13.98 5.11 -42.02
C VAL I 395 -12.97 4.23 -42.75
N GLU I 396 -11.87 3.90 -42.09
CA GLU I 396 -10.87 3.03 -42.69
C GLU I 396 -11.27 1.59 -42.50
N SER I 397 -11.31 0.84 -43.60
CA SER I 397 -11.76 -0.55 -43.57
C SER I 397 -10.75 -1.45 -44.25
N SER I 398 -10.47 -2.59 -43.64
CA SER I 398 -9.62 -3.60 -44.25
C SER I 398 -10.44 -4.43 -45.23
N THR I 399 -9.91 -4.60 -46.45
CA THR I 399 -10.64 -5.25 -47.51
C THR I 399 -9.76 -6.29 -48.19
N GLY I 400 -10.32 -6.96 -49.18
CA GLY I 400 -9.59 -7.91 -50.00
C GLY I 400 -9.75 -9.37 -49.59
N VAL I 401 -10.63 -9.67 -48.64
CA VAL I 401 -10.83 -11.03 -48.18
C VAL I 401 -12.27 -11.48 -48.41
N ALA I 402 -13.07 -10.67 -49.10
CA ALA I 402 -14.47 -10.95 -49.33
C ALA I 402 -14.65 -11.70 -50.63
N GLN I 403 -15.54 -12.69 -50.63
CA GLN I 403 -15.88 -13.43 -51.84
C GLN I 403 -16.77 -12.64 -52.77
N TYR I 404 -17.44 -11.59 -52.28
CA TYR I 404 -18.24 -10.71 -53.10
C TYR I 404 -18.20 -9.31 -52.50
N ALA I 405 -18.44 -8.31 -53.36
CA ALA I 405 -18.39 -6.93 -52.90
C ALA I 405 -19.45 -6.67 -51.85
N ASP I 406 -19.04 -6.04 -50.75
CA ASP I 406 -19.93 -5.76 -49.63
C ASP I 406 -20.46 -4.34 -49.73
N ARG I 407 -21.64 -4.13 -49.16
CA ARG I 407 -22.31 -2.83 -49.21
C ARG I 407 -22.56 -2.34 -47.81
N LEU I 408 -22.19 -1.09 -47.54
CA LEU I 408 -22.38 -0.47 -46.24
C LEU I 408 -23.48 0.57 -46.34
N PHE I 409 -24.48 0.46 -45.46
CA PHE I 409 -25.57 1.41 -45.41
C PHE I 409 -25.28 2.44 -44.32
N LEU I 410 -25.21 3.70 -44.71
CA LEU I 410 -24.91 4.80 -43.80
C LEU I 410 -26.15 5.66 -43.65
N SER I 411 -26.61 5.84 -42.41
CA SER I 411 -27.77 6.66 -42.12
C SER I 411 -27.49 7.47 -40.87
N ALA I 412 -28.18 8.60 -40.74
CA ALA I 412 -27.99 9.51 -39.63
C ALA I 412 -29.33 9.85 -39.00
N THR I 413 -29.32 10.02 -37.69
CA THR I 413 -30.52 10.38 -36.93
C THR I 413 -30.35 11.77 -36.35
N THR I 414 -31.46 12.49 -36.24
CA THR I 414 -31.47 13.83 -35.67
C THR I 414 -32.08 13.87 -34.28
N ASP I 415 -33.20 13.18 -34.08
CA ASP I 415 -33.82 13.14 -32.77
C ASP I 415 -33.22 12.07 -31.87
N GLY I 416 -32.42 11.16 -32.45
CA GLY I 416 -31.80 10.10 -31.70
C GLY I 416 -32.57 8.80 -31.66
N ILE I 417 -33.80 8.79 -32.20
CA ILE I 417 -34.64 7.60 -32.22
C ILE I 417 -34.96 7.15 -33.64
N ASN I 418 -35.31 8.10 -34.50
CA ASN I 418 -35.68 7.80 -35.88
C ASN I 418 -34.53 8.15 -36.81
N TYR I 419 -34.21 7.23 -37.71
CA TYR I 419 -33.12 7.43 -38.65
C TYR I 419 -33.65 7.83 -40.02
N GLY I 420 -32.84 8.57 -40.75
CA GLY I 420 -33.19 9.07 -42.07
C GLY I 420 -32.91 8.06 -43.16
N ARG I 421 -32.73 8.58 -44.37
CA ARG I 421 -32.44 7.74 -45.52
C ARG I 421 -31.08 7.08 -45.38
N GLU I 422 -30.95 5.88 -45.93
CA GLU I 422 -29.72 5.11 -45.90
C GLU I 422 -29.04 5.17 -47.25
N GLN I 423 -27.74 5.43 -47.24
CA GLN I 423 -26.95 5.56 -48.47
C GLN I 423 -26.09 4.32 -48.66
N MET I 424 -26.18 3.73 -49.85
CA MET I 424 -25.45 2.50 -50.15
C MET I 424 -24.00 2.84 -50.53
N ILE I 425 -23.05 2.22 -49.85
CA ILE I 425 -21.63 2.46 -50.07
C ILE I 425 -20.92 1.13 -50.23
N GLU I 426 -20.04 1.05 -51.25
CA GLU I 426 -19.23 -0.14 -51.49
C GLU I 426 -18.05 -0.12 -50.54
N GLN I 427 -18.18 -0.81 -49.41
CA GLN I 427 -17.13 -0.72 -48.39
C GLN I 427 -16.08 -1.82 -48.57
N ASN I 428 -16.44 -2.92 -49.23
CA ASN I 428 -15.50 -4.01 -49.46
C ASN I 428 -15.58 -4.45 -50.91
N GLU I 429 -14.45 -4.95 -51.42
CA GLU I 429 -14.34 -5.43 -52.79
C GLU I 429 -13.34 -6.57 -52.81
N PRO I 430 -13.64 -7.67 -53.51
CA PRO I 430 -12.71 -8.80 -53.53
C PRO I 430 -11.37 -8.42 -54.13
N PHE I 431 -10.30 -8.91 -53.51
CA PHE I 431 -8.93 -8.76 -54.00
C PHE I 431 -8.52 -7.30 -54.19
N VAL I 432 -9.11 -6.40 -53.39
CA VAL I 432 -8.75 -5.00 -53.38
C VAL I 432 -8.43 -4.60 -51.95
N TYR I 433 -7.24 -4.05 -51.73
CA TYR I 433 -6.77 -3.74 -50.38
C TYR I 433 -6.59 -2.26 -50.10
N ASP I 434 -6.82 -1.38 -51.09
CA ASP I 434 -6.61 0.05 -50.90
C ASP I 434 -7.89 0.85 -51.11
N LYS I 435 -9.06 0.20 -51.04
CA LYS I 435 -10.31 0.91 -51.19
C LYS I 435 -10.57 1.80 -49.99
N ARG I 436 -11.10 2.99 -50.25
CA ARG I 436 -11.44 3.95 -49.21
C ARG I 436 -12.95 4.04 -49.06
N VAL I 437 -13.42 3.91 -47.82
CA VAL I 437 -14.84 4.03 -47.50
C VAL I 437 -15.07 5.46 -47.05
N LEU I 438 -15.72 6.26 -47.89
CA LEU I 438 -15.89 7.67 -47.62
C LEU I 438 -17.17 8.17 -48.27
N TRP I 439 -17.86 9.08 -47.58
CA TRP I 439 -19.07 9.71 -48.08
C TRP I 439 -18.96 11.21 -47.89
N LYS I 440 -19.18 11.97 -48.96
CA LYS I 440 -19.13 13.42 -48.92
C LYS I 440 -20.54 13.99 -48.86
N ARG I 441 -20.63 15.24 -48.40
CA ARG I 441 -21.90 15.97 -48.28
C ARG I 441 -22.89 15.20 -47.41
N VAL I 442 -22.52 15.04 -46.14
CA VAL I 442 -23.40 14.36 -45.20
C VAL I 442 -24.66 15.18 -44.98
N GLY I 443 -24.51 16.48 -44.79
CA GLY I 443 -25.64 17.36 -44.60
C GLY I 443 -25.33 18.41 -43.57
N ARG I 444 -26.38 19.06 -43.07
CA ARG I 444 -26.27 20.12 -42.08
C ARG I 444 -26.93 19.67 -40.78
N ILE I 445 -26.21 19.82 -39.68
CA ILE I 445 -26.69 19.39 -38.36
C ILE I 445 -27.46 20.54 -37.75
N ARG I 446 -28.76 20.36 -37.53
CA ARG I 446 -29.57 21.42 -36.96
C ARG I 446 -29.31 21.58 -35.46
N ARG I 447 -29.62 20.55 -34.68
CA ARG I 447 -29.33 20.57 -33.25
C ARG I 447 -28.32 19.51 -32.85
N LEU I 448 -28.58 18.25 -33.17
CA LEU I 448 -27.66 17.17 -32.82
C LEU I 448 -27.90 16.01 -33.77
N ILE I 449 -26.85 15.24 -34.02
CA ILE I 449 -26.90 14.18 -35.02
C ILE I 449 -26.19 12.96 -34.47
N GLY I 450 -26.56 11.79 -34.99
CA GLY I 450 -25.90 10.55 -34.67
C GLY I 450 -25.88 9.63 -35.88
N PHE I 451 -24.84 8.82 -36.03
CA PHE I 451 -24.64 8.01 -37.22
C PHE I 451 -24.72 6.53 -36.89
N LYS I 452 -25.30 5.77 -37.81
CA LYS I 452 -25.42 4.32 -37.67
C LYS I 452 -24.93 3.66 -38.94
N LEU I 453 -24.04 2.68 -38.79
CA LEU I 453 -23.45 1.97 -39.91
C LEU I 453 -24.00 0.56 -39.96
N ARG I 454 -24.61 0.20 -41.09
CA ARG I 454 -25.20 -1.12 -41.28
C ARG I 454 -24.47 -1.84 -42.41
N VAL I 455 -24.01 -3.05 -42.14
CA VAL I 455 -23.28 -3.85 -43.12
C VAL I 455 -23.92 -5.22 -43.19
N ILE I 456 -24.22 -5.68 -44.40
CA ILE I 456 -24.75 -7.01 -44.66
C ILE I 456 -23.70 -7.74 -45.49
N THR I 457 -23.22 -8.87 -44.99
CA THR I 457 -22.09 -9.53 -45.62
C THR I 457 -21.98 -10.98 -45.15
N LYS I 458 -21.18 -11.74 -45.89
CA LYS I 458 -20.70 -13.04 -45.47
C LYS I 458 -19.21 -13.02 -45.14
N SER I 459 -18.61 -11.84 -45.15
CA SER I 459 -17.18 -11.66 -44.98
C SER I 459 -16.90 -10.74 -43.80
N PRO I 460 -15.71 -10.83 -43.19
CA PRO I 460 -15.46 -10.05 -41.98
C PRO I 460 -15.46 -8.56 -42.25
N VAL I 461 -15.86 -7.79 -41.25
CA VAL I 461 -15.93 -6.34 -41.31
C VAL I 461 -14.95 -5.78 -40.30
N THR I 462 -14.10 -4.85 -40.74
CA THR I 462 -13.10 -4.23 -39.88
C THR I 462 -13.15 -2.73 -40.09
N LEU I 463 -13.82 -2.03 -39.16
CA LEU I 463 -13.93 -0.58 -39.20
C LEU I 463 -13.15 -0.01 -38.03
N SER I 464 -12.19 0.88 -38.33
CA SER I 464 -11.23 1.33 -37.34
C SER I 464 -11.58 2.70 -36.75
N GLY I 465 -11.63 3.73 -37.59
CA GLY I 465 -11.82 5.07 -37.07
C GLY I 465 -12.76 5.92 -37.90
N CYS I 466 -13.81 6.45 -37.28
CA CYS I 466 -14.79 7.28 -37.94
C CYS I 466 -14.46 8.73 -37.67
N GLN I 467 -13.99 9.44 -38.70
CA GLN I 467 -13.67 10.86 -38.60
C GLN I 467 -14.63 11.64 -39.48
N ILE I 468 -14.95 12.85 -39.06
CA ILE I 468 -15.91 13.69 -39.76
C ILE I 468 -15.36 15.12 -39.80
N ARG I 469 -15.57 15.81 -40.92
CA ARG I 469 -15.06 17.16 -41.11
C ARG I 469 -16.18 18.15 -40.81
N LEU I 470 -16.13 18.76 -39.62
CA LEU I 470 -17.08 19.79 -39.22
C LEU I 470 -16.61 21.12 -39.76
N GLU I 471 -17.50 21.84 -40.45
CA GLU I 471 -17.13 23.12 -41.04
C GLU I 471 -18.35 24.00 -41.24
#